data_5FTU
#
_entry.id   5FTU
#
_cell.length_a   292.360
_cell.length_b   292.360
_cell.length_c   291.770
_cell.angle_alpha   90.00
_cell.angle_beta   90.00
_cell.angle_gamma   90.00
#
_symmetry.space_group_name_H-M   'I 41 2 2'
#
loop_
_entity.id
_entity.type
_entity.pdbx_description
1 polymer 'NETRIN RECEPTOR UNC5D'
2 polymer 'LEUCINE-RICH REPEAT TRANSMEMBRANE PROTEIN FLRT2'
3 polymer 'ADHESION G PROTEIN-COUPLED RECEPTOR L3'
4 non-polymer 2-acetamido-2-deoxy-beta-D-glucopyranose
5 non-polymer 'SODIUM ION'
6 non-polymer 'CALCIUM ION'
#
loop_
_entity_poly.entity_id
_entity_poly.type
_entity_poly.pdbx_seq_one_letter_code
_entity_poly.pdbx_strand_id
1 'polypeptide(L)'
;RGADSGEVLPDSIPSAPGTLPHFIEEPEDAYIIKSNPIALRCKARPAMQIFFKCNGEWVHQNEHVSEESLDESSGLKVRE
VFINVTRQQVEDFHGPEDYWCQCVAWSHLGTSKSRKASVRIAYLRKNFEQGTKHHHHHH
;
A,E,I
2 'polypeptide(L)'
;TGACPSVCRCDRNFVYCNERSLTSVPLGIPEGVTVLYLHNNQINNAGFPAELHNVQSVHTVYLYGNQLDEFPMNLPKNVR
VLHLQENNIQTISRAALAQLLKLEELHLDDNSISTVGVEDGAFREAISLKLLFLSKNHLSSVPVGLPVDLQELRVDENRI
AVISDMAFQNLTSLERLIVDGNLLTNKGIAEGTFSHLTKLKEFSIVRNSLSHPPPDLPGTHLIRLYLQDNQINHIPLTAF
ANLRKLERLDISNNQLRMLTQGVFDHLSNLKQLTARNNPWFCDCSIKWVTEWLKYIPSSLNVRGFMCQGPEQVRGMAVRE
LNMNLLSCPTRTKHHHHHH
;
B,F,J
3 'polypeptide(L)'
;TGPIPMAVVRRELSCESYPIELRCPGTDVIMIESANYGRTDDKICDSDPAQMENIRCYLPDAYKIMSQRCNNRTQCAVVA
GPDVFPDPCPGTYKYLEVQYECVPYKVEQKVFLCPGLLKGVYQSEHLFESDHQSGAWCKDPLQASDKIYYMPWTPYRTDT
LTEYSSKDDFIAGRPTTTYKLPHRVDGTGFVVYDGALFFNKERTRNIVKFDLRTRIKSGEAIIANANYHDTSPYRWGGKS
DIDLAVDENGLWVIYATEQNNGKIVISQLNPYTLRIEGTWDTAYDKRSASNAFMICGILYVVKSVYEDDDNEATGNKIDY
IYNTDQSKDSLVDVPFPNSYQYIAAVDYNPRDNLLYVWNNYHVVKYSLDFGPLDGTKHHHHHH
;
C,D,G,H,K,L
#
# COMPACT_ATOMS: atom_id res chain seq x y z
N SER A 15 22.77 61.58 -46.53
CA SER A 15 23.29 62.94 -46.39
C SER A 15 23.21 63.45 -44.94
N ALA A 16 22.14 63.08 -44.21
CA ALA A 16 21.91 63.47 -42.81
C ALA A 16 22.90 62.79 -41.84
N PRO A 17 23.41 63.50 -40.81
CA PRO A 17 24.37 62.87 -39.89
C PRO A 17 23.72 61.97 -38.83
N GLY A 18 24.26 60.77 -38.70
CA GLY A 18 23.79 59.77 -37.74
C GLY A 18 24.61 59.78 -36.48
N THR A 19 23.95 59.96 -35.32
CA THR A 19 24.58 60.00 -34.00
C THR A 19 23.63 59.48 -32.90
N LEU A 20 24.17 59.32 -31.66
CA LEU A 20 23.43 58.87 -30.48
C LEU A 20 22.39 59.92 -30.03
N PRO A 21 21.28 59.54 -29.33
CA PRO A 21 20.28 60.54 -28.93
C PRO A 21 20.78 61.53 -27.88
N HIS A 22 20.63 62.83 -28.19
CA HIS A 22 21.03 63.94 -27.32
C HIS A 22 19.77 64.54 -26.70
N PHE A 23 19.70 64.53 -25.36
CA PHE A 23 18.55 65.05 -24.61
C PHE A 23 18.52 66.58 -24.56
N ILE A 24 17.35 67.16 -24.87
CA ILE A 24 17.11 68.61 -24.86
C ILE A 24 16.45 69.00 -23.53
N GLU A 25 15.31 68.36 -23.20
CA GLU A 25 14.57 68.59 -21.96
C GLU A 25 14.66 67.33 -21.08
N GLU A 26 15.64 67.32 -20.16
CA GLU A 26 15.86 66.21 -19.23
C GLU A 26 14.82 66.19 -18.10
N PRO A 27 14.36 65.00 -17.62
CA PRO A 27 13.34 64.98 -16.56
C PRO A 27 13.76 65.62 -15.24
N GLU A 28 12.94 66.58 -14.77
CA GLU A 28 13.16 67.33 -13.54
C GLU A 28 12.33 66.73 -12.40
N ASP A 29 12.85 66.84 -11.16
CA ASP A 29 12.22 66.33 -9.93
C ASP A 29 10.85 66.96 -9.67
N ALA A 30 9.79 66.13 -9.68
CA ALA A 30 8.41 66.54 -9.45
C ALA A 30 7.99 66.35 -7.99
N TYR A 31 6.97 67.13 -7.54
CA TYR A 31 6.46 67.08 -6.17
C TYR A 31 4.94 67.09 -6.16
N ILE A 32 4.32 66.06 -5.56
CA ILE A 32 2.86 65.91 -5.47
C ILE A 32 2.28 66.88 -4.43
N ILE A 33 1.28 67.70 -4.86
CA ILE A 33 0.61 68.69 -4.02
C ILE A 33 -0.92 68.52 -4.12
N LYS A 34 -1.58 68.30 -2.96
CA LYS A 34 -3.04 68.14 -2.79
C LYS A 34 -3.64 67.06 -3.72
N SER A 35 -2.98 65.88 -3.81
CA SER A 35 -3.34 64.70 -4.61
C SER A 35 -3.52 64.98 -6.13
N ASN A 36 -2.90 66.05 -6.65
CA ASN A 36 -2.96 66.43 -8.06
C ASN A 36 -1.83 65.73 -8.84
N PRO A 37 -2.15 64.80 -9.79
CA PRO A 37 -1.09 64.10 -10.53
C PRO A 37 -0.32 64.99 -11.50
N ILE A 38 1.02 65.03 -11.35
CA ILE A 38 1.92 65.83 -12.17
C ILE A 38 2.75 64.92 -13.09
N ALA A 39 2.70 65.20 -14.41
CA ALA A 39 3.40 64.45 -15.45
C ALA A 39 4.85 64.92 -15.65
N LEU A 40 5.72 64.00 -16.12
CA LEU A 40 7.14 64.26 -16.39
C LEU A 40 7.37 64.56 -17.87
N ARG A 41 8.30 65.49 -18.18
CA ARG A 41 8.65 65.89 -19.54
C ARG A 41 9.99 65.33 -20.00
N CYS A 42 10.08 64.88 -21.27
CA CYS A 42 11.30 64.34 -21.87
C CYS A 42 11.39 64.64 -23.37
N LYS A 43 12.55 65.12 -23.83
CA LYS A 43 12.83 65.46 -25.23
C LYS A 43 14.23 65.02 -25.64
N ALA A 44 14.35 64.28 -26.76
CA ALA A 44 15.62 63.76 -27.28
C ALA A 44 15.70 63.83 -28.80
N ARG A 45 16.94 63.94 -29.35
CA ARG A 45 17.21 64.03 -30.79
C ARG A 45 18.62 63.47 -31.14
N PRO A 46 18.77 62.56 -32.12
CA PRO A 46 17.73 61.93 -32.96
C PRO A 46 17.05 60.74 -32.27
N ALA A 47 15.71 60.79 -32.18
CA ALA A 47 14.91 59.76 -31.52
C ALA A 47 13.71 59.32 -32.34
N MET A 48 13.35 58.03 -32.21
CA MET A 48 12.22 57.39 -32.88
C MET A 48 11.32 56.64 -31.88
N GLN A 49 11.90 56.23 -30.73
CA GLN A 49 11.20 55.54 -29.65
C GLN A 49 11.75 55.98 -28.29
N ILE A 50 10.88 56.53 -27.44
CA ILE A 50 11.22 57.03 -26.10
C ILE A 50 10.35 56.33 -25.05
N PHE A 51 11.00 55.67 -24.07
CA PHE A 51 10.34 54.95 -22.98
C PHE A 51 10.98 55.22 -21.62
N PHE A 52 10.16 55.22 -20.55
CA PHE A 52 10.59 55.45 -19.16
C PHE A 52 10.85 54.14 -18.40
N LYS A 53 11.79 54.18 -17.43
CA LYS A 53 12.18 53.05 -16.59
C LYS A 53 12.04 53.45 -15.12
N CYS A 54 10.81 53.32 -14.57
CA CYS A 54 10.50 53.70 -13.20
C CYS A 54 10.94 52.66 -12.18
N ASN A 55 11.89 53.04 -11.31
CA ASN A 55 12.47 52.27 -10.21
C ASN A 55 13.03 50.90 -10.65
N GLY A 56 13.87 50.92 -11.68
CA GLY A 56 14.54 49.73 -12.21
C GLY A 56 13.77 48.91 -13.22
N GLU A 57 12.47 49.19 -13.40
CA GLU A 57 11.61 48.46 -14.33
C GLU A 57 10.89 49.38 -15.33
N TRP A 58 10.66 48.87 -16.56
CA TRP A 58 9.99 49.58 -17.66
C TRP A 58 8.54 49.92 -17.38
N VAL A 59 8.05 51.00 -18.02
CA VAL A 59 6.66 51.47 -17.91
C VAL A 59 5.92 51.04 -19.18
N HIS A 60 4.65 50.63 -19.04
CA HIS A 60 3.77 50.16 -20.13
C HIS A 60 3.58 51.20 -21.25
N GLN A 61 3.45 50.72 -22.50
CA GLN A 61 3.27 51.52 -23.72
C GLN A 61 2.04 52.43 -23.70
N ASN A 62 0.93 51.96 -23.10
CA ASN A 62 -0.33 52.70 -22.98
C ASN A 62 -0.22 53.95 -22.11
N GLU A 63 0.70 53.93 -21.12
CA GLU A 63 0.96 55.04 -20.19
C GLU A 63 1.67 56.19 -20.91
N HIS A 64 2.52 55.86 -21.91
CA HIS A 64 3.30 56.83 -22.70
C HIS A 64 2.44 57.55 -23.74
N VAL A 65 2.58 58.88 -23.81
CA VAL A 65 1.87 59.74 -24.76
C VAL A 65 2.94 60.40 -25.66
N SER A 66 3.13 59.85 -26.87
CA SER A 66 4.12 60.30 -27.84
C SER A 66 3.67 61.51 -28.67
N GLU A 67 4.63 62.41 -28.97
CA GLU A 67 4.43 63.62 -29.78
C GLU A 67 5.72 63.90 -30.55
N GLU A 68 5.76 63.49 -31.84
CA GLU A 68 6.91 63.69 -32.71
C GLU A 68 6.84 65.05 -33.42
N SER A 69 7.06 66.12 -32.64
CA SER A 69 7.03 67.50 -33.13
C SER A 69 8.42 67.90 -33.65
N LEU A 70 8.50 68.23 -34.95
CA LEU A 70 9.74 68.64 -35.60
C LEU A 70 10.08 70.07 -35.24
N ASP A 71 11.22 70.26 -34.54
CA ASP A 71 11.71 71.57 -34.12
C ASP A 71 12.23 72.35 -35.33
N GLU A 72 11.84 73.64 -35.46
CA GLU A 72 12.25 74.51 -36.55
C GLU A 72 13.75 74.82 -36.52
N SER A 73 14.33 74.86 -35.31
CA SER A 73 15.75 75.11 -35.07
C SER A 73 16.61 73.91 -35.51
N SER A 74 16.31 72.71 -34.97
CA SER A 74 17.05 71.48 -35.25
C SER A 74 16.72 70.81 -36.59
N GLY A 75 17.72 70.14 -37.17
CA GLY A 75 17.60 69.44 -38.44
C GLY A 75 17.00 68.05 -38.34
N LEU A 76 17.56 67.22 -37.44
CA LEU A 76 17.11 65.84 -37.20
C LEU A 76 15.75 65.79 -36.48
N LYS A 77 15.06 64.62 -36.54
CA LYS A 77 13.74 64.39 -35.94
C LYS A 77 13.73 64.45 -34.41
N VAL A 78 12.78 65.21 -33.84
CA VAL A 78 12.62 65.41 -32.40
C VAL A 78 11.34 64.71 -31.91
N ARG A 79 11.44 63.98 -30.77
CA ARG A 79 10.33 63.24 -30.16
C ARG A 79 10.13 63.68 -28.69
N GLU A 80 8.86 63.86 -28.28
CA GLU A 80 8.49 64.27 -26.92
C GLU A 80 7.43 63.33 -26.33
N VAL A 81 7.75 62.70 -25.18
CA VAL A 81 6.87 61.74 -24.48
C VAL A 81 6.61 62.18 -23.02
N PHE A 82 5.33 62.14 -22.60
CA PHE A 82 4.89 62.52 -21.24
C PHE A 82 4.24 61.34 -20.51
N ILE A 83 4.58 61.16 -19.21
CA ILE A 83 4.03 60.10 -18.35
C ILE A 83 3.51 60.67 -17.03
N ASN A 84 2.28 60.30 -16.65
CA ASN A 84 1.62 60.78 -15.42
C ASN A 84 2.02 59.96 -14.20
N VAL A 85 2.31 60.65 -13.08
CA VAL A 85 2.68 60.02 -11.81
C VAL A 85 1.66 60.44 -10.74
N THR A 86 0.73 59.53 -10.38
CA THR A 86 -0.33 59.75 -9.40
C THR A 86 0.17 59.59 -7.96
N ARG A 87 -0.61 60.11 -6.97
CA ARG A 87 -0.31 60.03 -5.54
C ARG A 87 -0.33 58.58 -5.05
N GLN A 88 -1.28 57.78 -5.59
CA GLN A 88 -1.48 56.36 -5.28
C GLN A 88 -0.25 55.52 -5.65
N GLN A 89 0.43 55.87 -6.76
CA GLN A 89 1.64 55.18 -7.23
C GLN A 89 2.83 55.43 -6.30
N VAL A 90 2.86 56.58 -5.63
CA VAL A 90 3.94 56.99 -4.72
C VAL A 90 3.76 56.38 -3.32
N GLU A 91 2.56 56.54 -2.72
CA GLU A 91 2.25 56.04 -1.38
C GLU A 91 2.28 54.50 -1.26
N ASP A 92 1.88 53.78 -2.33
CA ASP A 92 1.89 52.31 -2.34
C ASP A 92 3.28 51.74 -2.61
N PHE A 93 4.22 52.58 -3.13
CA PHE A 93 5.59 52.18 -3.39
C PHE A 93 6.35 52.12 -2.06
N HIS A 94 6.86 50.92 -1.73
CA HIS A 94 7.60 50.68 -0.49
C HIS A 94 9.04 50.19 -0.78
N GLY A 95 9.75 50.96 -1.60
CA GLY A 95 11.13 50.66 -1.98
C GLY A 95 12.16 51.24 -1.03
N PRO A 96 13.47 51.01 -1.28
CA PRO A 96 14.49 51.56 -0.37
C PRO A 96 14.77 53.05 -0.58
N GLU A 97 14.87 53.48 -1.85
CA GLU A 97 15.10 54.87 -2.25
C GLU A 97 13.77 55.55 -2.61
N ASP A 98 13.82 56.85 -2.97
CA ASP A 98 12.65 57.62 -3.38
C ASP A 98 12.20 57.20 -4.78
N TYR A 99 10.94 57.51 -5.15
CA TYR A 99 10.33 57.16 -6.45
C TYR A 99 11.05 57.89 -7.60
N TRP A 100 12.15 57.29 -8.09
CA TRP A 100 12.96 57.85 -9.17
C TRP A 100 12.54 57.35 -10.56
N CYS A 101 12.59 58.26 -11.54
CA CYS A 101 12.21 58.01 -12.93
C CYS A 101 13.36 58.38 -13.88
N GLN A 102 13.75 57.43 -14.75
CA GLN A 102 14.81 57.59 -15.75
C GLN A 102 14.24 57.35 -17.15
N CYS A 103 14.80 58.01 -18.17
CA CYS A 103 14.31 57.85 -19.54
C CYS A 103 15.40 57.41 -20.54
N VAL A 104 15.04 56.48 -21.44
CA VAL A 104 15.92 55.91 -22.48
C VAL A 104 15.33 56.19 -23.87
N ALA A 105 16.16 56.73 -24.79
CA ALA A 105 15.78 57.03 -26.16
C ALA A 105 16.49 56.11 -27.16
N TRP A 106 15.83 55.79 -28.29
CA TRP A 106 16.38 54.90 -29.32
C TRP A 106 16.83 55.61 -30.59
N SER A 107 17.91 55.09 -31.22
CA SER A 107 18.52 55.58 -32.46
C SER A 107 19.09 54.43 -33.29
N HIS A 108 19.54 54.73 -34.52
CA HIS A 108 20.12 53.74 -35.44
C HIS A 108 21.51 53.23 -35.02
N LEU A 109 22.18 53.92 -34.08
CA LEU A 109 23.50 53.56 -33.59
C LEU A 109 23.51 52.98 -32.16
N GLY A 110 22.66 53.50 -31.29
CA GLY A 110 22.57 53.04 -29.92
C GLY A 110 21.49 53.69 -29.08
N THR A 111 21.67 53.67 -27.75
CA THR A 111 20.74 54.23 -26.76
C THR A 111 21.46 55.14 -25.75
N SER A 112 20.71 56.09 -25.15
CA SER A 112 21.23 57.04 -24.15
C SER A 112 20.26 57.23 -22.98
N LYS A 113 20.81 57.38 -21.76
CA LYS A 113 20.04 57.56 -20.52
C LYS A 113 20.09 59.02 -20.02
N SER A 114 18.98 59.48 -19.41
CA SER A 114 18.83 60.84 -18.88
C SER A 114 18.91 60.89 -17.33
N ARG A 115 18.67 62.08 -16.73
CA ARG A 115 18.70 62.34 -15.29
C ARG A 115 17.63 61.55 -14.53
N LYS A 116 17.95 61.19 -13.27
CA LYS A 116 17.02 60.46 -12.40
C LYS A 116 16.15 61.47 -11.63
N ALA A 117 14.93 61.69 -12.13
CA ALA A 117 13.96 62.61 -11.51
C ALA A 117 13.16 61.89 -10.42
N SER A 118 13.33 62.33 -9.15
CA SER A 118 12.66 61.73 -8.00
C SER A 118 11.35 62.45 -7.62
N VAL A 119 10.24 61.70 -7.67
CA VAL A 119 8.89 62.20 -7.32
C VAL A 119 8.70 61.97 -5.82
N ARG A 120 8.49 63.07 -5.07
CA ARG A 120 8.32 63.03 -3.62
C ARG A 120 6.97 63.62 -3.19
N CYS B 4 50.28 40.73 -3.55
CA CYS B 4 49.29 41.27 -2.61
C CYS B 4 49.32 42.81 -2.63
N PRO B 5 48.18 43.49 -2.90
CA PRO B 5 48.20 44.96 -2.93
C PRO B 5 48.14 45.60 -1.55
N SER B 6 48.40 46.92 -1.49
CA SER B 6 48.37 47.71 -0.25
C SER B 6 46.97 48.25 0.04
N VAL B 7 46.30 48.83 -0.97
CA VAL B 7 44.94 49.39 -0.88
C VAL B 7 43.90 48.28 -0.70
N CYS B 8 44.15 47.11 -1.32
CA CYS B 8 43.29 45.94 -1.24
C CYS B 8 43.75 45.00 -0.14
N ARG B 9 42.79 44.34 0.53
CA ARG B 9 43.08 43.40 1.61
C ARG B 9 42.62 41.97 1.27
N CYS B 10 43.58 41.15 0.82
CA CYS B 10 43.38 39.75 0.42
C CYS B 10 43.12 38.84 1.61
N ASP B 11 42.37 37.75 1.38
CA ASP B 11 42.02 36.77 2.40
C ASP B 11 42.07 35.35 1.82
N ARG B 12 43.09 34.57 2.25
CA ARG B 12 43.36 33.17 1.84
C ARG B 12 43.52 33.03 0.31
N ASN B 13 42.55 32.42 -0.39
CA ASN B 13 42.55 32.24 -1.84
C ASN B 13 41.57 33.21 -2.53
N PHE B 14 41.23 34.32 -1.85
CA PHE B 14 40.32 35.36 -2.32
C PHE B 14 40.97 36.74 -2.24
N VAL B 15 40.64 37.62 -3.20
CA VAL B 15 41.13 39.00 -3.27
C VAL B 15 39.95 39.97 -3.17
N TYR B 16 39.99 40.87 -2.17
CA TYR B 16 38.93 41.83 -1.89
C TYR B 16 39.27 43.27 -2.26
N CYS B 17 38.83 43.70 -3.46
CA CYS B 17 39.03 45.08 -3.96
C CYS B 17 37.70 45.85 -3.91
N ASN B 18 36.62 45.18 -3.48
CA ASN B 18 35.26 45.72 -3.42
C ASN B 18 35.07 46.87 -2.42
N GLU B 19 34.31 47.89 -2.87
CA GLU B 19 33.94 49.12 -2.18
C GLU B 19 35.15 49.84 -1.54
N ARG B 20 36.17 50.14 -2.36
CA ARG B 20 37.40 50.81 -1.96
C ARG B 20 37.67 52.08 -2.80
N SER B 21 36.68 52.47 -3.64
CA SER B 21 36.68 53.63 -4.54
C SER B 21 37.83 53.60 -5.58
N LEU B 22 38.22 52.38 -6.01
CA LEU B 22 39.27 52.16 -7.00
C LEU B 22 38.79 52.45 -8.41
N THR B 23 39.65 53.10 -9.22
CA THR B 23 39.36 53.45 -10.63
C THR B 23 40.03 52.47 -11.60
N SER B 24 40.98 51.67 -11.10
CA SER B 24 41.73 50.67 -11.86
C SER B 24 42.02 49.43 -11.01
N VAL B 25 42.19 48.26 -11.66
CA VAL B 25 42.48 46.98 -11.03
C VAL B 25 43.93 47.00 -10.44
N PRO B 26 44.14 46.61 -9.15
CA PRO B 26 45.50 46.64 -8.59
C PRO B 26 46.51 45.75 -9.31
N LEU B 27 47.80 46.14 -9.23
CA LEU B 27 48.92 45.46 -9.88
C LEU B 27 49.29 44.12 -9.23
N GLY B 28 49.60 44.15 -7.93
CA GLY B 28 50.00 42.98 -7.15
C GLY B 28 48.96 41.90 -6.99
N ILE B 29 48.80 41.06 -8.02
CA ILE B 29 47.84 39.96 -8.03
C ILE B 29 48.58 38.59 -7.98
N PRO B 30 48.40 37.80 -6.90
CA PRO B 30 49.11 36.50 -6.81
C PRO B 30 48.59 35.43 -7.78
N GLU B 31 49.44 34.41 -8.05
CA GLU B 31 49.14 33.29 -8.96
C GLU B 31 48.47 32.07 -8.29
N GLY B 32 47.95 32.27 -7.08
CA GLY B 32 47.28 31.24 -6.31
C GLY B 32 45.87 31.60 -5.86
N VAL B 33 45.29 32.66 -6.46
CA VAL B 33 43.93 33.16 -6.16
C VAL B 33 42.93 32.53 -7.12
N THR B 34 41.76 32.08 -6.59
CA THR B 34 40.69 31.44 -7.35
C THR B 34 39.56 32.42 -7.71
N VAL B 35 39.06 33.17 -6.72
CA VAL B 35 37.96 34.14 -6.92
C VAL B 35 38.46 35.57 -6.66
N LEU B 36 38.14 36.49 -7.58
CA LEU B 36 38.53 37.90 -7.52
C LEU B 36 37.31 38.81 -7.36
N TYR B 37 37.31 39.65 -6.32
CA TYR B 37 36.21 40.58 -6.03
C TYR B 37 36.66 42.02 -6.32
N LEU B 38 35.95 42.71 -7.22
CA LEU B 38 36.25 44.09 -7.63
C LEU B 38 34.98 44.95 -7.77
N HIS B 39 33.82 44.42 -7.34
CA HIS B 39 32.52 45.07 -7.43
C HIS B 39 32.36 46.33 -6.56
N ASN B 40 31.32 47.14 -6.84
CA ASN B 40 30.94 48.39 -6.16
C ASN B 40 32.07 49.45 -6.13
N ASN B 41 32.85 49.53 -7.20
CA ASN B 41 33.96 50.49 -7.34
C ASN B 41 33.69 51.48 -8.48
N GLN B 42 34.70 52.31 -8.81
CA GLN B 42 34.63 53.31 -9.89
C GLN B 42 35.53 52.90 -11.08
N ILE B 43 35.75 51.58 -11.26
CA ILE B 43 36.58 50.99 -12.30
C ILE B 43 35.98 51.22 -13.70
N ASN B 44 36.77 51.85 -14.58
CA ASN B 44 36.42 52.16 -15.97
C ASN B 44 37.02 51.14 -16.94
N ASN B 45 36.49 51.06 -18.18
CA ASN B 45 36.93 50.15 -19.25
C ASN B 45 38.40 50.32 -19.66
N ALA B 46 38.93 51.55 -19.54
CA ALA B 46 40.32 51.90 -19.86
C ALA B 46 41.30 51.45 -18.76
N GLY B 47 40.85 51.50 -17.51
CA GLY B 47 41.64 51.12 -16.34
C GLY B 47 41.67 49.62 -16.06
N PHE B 48 42.26 48.85 -16.99
CA PHE B 48 42.41 47.40 -16.90
C PHE B 48 43.83 46.97 -17.32
N PRO B 49 44.71 46.59 -16.36
CA PRO B 49 46.07 46.16 -16.73
C PRO B 49 46.07 44.80 -17.42
N ALA B 50 47.00 44.60 -18.35
CA ALA B 50 47.13 43.36 -19.13
C ALA B 50 47.77 42.18 -18.37
N GLU B 51 48.35 42.45 -17.16
CA GLU B 51 48.95 41.42 -16.30
C GLU B 51 47.89 40.56 -15.58
N LEU B 52 46.62 41.04 -15.60
CA LEU B 52 45.45 40.36 -15.04
C LEU B 52 45.11 39.15 -15.92
N HIS B 53 45.31 39.27 -17.25
CA HIS B 53 45.08 38.24 -18.27
C HIS B 53 46.01 37.04 -18.06
N ASN B 54 47.25 37.29 -17.61
CA ASN B 54 48.28 36.27 -17.35
C ASN B 54 47.97 35.37 -16.14
N VAL B 55 47.20 35.88 -15.16
CA VAL B 55 46.81 35.13 -13.95
C VAL B 55 45.79 34.05 -14.34
N GLN B 56 46.29 32.84 -14.63
CA GLN B 56 45.52 31.68 -15.06
C GLN B 56 44.67 31.02 -13.96
N SER B 57 45.12 31.12 -12.69
CA SER B 57 44.46 30.54 -11.53
C SER B 57 43.05 31.08 -11.23
N VAL B 58 42.81 32.38 -11.51
CA VAL B 58 41.51 33.04 -11.26
C VAL B 58 40.45 32.50 -12.23
N HIS B 59 39.32 32.00 -11.69
CA HIS B 59 38.22 31.44 -12.48
C HIS B 59 36.89 32.23 -12.33
N THR B 60 36.73 32.99 -11.23
CA THR B 60 35.53 33.79 -10.98
C THR B 60 35.90 35.24 -10.68
N VAL B 61 35.33 36.18 -11.47
CA VAL B 61 35.58 37.62 -11.33
C VAL B 61 34.26 38.37 -11.17
N TYR B 62 34.16 39.20 -10.11
CA TYR B 62 32.98 40.02 -9.81
C TYR B 62 33.30 41.50 -10.07
N LEU B 63 32.52 42.15 -10.96
CA LEU B 63 32.69 43.56 -11.34
C LEU B 63 31.33 44.26 -11.49
N TYR B 64 30.41 44.02 -10.54
CA TYR B 64 29.07 44.62 -10.58
C TYR B 64 28.97 45.94 -9.83
N GLY B 65 28.14 46.84 -10.36
CA GLY B 65 27.91 48.16 -9.79
C GLY B 65 29.08 49.12 -9.96
N ASN B 66 29.75 49.03 -11.13
CA ASN B 66 30.90 49.86 -11.49
C ASN B 66 30.52 50.91 -12.56
N GLN B 67 31.52 51.66 -13.06
CA GLN B 67 31.33 52.66 -14.11
C GLN B 67 32.08 52.25 -15.39
N LEU B 68 31.49 51.32 -16.14
CA LEU B 68 32.05 50.79 -17.39
C LEU B 68 31.26 51.31 -18.60
N ASP B 69 31.80 51.11 -19.81
CA ASP B 69 31.19 51.54 -21.07
C ASP B 69 31.22 50.45 -22.14
N GLU B 70 32.27 49.62 -22.13
CA GLU B 70 32.51 48.52 -23.06
C GLU B 70 32.87 47.26 -22.26
N PHE B 71 32.83 46.08 -22.92
CA PHE B 71 33.20 44.81 -22.31
C PHE B 71 34.68 44.88 -21.92
N PRO B 72 35.06 44.55 -20.65
CA PRO B 72 36.47 44.70 -20.24
C PRO B 72 37.46 43.88 -21.05
N MET B 73 38.65 44.46 -21.18
CA MET B 73 39.78 43.89 -21.90
C MET B 73 40.82 43.37 -20.93
N ASN B 74 41.57 42.33 -21.36
CA ASN B 74 42.66 41.67 -20.64
C ASN B 74 42.21 41.03 -19.30
N LEU B 75 41.01 40.43 -19.32
CA LEU B 75 40.45 39.70 -18.17
C LEU B 75 41.19 38.34 -18.05
N PRO B 76 41.24 37.67 -16.87
CA PRO B 76 42.00 36.40 -16.76
C PRO B 76 41.61 35.32 -17.75
N LYS B 77 42.64 34.70 -18.35
CA LYS B 77 42.61 33.68 -19.41
C LYS B 77 41.73 32.46 -19.11
N ASN B 78 41.74 31.96 -17.86
CA ASN B 78 40.95 30.77 -17.51
C ASN B 78 39.82 31.09 -16.52
N VAL B 79 38.86 31.92 -16.95
CA VAL B 79 37.70 32.34 -16.18
C VAL B 79 36.45 31.64 -16.70
N ARG B 80 35.64 31.08 -15.78
CA ARG B 80 34.41 30.34 -16.09
C ARG B 80 33.15 31.19 -15.82
N VAL B 81 33.09 31.86 -14.65
CA VAL B 81 31.97 32.73 -14.24
C VAL B 81 32.43 34.19 -14.18
N LEU B 82 31.65 35.11 -14.77
CA LEU B 82 31.94 36.54 -14.80
C LEU B 82 30.67 37.36 -14.51
N HIS B 83 30.80 38.35 -13.62
CA HIS B 83 29.68 39.19 -13.20
C HIS B 83 29.87 40.66 -13.59
N LEU B 84 29.16 41.09 -14.64
CA LEU B 84 29.21 42.47 -15.14
C LEU B 84 27.82 43.08 -15.16
N GLN B 85 27.18 43.15 -13.99
CA GLN B 85 25.83 43.72 -13.88
C GLN B 85 25.83 45.10 -13.18
N GLU B 86 24.67 45.81 -13.22
CA GLU B 86 24.37 47.11 -12.61
C GLU B 86 25.32 48.26 -13.01
N ASN B 87 26.03 48.13 -14.15
CA ASN B 87 26.95 49.15 -14.65
C ASN B 87 26.37 49.87 -15.88
N ASN B 88 27.22 50.26 -16.87
CA ASN B 88 26.79 50.97 -18.08
C ASN B 88 27.47 50.51 -19.39
N ILE B 89 27.62 49.19 -19.62
CA ILE B 89 28.22 48.67 -20.85
C ILE B 89 27.23 48.80 -22.01
N GLN B 90 27.63 49.52 -23.07
CA GLN B 90 26.81 49.75 -24.25
C GLN B 90 27.30 48.90 -25.41
N THR B 91 28.63 48.76 -25.52
CA THR B 91 29.28 48.06 -26.63
C THR B 91 29.91 46.72 -26.20
N ILE B 92 29.73 45.69 -27.06
CA ILE B 92 30.26 44.34 -26.93
C ILE B 92 31.06 44.02 -28.22
N SER B 93 32.30 43.53 -28.06
CA SER B 93 33.20 43.25 -29.18
C SER B 93 33.64 41.79 -29.28
N ARG B 94 33.99 41.35 -30.50
CA ARG B 94 34.46 39.99 -30.81
C ARG B 94 35.78 39.62 -30.11
N ALA B 95 36.79 40.53 -30.13
CA ALA B 95 38.13 40.34 -29.54
C ALA B 95 38.14 40.21 -28.01
N ALA B 96 37.22 40.93 -27.31
CA ALA B 96 37.10 40.94 -25.86
C ALA B 96 36.54 39.62 -25.27
N LEU B 97 35.91 38.78 -26.13
CA LEU B 97 35.33 37.48 -25.78
C LEU B 97 36.17 36.29 -26.28
N ALA B 98 37.12 36.55 -27.20
CA ALA B 98 38.03 35.56 -27.76
C ALA B 98 39.17 35.25 -26.76
N GLN B 99 39.47 36.21 -25.85
CA GLN B 99 40.50 36.08 -24.81
C GLN B 99 40.05 35.16 -23.66
N LEU B 100 38.73 35.02 -23.47
CA LEU B 100 38.10 34.19 -22.44
C LEU B 100 37.37 33.01 -23.12
N LEU B 101 38.15 32.07 -23.67
CA LEU B 101 37.64 30.88 -24.35
C LEU B 101 36.97 29.87 -23.40
N LYS B 102 37.39 29.85 -22.12
CA LYS B 102 36.84 28.95 -21.10
C LYS B 102 35.61 29.50 -20.34
N LEU B 103 35.12 30.71 -20.74
CA LEU B 103 33.95 31.38 -20.13
C LEU B 103 32.70 30.56 -20.36
N GLU B 104 31.97 30.24 -19.27
CA GLU B 104 30.76 29.43 -19.28
C GLU B 104 29.53 30.24 -18.84
N GLU B 105 29.58 30.81 -17.63
CA GLU B 105 28.54 31.64 -17.04
C GLU B 105 28.90 33.11 -17.23
N LEU B 106 27.93 33.93 -17.69
CA LEU B 106 28.12 35.36 -17.93
C LEU B 106 26.86 36.14 -17.59
N HIS B 107 26.99 37.13 -16.69
CA HIS B 107 25.89 37.98 -16.22
C HIS B 107 26.08 39.43 -16.68
N LEU B 108 25.05 40.00 -17.34
CA LEU B 108 25.06 41.38 -17.83
C LEU B 108 23.69 42.02 -17.58
N ASP B 109 23.31 42.14 -16.31
CA ASP B 109 22.02 42.70 -15.87
C ASP B 109 22.08 44.23 -15.63
N ASP B 110 20.93 44.93 -15.78
CA ASP B 110 20.75 46.39 -15.59
C ASP B 110 21.68 47.30 -16.43
N ASN B 111 22.37 46.73 -17.44
CA ASN B 111 23.29 47.44 -18.32
C ASN B 111 22.56 48.21 -19.44
N SER B 112 23.34 48.95 -20.26
CA SER B 112 22.82 49.74 -21.39
C SER B 112 23.12 49.06 -22.75
N ILE B 113 23.10 47.72 -22.77
CA ILE B 113 23.37 46.89 -23.95
C ILE B 113 22.26 47.04 -25.04
N SER B 114 22.67 47.53 -26.22
CA SER B 114 21.80 47.74 -27.38
C SER B 114 22.13 46.74 -28.49
N THR B 115 21.15 46.46 -29.37
CA THR B 115 21.26 45.53 -30.50
C THR B 115 22.36 45.88 -31.51
N VAL B 116 22.60 47.19 -31.72
CA VAL B 116 23.60 47.71 -32.65
C VAL B 116 25.03 47.69 -32.04
N GLY B 117 25.14 48.00 -30.74
CA GLY B 117 26.41 48.00 -30.01
C GLY B 117 27.13 46.67 -29.98
N VAL B 118 26.37 45.56 -29.94
CA VAL B 118 26.90 44.20 -29.91
C VAL B 118 27.45 43.80 -31.29
N GLU B 119 28.74 43.44 -31.36
CA GLU B 119 29.41 43.02 -32.60
C GLU B 119 28.83 41.70 -33.10
N ASP B 120 28.83 41.53 -34.43
CA ASP B 120 28.31 40.34 -35.10
C ASP B 120 29.11 39.08 -34.75
N GLY B 121 28.48 38.24 -33.95
CA GLY B 121 29.09 37.00 -33.49
C GLY B 121 30.10 37.16 -32.36
N ALA B 122 29.92 38.20 -31.51
CA ALA B 122 30.79 38.44 -30.36
C ALA B 122 30.61 37.33 -29.31
N PHE B 123 29.35 36.95 -29.01
CA PHE B 123 29.03 35.88 -28.05
C PHE B 123 29.47 34.50 -28.56
N ARG B 124 29.38 34.27 -29.89
CA ARG B 124 29.78 33.03 -30.57
C ARG B 124 31.27 32.75 -30.42
N GLU B 125 32.12 33.82 -30.28
CA GLU B 125 33.57 33.70 -30.05
C GLU B 125 33.85 32.90 -28.76
N ALA B 126 33.07 33.15 -27.68
CA ALA B 126 33.16 32.41 -26.42
C ALA B 126 32.43 31.07 -26.63
N ILE B 127 33.17 30.08 -27.15
CA ILE B 127 32.71 28.74 -27.51
C ILE B 127 32.14 27.90 -26.34
N SER B 128 32.73 28.02 -25.14
CA SER B 128 32.31 27.28 -23.95
C SER B 128 31.13 27.92 -23.18
N LEU B 129 30.57 29.04 -23.71
CA LEU B 129 29.46 29.77 -23.10
C LEU B 129 28.13 29.00 -23.14
N LYS B 130 27.64 28.63 -21.95
CA LYS B 130 26.39 27.88 -21.78
C LYS B 130 25.34 28.76 -21.09
N LEU B 131 25.74 29.51 -20.05
CA LEU B 131 24.83 30.41 -19.35
C LEU B 131 25.09 31.85 -19.76
N LEU B 132 24.05 32.53 -20.24
CA LEU B 132 24.11 33.93 -20.66
C LEU B 132 22.92 34.72 -20.10
N PHE B 133 23.21 35.92 -19.57
CA PHE B 133 22.20 36.78 -18.97
C PHE B 133 22.28 38.20 -19.52
N LEU B 134 21.22 38.63 -20.21
CA LEU B 134 21.07 39.95 -20.80
C LEU B 134 19.72 40.50 -20.35
N SER B 135 19.60 40.77 -19.04
CA SER B 135 18.38 41.24 -18.39
C SER B 135 18.42 42.74 -18.04
N LYS B 136 17.26 43.42 -18.10
CA LYS B 136 17.04 44.85 -17.83
C LYS B 136 17.88 45.79 -18.72
N ASN B 137 18.26 45.31 -19.91
CA ASN B 137 19.05 46.04 -20.92
C ASN B 137 18.13 46.76 -21.92
N HIS B 138 18.70 47.53 -22.87
CA HIS B 138 17.94 48.27 -23.88
C HIS B 138 17.96 47.56 -25.26
N LEU B 139 17.72 46.24 -25.26
CA LEU B 139 17.71 45.42 -26.47
C LEU B 139 16.37 45.52 -27.18
N SER B 140 16.39 45.98 -28.45
CA SER B 140 15.19 46.13 -29.26
C SER B 140 14.72 44.78 -29.83
N SER B 141 15.65 43.81 -29.97
CA SER B 141 15.40 42.46 -30.49
C SER B 141 16.44 41.48 -29.92
N VAL B 142 16.36 40.21 -30.35
CA VAL B 142 17.29 39.14 -29.96
C VAL B 142 18.51 39.18 -30.90
N PRO B 143 19.77 39.10 -30.37
CA PRO B 143 20.94 39.11 -31.26
C PRO B 143 21.02 37.87 -32.13
N VAL B 144 21.79 37.96 -33.22
CA VAL B 144 21.97 36.86 -34.18
C VAL B 144 23.14 35.95 -33.76
N GLY B 145 24.30 36.54 -33.49
CA GLY B 145 25.51 35.85 -33.09
C GLY B 145 25.46 35.29 -31.68
N LEU B 146 24.72 34.16 -31.53
CA LEU B 146 24.55 33.48 -30.26
C LEU B 146 25.28 32.12 -30.23
N PRO B 147 25.89 31.72 -29.08
CA PRO B 147 26.63 30.44 -29.02
C PRO B 147 25.78 29.22 -29.36
N VAL B 148 26.40 28.24 -30.03
CA VAL B 148 25.78 26.99 -30.49
C VAL B 148 25.50 26.06 -29.28
N ASP B 149 26.44 26.00 -28.32
CA ASP B 149 26.35 25.16 -27.12
C ASP B 149 25.72 25.88 -25.92
N LEU B 150 25.08 27.04 -26.17
CA LEU B 150 24.41 27.85 -25.15
C LEU B 150 23.20 27.10 -24.62
N GLN B 151 23.20 26.89 -23.30
CA GLN B 151 22.18 26.14 -22.56
C GLN B 151 21.07 27.00 -21.95
N GLU B 152 21.44 28.11 -21.29
CA GLU B 152 20.45 29.01 -20.69
C GLU B 152 20.58 30.47 -21.17
N LEU B 153 19.64 30.88 -22.04
CA LEU B 153 19.60 32.24 -22.57
C LEU B 153 18.48 33.01 -21.86
N ARG B 154 18.87 34.05 -21.10
CA ARG B 154 17.93 34.90 -20.38
C ARG B 154 18.04 36.32 -20.95
N VAL B 155 16.98 36.78 -21.63
CA VAL B 155 16.89 38.11 -22.23
C VAL B 155 15.48 38.66 -21.95
N ASP B 156 15.29 39.01 -20.68
CA ASP B 156 14.04 39.51 -20.15
C ASP B 156 14.14 40.97 -19.69
N GLU B 157 12.98 41.60 -19.45
CA GLU B 157 12.81 42.99 -18.98
C GLU B 157 13.50 44.01 -19.90
N ASN B 158 13.30 43.87 -21.22
CA ASN B 158 13.88 44.76 -22.23
C ASN B 158 12.77 45.34 -23.12
N ARG B 159 13.15 45.99 -24.22
CA ARG B 159 12.19 46.56 -25.17
C ARG B 159 12.13 45.74 -26.47
N ILE B 160 11.85 44.43 -26.37
CA ILE B 160 11.78 43.54 -27.54
C ILE B 160 10.35 43.48 -28.09
N ALA B 161 10.20 43.88 -29.36
CA ALA B 161 8.92 43.89 -30.07
C ALA B 161 8.92 42.87 -31.21
N VAL B 162 10.09 42.67 -31.86
CA VAL B 162 10.26 41.73 -32.98
C VAL B 162 11.33 40.67 -32.71
N ILE B 163 11.03 39.43 -33.12
CA ILE B 163 11.90 38.26 -33.03
C ILE B 163 11.99 37.63 -34.41
N SER B 164 13.22 37.44 -34.93
CA SER B 164 13.49 36.85 -36.23
C SER B 164 13.63 35.32 -36.14
N ASP B 165 13.40 34.62 -37.27
CA ASP B 165 13.51 33.16 -37.37
C ASP B 165 14.97 32.69 -37.33
N MET B 166 15.88 33.54 -37.84
CA MET B 166 17.33 33.28 -37.89
C MET B 166 18.04 33.61 -36.56
N ALA B 167 17.34 34.32 -35.64
CA ALA B 167 17.86 34.71 -34.33
C ALA B 167 18.05 33.49 -33.42
N PHE B 168 17.18 32.46 -33.58
CA PHE B 168 17.23 31.21 -32.82
C PHE B 168 17.74 30.03 -33.66
N GLN B 169 18.87 30.27 -34.37
CA GLN B 169 19.57 29.29 -35.21
C GLN B 169 20.74 28.70 -34.42
N ASN B 170 21.04 27.40 -34.63
CA ASN B 170 22.10 26.61 -33.98
C ASN B 170 21.93 26.45 -32.45
N LEU B 171 20.88 27.04 -31.88
CA LEU B 171 20.58 26.97 -30.44
C LEU B 171 19.72 25.73 -30.11
N THR B 172 20.05 24.58 -30.73
CA THR B 172 19.37 23.30 -30.55
C THR B 172 19.60 22.73 -29.15
N SER B 173 20.74 23.07 -28.51
CA SER B 173 21.12 22.63 -27.18
C SER B 173 20.73 23.62 -26.04
N LEU B 174 19.70 24.45 -26.28
CA LEU B 174 19.19 25.42 -25.29
C LEU B 174 18.01 24.82 -24.53
N GLU B 175 18.04 24.88 -23.19
CA GLU B 175 16.99 24.34 -22.33
C GLU B 175 16.02 25.42 -21.87
N ARG B 176 16.48 26.40 -21.06
CA ARG B 176 15.61 27.48 -20.58
C ARG B 176 15.75 28.74 -21.43
N LEU B 177 14.61 29.33 -21.79
CA LEU B 177 14.53 30.56 -22.59
C LEU B 177 13.53 31.52 -21.95
N ILE B 178 14.03 32.66 -21.44
CA ILE B 178 13.22 33.67 -20.75
C ILE B 178 13.20 34.95 -21.59
N VAL B 179 11.99 35.41 -21.92
CA VAL B 179 11.73 36.63 -22.71
C VAL B 179 10.58 37.46 -22.12
N ASP B 180 10.34 37.35 -20.80
CA ASP B 180 9.27 38.07 -20.11
C ASP B 180 9.56 39.55 -19.90
N GLY B 181 8.51 40.37 -19.84
CA GLY B 181 8.57 41.81 -19.60
C GLY B 181 9.03 42.63 -20.80
N ASN B 182 8.50 42.32 -21.99
CA ASN B 182 8.83 42.98 -23.25
C ASN B 182 7.56 43.43 -23.98
N LEU B 183 7.72 44.32 -24.99
CA LEU B 183 6.60 44.81 -25.81
C LEU B 183 6.35 43.91 -27.04
N LEU B 184 6.50 42.59 -26.86
CA LEU B 184 6.33 41.57 -27.88
C LEU B 184 4.86 41.36 -28.25
N THR B 185 4.63 40.95 -29.51
CA THR B 185 3.31 40.69 -30.10
C THR B 185 3.35 39.44 -31.01
N ASN B 186 2.17 38.94 -31.42
CA ASN B 186 2.07 37.79 -32.32
C ASN B 186 2.52 38.13 -33.75
N LYS B 187 2.52 39.43 -34.10
CA LYS B 187 2.98 39.94 -35.39
C LYS B 187 4.51 40.02 -35.39
N GLY B 188 5.09 40.25 -34.22
CA GLY B 188 6.52 40.41 -34.01
C GLY B 188 7.29 39.09 -34.02
N ILE B 189 6.58 37.97 -33.81
CA ILE B 189 7.18 36.63 -33.80
C ILE B 189 7.05 35.94 -35.15
N ALA B 190 8.19 35.43 -35.68
CA ALA B 190 8.28 34.75 -36.96
C ALA B 190 7.60 33.38 -36.93
N GLU B 191 7.19 32.90 -38.13
CA GLU B 191 6.53 31.61 -38.32
C GLU B 191 7.50 30.44 -38.07
N GLY B 192 7.34 29.78 -36.92
CA GLY B 192 8.17 28.66 -36.49
C GLY B 192 9.60 29.02 -36.14
N THR B 193 9.78 30.02 -35.24
CA THR B 193 11.10 30.48 -34.79
C THR B 193 11.63 29.68 -33.59
N PHE B 194 10.74 29.22 -32.69
CA PHE B 194 11.06 28.44 -31.50
C PHE B 194 11.05 26.93 -31.74
N SER B 195 10.43 26.50 -32.86
CA SER B 195 10.26 25.10 -33.28
C SER B 195 11.57 24.31 -33.45
N HIS B 196 12.69 24.99 -33.75
CA HIS B 196 14.00 24.38 -33.98
C HIS B 196 14.78 24.05 -32.69
N LEU B 197 14.27 24.47 -31.52
CA LEU B 197 14.91 24.22 -30.23
C LEU B 197 14.31 22.98 -29.54
N THR B 198 14.72 21.77 -29.98
CA THR B 198 14.21 20.49 -29.48
C THR B 198 14.52 20.24 -27.99
N LYS B 199 15.66 20.75 -27.51
CA LYS B 199 16.09 20.54 -26.12
C LYS B 199 15.44 21.51 -25.13
N LEU B 200 14.57 22.42 -25.60
CA LEU B 200 13.89 23.40 -24.74
C LEU B 200 12.98 22.72 -23.71
N LYS B 201 13.22 23.01 -22.41
CA LYS B 201 12.48 22.46 -21.27
C LYS B 201 11.55 23.48 -20.60
N GLU B 202 11.93 24.77 -20.64
CA GLU B 202 11.16 25.87 -20.05
C GLU B 202 11.12 27.07 -20.99
N PHE B 203 9.95 27.71 -21.09
CA PHE B 203 9.70 28.86 -21.96
C PHE B 203 8.66 29.76 -21.29
N SER B 204 9.04 31.03 -21.01
CA SER B 204 8.17 31.99 -20.34
C SER B 204 8.16 33.35 -21.02
N ILE B 205 6.94 33.85 -21.32
CA ILE B 205 6.69 35.18 -21.91
C ILE B 205 5.57 35.84 -21.09
N VAL B 206 5.89 36.32 -19.87
CA VAL B 206 4.91 36.95 -18.99
C VAL B 206 5.06 38.47 -19.02
N ARG B 207 3.93 39.21 -18.85
CA ARG B 207 3.85 40.68 -18.87
C ARG B 207 4.18 41.27 -20.26
N ASN B 208 3.62 40.63 -21.32
CA ASN B 208 3.79 41.01 -22.72
C ASN B 208 2.44 41.31 -23.38
N SER B 209 2.44 41.56 -24.70
CA SER B 209 1.21 41.86 -25.45
C SER B 209 0.90 40.80 -26.52
N LEU B 210 0.67 39.56 -26.09
CA LEU B 210 0.36 38.43 -26.98
C LEU B 210 -1.15 38.20 -27.05
N SER B 211 -1.73 38.30 -28.27
CA SER B 211 -3.16 38.14 -28.53
C SER B 211 -3.65 36.66 -28.55
N HIS B 212 -2.70 35.70 -28.68
CA HIS B 212 -2.92 34.25 -28.67
C HIS B 212 -1.54 33.55 -28.46
N PRO B 213 -1.47 32.32 -27.90
CA PRO B 213 -0.15 31.68 -27.70
C PRO B 213 0.64 31.49 -29.00
N PRO B 214 1.98 31.71 -28.99
CA PRO B 214 2.77 31.59 -30.22
C PRO B 214 2.64 30.24 -30.95
N PRO B 215 2.32 30.24 -32.27
CA PRO B 215 2.19 28.97 -33.00
C PRO B 215 3.55 28.31 -33.26
N ASP B 216 3.53 26.97 -33.43
CA ASP B 216 4.69 26.10 -33.67
C ASP B 216 5.71 26.17 -32.53
N LEU B 217 5.50 25.33 -31.50
CA LEU B 217 6.35 25.23 -30.32
C LEU B 217 6.90 23.81 -30.12
N PRO B 218 8.13 23.66 -29.58
CA PRO B 218 8.68 22.30 -29.41
C PRO B 218 8.05 21.51 -28.26
N GLY B 219 7.53 20.34 -28.59
CA GLY B 219 6.89 19.46 -27.62
C GLY B 219 7.72 18.23 -27.30
N THR B 220 9.01 18.25 -27.67
CA THR B 220 9.96 17.14 -27.46
C THR B 220 10.51 17.07 -26.04
N HIS B 221 10.91 18.22 -25.44
CA HIS B 221 11.45 18.29 -24.09
C HIS B 221 10.77 19.30 -23.16
N LEU B 222 9.87 20.16 -23.69
CA LEU B 222 9.16 21.20 -22.93
C LEU B 222 8.28 20.68 -21.82
N ILE B 223 8.51 21.19 -20.60
CA ILE B 223 7.84 20.81 -19.36
C ILE B 223 7.02 22.00 -18.81
N ARG B 224 7.65 23.19 -18.71
CA ARG B 224 7.01 24.38 -18.18
C ARG B 224 6.78 25.43 -19.27
N LEU B 225 5.53 25.94 -19.36
CA LEU B 225 5.10 26.95 -20.32
C LEU B 225 4.26 28.02 -19.61
N TYR B 226 4.86 29.20 -19.37
CA TYR B 226 4.24 30.33 -18.67
C TYR B 226 3.78 31.42 -19.64
N LEU B 227 2.50 31.82 -19.55
CA LEU B 227 1.88 32.85 -20.37
C LEU B 227 0.92 33.72 -19.53
N GLN B 228 1.50 34.59 -18.67
CA GLN B 228 0.76 35.48 -17.77
C GLN B 228 0.76 36.94 -18.20
N ASP B 229 -0.29 37.70 -17.76
CA ASP B 229 -0.53 39.13 -17.99
C ASP B 229 -0.62 39.56 -19.47
N ASN B 230 -0.76 38.58 -20.38
CA ASN B 230 -0.89 38.84 -21.82
C ASN B 230 -2.36 39.17 -22.17
N GLN B 231 -2.60 39.58 -23.43
CA GLN B 231 -3.93 39.92 -23.93
C GLN B 231 -4.53 38.81 -24.81
N ILE B 232 -4.39 37.52 -24.38
CA ILE B 232 -4.91 36.37 -25.14
C ILE B 232 -6.44 36.38 -25.13
N ASN B 233 -7.03 36.46 -26.33
CA ASN B 233 -8.48 36.47 -26.51
C ASN B 233 -8.99 35.04 -26.56
N HIS B 234 -8.28 34.16 -27.30
CA HIS B 234 -8.60 32.74 -27.46
C HIS B 234 -7.34 31.89 -27.70
N ILE B 235 -7.47 30.57 -27.45
CA ILE B 235 -6.38 29.63 -27.66
C ILE B 235 -6.78 28.60 -28.74
N PRO B 236 -5.99 28.48 -29.83
CA PRO B 236 -6.35 27.51 -30.88
C PRO B 236 -6.10 26.05 -30.47
N LEU B 237 -6.68 25.11 -31.22
CA LEU B 237 -6.55 23.67 -30.99
C LEU B 237 -5.16 23.11 -31.30
N THR B 238 -4.42 23.73 -32.23
CA THR B 238 -3.07 23.31 -32.63
C THR B 238 -1.96 23.91 -31.75
N ALA B 239 -2.26 25.01 -31.03
CA ALA B 239 -1.31 25.71 -30.16
C ALA B 239 -0.78 24.87 -29.00
N PHE B 240 -1.59 23.91 -28.52
CA PHE B 240 -1.21 23.03 -27.42
C PHE B 240 -1.00 21.57 -27.81
N ALA B 241 -1.33 21.23 -29.07
CA ALA B 241 -1.13 19.88 -29.61
C ALA B 241 0.37 19.59 -29.80
N ASN B 242 0.76 18.30 -29.70
CA ASN B 242 2.13 17.76 -29.82
C ASN B 242 3.04 18.07 -28.61
N LEU B 243 2.53 18.83 -27.62
CA LEU B 243 3.25 19.17 -26.39
C LEU B 243 2.94 18.09 -25.34
N ARG B 244 3.15 16.82 -25.73
CA ARG B 244 2.89 15.61 -24.94
C ARG B 244 3.73 15.44 -23.68
N LYS B 245 4.85 16.19 -23.56
CA LYS B 245 5.75 16.13 -22.40
C LYS B 245 5.57 17.30 -21.42
N LEU B 246 4.58 18.19 -21.65
CA LEU B 246 4.32 19.36 -20.80
C LEU B 246 3.69 18.98 -19.46
N GLU B 247 4.25 19.52 -18.36
CA GLU B 247 3.79 19.30 -16.98
C GLU B 247 3.13 20.54 -16.39
N ARG B 248 3.78 21.72 -16.52
CA ARG B 248 3.25 22.97 -15.98
C ARG B 248 2.81 23.96 -17.08
N LEU B 249 1.56 24.42 -16.98
CA LEU B 249 0.96 25.38 -17.91
C LEU B 249 0.26 26.46 -17.09
N ASP B 250 0.48 27.73 -17.46
CA ASP B 250 -0.12 28.87 -16.77
C ASP B 250 -0.59 29.92 -17.78
N ILE B 251 -1.88 30.23 -17.76
CA ILE B 251 -2.52 31.19 -18.65
C ILE B 251 -3.35 32.23 -17.85
N SER B 252 -2.95 32.49 -16.59
CA SER B 252 -3.62 33.44 -15.70
C SER B 252 -3.35 34.90 -16.11
N ASN B 253 -4.18 35.84 -15.59
CA ASN B 253 -4.13 37.30 -15.84
C ASN B 253 -4.34 37.68 -17.32
N ASN B 254 -5.06 36.83 -18.07
CA ASN B 254 -5.35 37.01 -19.48
C ASN B 254 -6.78 37.52 -19.73
N GLN B 255 -7.13 37.81 -20.99
CA GLN B 255 -8.46 38.30 -21.38
C GLN B 255 -9.27 37.22 -22.11
N LEU B 256 -9.35 36.01 -21.52
CA LEU B 256 -10.07 34.87 -22.09
C LEU B 256 -11.51 34.73 -21.59
N ARG B 257 -12.45 34.56 -22.54
CA ARG B 257 -13.86 34.38 -22.25
C ARG B 257 -14.30 32.93 -22.33
N MET B 258 -13.96 32.22 -23.42
CA MET B 258 -14.32 30.81 -23.64
C MET B 258 -13.19 30.05 -24.32
N LEU B 259 -12.97 28.81 -23.87
CA LEU B 259 -11.95 27.92 -24.41
C LEU B 259 -12.58 26.85 -25.27
N THR B 260 -12.01 26.62 -26.46
CA THR B 260 -12.49 25.60 -27.40
C THR B 260 -12.18 24.21 -26.85
N GLN B 261 -13.16 23.30 -26.88
CA GLN B 261 -13.02 21.93 -26.38
C GLN B 261 -12.02 21.10 -27.16
N GLY B 262 -11.20 20.35 -26.43
CA GLY B 262 -10.16 19.49 -27.01
C GLY B 262 -8.80 20.16 -27.10
N VAL B 263 -8.64 21.29 -26.39
CA VAL B 263 -7.41 22.07 -26.38
C VAL B 263 -6.34 21.48 -25.43
N PHE B 264 -6.77 20.85 -24.33
CA PHE B 264 -5.86 20.23 -23.37
C PHE B 264 -5.81 18.70 -23.53
N ASP B 265 -6.41 18.19 -24.62
CA ASP B 265 -6.50 16.76 -24.93
C ASP B 265 -5.17 16.06 -25.24
N HIS B 266 -4.14 16.81 -25.66
CA HIS B 266 -2.82 16.25 -25.97
C HIS B 266 -1.81 16.36 -24.81
N LEU B 267 -2.17 17.08 -23.73
CA LEU B 267 -1.33 17.25 -22.55
C LEU B 267 -1.66 16.17 -21.51
N SER B 268 -1.02 15.00 -21.63
CA SER B 268 -1.22 13.86 -20.73
C SER B 268 -0.37 13.94 -19.48
N ASN B 269 0.89 14.42 -19.59
CA ASN B 269 1.86 14.57 -18.50
C ASN B 269 1.58 15.78 -17.58
N LEU B 270 0.64 16.67 -17.96
CA LEU B 270 0.25 17.88 -17.22
C LEU B 270 -0.09 17.62 -15.75
N LYS B 271 0.73 18.20 -14.86
CA LYS B 271 0.59 18.07 -13.42
C LYS B 271 -0.11 19.27 -12.77
N GLN B 272 -0.14 20.43 -13.46
CA GLN B 272 -0.77 21.65 -12.94
C GLN B 272 -1.21 22.62 -14.03
N LEU B 273 -2.34 23.31 -13.80
CA LEU B 273 -2.90 24.33 -14.69
C LEU B 273 -3.47 25.50 -13.88
N THR B 274 -3.09 26.74 -14.25
CA THR B 274 -3.54 27.98 -13.61
C THR B 274 -4.13 28.91 -14.66
N ALA B 275 -5.42 29.20 -14.56
CA ALA B 275 -6.14 30.08 -15.48
C ALA B 275 -6.78 31.25 -14.73
N ARG B 276 -5.61 32.43 -11.93
CA ARG B 276 -6.57 33.41 -11.40
C ARG B 276 -6.71 34.65 -12.29
N ASN B 277 -7.78 35.45 -12.04
CA ASN B 277 -8.16 36.71 -12.71
C ASN B 277 -8.26 36.61 -14.24
N ASN B 278 -9.46 36.27 -14.73
CA ASN B 278 -9.79 36.15 -16.16
C ASN B 278 -11.27 36.40 -16.35
N PRO B 279 -11.70 37.15 -17.39
CA PRO B 279 -13.14 37.37 -17.58
C PRO B 279 -13.82 36.19 -18.28
N TRP B 280 -14.06 35.11 -17.53
CA TRP B 280 -14.69 33.90 -18.05
C TRP B 280 -16.20 34.08 -18.13
N PHE B 281 -16.71 34.31 -19.35
CA PHE B 281 -18.16 34.45 -19.58
C PHE B 281 -18.75 33.05 -19.64
N CYS B 282 -19.51 32.68 -18.61
CA CYS B 282 -20.08 31.34 -18.47
C CYS B 282 -21.43 31.19 -19.15
N ASP B 283 -21.42 30.47 -20.29
CA ASP B 283 -22.60 30.16 -21.11
C ASP B 283 -22.65 28.65 -21.34
N CYS B 284 -22.89 28.21 -22.58
CA CYS B 284 -22.93 26.81 -22.96
C CYS B 284 -21.53 26.26 -23.15
N SER B 285 -20.58 27.15 -23.52
CA SER B 285 -19.17 26.84 -23.78
C SER B 285 -18.34 26.37 -22.58
N ILE B 286 -18.85 26.55 -21.35
CA ILE B 286 -18.14 26.15 -20.15
C ILE B 286 -18.56 24.78 -19.61
N LYS B 287 -19.58 24.13 -20.24
CA LYS B 287 -20.09 22.82 -19.83
C LYS B 287 -19.05 21.70 -19.91
N TRP B 288 -18.01 21.85 -20.76
CA TRP B 288 -16.94 20.85 -20.88
C TRP B 288 -15.93 20.99 -19.75
N VAL B 289 -15.67 22.23 -19.31
CA VAL B 289 -14.74 22.58 -18.25
C VAL B 289 -15.19 21.97 -16.89
N THR B 290 -16.48 22.13 -16.54
CA THR B 290 -17.11 21.63 -15.32
C THR B 290 -16.98 20.11 -15.19
N GLU B 291 -17.31 19.38 -16.26
CA GLU B 291 -17.22 17.92 -16.31
C GLU B 291 -15.77 17.44 -16.22
N TRP B 292 -14.87 18.06 -17.02
CA TRP B 292 -13.43 17.78 -17.04
C TRP B 292 -12.80 17.89 -15.64
N LEU B 293 -13.16 18.95 -14.88
CA LEU B 293 -12.68 19.21 -13.52
C LEU B 293 -13.17 18.20 -12.49
N LYS B 294 -14.34 17.58 -12.73
CA LYS B 294 -14.94 16.59 -11.83
C LYS B 294 -14.21 15.26 -11.78
N TYR B 295 -13.99 14.65 -12.95
CA TYR B 295 -13.34 13.35 -13.08
C TYR B 295 -11.87 13.46 -13.51
N ILE B 296 -11.18 14.49 -12.99
CA ILE B 296 -9.75 14.72 -13.27
C ILE B 296 -8.89 14.01 -12.18
N PRO B 297 -7.80 13.27 -12.56
CA PRO B 297 -7.00 12.58 -11.53
C PRO B 297 -6.28 13.52 -10.56
N SER B 298 -5.98 13.03 -9.34
CA SER B 298 -5.30 13.76 -8.26
C SER B 298 -3.97 14.39 -8.68
N SER B 299 -3.26 13.74 -9.62
CA SER B 299 -1.96 14.18 -10.16
C SER B 299 -2.03 15.55 -10.87
N LEU B 300 -3.20 15.91 -11.45
CA LEU B 300 -3.39 17.19 -12.13
C LEU B 300 -4.32 18.13 -11.35
N ASN B 301 -3.77 19.28 -10.93
CA ASN B 301 -4.51 20.32 -10.22
C ASN B 301 -4.87 21.41 -11.21
N VAL B 302 -6.11 21.90 -11.13
CA VAL B 302 -6.60 22.97 -12.00
C VAL B 302 -7.35 23.99 -11.12
N ARG B 303 -6.87 25.23 -11.12
CA ARG B 303 -7.44 26.32 -10.33
C ARG B 303 -7.34 27.63 -11.10
N GLY B 304 -8.30 28.52 -10.86
CA GLY B 304 -8.37 29.83 -11.50
C GLY B 304 -9.67 30.10 -12.22
N PHE B 305 -10.40 29.02 -12.59
CA PHE B 305 -11.66 29.10 -13.30
C PHE B 305 -12.79 29.62 -12.41
N MET B 306 -13.16 30.89 -12.64
CA MET B 306 -14.22 31.59 -11.92
C MET B 306 -15.07 32.44 -12.86
N CYS B 307 -16.40 32.38 -12.69
CA CYS B 307 -17.40 33.08 -13.50
C CYS B 307 -17.39 34.58 -13.32
N GLN B 308 -17.52 35.33 -14.44
CA GLN B 308 -17.56 36.79 -14.45
C GLN B 308 -18.87 37.29 -15.04
N GLY B 309 -19.39 36.59 -16.05
CA GLY B 309 -20.63 36.91 -16.73
C GLY B 309 -21.50 35.67 -16.89
N PRO B 310 -22.83 35.75 -16.71
CA PRO B 310 -23.66 36.92 -16.38
C PRO B 310 -23.67 37.23 -14.87
N GLU B 311 -24.47 38.23 -14.46
CA GLU B 311 -24.61 38.67 -13.07
C GLU B 311 -25.27 37.63 -12.14
N GLN B 312 -26.10 36.74 -12.71
CA GLN B 312 -26.81 35.66 -11.99
C GLN B 312 -25.82 34.61 -11.47
N VAL B 313 -24.79 34.31 -12.28
CA VAL B 313 -23.75 33.32 -11.97
C VAL B 313 -22.38 33.99 -11.65
N ARG B 314 -22.38 35.33 -11.46
CA ARG B 314 -21.19 36.13 -11.19
C ARG B 314 -20.42 35.76 -9.92
N GLY B 315 -19.10 35.63 -10.07
CA GLY B 315 -18.17 35.30 -9.00
C GLY B 315 -18.03 33.83 -8.69
N MET B 316 -19.03 33.02 -9.09
CA MET B 316 -19.10 31.57 -8.83
C MET B 316 -17.93 30.78 -9.42
N ALA B 317 -17.78 29.51 -8.97
CA ALA B 317 -16.73 28.60 -9.38
C ALA B 317 -17.20 27.63 -10.45
N VAL B 318 -16.45 27.56 -11.56
CA VAL B 318 -16.73 26.71 -12.71
C VAL B 318 -16.71 25.21 -12.34
N ARG B 319 -15.93 24.83 -11.29
CA ARG B 319 -15.79 23.47 -10.75
C ARG B 319 -17.15 22.81 -10.45
N GLU B 320 -18.10 23.56 -9.84
CA GLU B 320 -19.41 23.00 -9.51
C GLU B 320 -20.54 23.72 -10.22
N LEU B 321 -21.49 22.94 -10.76
CA LEU B 321 -22.68 23.45 -11.44
C LEU B 321 -23.90 23.39 -10.49
N ASN B 322 -24.87 24.30 -10.69
CA ASN B 322 -26.11 24.37 -9.91
C ASN B 322 -27.29 24.19 -10.88
N MET B 323 -28.22 23.26 -10.54
CA MET B 323 -29.41 22.88 -11.31
C MET B 323 -29.07 22.41 -12.74
N ASN B 324 -27.91 21.73 -12.90
CA ASN B 324 -27.34 21.20 -14.15
C ASN B 324 -27.19 22.28 -15.24
N LEU B 325 -26.44 23.36 -14.89
CA LEU B 325 -26.15 24.55 -15.71
C LEU B 325 -27.41 25.25 -16.26
N LEU B 326 -28.52 25.20 -15.47
CA LEU B 326 -29.87 25.75 -15.79
C LEU B 326 -30.51 25.03 -16.98
N SER B 327 -31.18 25.76 -17.90
CA SER B 327 -31.86 25.19 -19.07
C SER B 327 -30.92 24.88 -20.26
N CYS B 328 -29.58 25.03 -20.06
CA CYS B 328 -28.52 24.79 -21.05
C CYS B 328 -28.57 23.36 -21.70
N PRO B 329 -28.77 22.23 -20.95
CA PRO B 329 -28.82 20.92 -21.62
C PRO B 329 -30.21 20.44 -22.02
N ARG C 11 -6.35 57.97 29.39
CA ARG C 11 -5.86 57.97 28.01
C ARG C 11 -4.81 59.05 27.76
N GLU C 12 -3.80 58.73 26.92
CA GLU C 12 -2.70 59.63 26.58
C GLU C 12 -2.63 59.95 25.09
N LEU C 13 -2.38 61.22 24.77
CA LEU C 13 -2.24 61.72 23.39
C LEU C 13 -0.96 62.53 23.25
N SER C 14 -0.36 62.52 22.04
CA SER C 14 0.86 63.25 21.74
C SER C 14 1.00 63.48 20.22
N CYS C 15 1.34 64.72 19.83
CA CYS C 15 1.53 65.13 18.44
C CYS C 15 2.84 64.55 17.85
N GLU C 16 3.02 64.59 16.52
CA GLU C 16 4.21 64.07 15.82
C GLU C 16 5.54 64.60 16.35
N SER C 17 6.57 63.74 16.34
CA SER C 17 7.95 63.98 16.79
C SER C 17 8.06 64.39 18.28
N TYR C 18 7.10 63.97 19.14
CA TYR C 18 7.11 64.24 20.57
C TYR C 18 6.97 62.96 21.40
N PRO C 19 7.83 62.76 22.43
CA PRO C 19 7.70 61.52 23.23
C PRO C 19 6.50 61.53 24.17
N ILE C 20 5.75 60.41 24.22
CA ILE C 20 4.58 60.22 25.07
C ILE C 20 5.00 59.64 26.45
N GLU C 21 4.39 60.15 27.53
CA GLU C 21 4.71 59.72 28.90
C GLU C 21 3.56 58.96 29.59
N LEU C 22 3.80 57.67 29.87
CA LEU C 22 2.85 56.78 30.53
C LEU C 22 3.37 56.40 31.91
N ARG C 23 2.55 56.56 32.96
CA ARG C 23 2.93 56.23 34.34
C ARG C 23 1.77 55.67 35.17
N CYS C 24 2.05 54.59 35.92
CA CYS C 24 1.10 53.92 36.81
C CYS C 24 1.38 54.25 38.28
N PRO C 25 0.36 54.60 39.09
CA PRO C 25 0.61 54.96 40.50
C PRO C 25 0.98 53.78 41.41
N GLY C 26 2.05 53.97 42.20
CA GLY C 26 2.58 52.97 43.12
C GLY C 26 3.57 52.03 42.48
N THR C 27 3.21 50.73 42.38
CA THR C 27 4.00 49.68 41.77
C THR C 27 3.20 48.90 40.70
N ASP C 28 2.14 49.54 40.13
CA ASP C 28 1.27 48.97 39.09
C ASP C 28 1.93 48.91 37.71
N VAL C 29 1.32 48.14 36.79
CA VAL C 29 1.82 47.92 35.43
C VAL C 29 0.81 48.42 34.38
N ILE C 30 1.32 49.08 33.32
CA ILE C 30 0.53 49.63 32.21
C ILE C 30 -0.01 48.49 31.32
N MET C 31 -1.33 48.51 31.01
CA MET C 31 -2.00 47.52 30.19
C MET C 31 -2.66 48.21 29.00
N ILE C 32 -1.96 48.20 27.85
CA ILE C 32 -2.42 48.82 26.60
C ILE C 32 -3.67 48.10 26.08
N GLU C 33 -4.71 48.87 25.69
CA GLU C 33 -5.97 48.34 25.19
C GLU C 33 -6.15 48.65 23.68
N SER C 34 -5.99 49.92 23.30
CA SER C 34 -6.09 50.35 21.91
C SER C 34 -5.02 51.39 21.61
N ALA C 35 -4.24 51.14 20.54
CA ALA C 35 -3.18 52.05 20.11
C ALA C 35 -3.30 52.32 18.63
N ASN C 36 -3.44 53.60 18.26
CA ASN C 36 -3.54 54.02 16.85
C ASN C 36 -2.59 55.18 16.53
N TYR C 37 -1.59 54.92 15.67
CA TYR C 37 -0.62 55.91 15.23
C TYR C 37 -1.06 56.42 13.86
N GLY C 38 -1.80 57.52 13.88
CA GLY C 38 -2.31 58.14 12.67
C GLY C 38 -3.24 59.31 12.94
N ARG C 39 -4.31 59.43 12.14
CA ARG C 39 -5.29 60.51 12.27
C ARG C 39 -6.70 59.99 12.09
N THR C 40 -7.54 60.20 13.12
CA THR C 40 -8.95 59.83 13.12
C THR C 40 -9.81 61.08 13.13
N ASP C 41 -9.37 62.13 13.87
CA ASP C 41 -10.03 63.43 13.99
C ASP C 41 -9.04 64.53 13.59
N ASP C 42 -9.48 65.44 12.71
CA ASP C 42 -8.66 66.52 12.17
C ASP C 42 -8.34 67.63 13.15
N LYS C 43 -9.33 68.00 13.98
CA LYS C 43 -9.18 69.10 14.93
C LYS C 43 -8.17 68.86 16.08
N ILE C 44 -7.67 67.61 16.30
CA ILE C 44 -6.72 67.29 17.37
C ILE C 44 -5.41 68.12 17.21
N CYS C 45 -4.57 67.78 16.24
CA CYS C 45 -3.30 68.50 16.03
C CYS C 45 -3.47 69.86 15.36
N ASP C 46 -2.60 70.82 15.73
CA ASP C 46 -2.59 72.16 15.15
C ASP C 46 -1.29 72.42 14.41
N SER C 47 -1.32 72.24 13.07
CA SER C 47 -0.15 72.43 12.22
C SER C 47 -0.56 73.19 10.96
N ASP C 48 -0.72 72.47 9.82
CA ASP C 48 -1.10 73.06 8.54
C ASP C 48 -2.33 72.32 7.98
N PRO C 49 -3.34 73.07 7.47
CA PRO C 49 -4.55 72.42 6.93
C PRO C 49 -4.36 71.53 5.71
N ALA C 50 -3.22 71.67 5.01
CA ALA C 50 -2.88 70.86 3.85
C ALA C 50 -2.51 69.42 4.23
N GLN C 51 -2.21 69.19 5.51
CA GLN C 51 -1.86 67.87 6.05
C GLN C 51 -3.03 67.24 6.80
N MET C 52 -4.02 68.06 7.22
CA MET C 52 -5.22 67.62 7.93
C MET C 52 -6.34 67.14 6.99
N GLU C 53 -6.16 67.31 5.67
CA GLU C 53 -7.13 66.93 4.63
C GLU C 53 -7.48 65.42 4.63
N ASN C 54 -6.52 64.54 4.97
CA ASN C 54 -6.73 63.10 5.03
C ASN C 54 -6.88 62.66 6.49
N ILE C 55 -8.09 62.19 6.84
CA ILE C 55 -8.40 61.73 8.20
C ILE C 55 -8.58 60.21 8.24
N ARG C 56 -8.02 59.49 7.25
CA ARG C 56 -8.13 58.02 7.16
C ARG C 56 -6.78 57.31 7.33
N CYS C 57 -5.99 57.77 8.32
CA CYS C 57 -4.69 57.17 8.61
C CYS C 57 -4.80 56.22 9.80
N TYR C 58 -4.34 54.97 9.64
CA TYR C 58 -4.40 53.92 10.66
C TYR C 58 -3.13 53.06 10.64
N LEU C 59 -2.69 52.60 11.84
CA LEU C 59 -1.52 51.73 11.99
C LEU C 59 -1.89 50.50 12.84
N PRO C 60 -2.01 49.31 12.20
CA PRO C 60 -2.39 48.11 12.95
C PRO C 60 -1.30 47.60 13.88
N ASP C 61 -0.04 47.82 13.49
CA ASP C 61 1.14 47.40 14.23
C ASP C 61 1.41 48.23 15.48
N ALA C 62 0.74 49.40 15.65
CA ALA C 62 0.92 50.31 16.80
C ALA C 62 0.76 49.63 18.17
N TYR C 63 -0.25 48.74 18.32
CA TYR C 63 -0.47 47.99 19.56
C TYR C 63 0.68 47.05 19.88
N LYS C 64 1.22 46.35 18.85
CA LYS C 64 2.35 45.38 18.94
C LYS C 64 3.65 46.06 19.35
N ILE C 65 3.87 47.31 18.92
CA ILE C 65 5.05 48.13 19.22
C ILE C 65 5.03 48.56 20.69
N MET C 66 3.91 49.14 21.16
CA MET C 66 3.74 49.63 22.52
C MET C 66 3.76 48.51 23.55
N SER C 67 3.21 47.33 23.18
CA SER C 67 3.13 46.15 24.04
C SER C 67 4.51 45.63 24.48
N GLN C 68 5.50 45.74 23.58
CA GLN C 68 6.87 45.31 23.80
C GLN C 68 7.61 46.17 24.82
N ARG C 69 7.22 47.45 24.91
CA ARG C 69 7.83 48.46 25.77
C ARG C 69 7.03 48.79 27.02
N CYS C 70 5.83 49.42 26.85
CA CYS C 70 4.95 49.91 27.91
C CYS C 70 4.47 48.84 28.89
N ASN C 71 4.22 47.60 28.43
CA ASN C 71 3.76 46.53 29.31
C ASN C 71 4.87 45.99 30.21
N ASN C 72 4.49 45.45 31.39
CA ASN C 72 5.34 44.89 32.45
C ASN C 72 6.15 45.93 33.23
N ARG C 73 6.18 47.19 32.76
CA ARG C 73 6.91 48.29 33.39
C ARG C 73 5.98 49.27 34.10
N THR C 74 6.52 50.06 35.04
CA THR C 74 5.80 51.07 35.81
C THR C 74 5.74 52.41 35.04
N GLN C 75 6.87 52.81 34.40
CA GLN C 75 6.99 54.03 33.61
C GLN C 75 7.62 53.76 32.24
N CYS C 76 7.06 54.36 31.17
CA CYS C 76 7.56 54.19 29.81
C CYS C 76 7.43 55.46 28.97
N ALA C 77 8.54 55.90 28.36
CA ALA C 77 8.61 57.10 27.52
C ALA C 77 8.92 56.72 26.07
N VAL C 78 7.86 56.55 25.25
CA VAL C 78 7.97 56.17 23.84
C VAL C 78 8.01 57.44 22.96
N VAL C 79 9.02 57.53 22.06
CA VAL C 79 9.21 58.67 21.16
C VAL C 79 8.38 58.43 19.91
N ALA C 80 7.24 59.13 19.82
CA ALA C 80 6.32 59.02 18.69
C ALA C 80 6.88 59.69 17.41
N GLY C 81 7.71 58.95 16.69
CA GLY C 81 8.34 59.40 15.46
C GLY C 81 8.75 58.28 14.54
N PRO C 82 9.62 58.54 13.52
CA PRO C 82 10.04 57.48 12.59
C PRO C 82 11.02 56.46 13.17
N ASP C 83 11.53 56.70 14.41
CA ASP C 83 12.48 55.84 15.10
C ASP C 83 11.84 54.63 15.80
N VAL C 84 10.56 54.77 16.19
CA VAL C 84 9.80 53.71 16.88
C VAL C 84 8.56 53.32 16.06
N PHE C 85 7.88 54.31 15.46
CA PHE C 85 6.68 54.07 14.67
C PHE C 85 6.89 54.28 13.16
N PRO C 86 6.68 53.25 12.31
CA PRO C 86 6.84 53.44 10.86
C PRO C 86 5.74 54.33 10.26
N ASP C 87 6.10 55.16 9.26
CA ASP C 87 5.19 56.09 8.59
C ASP C 87 4.12 55.40 7.71
N PRO C 88 2.81 55.54 8.07
CA PRO C 88 1.77 54.91 7.25
C PRO C 88 1.52 55.64 5.93
N CYS C 89 1.34 56.97 5.97
CA CYS C 89 1.14 57.77 4.76
C CYS C 89 2.03 59.01 4.74
N PRO C 90 2.64 59.37 3.58
CA PRO C 90 3.50 60.56 3.56
C PRO C 90 2.73 61.88 3.44
N GLY C 91 3.32 62.94 3.99
CA GLY C 91 2.79 64.30 3.94
C GLY C 91 1.50 64.49 4.71
N THR C 92 1.43 63.93 5.93
CA THR C 92 0.28 64.01 6.83
C THR C 92 0.81 64.01 8.26
N TYR C 93 0.40 65.00 9.09
CA TYR C 93 0.80 65.10 10.50
C TYR C 93 0.08 64.02 11.31
N LYS C 94 0.83 63.25 12.12
CA LYS C 94 0.31 62.11 12.88
C LYS C 94 0.28 62.31 14.40
N TYR C 95 -0.60 61.54 15.08
CA TYR C 95 -0.72 61.52 16.53
C TYR C 95 -0.90 60.09 17.06
N LEU C 96 -0.64 59.90 18.36
CA LEU C 96 -0.71 58.59 19.02
C LEU C 96 -1.80 58.57 20.10
N GLU C 97 -2.89 57.82 19.83
CA GLU C 97 -4.04 57.65 20.71
C GLU C 97 -3.94 56.29 21.44
N VAL C 98 -3.40 56.30 22.67
CA VAL C 98 -3.20 55.09 23.46
C VAL C 98 -4.04 55.08 24.74
N GLN C 99 -4.96 54.11 24.82
CA GLN C 99 -5.81 53.86 25.99
C GLN C 99 -5.14 52.80 26.88
N TYR C 100 -5.16 52.97 28.21
CA TYR C 100 -4.50 52.03 29.13
C TYR C 100 -5.13 51.93 30.52
N GLU C 101 -4.94 50.77 31.19
CA GLU C 101 -5.45 50.46 32.54
C GLU C 101 -4.30 50.17 33.53
N CYS C 102 -4.64 50.07 34.83
CA CYS C 102 -3.68 49.83 35.92
C CYS C 102 -3.88 48.44 36.56
N VAL C 103 -3.12 47.45 36.06
CA VAL C 103 -3.15 46.05 36.50
C VAL C 103 -1.89 45.71 37.37
N PRO C 104 -1.90 44.64 38.22
CA PRO C 104 -0.70 44.33 39.03
C PRO C 104 0.55 43.90 38.23
N TYR C 105 1.71 43.80 38.91
CA TYR C 105 3.01 43.48 38.32
C TYR C 105 3.30 41.98 38.09
N LYS C 106 2.33 41.27 37.46
CA LYS C 106 2.48 39.85 37.16
C LYS C 106 2.86 39.58 35.69
N VAL C 107 4.07 39.05 35.49
CA VAL C 107 4.61 38.72 34.16
C VAL C 107 4.32 37.29 33.77
N GLU C 108 4.30 37.01 32.44
CA GLU C 108 4.08 35.67 31.88
C GLU C 108 5.42 35.01 31.55
N GLN C 109 5.63 33.79 32.06
CA GLN C 109 6.86 33.01 31.95
C GLN C 109 6.93 32.01 30.79
N LYS C 110 8.15 31.44 30.58
CA LYS C 110 8.59 30.38 29.67
C LYS C 110 8.68 30.78 28.20
N VAL C 111 7.62 31.38 27.63
CA VAL C 111 7.60 31.75 26.21
C VAL C 111 8.56 32.93 25.91
N PHE C 112 8.53 33.98 26.74
CA PHE C 112 9.41 35.13 26.56
C PHE C 112 10.78 34.97 27.21
N LEU C 113 10.88 34.12 28.25
CA LEU C 113 12.09 33.92 29.03
C LEU C 113 13.18 33.03 28.42
N CYS C 114 14.44 33.39 28.74
CA CYS C 114 15.69 32.75 28.36
C CYS C 114 15.80 31.36 29.01
N PRO C 115 16.21 30.30 28.26
CA PRO C 115 16.35 28.97 28.87
C PRO C 115 17.73 28.69 29.49
N GLY C 116 18.72 29.49 29.14
CA GLY C 116 20.08 29.36 29.66
C GLY C 116 21.15 29.25 28.59
N LEU C 117 22.44 29.24 29.01
CA LEU C 117 23.58 29.13 28.11
C LEU C 117 23.65 27.70 27.54
N LEU C 118 23.74 27.59 26.21
CA LEU C 118 23.78 26.33 25.46
C LEU C 118 24.96 25.42 25.84
N LYS C 119 24.69 24.11 25.92
CA LYS C 119 25.66 23.07 26.28
C LYS C 119 25.79 21.94 25.26
N GLY C 120 24.68 21.53 24.65
CA GLY C 120 24.68 20.44 23.69
C GLY C 120 23.64 20.57 22.59
N VAL C 121 24.06 20.28 21.36
CA VAL C 121 23.21 20.29 20.16
C VAL C 121 23.07 18.84 19.68
N TYR C 122 21.90 18.24 19.92
CA TYR C 122 21.63 16.84 19.58
C TYR C 122 20.58 16.67 18.49
N GLN C 123 20.51 15.46 17.90
CA GLN C 123 19.59 15.10 16.82
C GLN C 123 18.16 14.88 17.27
N SER C 124 17.21 15.53 16.58
CA SER C 124 15.80 15.36 16.92
C SER C 124 15.06 14.63 15.83
N GLU C 125 14.46 15.35 14.87
CA GLU C 125 13.64 14.72 13.83
C GLU C 125 14.24 14.68 12.43
N HIS C 126 13.82 13.67 11.63
CA HIS C 126 14.26 13.47 10.26
C HIS C 126 13.00 13.39 9.39
N LEU C 127 12.67 14.48 8.70
CA LEU C 127 11.48 14.57 7.86
C LEU C 127 11.65 13.86 6.52
N PHE C 128 11.80 14.62 5.41
CA PHE C 128 11.96 14.09 4.06
C PHE C 128 13.29 14.45 3.42
N GLU C 129 13.74 13.62 2.45
CA GLU C 129 14.96 13.84 1.70
C GLU C 129 14.57 14.60 0.46
N SER C 130 14.31 15.91 0.63
CA SER C 130 13.91 16.86 -0.41
C SER C 130 14.81 16.82 -1.66
N ASP C 131 14.25 17.15 -2.83
CA ASP C 131 14.96 17.15 -4.11
C ASP C 131 16.10 18.18 -4.20
N HIS C 132 15.90 19.37 -3.59
CA HIS C 132 16.90 20.43 -3.58
C HIS C 132 17.98 20.16 -2.53
N GLN C 133 19.26 20.34 -2.91
CA GLN C 133 20.41 20.11 -2.02
C GLN C 133 20.54 21.22 -0.99
N SER C 134 20.61 22.48 -1.44
CA SER C 134 20.71 23.65 -0.58
C SER C 134 19.31 24.23 -0.42
N GLY C 135 18.88 24.42 0.82
CA GLY C 135 17.58 24.99 1.15
C GLY C 135 17.45 25.45 2.58
N ALA C 136 16.20 25.76 3.00
CA ALA C 136 15.85 26.23 4.35
C ALA C 136 14.34 26.10 4.61
N TRP C 137 13.93 26.01 5.90
CA TRP C 137 12.55 25.87 6.35
C TRP C 137 12.43 26.39 7.80
N CYS C 138 11.40 27.22 8.09
CA CYS C 138 11.20 27.78 9.43
C CYS C 138 9.74 28.02 9.78
N LYS C 139 9.41 27.91 11.10
CA LYS C 139 8.07 28.11 11.67
C LYS C 139 7.98 29.47 12.36
N ASP C 140 6.83 30.17 12.22
CA ASP C 140 6.57 31.48 12.81
C ASP C 140 6.40 31.38 14.33
N PRO C 141 7.42 31.85 15.09
CA PRO C 141 7.36 31.76 16.55
C PRO C 141 6.31 32.63 17.25
N LEU C 142 6.01 33.82 16.73
CA LEU C 142 5.04 34.74 17.32
C LEU C 142 3.60 34.24 17.20
N GLN C 143 3.26 33.62 16.06
CA GLN C 143 1.91 33.10 15.82
C GLN C 143 1.81 31.66 16.30
N ALA C 144 0.83 31.37 17.17
CA ALA C 144 0.61 30.03 17.72
C ALA C 144 -0.13 29.11 16.73
N SER C 145 0.59 28.68 15.68
CA SER C 145 0.08 27.83 14.61
C SER C 145 1.11 26.79 14.18
N ASP C 146 0.63 25.66 13.64
CA ASP C 146 1.48 24.56 13.16
C ASP C 146 1.89 24.71 11.68
N LYS C 147 1.97 25.97 11.20
CA LYS C 147 2.34 26.31 9.82
C LYS C 147 3.86 26.24 9.59
N ILE C 148 4.27 25.48 8.56
CA ILE C 148 5.67 25.27 8.21
C ILE C 148 5.98 25.90 6.85
N TYR C 149 6.81 26.95 6.86
CA TYR C 149 7.23 27.62 5.62
C TYR C 149 8.33 26.80 4.94
N TYR C 150 8.48 26.90 3.60
CA TYR C 150 9.42 26.08 2.84
C TYR C 150 9.97 26.76 1.58
N MET C 151 11.24 27.19 1.63
CA MET C 151 11.90 27.83 0.49
C MET C 151 13.12 27.03 -0.02
N PRO C 152 12.97 26.25 -1.12
CA PRO C 152 14.13 25.50 -1.64
C PRO C 152 14.94 26.40 -2.56
N TRP C 153 16.23 26.62 -2.23
CA TRP C 153 17.14 27.49 -2.94
C TRP C 153 17.74 26.86 -4.20
N THR C 154 17.59 27.56 -5.35
CA THR C 154 18.10 27.23 -6.67
C THR C 154 18.92 28.46 -7.11
N PRO C 155 20.14 28.30 -7.66
CA PRO C 155 20.92 29.49 -8.04
C PRO C 155 20.31 30.34 -9.19
N TYR C 156 20.13 31.64 -8.92
CA TYR C 156 19.55 32.68 -9.82
C TYR C 156 18.10 32.36 -10.25
N ARG C 157 17.36 31.58 -9.43
CA ARG C 157 15.98 31.18 -9.75
C ARG C 157 15.02 31.13 -8.54
N THR C 158 15.51 31.37 -7.32
CA THR C 158 14.65 31.35 -6.12
C THR C 158 13.78 32.62 -6.04
N ASP C 159 12.45 32.45 -5.81
CA ASP C 159 11.40 33.51 -5.71
C ASP C 159 10.01 32.95 -5.26
N THR C 160 9.94 31.70 -4.74
CA THR C 160 8.64 31.14 -4.34
C THR C 160 8.64 30.51 -2.95
N LEU C 161 7.84 31.08 -2.04
CA LEU C 161 7.70 30.53 -0.69
C LEU C 161 6.54 29.52 -0.66
N THR C 162 6.75 28.34 -0.05
CA THR C 162 5.73 27.29 -0.01
C THR C 162 5.21 27.01 1.43
N GLU C 163 3.95 27.37 1.67
CA GLU C 163 3.30 27.14 2.97
C GLU C 163 2.74 25.71 3.12
N TYR C 164 2.72 25.20 4.38
CA TYR C 164 2.21 23.88 4.75
C TYR C 164 1.35 23.97 6.01
N SER C 165 0.18 23.30 6.03
CA SER C 165 -0.79 23.32 7.13
C SER C 165 -0.27 22.69 8.43
N SER C 166 0.25 21.44 8.37
CA SER C 166 0.75 20.73 9.55
C SER C 166 2.04 19.95 9.25
N LYS C 167 2.60 19.27 10.27
CA LYS C 167 3.83 18.46 10.16
C LYS C 167 3.64 17.24 9.27
N ASP C 168 2.43 16.65 9.28
CA ASP C 168 2.06 15.48 8.47
C ASP C 168 1.98 15.83 6.98
N ASP C 169 1.50 17.04 6.64
CA ASP C 169 1.39 17.52 5.26
C ASP C 169 2.75 17.91 4.66
N PHE C 170 3.76 18.17 5.52
CA PHE C 170 5.10 18.55 5.10
C PHE C 170 5.93 17.35 4.68
N ILE C 171 5.71 16.19 5.31
CA ILE C 171 6.39 14.95 4.98
C ILE C 171 5.79 14.35 3.70
N ALA C 172 4.48 14.09 3.69
CA ALA C 172 3.75 13.49 2.57
C ALA C 172 3.85 14.28 1.26
N GLY C 173 3.90 15.61 1.37
CA GLY C 173 4.02 16.52 0.23
C GLY C 173 2.72 17.17 -0.18
N ARG C 174 1.97 17.74 0.79
CA ARG C 174 0.70 18.43 0.55
C ARG C 174 0.81 19.93 0.87
N PRO C 175 1.15 20.78 -0.14
CA PRO C 175 1.30 22.21 0.12
C PRO C 175 -0.04 22.96 0.21
N THR C 176 -0.13 23.90 1.15
CA THR C 176 -1.32 24.71 1.40
C THR C 176 -1.45 25.80 0.32
N THR C 177 -0.46 26.70 0.24
CA THR C 177 -0.41 27.81 -0.71
C THR C 177 1.03 28.22 -1.02
N THR C 178 1.24 28.83 -2.19
CA THR C 178 2.54 29.32 -2.62
C THR C 178 2.50 30.82 -2.87
N TYR C 179 3.38 31.56 -2.20
CA TYR C 179 3.48 33.02 -2.32
C TYR C 179 4.46 33.40 -3.43
N LYS C 180 4.02 34.28 -4.36
CA LYS C 180 4.83 34.74 -5.48
C LYS C 180 5.59 35.98 -5.04
N LEU C 181 6.89 35.81 -4.82
CA LEU C 181 7.79 36.87 -4.36
C LEU C 181 8.32 37.72 -5.53
N PRO C 182 8.11 39.06 -5.50
CA PRO C 182 8.55 39.92 -6.63
C PRO C 182 10.05 39.93 -6.90
N HIS C 183 10.88 40.15 -5.86
CA HIS C 183 12.34 40.18 -5.99
C HIS C 183 12.93 38.80 -5.74
N ARG C 184 13.97 38.42 -6.50
CA ARG C 184 14.66 37.12 -6.37
C ARG C 184 15.39 36.99 -5.04
N VAL C 185 15.38 35.79 -4.46
CA VAL C 185 16.00 35.49 -3.17
C VAL C 185 17.48 35.21 -3.36
N ASP C 186 18.32 35.67 -2.40
CA ASP C 186 19.77 35.47 -2.42
C ASP C 186 20.30 34.77 -1.15
N GLY C 187 20.31 33.44 -1.22
CA GLY C 187 20.81 32.59 -0.15
C GLY C 187 19.75 31.86 0.64
N THR C 188 20.18 31.04 1.61
CA THR C 188 19.31 30.25 2.48
C THR C 188 18.95 30.96 3.80
N GLY C 189 19.32 32.23 3.94
CA GLY C 189 19.03 33.02 5.13
C GLY C 189 17.68 33.70 5.04
N PHE C 190 16.60 32.94 5.31
CA PHE C 190 15.23 33.44 5.29
C PHE C 190 14.54 33.15 6.61
N VAL C 191 13.76 34.10 7.11
CA VAL C 191 13.04 33.94 8.37
C VAL C 191 11.65 34.58 8.29
N VAL C 192 10.74 34.16 9.19
CA VAL C 192 9.37 34.67 9.28
C VAL C 192 9.12 35.25 10.68
N TYR C 193 8.60 36.48 10.73
CA TYR C 193 8.36 37.18 11.98
C TYR C 193 6.99 37.86 11.97
N ASP C 194 6.04 37.34 12.79
CA ASP C 194 4.66 37.80 12.98
C ASP C 194 3.89 37.97 11.63
N GLY C 195 3.81 36.86 10.89
CA GLY C 195 3.12 36.76 9.60
C GLY C 195 3.71 37.55 8.45
N ALA C 196 5.05 37.71 8.42
CA ALA C 196 5.76 38.45 7.38
C ALA C 196 7.13 37.84 7.12
N LEU C 197 7.57 37.85 5.85
CA LEU C 197 8.85 37.27 5.43
C LEU C 197 9.95 38.29 5.21
N PHE C 198 11.08 38.10 5.93
CA PHE C 198 12.26 38.95 5.88
C PHE C 198 13.32 38.33 4.96
N PHE C 199 12.93 38.09 3.71
CA PHE C 199 13.83 37.50 2.73
C PHE C 199 14.82 38.56 2.18
N ASN C 200 16.08 38.14 1.96
CA ASN C 200 17.16 38.98 1.42
C ASN C 200 17.09 39.02 -0.12
N LYS C 201 17.36 40.21 -0.70
CA LYS C 201 17.28 40.50 -2.13
C LYS C 201 18.53 40.08 -2.91
N GLU C 202 18.34 39.73 -4.21
CA GLU C 202 19.40 39.30 -5.13
C GLU C 202 20.20 40.45 -5.74
N ARG C 203 21.55 40.36 -5.66
CA ARG C 203 22.53 41.35 -6.12
C ARG C 203 22.41 42.69 -5.35
N THR C 204 21.96 42.63 -4.07
CA THR C 204 21.78 43.79 -3.20
C THR C 204 21.93 43.42 -1.71
N ARG C 205 22.22 44.43 -0.87
CA ARG C 205 22.37 44.31 0.58
C ARG C 205 21.05 44.68 1.34
N ASN C 206 19.90 44.71 0.64
CA ASN C 206 18.61 45.11 1.22
C ASN C 206 17.70 43.94 1.64
N ILE C 207 17.07 44.06 2.83
CA ILE C 207 16.14 43.07 3.41
C ILE C 207 14.68 43.41 3.05
N VAL C 208 14.07 42.59 2.17
CA VAL C 208 12.70 42.80 1.70
C VAL C 208 11.66 42.23 2.69
N LYS C 209 10.77 43.10 3.21
CA LYS C 209 9.70 42.70 4.12
C LYS C 209 8.44 42.45 3.28
N PHE C 210 7.87 41.25 3.38
CA PHE C 210 6.71 40.83 2.60
C PHE C 210 5.64 40.20 3.51
N ASP C 211 4.49 40.89 3.67
CA ASP C 211 3.38 40.42 4.50
C ASP C 211 2.60 39.33 3.77
N LEU C 212 2.47 38.16 4.40
CA LEU C 212 1.80 36.99 3.85
C LEU C 212 0.28 37.13 3.77
N ARG C 213 -0.32 37.88 4.71
CA ARG C 213 -1.75 38.13 4.81
C ARG C 213 -2.28 38.98 3.64
N THR C 214 -1.55 40.07 3.28
CA THR C 214 -1.92 40.99 2.21
C THR C 214 -1.29 40.65 0.84
N ARG C 215 -0.21 39.81 0.85
CA ARG C 215 0.54 39.34 -0.33
C ARG C 215 1.21 40.49 -1.11
N ILE C 216 1.63 41.55 -0.40
CA ILE C 216 2.29 42.73 -0.97
C ILE C 216 3.49 43.17 -0.12
N LYS C 217 4.47 43.83 -0.75
CA LYS C 217 5.68 44.34 -0.11
C LYS C 217 5.36 45.51 0.83
N SER C 218 5.97 45.53 2.03
CA SER C 218 5.74 46.57 3.04
C SER C 218 6.99 47.40 3.42
N GLY C 219 8.18 46.96 3.00
CA GLY C 219 9.43 47.67 3.30
C GLY C 219 10.70 47.05 2.75
N GLU C 220 11.76 47.85 2.71
CA GLU C 220 13.06 47.41 2.23
C GLU C 220 14.08 48.25 2.99
N ALA C 221 14.96 47.57 3.75
CA ALA C 221 15.99 48.17 4.60
C ALA C 221 17.40 47.88 4.09
N ILE C 222 18.24 48.92 4.02
CA ILE C 222 19.61 48.83 3.51
C ILE C 222 20.58 48.59 4.68
N ILE C 223 21.17 47.38 4.74
CA ILE C 223 22.14 47.02 5.77
C ILE C 223 23.48 47.65 5.42
N ALA C 224 23.93 48.62 6.24
CA ALA C 224 25.14 49.42 6.07
C ALA C 224 26.44 48.63 5.98
N ASN C 225 27.18 48.85 4.87
CA ASN C 225 28.49 48.28 4.51
C ASN C 225 28.52 46.74 4.39
N ALA C 226 27.35 46.08 4.37
CA ALA C 226 27.22 44.62 4.27
C ALA C 226 27.63 44.06 2.92
N ASN C 227 28.43 42.99 2.93
CA ASN C 227 28.88 42.29 1.72
C ASN C 227 27.73 41.43 1.20
N TYR C 228 27.52 41.44 -0.13
CA TYR C 228 26.41 40.70 -0.76
C TYR C 228 26.81 39.99 -2.06
N HIS C 229 26.01 38.98 -2.46
CA HIS C 229 26.15 38.16 -3.69
C HIS C 229 27.52 37.49 -3.80
N ASP C 230 27.69 36.43 -3.00
CA ASP C 230 28.86 35.55 -2.90
C ASP C 230 30.16 36.24 -2.49
N THR C 231 30.10 37.47 -1.99
CA THR C 231 31.26 38.24 -1.56
C THR C 231 31.79 37.69 -0.25
N SER C 232 30.90 37.52 0.74
CA SER C 232 31.24 36.98 2.04
C SER C 232 30.16 35.99 2.53
N PRO C 233 29.96 34.88 1.77
CA PRO C 233 28.97 33.88 2.21
C PRO C 233 29.59 32.93 3.24
N TYR C 234 28.87 31.84 3.59
CA TYR C 234 29.36 30.80 4.50
C TYR C 234 30.44 29.91 3.83
N ARG C 235 30.78 28.73 4.43
CA ARG C 235 31.79 27.80 3.91
C ARG C 235 31.40 27.26 2.53
N TRP C 236 30.13 26.81 2.41
CA TRP C 236 29.60 26.24 1.17
C TRP C 236 29.26 27.28 0.09
N GLY C 237 29.12 28.54 0.49
CA GLY C 237 28.76 29.60 -0.43
C GLY C 237 27.28 29.61 -0.69
N GLY C 238 26.91 29.85 -1.94
CA GLY C 238 25.52 29.91 -2.39
C GLY C 238 24.80 31.22 -2.15
N LYS C 239 25.55 32.35 -2.20
CA LYS C 239 25.09 33.74 -1.96
C LYS C 239 24.46 33.94 -0.56
N SER C 240 24.89 33.13 0.43
CA SER C 240 24.41 33.16 1.80
C SER C 240 25.08 34.24 2.68
N ASP C 241 25.41 35.39 2.07
CA ASP C 241 26.09 36.54 2.67
C ASP C 241 25.33 37.13 3.87
N ILE C 242 23.97 36.94 3.94
CA ILE C 242 23.10 37.47 5.00
C ILE C 242 22.13 36.38 5.58
N ASP C 243 22.28 36.09 6.89
CA ASP C 243 21.45 35.13 7.61
C ASP C 243 20.48 35.86 8.53
N LEU C 244 19.23 35.39 8.62
CA LEU C 244 18.27 36.08 9.48
C LEU C 244 17.77 35.20 10.60
N ALA C 245 18.24 35.53 11.80
CA ALA C 245 17.97 34.82 13.03
C ALA C 245 16.95 35.50 13.92
N VAL C 246 16.10 34.69 14.59
CA VAL C 246 15.07 35.13 15.54
C VAL C 246 15.27 34.43 16.91
N ASP C 247 15.25 35.21 18.01
CA ASP C 247 15.43 34.70 19.36
C ASP C 247 14.48 35.37 20.36
N GLU C 248 14.81 35.32 21.67
CA GLU C 248 14.04 35.93 22.76
C GLU C 248 14.10 37.45 22.75
N ASN C 249 15.20 38.03 22.22
CA ASN C 249 15.43 39.47 22.10
C ASN C 249 14.60 40.08 20.96
N GLY C 250 14.51 39.36 19.85
CA GLY C 250 13.76 39.80 18.67
C GLY C 250 14.35 39.31 17.37
N LEU C 251 14.45 40.23 16.39
CA LEU C 251 14.97 39.98 15.05
C LEU C 251 16.43 40.43 14.95
N TRP C 252 17.28 39.57 14.33
CA TRP C 252 18.73 39.80 14.16
C TRP C 252 19.22 39.53 12.73
N VAL C 253 20.26 40.27 12.31
CA VAL C 253 20.86 40.15 10.98
C VAL C 253 22.35 39.74 11.12
N ILE C 254 22.69 38.54 10.60
CA ILE C 254 24.04 37.97 10.60
C ILE C 254 24.62 38.24 9.23
N TYR C 255 25.64 39.11 9.17
CA TYR C 255 26.30 39.50 7.93
C TYR C 255 27.82 39.69 8.11
N ALA C 256 28.50 40.30 7.12
CA ALA C 256 29.95 40.57 7.14
C ALA C 256 30.29 41.86 6.39
N THR C 257 31.19 42.68 6.99
CA THR C 257 31.64 43.94 6.40
C THR C 257 33.14 43.88 6.12
N GLU C 258 33.62 44.67 5.13
CA GLU C 258 35.04 44.75 4.78
C GLU C 258 35.86 45.54 5.81
N GLN C 259 35.19 46.39 6.62
CA GLN C 259 35.79 47.19 7.70
C GLN C 259 36.25 46.28 8.82
N ASN C 260 35.54 45.15 9.01
CA ASN C 260 35.85 44.11 9.99
C ASN C 260 36.71 43.00 9.34
N ASN C 261 37.17 43.23 8.09
CA ASN C 261 38.02 42.34 7.28
C ASN C 261 37.40 40.95 7.04
N GLY C 262 36.15 40.95 6.62
CA GLY C 262 35.41 39.73 6.31
C GLY C 262 34.88 38.95 7.49
N LYS C 263 35.10 39.44 8.72
CA LYS C 263 34.61 38.79 9.94
C LYS C 263 33.12 39.01 10.13
N ILE C 264 32.45 38.12 10.90
CA ILE C 264 31.01 38.17 11.18
C ILE C 264 30.61 39.44 11.95
N VAL C 265 29.58 40.14 11.45
CA VAL C 265 29.00 41.36 12.03
C VAL C 265 27.51 41.10 12.30
N ILE C 266 27.09 41.26 13.56
CA ILE C 266 25.71 41.03 13.97
C ILE C 266 25.03 42.33 14.42
N SER C 267 23.82 42.57 13.88
CA SER C 267 23.04 43.76 14.18
C SER C 267 21.56 43.46 14.39
N GLN C 268 20.95 44.12 15.40
CA GLN C 268 19.54 43.97 15.74
C GLN C 268 18.72 44.88 14.83
N LEU C 269 17.76 44.30 14.08
CA LEU C 269 16.90 45.04 13.16
C LEU C 269 15.46 45.05 13.67
N ASN C 270 14.81 46.22 13.67
CA ASN C 270 13.43 46.37 14.09
C ASN C 270 12.51 45.82 13.00
N PRO C 271 11.49 45.01 13.37
CA PRO C 271 10.64 44.43 12.33
C PRO C 271 9.58 45.36 11.75
N TYR C 272 9.32 46.49 12.43
CA TYR C 272 8.33 47.47 12.02
C TYR C 272 8.94 48.66 11.29
N THR C 273 9.91 49.36 11.91
CA THR C 273 10.56 50.54 11.31
C THR C 273 11.63 50.19 10.28
N LEU C 274 12.18 48.95 10.34
CA LEU C 274 13.22 48.41 9.45
C LEU C 274 14.54 49.20 9.55
N ARG C 275 15.04 49.39 10.79
CA ARG C 275 16.27 50.12 11.09
C ARG C 275 17.18 49.37 12.07
N ILE C 276 18.50 49.63 12.00
CA ILE C 276 19.53 49.03 12.85
C ILE C 276 19.44 49.64 14.27
N GLU C 277 19.34 48.79 15.30
CA GLU C 277 19.25 49.19 16.70
C GLU C 277 20.48 48.72 17.50
N GLY C 278 21.66 48.85 16.89
CA GLY C 278 22.94 48.46 17.47
C GLY C 278 23.75 47.57 16.55
N THR C 279 25.08 47.77 16.53
CA THR C 279 26.01 47.02 15.70
C THR C 279 27.10 46.35 16.55
N TRP C 280 27.39 45.06 16.30
CA TRP C 280 28.40 44.27 17.01
C TRP C 280 29.32 43.55 16.03
N ASP C 281 30.65 43.67 16.26
CA ASP C 281 31.69 43.04 15.43
C ASP C 281 32.35 41.87 16.17
N THR C 282 32.54 40.74 15.47
CA THR C 282 33.15 39.53 16.02
C THR C 282 34.55 39.26 15.43
N ALA C 283 35.25 38.25 15.97
CA ALA C 283 36.59 37.85 15.54
C ALA C 283 36.59 36.70 14.52
N TYR C 284 35.49 35.93 14.43
CA TYR C 284 35.37 34.80 13.52
C TYR C 284 35.00 35.22 12.10
N ASP C 285 35.63 34.58 11.09
CA ASP C 285 35.41 34.85 9.66
C ASP C 285 34.19 34.07 9.16
N LYS C 286 33.32 34.74 8.37
CA LYS C 286 32.09 34.16 7.83
C LYS C 286 32.33 32.98 6.87
N ARG C 287 33.39 33.04 6.04
CA ARG C 287 33.74 31.97 5.09
C ARG C 287 34.26 30.72 5.79
N SER C 288 34.85 30.88 6.99
CA SER C 288 35.35 29.77 7.79
C SER C 288 34.18 29.08 8.50
N ALA C 289 33.11 29.85 8.80
CA ALA C 289 31.90 29.37 9.46
C ALA C 289 30.97 28.67 8.49
N SER C 290 30.29 27.62 8.97
CA SER C 290 29.32 26.82 8.21
C SER C 290 27.94 27.50 8.29
N ASN C 291 27.53 27.91 9.51
CA ASN C 291 26.25 28.61 9.80
C ASN C 291 26.29 29.36 11.13
N ALA C 292 25.23 30.14 11.43
CA ALA C 292 25.10 30.93 12.65
C ALA C 292 23.64 31.06 13.09
N PHE C 293 23.41 31.03 14.42
CA PHE C 293 22.08 31.15 15.02
C PHE C 293 22.11 31.91 16.34
N MET C 294 21.13 32.79 16.57
CA MET C 294 21.01 33.63 17.77
C MET C 294 20.05 33.05 18.80
N ILE C 295 20.48 33.03 20.09
CA ILE C 295 19.70 32.59 21.25
C ILE C 295 20.01 33.56 22.40
N CYS C 296 18.99 34.35 22.82
CA CYS C 296 19.05 35.34 23.90
C CYS C 296 20.15 36.39 23.71
N GLY C 297 20.31 36.84 22.47
CA GLY C 297 21.30 37.84 22.09
C GLY C 297 22.72 37.32 22.10
N ILE C 298 22.89 35.99 21.99
CA ILE C 298 24.19 35.31 21.98
C ILE C 298 24.36 34.57 20.65
N LEU C 299 25.46 34.84 19.93
CA LEU C 299 25.78 34.23 18.65
C LEU C 299 26.44 32.86 18.82
N TYR C 300 26.01 31.89 18.01
CA TYR C 300 26.55 30.52 18.02
C TYR C 300 27.06 30.16 16.64
N VAL C 301 28.40 30.21 16.47
CA VAL C 301 29.07 29.94 15.21
C VAL C 301 29.25 28.43 15.02
N VAL C 302 28.79 27.92 13.86
CA VAL C 302 28.87 26.51 13.50
C VAL C 302 30.09 26.29 12.59
N LYS C 303 30.86 25.23 12.87
CA LYS C 303 32.03 24.82 12.08
C LYS C 303 31.85 23.32 11.78
N SER C 304 31.73 22.95 10.49
CA SER C 304 31.49 21.57 10.07
C SER C 304 32.22 21.16 8.79
N VAL C 305 32.43 19.84 8.65
CA VAL C 305 33.07 19.21 7.49
C VAL C 305 32.08 19.13 6.32
N TYR C 306 32.57 19.37 5.09
CA TYR C 306 31.78 19.35 3.86
C TYR C 306 32.30 18.34 2.86
N GLU C 307 31.52 18.10 1.77
CA GLU C 307 31.90 17.20 0.68
C GLU C 307 33.05 17.84 -0.09
N ASP C 308 34.09 17.03 -0.40
CA ASP C 308 35.33 17.42 -1.07
C ASP C 308 36.19 18.29 -0.13
N ASP C 309 36.93 17.62 0.77
CA ASP C 309 37.81 18.24 1.75
C ASP C 309 39.17 17.54 1.71
N ASP C 310 40.18 18.23 1.17
CA ASP C 310 41.55 17.73 1.03
C ASP C 310 42.31 17.79 2.36
N ASN C 311 42.69 16.60 2.88
CA ASN C 311 43.43 16.37 4.13
C ASN C 311 42.80 17.08 5.35
N GLU C 312 41.46 17.02 5.45
CA GLU C 312 40.70 17.66 6.54
C GLU C 312 39.61 16.75 7.09
N ALA C 313 39.39 16.84 8.42
CA ALA C 313 38.38 16.10 9.16
C ALA C 313 37.79 16.94 10.31
N THR C 314 38.43 18.11 10.60
CA THR C 314 38.01 19.06 11.64
C THR C 314 36.65 19.69 11.34
N GLY C 315 35.84 19.83 12.37
CA GLY C 315 34.50 20.41 12.28
C GLY C 315 33.50 19.76 13.21
N ASN C 316 32.21 19.81 12.82
CA ASN C 316 31.06 19.26 13.54
C ASN C 316 30.99 19.84 14.97
N LYS C 317 31.43 21.10 15.17
CA LYS C 317 31.48 21.71 16.50
C LYS C 317 31.10 23.18 16.52
N ILE C 318 30.77 23.69 17.72
CA ILE C 318 30.47 25.09 17.99
C ILE C 318 31.75 25.59 18.66
N ASP C 319 32.53 26.41 17.95
CA ASP C 319 33.82 26.88 18.46
C ASP C 319 33.89 28.38 18.79
N TYR C 320 32.80 29.14 18.52
CA TYR C 320 32.79 30.57 18.80
C TYR C 320 31.45 31.07 19.32
N ILE C 321 31.50 31.88 20.40
CA ILE C 321 30.33 32.50 21.03
C ILE C 321 30.57 33.99 21.29
N TYR C 322 29.54 34.82 21.06
CA TYR C 322 29.59 36.27 21.24
C TYR C 322 28.29 36.80 21.84
N ASN C 323 28.39 37.49 23.00
CA ASN C 323 27.25 38.08 23.71
C ASN C 323 27.09 39.54 23.31
N THR C 324 25.84 40.01 23.17
CA THR C 324 25.53 41.39 22.79
C THR C 324 25.43 42.31 24.01
N ASP C 325 24.84 41.81 25.10
CA ASP C 325 24.65 42.55 26.36
C ASP C 325 25.98 42.82 27.07
N GLN C 326 26.92 41.86 26.99
CA GLN C 326 28.25 41.93 27.63
C GLN C 326 29.34 42.45 26.68
N SER C 327 29.16 42.25 25.35
CA SER C 327 30.09 42.63 24.28
C SER C 327 31.47 41.92 24.42
N LYS C 328 31.43 40.66 24.88
CA LYS C 328 32.61 39.81 25.12
C LYS C 328 32.48 38.47 24.38
N ASP C 329 33.62 37.98 23.85
CA ASP C 329 33.68 36.72 23.10
C ASP C 329 34.47 35.64 23.84
N SER C 330 34.10 34.36 23.61
CA SER C 330 34.74 33.18 24.22
C SER C 330 34.83 32.02 23.23
N LEU C 331 35.81 31.11 23.45
CA LEU C 331 36.01 29.93 22.62
C LEU C 331 35.47 28.68 23.31
N VAL C 332 34.46 28.05 22.71
CA VAL C 332 33.80 26.85 23.24
C VAL C 332 34.09 25.60 22.38
N ASP C 333 33.55 24.43 22.78
CA ASP C 333 33.70 23.16 22.08
C ASP C 333 32.46 22.28 22.31
N VAL C 334 31.32 22.70 21.71
CA VAL C 334 30.04 22.01 21.82
C VAL C 334 29.85 21.14 20.56
N PRO C 335 29.61 19.81 20.70
CA PRO C 335 29.45 18.97 19.51
C PRO C 335 28.14 19.20 18.74
N PHE C 336 28.26 19.51 17.44
CA PHE C 336 27.16 19.73 16.51
C PHE C 336 26.96 18.48 15.64
N PRO C 337 25.70 18.04 15.36
CA PRO C 337 25.51 16.83 14.56
C PRO C 337 25.73 17.06 13.07
N ASN C 338 26.54 16.20 12.45
CA ASN C 338 26.86 16.26 11.03
C ASN C 338 26.78 14.86 10.41
N SER C 339 25.55 14.35 10.30
CA SER C 339 25.26 13.04 9.71
C SER C 339 25.49 13.12 8.20
N TYR C 340 25.21 14.29 7.61
CA TYR C 340 25.40 14.61 6.20
C TYR C 340 26.40 15.78 6.16
N GLN C 341 27.20 15.88 5.09
CA GLN C 341 28.25 16.88 4.97
C GLN C 341 27.79 18.30 4.58
N TYR C 342 26.99 18.44 3.51
CA TYR C 342 26.56 19.73 2.99
C TYR C 342 25.48 20.46 3.82
N ILE C 343 25.89 21.16 4.89
CA ILE C 343 24.97 21.95 5.74
C ILE C 343 24.61 23.23 4.97
N ALA C 344 23.29 23.49 4.80
CA ALA C 344 22.79 24.67 4.08
C ALA C 344 22.39 25.83 4.99
N ALA C 345 21.37 25.64 5.86
CA ALA C 345 20.88 26.68 6.77
C ALA C 345 20.52 26.14 8.16
N VAL C 346 20.85 26.92 9.21
CA VAL C 346 20.57 26.61 10.62
C VAL C 346 19.88 27.82 11.24
N ASP C 347 18.62 27.66 11.71
CA ASP C 347 17.83 28.71 12.33
C ASP C 347 17.18 28.28 13.65
N TYR C 348 17.11 29.20 14.62
CA TYR C 348 16.53 28.96 15.95
C TYR C 348 15.12 29.52 16.10
N ASN C 349 14.27 28.80 16.84
CA ASN C 349 12.89 29.17 17.15
C ASN C 349 12.71 29.25 18.69
N PRO C 350 12.38 30.45 19.25
CA PRO C 350 12.27 30.56 20.72
C PRO C 350 11.05 29.88 21.34
N ARG C 351 9.98 29.64 20.56
CA ARG C 351 8.75 29.00 21.05
C ARG C 351 8.97 27.51 21.38
N ASP C 352 9.54 26.74 20.43
CA ASP C 352 9.79 25.30 20.60
C ASP C 352 11.19 24.98 21.14
N ASN C 353 12.13 25.95 21.07
CA ASN C 353 13.53 25.84 21.52
C ASN C 353 14.29 24.73 20.77
N LEU C 354 14.02 24.59 19.46
CA LEU C 354 14.63 23.58 18.58
C LEU C 354 15.27 24.25 17.35
N LEU C 355 16.27 23.58 16.75
CA LEU C 355 16.96 24.06 15.55
C LEU C 355 16.38 23.49 14.27
N TYR C 356 16.19 24.36 13.27
CA TYR C 356 15.66 24.02 11.94
C TYR C 356 16.84 23.97 10.98
N VAL C 357 17.34 22.76 10.69
CA VAL C 357 18.54 22.54 9.88
C VAL C 357 18.27 21.82 8.55
N TRP C 358 18.89 22.32 7.47
CA TRP C 358 18.84 21.72 6.14
C TRP C 358 20.24 21.18 5.88
N ASN C 359 20.38 19.85 5.79
CA ASN C 359 21.68 19.21 5.62
C ASN C 359 21.69 18.16 4.49
N ASN C 360 22.29 18.54 3.33
CA ASN C 360 22.48 17.74 2.10
C ASN C 360 21.22 16.97 1.68
N TYR C 361 20.28 17.67 0.99
CA TYR C 361 18.98 17.16 0.51
C TYR C 361 17.96 16.92 1.64
N HIS C 362 18.38 16.25 2.73
CA HIS C 362 17.58 15.90 3.91
C HIS C 362 17.08 17.12 4.69
N VAL C 363 15.86 17.00 5.24
CA VAL C 363 15.21 18.04 6.04
C VAL C 363 15.18 17.50 7.47
N VAL C 364 15.96 18.11 8.38
CA VAL C 364 16.07 17.65 9.77
C VAL C 364 15.80 18.73 10.83
N LYS C 365 15.47 18.28 12.05
CA LYS C 365 15.20 19.11 13.23
C LYS C 365 16.20 18.70 14.32
N TYR C 366 16.72 19.67 15.09
CA TYR C 366 17.69 19.39 16.16
C TYR C 366 17.22 19.82 17.55
N SER C 367 17.44 18.94 18.56
CA SER C 367 17.09 19.19 19.96
C SER C 367 18.22 19.94 20.65
N LEU C 368 17.87 20.76 21.66
CA LEU C 368 18.84 21.57 22.38
C LEU C 368 18.89 21.32 23.88
N ASP C 369 20.09 21.49 24.46
CA ASP C 369 20.37 21.36 25.88
C ASP C 369 21.05 22.64 26.37
N PHE C 370 20.66 23.13 27.56
CA PHE C 370 21.20 24.36 28.13
C PHE C 370 21.84 24.12 29.52
N GLY C 371 22.28 25.20 30.17
CA GLY C 371 22.89 25.13 31.49
C GLY C 371 21.95 25.62 32.59
N PRO C 372 22.28 25.39 33.88
CA PRO C 372 21.40 25.87 34.95
C PRO C 372 21.59 27.34 35.32
N LEU C 373 22.56 28.06 34.68
CA LEU C 373 22.87 29.47 34.91
C LEU C 373 23.40 30.13 33.63
N ASP C 374 22.81 31.28 33.25
CA ASP C 374 23.23 32.03 32.07
C ASP C 374 24.13 33.20 32.50
N GLY C 375 23.64 34.01 33.44
CA GLY C 375 24.33 35.17 33.98
C GLY C 375 23.54 36.44 33.83
N LEU D 113 -39.75 21.02 19.13
CA LEU D 113 -38.92 22.06 18.54
C LEU D 113 -37.82 21.49 17.63
N CYS D 114 -37.18 20.39 18.06
CA CYS D 114 -36.08 19.72 17.37
C CYS D 114 -36.48 19.15 15.97
N PRO D 115 -35.89 19.66 14.85
CA PRO D 115 -36.25 19.11 13.53
C PRO D 115 -35.63 17.75 13.22
N GLY D 116 -34.45 17.50 13.79
CA GLY D 116 -33.71 16.26 13.61
C GLY D 116 -32.23 16.45 13.30
N LEU D 117 -31.60 15.38 12.77
CA LEU D 117 -30.19 15.35 12.40
C LEU D 117 -30.03 15.85 10.97
N LEU D 118 -28.96 16.64 10.72
CA LEU D 118 -28.67 17.21 9.40
C LEU D 118 -28.20 16.15 8.40
N LYS D 119 -28.79 16.17 7.19
CA LYS D 119 -28.49 15.24 6.11
C LYS D 119 -27.69 15.87 4.98
N GLY D 120 -28.12 17.04 4.52
CA GLY D 120 -27.48 17.77 3.43
C GLY D 120 -27.79 19.24 3.37
N VAL D 121 -26.78 20.05 3.01
CA VAL D 121 -26.87 21.50 2.87
C VAL D 121 -26.96 21.83 1.37
N TYR D 122 -27.91 22.68 0.97
CA TYR D 122 -28.14 23.06 -0.43
C TYR D 122 -28.32 24.58 -0.62
N GLN D 123 -28.09 25.09 -1.84
CA GLN D 123 -28.23 26.51 -2.20
C GLN D 123 -29.71 26.89 -2.27
N SER D 124 -30.05 28.09 -1.76
CA SER D 124 -31.43 28.55 -1.72
C SER D 124 -31.63 29.99 -2.23
N GLU D 125 -31.01 30.98 -1.56
CA GLU D 125 -31.16 32.39 -1.91
C GLU D 125 -29.84 33.13 -2.15
N HIS D 126 -29.87 34.09 -3.07
CA HIS D 126 -28.75 34.96 -3.42
C HIS D 126 -29.27 36.39 -3.41
N LEU D 127 -28.88 37.19 -2.39
CA LEU D 127 -29.35 38.56 -2.21
C LEU D 127 -28.57 39.59 -3.04
N PHE D 128 -27.33 39.93 -2.62
CA PHE D 128 -26.50 40.93 -3.30
C PHE D 128 -25.00 40.66 -3.14
N GLU D 129 -24.16 41.41 -3.89
CA GLU D 129 -22.71 41.33 -3.84
C GLU D 129 -22.18 42.57 -3.10
N SER D 130 -21.78 42.37 -1.83
CA SER D 130 -21.24 43.43 -0.97
C SER D 130 -19.80 43.77 -1.36
N ASP D 131 -19.35 44.98 -1.00
CA ASP D 131 -18.01 45.47 -1.29
C ASP D 131 -16.92 44.86 -0.40
N HIS D 132 -17.31 44.25 0.73
CA HIS D 132 -16.39 43.62 1.67
C HIS D 132 -16.21 42.12 1.41
N GLN D 133 -14.95 41.65 1.48
CA GLN D 133 -14.58 40.26 1.25
C GLN D 133 -14.95 39.37 2.45
N SER D 134 -15.05 39.97 3.66
CA SER D 134 -15.39 39.26 4.90
C SER D 134 -16.53 39.94 5.68
N GLY D 135 -17.25 39.14 6.47
CA GLY D 135 -18.36 39.60 7.29
C GLY D 135 -19.34 38.51 7.66
N ALA D 136 -20.52 38.92 8.18
CA ALA D 136 -21.63 38.03 8.57
C ALA D 136 -22.97 38.78 8.63
N TRP D 137 -24.08 38.02 8.57
CA TRP D 137 -25.45 38.52 8.62
C TRP D 137 -26.36 37.53 9.37
N CYS D 138 -27.24 38.03 10.25
CA CYS D 138 -28.14 37.18 11.04
C CYS D 138 -29.45 37.86 11.44
N LYS D 139 -30.50 37.05 11.60
CA LYS D 139 -31.84 37.46 12.02
C LYS D 139 -32.11 36.98 13.44
N ASP D 140 -32.85 37.77 14.25
CA ASP D 140 -33.18 37.42 15.62
C ASP D 140 -34.24 36.32 15.65
N PRO D 141 -33.92 35.11 16.17
CA PRO D 141 -34.91 34.01 16.14
C PRO D 141 -36.02 34.09 17.19
N LEU D 142 -35.73 34.71 18.35
CA LEU D 142 -36.69 34.84 19.45
C LEU D 142 -37.83 35.80 19.13
N GLN D 143 -37.51 36.96 18.52
CA GLN D 143 -38.50 37.96 18.15
C GLN D 143 -39.05 37.68 16.75
N ALA D 144 -40.39 37.60 16.64
CA ALA D 144 -41.09 37.33 15.38
C ALA D 144 -41.17 38.60 14.52
N SER D 145 -40.03 38.97 13.92
CA SER D 145 -39.89 40.15 13.06
C SER D 145 -38.97 39.87 11.88
N ASP D 146 -39.18 40.59 10.77
CA ASP D 146 -38.40 40.45 9.53
C ASP D 146 -37.15 41.36 9.52
N LYS D 147 -36.59 41.66 10.72
CA LYS D 147 -35.40 42.49 10.88
C LYS D 147 -34.11 41.73 10.57
N ILE D 148 -33.28 42.28 9.67
CA ILE D 148 -32.00 41.69 9.26
C ILE D 148 -30.84 42.54 9.78
N TYR D 149 -29.94 41.91 10.55
CA TYR D 149 -28.78 42.57 11.15
C TYR D 149 -27.53 42.29 10.31
N TYR D 150 -26.98 43.35 9.70
CA TYR D 150 -25.82 43.31 8.81
C TYR D 150 -24.52 43.67 9.53
N MET D 151 -23.42 42.95 9.19
CA MET D 151 -22.10 43.16 9.78
C MET D 151 -20.94 43.10 8.79
N PRO D 152 -20.39 44.26 8.35
CA PRO D 152 -19.23 44.22 7.44
C PRO D 152 -17.92 44.08 8.21
N TRP D 153 -17.05 43.15 7.81
CA TRP D 153 -15.78 42.96 8.51
C TRP D 153 -14.62 43.72 7.88
N THR D 154 -13.93 44.52 8.70
CA THR D 154 -12.76 45.32 8.35
C THR D 154 -11.71 45.12 9.45
N PRO D 155 -10.43 44.83 9.10
CA PRO D 155 -9.42 44.61 10.14
C PRO D 155 -9.10 45.86 10.96
N TYR D 156 -9.20 45.73 12.30
CA TYR D 156 -8.94 46.77 13.32
C TYR D 156 -9.82 48.03 13.17
N ARG D 157 -11.03 47.89 12.56
CA ARG D 157 -11.94 49.00 12.34
C ARG D 157 -13.44 48.67 12.53
N THR D 158 -13.77 47.41 12.85
CA THR D 158 -15.16 46.96 13.05
C THR D 158 -15.72 47.45 14.40
N ASP D 159 -16.80 48.27 14.37
CA ASP D 159 -17.47 48.81 15.58
C ASP D 159 -18.91 49.32 15.33
N THR D 160 -19.56 48.91 14.23
CA THR D 160 -20.92 49.34 13.90
C THR D 160 -21.81 48.23 13.36
N LEU D 161 -23.06 48.15 13.89
CA LEU D 161 -24.07 47.19 13.47
C LEU D 161 -25.19 47.91 12.72
N THR D 162 -25.56 47.40 11.55
CA THR D 162 -26.59 47.99 10.70
C THR D 162 -27.86 47.16 10.72
N GLU D 163 -29.02 47.82 10.91
CA GLU D 163 -30.33 47.20 10.96
C GLU D 163 -31.12 47.47 9.68
N TYR D 164 -31.91 46.48 9.24
CA TYR D 164 -32.75 46.54 8.05
C TYR D 164 -34.17 46.10 8.37
N SER D 165 -35.17 46.85 7.86
CA SER D 165 -36.60 46.60 8.11
C SER D 165 -37.13 45.28 7.53
N SER D 166 -36.87 45.02 6.23
CA SER D 166 -37.33 43.81 5.55
C SER D 166 -36.28 43.24 4.59
N LYS D 167 -36.60 42.11 3.93
CA LYS D 167 -35.74 41.42 2.97
C LYS D 167 -35.50 42.26 1.72
N ASP D 168 -36.54 43.02 1.28
CA ASP D 168 -36.50 43.90 0.11
C ASP D 168 -35.56 45.10 0.33
N ASP D 169 -35.53 45.65 1.56
CA ASP D 169 -34.69 46.79 1.94
C ASP D 169 -33.21 46.39 2.08
N PHE D 170 -32.95 45.09 2.32
CA PHE D 170 -31.60 44.56 2.47
C PHE D 170 -30.88 44.41 1.13
N ILE D 171 -31.62 44.04 0.07
CA ILE D 171 -31.08 43.87 -1.27
C ILE D 171 -30.83 45.24 -1.94
N ALA D 172 -31.87 46.11 -1.98
CA ALA D 172 -31.83 47.45 -2.59
C ALA D 172 -30.80 48.38 -1.93
N GLY D 173 -30.64 48.26 -0.62
CA GLY D 173 -29.69 49.06 0.15
C GLY D 173 -30.33 50.20 0.94
N ARG D 174 -31.41 49.89 1.68
CA ARG D 174 -32.12 50.87 2.51
C ARG D 174 -32.01 50.53 4.01
N PRO D 175 -30.99 51.08 4.71
CA PRO D 175 -30.82 50.76 6.14
C PRO D 175 -31.79 51.52 7.04
N THR D 176 -32.29 50.81 8.07
CA THR D 176 -33.22 51.36 9.06
C THR D 176 -32.47 52.27 10.03
N THR D 177 -31.52 51.69 10.80
CA THR D 177 -30.70 52.40 11.79
C THR D 177 -29.36 51.71 12.01
N THR D 178 -28.37 52.47 12.48
CA THR D 178 -27.04 51.96 12.78
C THR D 178 -26.68 52.18 14.25
N TYR D 179 -26.32 51.10 14.95
CA TYR D 179 -25.94 51.11 16.36
C TYR D 179 -24.44 51.33 16.52
N LYS D 180 -24.05 52.32 17.34
CA LYS D 180 -22.65 52.65 17.60
C LYS D 180 -22.16 51.83 18.80
N LEU D 181 -21.31 50.83 18.54
CA LEU D 181 -20.78 49.93 19.57
C LEU D 181 -19.68 50.59 20.42
N PRO D 182 -19.67 50.36 21.76
CA PRO D 182 -18.64 51.00 22.59
C PRO D 182 -17.23 50.44 22.43
N HIS D 183 -17.11 49.17 22.01
CA HIS D 183 -15.82 48.50 21.82
C HIS D 183 -15.69 47.89 20.43
N ARG D 184 -14.44 47.74 19.95
CA ARG D 184 -14.11 47.17 18.64
C ARG D 184 -14.39 45.66 18.62
N VAL D 185 -14.92 45.18 17.49
CA VAL D 185 -15.29 43.77 17.33
C VAL D 185 -14.18 42.97 16.64
N ASP D 186 -13.96 41.73 17.13
CA ASP D 186 -12.95 40.80 16.62
C ASP D 186 -13.62 39.57 16.02
N GLY D 187 -13.22 39.23 14.79
CA GLY D 187 -13.74 38.08 14.06
C GLY D 187 -15.09 38.29 13.42
N THR D 188 -15.66 37.20 12.88
CA THR D 188 -16.96 37.20 12.20
C THR D 188 -18.04 36.43 12.98
N GLY D 189 -17.85 36.30 14.30
CA GLY D 189 -18.76 35.60 15.19
C GLY D 189 -19.82 36.50 15.78
N PHE D 190 -20.72 37.03 14.93
CA PHE D 190 -21.80 37.92 15.34
C PHE D 190 -23.11 37.16 15.47
N VAL D 191 -23.86 37.40 16.57
CA VAL D 191 -25.15 36.75 16.82
C VAL D 191 -26.10 37.69 17.61
N VAL D 192 -27.42 37.55 17.37
CA VAL D 192 -28.48 38.34 18.01
C VAL D 192 -29.39 37.39 18.82
N TYR D 193 -29.63 37.72 20.11
CA TYR D 193 -30.45 36.91 21.00
C TYR D 193 -31.42 37.78 21.83
N ASP D 194 -32.72 37.72 21.49
CA ASP D 194 -33.84 38.43 22.14
C ASP D 194 -33.60 39.95 22.29
N GLY D 195 -33.45 40.63 21.17
CA GLY D 195 -33.24 42.07 21.10
C GLY D 195 -31.94 42.58 21.70
N ALA D 196 -30.90 41.73 21.73
CA ALA D 196 -29.58 42.07 22.27
C ALA D 196 -28.47 41.45 21.44
N LEU D 197 -27.47 42.26 21.05
CA LEU D 197 -26.34 41.81 20.25
C LEU D 197 -25.22 41.26 21.12
N PHE D 198 -24.75 40.05 20.78
CA PHE D 198 -23.66 39.36 21.47
C PHE D 198 -22.45 39.35 20.55
N PHE D 199 -21.34 39.99 20.99
CA PHE D 199 -20.12 40.09 20.20
C PHE D 199 -18.83 39.88 21.01
N ASN D 200 -17.73 39.61 20.30
CA ASN D 200 -16.40 39.40 20.87
C ASN D 200 -15.57 40.68 20.80
N LYS D 201 -15.05 41.11 21.96
CA LYS D 201 -14.24 42.32 22.11
C LYS D 201 -12.82 42.11 21.54
N GLU D 202 -12.28 43.15 20.88
CA GLU D 202 -10.96 43.15 20.26
C GLU D 202 -9.84 43.07 21.30
N ARG D 203 -8.84 42.19 21.05
CA ARG D 203 -7.66 41.94 21.89
C ARG D 203 -8.02 41.40 23.30
N THR D 204 -9.18 40.74 23.42
CA THR D 204 -9.71 40.17 24.67
C THR D 204 -10.57 38.93 24.43
N ARG D 205 -10.65 38.05 25.44
CA ARG D 205 -11.46 36.83 25.42
C ARG D 205 -12.88 37.07 25.95
N ASN D 206 -13.29 38.35 25.98
CA ASN D 206 -14.60 38.80 26.45
C ASN D 206 -15.52 39.12 25.28
N ILE D 207 -18.01 37.31 26.27
CA ILE D 207 -18.94 37.89 25.31
C ILE D 207 -19.53 39.19 25.85
N VAL D 208 -19.57 40.24 25.01
CA VAL D 208 -20.12 41.55 25.38
C VAL D 208 -21.61 41.60 24.98
N LYS D 209 -22.48 41.94 25.95
CA LYS D 209 -23.92 42.06 25.74
C LYS D 209 -24.32 43.52 25.56
N PHE D 210 -24.98 43.83 24.43
CA PHE D 210 -25.43 45.17 24.11
C PHE D 210 -26.91 45.16 23.69
N ASP D 211 -27.78 45.75 24.51
CA ASP D 211 -29.22 45.82 24.26
C ASP D 211 -29.51 46.89 23.21
N LEU D 212 -30.20 46.49 22.13
CA LEU D 212 -30.54 47.36 20.99
C LEU D 212 -31.62 48.37 21.32
N ARG D 213 -32.56 48.01 22.21
CA ARG D 213 -33.68 48.86 22.64
C ARG D 213 -33.21 50.07 23.44
N THR D 214 -32.27 49.87 24.40
CA THR D 214 -31.74 50.92 25.28
C THR D 214 -30.46 51.58 24.73
N ARG D 215 -29.77 50.91 23.77
CA ARG D 215 -28.53 51.35 23.11
C ARG D 215 -27.35 51.53 24.10
N ILE D 216 -27.32 50.70 25.17
CA ILE D 216 -26.27 50.71 26.20
C ILE D 216 -25.81 49.29 26.55
N LYS D 217 -24.55 49.16 27.03
CA LYS D 217 -23.95 47.88 27.43
C LYS D 217 -24.60 47.37 28.71
N SER D 218 -24.89 46.05 28.77
CA SER D 218 -25.54 45.43 29.92
C SER D 218 -24.68 44.39 30.66
N GLY D 219 -23.56 43.98 30.06
CA GLY D 219 -22.65 43.01 30.67
C GLY D 219 -21.47 42.62 29.80
N GLU D 220 -20.48 41.97 30.43
CA GLU D 220 -19.26 41.48 29.79
C GLU D 220 -18.79 40.21 30.51
N ALA D 221 -18.74 39.08 29.76
CA ALA D 221 -18.35 37.78 30.28
C ALA D 221 -16.96 37.35 29.82
N ILE D 222 -16.17 36.76 30.72
CA ILE D 222 -14.81 36.29 30.41
C ILE D 222 -14.84 34.78 30.16
N ILE D 223 -14.58 34.37 28.90
CA ILE D 223 -14.56 32.96 28.52
C ILE D 223 -13.21 32.37 28.97
N ALA D 224 -13.27 31.44 29.95
CA ALA D 224 -12.12 30.79 30.59
C ALA D 224 -11.17 30.05 29.64
N ASN D 225 -9.87 30.43 29.69
CA ASN D 225 -8.72 29.88 28.95
C ASN D 225 -8.83 29.98 27.41
N ALA D 226 -9.81 30.73 26.89
CA ALA D 226 -10.05 30.90 25.46
C ALA D 226 -8.97 31.70 24.75
N ASN D 227 -8.49 31.18 23.60
CA ASN D 227 -7.48 31.85 22.77
C ASN D 227 -8.15 32.98 22.00
N TYR D 228 -7.49 34.15 21.92
CA TYR D 228 -8.03 35.33 21.25
C TYR D 228 -7.02 36.10 20.40
N HIS D 229 -7.53 36.93 19.45
CA HIS D 229 -6.79 37.79 18.52
C HIS D 229 -5.75 37.03 17.68
N ASP D 230 -6.24 36.32 16.64
CA ASP D 230 -5.49 35.51 15.65
C ASP D 230 -4.64 34.37 16.26
N THR D 231 -4.88 34.00 17.53
CA THR D 231 -4.16 32.92 18.21
C THR D 231 -4.67 31.56 17.70
N SER D 232 -6.00 31.36 17.75
CA SER D 232 -6.62 30.13 17.27
C SER D 232 -7.92 30.44 16.46
N PRO D 233 -7.82 31.07 15.26
CA PRO D 233 -9.04 31.34 14.48
C PRO D 233 -9.34 30.21 13.49
N TYR D 234 -10.15 30.50 12.46
CA TYR D 234 -10.50 29.51 11.42
C TYR D 234 -9.40 29.44 10.34
N ARG D 235 -9.67 28.71 9.23
CA ARG D 235 -8.73 28.53 8.12
C ARG D 235 -8.29 29.84 7.46
N TRP D 236 -9.23 30.78 7.23
CA TRP D 236 -8.93 32.08 6.63
C TRP D 236 -8.38 33.08 7.65
N GLY D 237 -8.71 32.86 8.92
CA GLY D 237 -8.28 33.69 10.04
C GLY D 237 -9.18 34.88 10.25
N GLY D 238 -8.58 36.06 10.33
CA GLY D 238 -9.27 37.33 10.54
C GLY D 238 -9.80 37.50 11.94
N LYS D 239 -9.01 37.06 12.95
CA LYS D 239 -9.29 37.13 14.40
C LYS D 239 -10.61 36.43 14.79
N SER D 240 -11.01 35.39 14.01
CA SER D 240 -12.22 34.59 14.24
C SER D 240 -11.98 33.46 15.25
N ASP D 241 -11.33 33.80 16.37
CA ASP D 241 -10.99 32.89 17.47
C ASP D 241 -12.23 32.47 18.25
N ILE D 242 -13.23 33.36 18.36
CA ILE D 242 -14.47 33.10 19.08
C ILE D 242 -15.67 33.35 18.16
N ASP D 243 -16.51 32.31 17.98
CA ASP D 243 -17.72 32.35 17.16
C ASP D 243 -18.94 32.01 18.00
N LEU D 244 -20.03 32.77 17.83
CA LEU D 244 -21.28 32.57 18.57
C LEU D 244 -22.36 31.91 17.73
N ALA D 245 -23.04 30.91 18.30
CA ALA D 245 -24.11 30.15 17.62
C ALA D 245 -25.36 30.02 18.47
N VAL D 246 -26.52 30.05 17.81
CA VAL D 246 -27.85 29.95 18.44
C VAL D 246 -28.61 28.76 17.83
N ASP D 247 -29.19 27.91 18.70
CA ASP D 247 -29.98 26.74 18.29
C ASP D 247 -31.25 26.56 19.15
N GLU D 248 -31.81 25.32 19.17
CA GLU D 248 -33.00 24.97 19.94
C GLU D 248 -32.72 24.94 21.45
N ASN D 249 -31.45 24.64 21.84
CA ASN D 249 -31.00 24.58 23.23
C ASN D 249 -30.84 25.98 23.84
N GLY D 250 -30.30 26.90 23.05
CA GLY D 250 -30.07 28.29 23.47
C GLY D 250 -28.87 28.94 22.82
N LEU D 251 -28.06 29.64 23.63
CA LEU D 251 -26.85 30.35 23.19
C LEU D 251 -25.60 29.49 23.43
N TRP D 252 -24.71 29.44 22.44
CA TRP D 252 -23.46 28.66 22.50
C TRP D 252 -22.24 29.45 22.06
N VAL D 253 -21.07 29.11 22.63
CA VAL D 253 -19.78 29.76 22.33
C VAL D 253 -18.79 28.73 21.76
N ILE D 254 -18.39 28.93 20.50
CA ILE D 254 -17.42 28.09 19.79
C ILE D 254 -16.06 28.78 19.87
N TYR D 255 -15.11 28.16 20.59
CA TYR D 255 -13.77 28.69 20.80
C TYR D 255 -12.69 27.59 20.82
N ALA D 256 -11.46 27.93 21.28
CA ALA D 256 -10.33 27.00 21.38
C ALA D 256 -9.41 27.35 22.55
N THR D 257 -8.98 26.31 23.32
CA THR D 257 -8.08 26.45 24.47
C THR D 257 -6.75 25.73 24.22
N GLU D 258 -5.67 26.19 24.87
CA GLU D 258 -4.34 25.58 24.75
C GLU D 258 -4.26 24.25 25.52
N GLN D 259 -5.17 24.04 26.51
CA GLN D 259 -5.29 22.82 27.32
C GLN D 259 -5.77 21.66 26.45
N ASN D 260 -6.58 21.97 25.43
CA ASN D 260 -7.10 21.02 24.46
C ASN D 260 -6.19 20.97 23.21
N ASN D 261 -5.02 21.65 23.28
CA ASN D 261 -3.98 21.76 22.25
C ASN D 261 -4.48 22.34 20.92
N GLY D 262 -5.18 23.47 21.02
CA GLY D 262 -5.73 24.19 19.87
C GLY D 262 -7.00 23.63 19.25
N LYS D 263 -7.53 22.52 19.82
CA LYS D 263 -8.76 21.89 19.33
C LYS D 263 -10.00 22.69 19.74
N ILE D 264 -11.12 22.51 19.00
CA ILE D 264 -12.39 23.21 19.23
C ILE D 264 -13.01 22.86 20.59
N VAL D 265 -13.38 23.90 21.36
CA VAL D 265 -14.02 23.80 22.67
C VAL D 265 -15.36 24.53 22.61
N ILE D 266 -16.45 23.83 22.93
CA ILE D 266 -17.80 24.38 22.89
C ILE D 266 -18.42 24.46 24.28
N SER D 267 -18.98 25.64 24.62
CA SER D 267 -19.60 25.88 25.92
C SER D 267 -20.91 26.65 25.81
N GLN D 268 -21.90 26.25 26.61
CA GLN D 268 -23.22 26.88 26.67
C GLN D 268 -23.14 28.10 27.59
N LEU D 269 -23.50 29.28 27.07
CA LEU D 269 -23.48 30.54 27.82
C LEU D 269 -24.89 31.05 28.05
N ASN D 270 -25.19 31.47 29.29
CA ASN D 270 -26.49 32.02 29.68
C ASN D 270 -26.61 33.45 29.14
N PRO D 271 -27.71 33.80 28.45
CA PRO D 271 -27.82 35.18 27.90
C PRO D 271 -28.15 36.25 28.92
N TYR D 272 -28.58 35.87 30.14
CA TYR D 272 -28.98 36.80 31.19
C TYR D 272 -27.89 36.98 32.27
N THR D 273 -27.43 35.88 32.88
CA THR D 273 -26.40 35.90 33.94
C THR D 273 -24.98 36.02 33.39
N LEU D 274 -24.78 35.68 32.09
CA LEU D 274 -23.49 35.73 31.36
C LEU D 274 -22.43 34.81 31.97
N ARG D 275 -22.80 33.52 32.17
CA ARG D 275 -21.92 32.50 32.75
C ARG D 275 -21.95 31.18 31.98
N ILE D 276 -20.85 30.39 32.08
CA ILE D 276 -20.69 29.08 31.43
C ILE D 276 -21.55 28.04 32.16
N GLU D 277 -22.40 27.31 31.42
CA GLU D 277 -23.30 26.28 31.95
C GLU D 277 -22.92 24.88 31.40
N GLY D 278 -21.61 24.61 31.35
CA GLY D 278 -21.06 23.36 30.85
C GLY D 278 -19.99 23.56 29.80
N THR D 279 -18.93 22.73 29.85
CA THR D 279 -17.79 22.80 28.93
C THR D 279 -17.59 21.45 28.22
N TRP D 280 -17.40 21.48 26.89
CA TRP D 280 -17.19 20.31 26.05
C TRP D 280 -15.97 20.47 25.14
N ASP D 281 -15.07 19.46 25.13
CA ASP D 281 -13.85 19.45 24.33
C ASP D 281 -13.97 18.47 23.15
N THR D 282 -13.54 18.90 21.95
CA THR D 282 -13.59 18.09 20.73
C THR D 282 -12.19 17.68 20.25
N ALA D 283 -12.13 16.81 19.21
CA ALA D 283 -10.89 16.31 18.62
C ALA D 283 -10.40 17.11 17.40
N TYR D 284 -11.31 17.88 16.76
CA TYR D 284 -10.98 18.67 15.58
C TYR D 284 -10.31 20.01 15.93
N ASP D 285 -9.28 20.39 15.14
CA ASP D 285 -8.53 21.63 15.32
C ASP D 285 -9.25 22.80 14.65
N LYS D 286 -9.32 23.96 15.33
CA LYS D 286 -10.01 25.17 14.84
C LYS D 286 -9.39 25.79 13.58
N ARG D 287 -8.05 25.74 13.45
CA ARG D 287 -7.31 26.28 12.30
C ARG D 287 -7.55 25.43 11.05
N SER D 288 -7.80 24.12 11.24
CA SER D 288 -8.10 23.18 10.15
C SER D 288 -9.54 23.38 9.67
N ALA D 289 -10.43 23.81 10.58
CA ALA D 289 -11.85 24.07 10.33
C ALA D 289 -12.07 25.41 9.64
N SER D 290 -13.13 25.48 8.82
CA SER D 290 -13.51 26.68 8.09
C SER D 290 -14.58 27.47 8.85
N ASN D 291 -15.64 26.78 9.32
CA ASN D 291 -16.75 27.37 10.08
C ASN D 291 -17.52 26.32 10.88
N ALA D 292 -18.14 26.75 12.00
CA ALA D 292 -18.91 25.87 12.87
C ALA D 292 -20.27 26.46 13.23
N PHE D 293 -21.31 25.59 13.30
CA PHE D 293 -22.69 25.95 13.62
C PHE D 293 -23.37 24.89 14.48
N MET D 294 -24.15 25.33 15.49
CA MET D 294 -24.86 24.47 16.42
C MET D 294 -26.33 24.28 16.06
N ILE D 295 -26.80 23.01 16.09
CA ILE D 295 -28.18 22.60 15.85
C ILE D 295 -28.53 21.52 16.88
N CYS D 296 -29.46 21.82 17.80
CA CYS D 296 -29.97 20.93 18.87
C CYS D 296 -28.84 20.38 19.78
N GLY D 297 -27.88 21.24 20.10
CA GLY D 297 -26.72 20.90 20.93
C GLY D 297 -25.71 20.00 20.25
N ILE D 298 -25.72 19.99 18.90
CA ILE D 298 -24.81 19.18 18.07
C ILE D 298 -23.95 20.11 17.20
N LEU D 299 -22.62 19.97 17.29
CA LEU D 299 -21.66 20.77 16.54
C LEU D 299 -21.47 20.24 15.12
N TYR D 300 -21.42 21.15 14.14
CA TYR D 300 -21.22 20.81 12.74
C TYR D 300 -20.01 21.57 12.19
N VAL D 301 -18.87 20.86 12.07
CA VAL D 301 -17.59 21.40 11.60
C VAL D 301 -17.51 21.33 10.07
N VAL D 302 -17.29 22.48 9.42
CA VAL D 302 -17.17 22.59 7.97
C VAL D 302 -15.70 22.70 7.57
N LYS D 303 -15.28 21.91 6.58
CA LYS D 303 -13.93 21.89 6.02
C LYS D 303 -14.03 22.36 4.56
N SER D 304 -13.36 23.47 4.22
CA SER D 304 -13.44 24.01 2.85
C SER D 304 -12.12 24.52 2.27
N VAL D 305 -12.09 24.65 0.92
CA VAL D 305 -10.97 25.17 0.15
C VAL D 305 -11.18 26.67 -0.09
N TYR D 306 -10.14 27.48 0.20
CA TYR D 306 -10.18 28.94 0.08
C TYR D 306 -9.45 29.51 -1.14
N GLU D 307 -9.55 30.84 -1.33
CA GLU D 307 -8.92 31.61 -2.42
C GLU D 307 -7.39 31.57 -2.28
N ASP D 308 -6.65 31.94 -3.35
CA ASP D 308 -5.19 31.98 -3.49
C ASP D 308 -4.50 30.62 -3.16
N ASP D 309 -5.31 29.57 -2.93
CA ASP D 309 -4.80 28.23 -2.62
C ASP D 309 -4.98 27.38 -3.89
N ASP D 310 -4.15 27.68 -4.92
CA ASP D 310 -4.17 27.01 -6.22
C ASP D 310 -3.78 25.53 -6.16
N ASN D 311 -2.97 25.15 -5.14
CA ASN D 311 -2.51 23.77 -4.91
C ASN D 311 -3.66 22.85 -4.54
N GLU D 312 -4.65 23.39 -3.80
CA GLU D 312 -5.84 22.67 -3.34
C GLU D 312 -6.84 22.40 -4.47
N ALA D 313 -7.51 21.25 -4.38
CA ALA D 313 -8.53 20.78 -5.33
C ALA D 313 -9.56 19.89 -4.62
N THR D 314 -9.33 19.58 -3.32
CA THR D 314 -10.17 18.73 -2.46
C THR D 314 -11.58 19.29 -2.27
N GLY D 315 -12.54 18.38 -2.16
CA GLY D 315 -13.95 18.72 -1.97
C GLY D 315 -14.25 19.34 -0.62
N ASN D 316 -15.20 20.28 -0.61
CA ASN D 316 -15.63 21.00 0.59
C ASN D 316 -16.85 20.29 1.23
N LYS D 317 -16.58 19.52 2.30
CA LYS D 317 -17.57 18.71 3.02
C LYS D 317 -17.46 18.82 4.55
N ILE D 318 -18.57 18.49 5.25
CA ILE D 318 -18.66 18.46 6.71
C ILE D 318 -18.11 17.08 7.13
N ASP D 319 -17.02 17.07 7.91
CA ASP D 319 -16.36 15.83 8.32
C ASP D 319 -16.33 15.57 9.84
N TYR D 320 -16.88 16.48 10.67
CA TYR D 320 -16.87 16.28 12.12
C TYR D 320 -18.16 16.72 12.81
N ILE D 321 -18.68 15.85 13.69
CA ILE D 321 -19.88 16.08 14.50
C ILE D 321 -19.65 15.72 15.96
N TYR D 322 -20.18 16.54 16.90
CA TYR D 322 -20.06 16.32 18.33
C TYR D 322 -21.36 16.68 19.05
N ASN D 323 -21.91 15.72 19.82
CA ASN D 323 -23.14 15.89 20.60
C ASN D 323 -22.80 16.29 22.03
N THR D 324 -23.60 17.19 22.62
CA THR D 324 -23.40 17.65 24.00
C THR D 324 -24.10 16.77 25.02
N ASP D 325 -25.32 16.29 24.69
CA ASP D 325 -26.14 15.43 25.55
C ASP D 325 -25.52 14.04 25.72
N GLN D 326 -24.89 13.51 24.65
CA GLN D 326 -24.26 12.20 24.62
C GLN D 326 -22.76 12.22 24.93
N SER D 327 -22.09 13.37 24.65
CA SER D 327 -20.65 13.62 24.82
C SER D 327 -19.79 12.65 23.97
N LYS D 328 -20.29 12.32 22.77
CA LYS D 328 -19.65 11.41 21.82
C LYS D 328 -19.47 12.07 20.45
N ASP D 329 -18.34 11.77 19.77
CA ASP D 329 -18.00 12.31 18.45
C ASP D 329 -18.02 11.25 17.35
N SER D 330 -18.35 11.68 16.12
CA SER D 330 -18.41 10.82 14.93
C SER D 330 -17.88 11.54 13.68
N LEU D 331 -17.41 10.76 12.69
CA LEU D 331 -16.89 11.28 11.43
C LEU D 331 -17.92 11.09 10.32
N VAL D 332 -18.40 12.21 9.75
CA VAL D 332 -19.42 12.22 8.69
C VAL D 332 -18.84 12.69 7.34
N ASP D 333 -19.69 12.73 6.29
CA ASP D 333 -19.31 13.16 4.94
C ASP D 333 -20.52 13.80 4.25
N VAL D 334 -20.91 15.00 4.74
CA VAL D 334 -22.04 15.78 4.23
C VAL D 334 -21.52 16.84 3.25
N PRO D 335 -22.00 16.87 1.98
CA PRO D 335 -21.49 17.88 1.04
C PRO D 335 -21.99 19.30 1.29
N PHE D 336 -21.06 20.24 1.43
CA PHE D 336 -21.36 21.65 1.67
C PHE D 336 -21.27 22.43 0.34
N PRO D 337 -22.26 23.28 0.00
CA PRO D 337 -22.17 24.02 -1.27
C PRO D 337 -21.20 25.18 -1.19
N ASN D 338 -20.28 25.25 -2.17
CA ASN D 338 -19.25 26.28 -2.22
C ASN D 338 -19.19 26.95 -3.59
N SER D 339 -20.05 27.95 -3.79
CA SER D 339 -20.11 28.72 -5.04
C SER D 339 -18.86 29.60 -5.16
N TYR D 340 -18.40 30.14 -4.04
CA TYR D 340 -17.20 30.98 -3.96
C TYR D 340 -16.18 30.31 -3.03
N GLN D 341 -15.00 30.89 -2.87
CA GLN D 341 -13.94 30.28 -2.06
C GLN D 341 -13.74 30.87 -0.67
N TYR D 342 -13.90 32.20 -0.51
CA TYR D 342 -13.65 32.89 0.78
C TYR D 342 -14.85 32.84 1.74
N ILE D 343 -15.13 31.66 2.33
CA ILE D 343 -16.22 31.47 3.31
C ILE D 343 -15.83 32.15 4.65
N ALA D 344 -16.48 33.29 4.95
CA ALA D 344 -16.20 34.07 6.16
C ALA D 344 -16.89 33.55 7.42
N ALA D 345 -18.24 33.48 7.43
CA ALA D 345 -19.00 33.03 8.59
C ALA D 345 -20.27 32.25 8.23
N VAL D 346 -20.58 31.23 9.05
CA VAL D 346 -21.76 30.38 8.90
C VAL D 346 -22.49 30.32 10.26
N ASP D 347 -23.77 30.73 10.29
CA ASP D 347 -24.62 30.75 11.48
C ASP D 347 -25.99 30.13 11.24
N TYR D 348 -26.52 29.43 12.25
CA TYR D 348 -27.82 28.75 12.19
C TYR D 348 -28.92 29.53 12.93
N ASN D 349 -30.15 29.49 12.39
CA ASN D 349 -31.34 30.13 12.94
C ASN D 349 -32.42 29.05 13.18
N PRO D 350 -32.85 28.79 14.43
CA PRO D 350 -33.85 27.74 14.68
C PRO D 350 -35.28 28.02 14.19
N ARG D 351 -35.64 29.31 14.02
CA ARG D 351 -36.98 29.71 13.57
C ARG D 351 -37.23 29.33 12.11
N ASP D 352 -36.32 29.73 11.19
CA ASP D 352 -36.44 29.46 9.76
C ASP D 352 -35.75 28.16 9.31
N ASN D 353 -34.84 27.61 10.16
CA ASN D 353 -34.06 26.38 9.93
C ASN D 353 -33.18 26.50 8.66
N LEU D 354 -32.58 27.68 8.45
CA LEU D 354 -31.72 27.99 7.30
C LEU D 354 -30.36 28.52 7.77
N LEU D 355 -29.31 28.33 6.94
CA LEU D 355 -27.96 28.81 7.22
C LEU D 355 -27.69 30.18 6.60
N TYR D 356 -27.01 31.05 7.36
CA TYR D 356 -26.65 32.41 6.97
C TYR D 356 -25.16 32.42 6.64
N VAL D 357 -24.83 32.08 5.38
CA VAL D 357 -23.45 31.96 4.90
C VAL D 357 -22.97 33.20 4.14
N TRP D 358 -21.77 33.69 4.48
CA TRP D 358 -21.11 34.82 3.83
C TRP D 358 -19.92 34.24 3.06
N ASN D 359 -20.11 34.02 1.75
CA ASN D 359 -19.05 33.47 0.88
C ASN D 359 -18.53 34.56 -0.04
N ASN D 360 -17.23 34.89 0.13
CA ASN D 360 -16.48 35.93 -0.58
C ASN D 360 -17.16 37.31 -0.44
N TYR D 361 -17.31 38.05 -1.55
CA TYR D 361 -17.95 39.37 -1.54
C TYR D 361 -19.48 39.25 -1.51
N HIS D 362 -20.03 38.10 -1.93
CA HIS D 362 -21.47 37.83 -1.99
C HIS D 362 -22.08 37.42 -0.64
N VAL D 363 -23.40 37.63 -0.49
CA VAL D 363 -24.20 37.30 0.69
C VAL D 363 -25.27 36.29 0.25
N VAL D 364 -25.26 35.08 0.84
CA VAL D 364 -26.20 34.01 0.48
C VAL D 364 -26.91 33.38 1.70
N LYS D 365 -27.99 32.63 1.42
CA LYS D 365 -28.81 31.89 2.40
C LYS D 365 -28.95 30.45 1.92
N TYR D 366 -28.63 29.47 2.80
CA TYR D 366 -28.67 28.04 2.46
C TYR D 366 -29.84 27.27 3.06
N SER D 367 -30.39 26.32 2.27
CA SER D 367 -31.49 25.45 2.67
C SER D 367 -30.95 24.19 3.33
N LEU D 368 -31.65 23.70 4.37
CA LEU D 368 -31.24 22.51 5.11
C LEU D 368 -32.23 21.36 5.05
N ASP D 369 -31.71 20.12 5.03
CA ASP D 369 -32.48 18.88 5.01
C ASP D 369 -32.27 18.13 6.33
N PHE D 370 -33.38 17.68 6.95
CA PHE D 370 -33.35 16.97 8.24
C PHE D 370 -33.86 15.52 8.17
N GLY D 371 -33.28 14.67 9.01
CA GLY D 371 -33.60 13.25 9.09
C GLY D 371 -34.11 12.82 10.45
N PRO D 372 -34.81 11.66 10.55
CA PRO D 372 -35.32 11.22 11.86
C PRO D 372 -34.32 10.43 12.70
N LEU D 373 -33.07 10.28 12.22
CA LEU D 373 -32.04 9.53 12.94
C LEU D 373 -31.51 10.29 14.16
N ASP D 374 -32.17 10.08 15.32
CA ASP D 374 -31.85 10.70 16.61
C ASP D 374 -32.49 9.96 17.78
N GLY D 375 -31.73 9.83 18.86
CA GLY D 375 -32.18 9.17 20.10
C GLY D 375 -33.12 10.03 20.92
N SER E 15 74.22 -21.19 22.50
CA SER E 15 74.88 -22.28 23.20
C SER E 15 73.91 -23.24 23.89
N ALA E 16 72.79 -22.69 24.43
CA ALA E 16 71.74 -23.45 25.12
C ALA E 16 70.93 -24.33 24.14
N PRO E 17 70.55 -25.57 24.53
CA PRO E 17 69.79 -26.43 23.60
C PRO E 17 68.30 -26.09 23.54
N GLY E 18 67.78 -25.96 22.33
CA GLY E 18 66.38 -25.64 22.07
C GLY E 18 65.58 -26.89 21.77
N THR E 19 64.51 -27.13 22.55
CA THR E 19 63.63 -28.29 22.41
C THR E 19 62.18 -27.97 22.82
N LEU E 20 61.25 -28.92 22.60
CA LEU E 20 59.83 -28.83 22.95
C LEU E 20 59.63 -28.84 24.48
N PRO E 21 58.54 -28.25 25.03
CA PRO E 21 58.38 -28.25 26.50
C PRO E 21 58.12 -29.62 27.10
N HIS E 22 58.94 -29.98 28.10
CA HIS E 22 58.87 -31.25 28.82
C HIS E 22 58.25 -30.99 30.21
N PHE E 23 57.12 -31.65 30.49
CA PHE E 23 56.38 -31.50 31.75
C PHE E 23 57.05 -32.23 32.91
N ILE E 24 57.22 -31.52 34.04
CA ILE E 24 57.83 -32.06 35.26
C ILE E 24 56.71 -32.50 36.22
N GLU E 25 55.79 -31.56 36.55
CA GLU E 25 54.64 -31.81 37.41
C GLU E 25 53.35 -31.76 36.60
N GLU E 26 52.89 -32.92 36.12
CA GLU E 26 51.66 -33.03 35.31
C GLU E 26 50.40 -32.90 36.19
N PRO E 27 49.30 -32.27 35.69
CA PRO E 27 48.10 -32.11 36.53
C PRO E 27 47.43 -33.41 36.97
N GLU E 28 47.25 -33.56 38.29
CA GLU E 28 46.64 -34.71 38.93
C GLU E 28 45.17 -34.46 39.22
N ASP E 29 44.36 -35.54 39.20
CA ASP E 29 42.91 -35.50 39.45
C ASP E 29 42.57 -34.99 40.85
N ALA E 30 41.86 -33.84 40.91
CA ALA E 30 41.44 -33.20 42.16
C ALA E 30 40.02 -33.59 42.56
N TYR E 31 39.70 -33.50 43.87
CA TYR E 31 38.38 -33.84 44.41
C TYR E 31 37.91 -32.80 45.42
N ILE E 32 36.74 -32.18 45.15
CA ILE E 32 36.16 -31.15 46.01
C ILE E 32 35.57 -31.76 47.29
N ILE E 33 36.00 -31.22 48.46
CA ILE E 33 35.56 -31.68 49.78
C ILE E 33 35.10 -30.48 50.62
N LYS E 34 33.84 -30.54 51.11
CA LYS E 34 33.17 -29.53 51.96
C LYS E 34 33.24 -28.10 51.39
N SER E 35 32.97 -27.95 50.07
CA SER E 35 32.97 -26.70 49.28
C SER E 35 34.30 -25.90 49.33
N ASN E 36 35.42 -26.58 49.62
CA ASN E 36 36.74 -25.96 49.69
C ASN E 36 37.42 -26.00 48.30
N PRO E 37 37.65 -24.82 47.65
CA PRO E 37 38.26 -24.84 46.31
C PRO E 37 39.73 -25.28 46.29
N ILE E 38 40.02 -26.31 45.48
CA ILE E 38 41.38 -26.88 45.34
C ILE E 38 41.95 -26.54 43.96
N ALA E 39 43.16 -25.94 43.96
CA ALA E 39 43.88 -25.51 42.76
C ALA E 39 44.71 -26.63 42.13
N LEU E 40 44.94 -26.55 40.81
CA LEU E 40 45.72 -27.52 40.04
C LEU E 40 47.15 -27.04 39.83
N ARG E 41 48.12 -27.97 39.87
CA ARG E 41 49.56 -27.67 39.69
C ARG E 41 50.08 -28.11 38.31
N CYS E 42 50.95 -27.28 37.71
CA CYS E 42 51.57 -27.55 36.40
C CYS E 42 52.97 -26.96 36.30
N LYS E 43 53.94 -27.76 35.82
CA LYS E 43 55.34 -27.37 35.64
C LYS E 43 55.90 -27.92 34.33
N ALA E 44 56.51 -27.04 33.51
CA ALA E 44 57.09 -27.41 32.21
C ALA E 44 58.41 -26.69 31.92
N ARG E 45 59.29 -27.32 31.10
CA ARG E 45 60.60 -26.77 30.73
C ARG E 45 61.06 -27.31 29.35
N PRO E 46 61.50 -26.45 28.39
CA PRO E 46 61.56 -24.98 28.44
C PRO E 46 60.23 -24.30 28.13
N ALA E 47 59.77 -23.44 29.05
CA ALA E 47 58.50 -22.74 28.92
C ALA E 47 58.59 -21.25 29.22
N MET E 48 57.77 -20.45 28.52
CA MET E 48 57.66 -19.00 28.66
C MET E 48 56.21 -18.55 28.87
N GLN E 49 55.24 -19.37 28.40
CA GLN E 49 53.82 -19.13 28.53
C GLN E 49 53.07 -20.45 28.75
N ILE E 50 52.36 -20.56 29.89
CA ILE E 50 51.60 -21.74 30.26
C ILE E 50 50.13 -21.36 30.50
N PHE E 51 49.20 -22.02 29.77
CA PHE E 51 47.75 -21.78 29.87
C PHE E 51 46.96 -23.10 29.89
N PHE E 52 45.82 -23.09 30.63
CA PHE E 52 44.92 -24.23 30.77
C PHE E 52 43.74 -24.20 29.77
N LYS E 53 43.25 -25.39 29.38
CA LYS E 53 42.14 -25.56 28.43
C LYS E 53 41.07 -26.44 29.09
N CYS E 54 40.19 -25.81 29.88
CA CYS E 54 39.13 -26.51 30.61
C CYS E 54 37.93 -26.85 29.75
N ASN E 55 37.69 -28.17 29.58
CA ASN E 55 36.59 -28.78 28.83
C ASN E 55 36.48 -28.28 27.37
N GLY E 56 37.59 -28.33 26.66
CA GLY E 56 37.68 -27.96 25.25
C GLY E 56 37.90 -26.48 24.95
N GLU E 57 37.78 -25.61 25.97
CA GLU E 57 37.95 -24.16 25.80
C GLU E 57 38.99 -23.58 26.77
N TRP E 58 39.69 -22.52 26.33
CA TRP E 58 40.73 -21.81 27.08
C TRP E 58 40.21 -21.11 28.33
N VAL E 59 41.09 -20.93 29.33
CA VAL E 59 40.80 -20.26 30.59
C VAL E 59 41.42 -18.85 30.52
N HIS E 60 40.73 -17.84 31.06
CA HIS E 60 41.13 -16.43 31.08
C HIS E 60 42.48 -16.21 31.77
N GLN E 61 43.26 -15.21 31.28
CA GLN E 61 44.59 -14.82 31.76
C GLN E 61 44.62 -14.42 33.24
N ASN E 62 43.56 -13.73 33.71
CA ASN E 62 43.42 -13.26 35.09
C ASN E 62 43.32 -14.41 36.11
N GLU E 63 42.78 -15.56 35.68
CA GLU E 63 42.61 -16.76 36.50
C GLU E 63 43.97 -17.44 36.76
N HIS E 64 44.90 -17.34 35.80
CA HIS E 64 46.25 -17.92 35.86
C HIS E 64 47.18 -17.11 36.76
N VAL E 65 47.91 -17.81 37.64
CA VAL E 65 48.90 -17.22 38.57
C VAL E 65 50.27 -17.81 38.21
N SER E 66 51.08 -17.03 37.45
CA SER E 66 52.40 -17.43 36.98
C SER E 66 53.51 -17.25 38.01
N GLU E 67 54.47 -18.18 38.00
CA GLU E 67 55.65 -18.20 38.87
C GLU E 67 56.82 -18.82 38.11
N GLU E 68 57.70 -17.97 37.55
CA GLU E 68 58.87 -18.41 36.78
C GLU E 68 60.06 -18.63 37.72
N SER E 69 60.00 -19.71 38.51
CA SER E 69 61.04 -20.09 39.46
C SER E 69 62.09 -20.97 38.76
N LEU E 70 63.34 -20.49 38.73
CA LEU E 70 64.46 -21.20 38.10
C LEU E 70 64.94 -22.32 39.01
N ASP E 71 64.81 -23.58 38.55
CA ASP E 71 65.22 -24.77 39.27
C ASP E 71 66.75 -24.86 39.29
N GLU E 72 67.34 -25.14 40.47
CA GLU E 72 68.79 -25.25 40.66
C GLU E 72 69.37 -26.46 39.92
N SER E 73 68.57 -27.53 39.79
CA SER E 73 68.93 -28.77 39.11
C SER E 73 68.99 -28.56 37.58
N SER E 74 67.89 -28.07 36.98
CA SER E 74 67.76 -27.84 35.54
C SER E 74 68.44 -26.58 35.01
N GLY E 75 68.92 -26.65 33.78
CA GLY E 75 69.61 -25.55 33.11
C GLY E 75 68.67 -24.53 32.48
N LEU E 76 67.72 -25.00 31.66
CA LEU E 76 66.72 -24.16 30.97
C LEU E 76 65.68 -23.57 31.95
N LYS E 77 64.97 -22.50 31.52
CA LYS E 77 63.96 -21.78 32.30
C LYS E 77 62.72 -22.63 32.63
N VAL E 78 62.32 -22.63 33.91
CA VAL E 78 61.16 -23.39 34.43
C VAL E 78 60.04 -22.41 34.82
N ARG E 79 58.79 -22.74 34.43
CA ARG E 79 57.60 -21.93 34.72
C ARG E 79 56.54 -22.79 35.43
N GLU E 80 55.88 -22.20 36.46
CA GLU E 80 54.84 -22.87 37.26
C GLU E 80 53.58 -21.99 37.35
N VAL E 81 52.43 -22.53 36.88
CA VAL E 81 51.14 -21.83 36.86
C VAL E 81 50.06 -22.63 37.63
N PHE E 82 49.29 -21.95 38.51
CA PHE E 82 48.21 -22.53 39.32
C PHE E 82 46.85 -21.91 38.99
N ILE E 83 45.80 -22.75 38.88
CA ILE E 83 44.43 -22.31 38.60
C ILE E 83 43.43 -22.93 39.60
N ASN E 84 42.57 -22.09 40.20
CA ASN E 84 41.58 -22.53 41.20
C ASN E 84 40.30 -23.06 40.56
N VAL E 85 39.79 -24.19 41.08
CA VAL E 85 38.56 -24.83 40.61
C VAL E 85 37.56 -24.88 41.78
N THR E 86 36.55 -23.99 41.76
CA THR E 86 35.52 -23.87 42.80
C THR E 86 34.40 -24.92 42.62
N ARG E 87 33.60 -25.14 43.68
CA ARG E 87 32.46 -26.07 43.69
C ARG E 87 31.37 -25.61 42.72
N GLN E 88 31.16 -24.29 42.65
CA GLN E 88 30.17 -23.63 41.78
C GLN E 88 30.45 -23.89 40.30
N GLN E 89 31.74 -23.95 39.92
CA GLN E 89 32.18 -24.22 38.54
C GLN E 89 31.89 -25.64 38.11
N VAL E 90 31.89 -26.58 39.08
CA VAL E 90 31.65 -28.01 38.84
C VAL E 90 30.15 -28.33 38.76
N GLU E 91 29.37 -27.90 39.76
CA GLU E 91 27.92 -28.16 39.83
C GLU E 91 27.12 -27.51 38.70
N ASP E 92 27.54 -26.32 38.23
CA ASP E 92 26.87 -25.60 37.14
C ASP E 92 27.25 -26.16 35.76
N PHE E 93 28.35 -26.93 35.69
CA PHE E 93 28.80 -27.57 34.46
C PHE E 93 27.91 -28.76 34.15
N HIS E 94 27.23 -28.73 33.00
CA HIS E 94 26.32 -29.80 32.56
C HIS E 94 26.76 -30.40 31.22
N GLY E 95 28.03 -30.83 31.17
CA GLY E 95 28.61 -31.45 29.99
C GLY E 95 28.42 -32.96 29.93
N PRO E 96 28.92 -33.62 28.86
CA PRO E 96 28.75 -35.07 28.77
C PRO E 96 29.70 -35.87 29.67
N GLU E 97 30.98 -35.48 29.70
CA GLU E 97 32.04 -36.10 30.50
C GLU E 97 32.25 -35.31 31.79
N ASP E 98 33.18 -35.77 32.66
CA ASP E 98 33.52 -35.11 33.91
C ASP E 98 34.34 -33.84 33.63
N TYR E 99 34.40 -32.92 34.61
CA TYR E 99 35.13 -31.64 34.52
C TYR E 99 36.65 -31.88 34.38
N TRP E 100 37.10 -32.10 33.13
CA TRP E 100 38.51 -32.36 32.83
C TRP E 100 39.29 -31.10 32.48
N CYS E 101 40.56 -31.03 32.94
CA CYS E 101 41.47 -29.91 32.74
C CYS E 101 42.78 -30.38 32.11
N GLN E 102 43.17 -29.74 31.00
CA GLN E 102 44.40 -30.03 30.25
C GLN E 102 45.26 -28.76 30.17
N CYS E 103 46.60 -28.93 30.12
CA CYS E 103 47.51 -27.79 30.07
C CYS E 103 48.45 -27.81 28.86
N VAL E 104 48.66 -26.63 28.24
CA VAL E 104 49.51 -26.41 27.06
C VAL E 104 50.62 -25.39 27.39
N ALA E 105 51.88 -25.75 27.08
CA ALA E 105 53.05 -24.90 27.31
C ALA E 105 53.64 -24.42 25.99
N TRP E 106 54.24 -23.21 25.98
CA TRP E 106 54.83 -22.61 24.78
C TRP E 106 56.36 -22.59 24.78
N SER E 107 56.96 -22.76 23.58
CA SER E 107 58.40 -22.76 23.33
C SER E 107 58.72 -22.16 21.95
N HIS E 108 60.03 -21.96 21.65
CA HIS E 108 60.50 -21.41 20.38
C HIS E 108 60.34 -22.36 19.18
N LEU E 109 60.10 -23.67 19.45
CA LEU E 109 59.93 -24.68 18.40
C LEU E 109 58.48 -25.17 18.22
N GLY E 110 57.74 -25.27 19.31
CA GLY E 110 56.35 -25.73 19.28
C GLY E 110 55.64 -25.73 20.61
N THR E 111 54.58 -26.55 20.72
CA THR E 111 53.74 -26.70 21.92
C THR E 111 53.56 -28.17 22.32
N SER E 112 53.28 -28.42 23.61
CA SER E 112 53.06 -29.77 24.16
C SER E 112 51.88 -29.81 25.14
N LYS E 113 51.11 -30.92 25.12
CA LYS E 113 49.94 -31.13 25.97
C LYS E 113 50.22 -32.12 27.11
N SER E 114 49.59 -31.89 28.28
CA SER E 114 49.75 -32.72 29.49
C SER E 114 48.52 -33.63 29.75
N ARG E 115 48.52 -34.34 30.90
CA ARG E 115 47.46 -35.26 31.33
C ARG E 115 46.12 -34.54 31.57
N LYS E 116 45.00 -35.26 31.34
CA LYS E 116 43.66 -34.73 31.55
C LYS E 116 43.23 -35.01 32.99
N ALA E 117 43.36 -34.00 33.87
CA ALA E 117 43.00 -34.09 35.29
C ALA E 117 41.52 -33.77 35.47
N SER E 118 40.72 -34.77 35.91
CA SER E 118 39.28 -34.62 36.11
C SER E 118 38.90 -34.27 37.55
N VAL E 119 38.25 -33.10 37.72
CA VAL E 119 37.79 -32.58 39.01
C VAL E 119 36.37 -33.13 39.25
N ARG E 120 36.21 -33.92 40.33
CA ARG E 120 34.94 -34.55 40.68
C ARG E 120 34.45 -34.13 42.06
N CYS F 4 37.34 -53.00 -3.04
CA CYS F 4 36.52 -53.08 -1.84
C CYS F 4 37.27 -53.84 -0.72
N PRO F 5 37.46 -53.23 0.47
CA PRO F 5 38.18 -53.92 1.54
C PRO F 5 37.31 -54.92 2.31
N SER F 6 37.96 -55.77 3.13
CA SER F 6 37.30 -56.79 3.95
C SER F 6 36.88 -56.23 5.31
N VAL F 7 37.80 -55.51 5.99
CA VAL F 7 37.57 -54.88 7.30
C VAL F 7 36.58 -53.71 7.19
N CYS F 8 36.62 -52.99 6.06
CA CYS F 8 35.75 -51.86 5.76
C CYS F 8 34.52 -52.33 4.97
N ARG F 9 33.37 -51.69 5.22
CA ARG F 9 32.12 -52.01 4.53
C ARG F 9 31.60 -50.82 3.72
N CYS F 10 31.87 -50.85 2.40
CA CYS F 10 31.50 -49.83 1.42
C CYS F 10 29.99 -49.83 1.13
N ASP F 11 29.45 -48.66 0.76
CA ASP F 11 28.04 -48.49 0.45
C ASP F 11 27.86 -47.54 -0.74
N ARG F 12 27.46 -48.09 -1.91
CA ARG F 12 27.22 -47.39 -3.18
C ARG F 12 28.48 -46.63 -3.67
N ASN F 13 28.47 -45.28 -3.61
CA ASN F 13 29.59 -44.41 -4.01
C ASN F 13 30.32 -43.84 -2.78
N PHE F 14 30.17 -44.51 -1.62
CA PHE F 14 30.77 -44.12 -0.34
C PHE F 14 31.55 -45.28 0.28
N VAL F 15 32.65 -44.97 0.97
CA VAL F 15 33.51 -45.94 1.66
C VAL F 15 33.52 -45.63 3.17
N TYR F 16 33.12 -46.62 3.98
CA TYR F 16 33.02 -46.50 5.43
C TYR F 16 34.11 -47.23 6.20
N CYS F 17 35.17 -46.50 6.61
CA CYS F 17 36.29 -47.03 7.40
C CYS F 17 36.20 -46.51 8.84
N ASN F 18 35.20 -45.66 9.11
CA ASN F 18 34.99 -45.01 10.41
C ASN F 18 34.66 -45.96 11.56
N GLU F 19 35.28 -45.68 12.72
CA GLU F 19 35.16 -46.39 14.01
C GLU F 19 35.33 -47.92 13.87
N ARG F 20 36.47 -48.33 13.28
CA ARG F 20 36.83 -49.73 13.06
C ARG F 20 38.20 -50.09 13.66
N SER F 21 38.77 -49.13 14.45
CA SER F 21 40.07 -49.22 15.14
C SER F 21 41.26 -49.45 14.19
N LEU F 22 41.17 -48.90 12.95
CA LEU F 22 42.21 -49.02 11.92
C LEU F 22 43.37 -48.07 12.20
N THR F 23 44.60 -48.55 11.98
CA THR F 23 45.84 -47.78 12.17
C THR F 23 46.40 -47.27 10.84
N SER F 24 45.90 -47.81 9.71
CA SER F 24 46.28 -47.43 8.36
C SER F 24 45.09 -47.50 7.40
N VAL F 25 45.14 -46.70 6.31
CA VAL F 25 44.09 -46.63 5.29
C VAL F 25 44.06 -47.95 4.47
N PRO F 26 42.88 -48.60 4.28
CA PRO F 26 42.84 -49.87 3.52
C PRO F 26 43.32 -49.76 2.08
N LEU F 27 43.83 -50.88 1.55
CA LEU F 27 44.39 -50.99 0.20
C LEU F 27 43.34 -50.95 -0.92
N GLY F 28 42.36 -51.86 -0.86
CA GLY F 28 41.30 -52.00 -1.85
C GLY F 28 40.34 -50.83 -1.94
N ILE F 29 40.76 -49.76 -2.65
CA ILE F 29 39.95 -48.56 -2.84
C ILE F 29 39.50 -48.45 -4.31
N PRO F 30 38.18 -48.51 -4.61
CA PRO F 30 37.71 -48.42 -6.01
C PRO F 30 37.86 -47.04 -6.63
N GLU F 31 37.85 -46.98 -7.99
CA GLU F 31 38.00 -45.76 -8.78
C GLU F 31 36.67 -45.07 -9.13
N GLY F 32 35.60 -45.43 -8.43
CA GLY F 32 34.27 -44.87 -8.62
C GLY F 32 33.63 -44.29 -7.36
N VAL F 33 34.45 -44.09 -6.30
CA VAL F 33 34.02 -43.55 -5.01
C VAL F 33 34.22 -42.02 -4.98
N THR F 34 33.21 -41.29 -4.47
CA THR F 34 33.23 -39.82 -4.39
C THR F 34 33.63 -39.32 -3.00
N VAL F 35 33.01 -39.85 -1.93
CA VAL F 35 33.29 -39.46 -0.54
C VAL F 35 33.90 -40.62 0.24
N LEU F 36 35.00 -40.37 0.97
CA LEU F 36 35.73 -41.35 1.77
C LEU F 36 35.65 -41.02 3.26
N TYR F 37 35.17 -41.97 4.07
CA TYR F 37 35.04 -41.81 5.52
C TYR F 37 36.08 -42.67 6.23
N LEU F 38 36.94 -42.02 7.06
CA LEU F 38 38.03 -42.69 7.80
C LEU F 38 38.16 -42.14 9.24
N HIS F 39 37.20 -41.30 9.67
CA HIS F 39 37.18 -40.65 10.99
C HIS F 39 37.00 -41.61 12.18
N ASN F 40 37.30 -41.13 13.40
CA ASN F 40 37.21 -41.83 14.69
C ASN F 40 38.01 -43.14 14.75
N ASN F 41 39.19 -43.16 14.11
CA ASN F 41 40.08 -44.32 14.08
C ASN F 41 41.42 -44.01 14.77
N GLN F 42 42.39 -44.95 14.67
CA GLN F 42 43.73 -44.80 15.26
C GLN F 42 44.79 -44.62 14.17
N ILE F 43 44.38 -44.02 13.02
CA ILE F 43 45.24 -43.77 11.85
C ILE F 43 46.32 -42.72 12.15
N ASN F 44 47.59 -43.11 11.96
CA ASN F 44 48.78 -42.28 12.16
C ASN F 44 49.28 -41.70 10.83
N ASN F 45 50.11 -40.63 10.90
CA ASN F 45 50.70 -39.93 9.75
C ASN F 45 51.58 -40.82 8.85
N ALA F 46 52.22 -41.85 9.44
CA ALA F 46 53.06 -42.81 8.73
C ALA F 46 52.24 -43.87 7.96
N GLY F 47 51.08 -44.24 8.52
CA GLY F 47 50.19 -45.23 7.94
C GLY F 47 49.26 -44.68 6.86
N PHE F 48 49.86 -44.22 5.74
CA PHE F 48 49.15 -43.67 4.58
C PHE F 48 49.72 -44.23 3.27
N PRO F 49 49.01 -45.17 2.60
CA PRO F 49 49.54 -45.72 1.34
C PRO F 49 49.46 -44.70 0.20
N ALA F 50 50.43 -44.76 -0.72
CA ALA F 50 50.54 -43.84 -1.86
C ALA F 50 49.54 -44.13 -3.01
N GLU F 51 48.85 -45.28 -2.97
CA GLU F 51 47.84 -45.67 -3.97
C GLU F 51 46.52 -44.89 -3.78
N LEU F 52 46.36 -44.24 -2.62
CA LEU F 52 45.23 -43.39 -2.25
C LEU F 52 45.28 -42.10 -3.09
N HIS F 53 46.51 -41.60 -3.37
CA HIS F 53 46.80 -40.40 -4.17
C HIS F 53 46.34 -40.58 -5.62
N ASN F 54 46.46 -41.81 -6.16
CA ASN F 54 46.09 -42.16 -7.53
C ASN F 54 44.57 -42.15 -7.78
N VAL F 55 43.76 -42.38 -6.72
CA VAL F 55 42.29 -42.39 -6.81
C VAL F 55 41.79 -40.95 -7.02
N GLN F 56 41.62 -40.56 -8.29
CA GLN F 56 41.19 -39.23 -8.73
C GLN F 56 39.72 -38.90 -8.48
N SER F 57 38.85 -39.93 -8.45
CA SER F 57 37.40 -39.81 -8.25
C SER F 57 36.98 -39.24 -6.88
N VAL F 58 37.75 -39.56 -5.81
CA VAL F 58 37.47 -39.10 -4.44
C VAL F 58 37.69 -37.58 -4.33
N HIS F 59 36.67 -36.83 -3.86
CA HIS F 59 36.72 -35.38 -3.70
C HIS F 59 36.56 -34.92 -2.24
N THR F 60 35.96 -35.75 -1.37
CA THR F 60 35.75 -35.44 0.04
C THR F 60 36.30 -36.55 0.93
N VAL F 61 37.23 -36.20 1.85
CA VAL F 61 37.86 -37.13 2.78
C VAL F 61 37.67 -36.66 4.22
N TYR F 62 37.15 -37.54 5.10
CA TYR F 62 36.93 -37.28 6.52
C TYR F 62 37.93 -38.08 7.36
N LEU F 63 38.74 -37.38 8.18
CA LEU F 63 39.77 -37.97 9.04
C LEU F 63 39.81 -37.29 10.43
N TYR F 64 38.63 -37.04 11.01
CA TYR F 64 38.53 -36.37 12.32
C TYR F 64 38.50 -37.33 13.50
N GLY F 65 39.11 -36.91 14.61
CA GLY F 65 39.19 -37.68 15.83
C GLY F 65 40.13 -38.86 15.75
N ASN F 66 41.27 -38.68 15.05
CA ASN F 66 42.31 -39.69 14.85
C ASN F 66 43.57 -39.36 15.66
N GLN F 67 44.65 -40.15 15.48
CA GLN F 67 45.92 -39.95 16.16
C GLN F 67 47.02 -39.60 15.15
N LEU F 68 47.02 -38.35 14.70
CA LEU F 68 47.98 -37.81 13.73
C LEU F 68 48.99 -36.88 14.41
N ASP F 69 50.07 -36.51 13.68
CA ASP F 69 51.13 -35.63 14.18
C ASP F 69 51.51 -34.56 13.15
N GLU F 70 51.43 -34.91 11.86
CA GLU F 70 51.75 -34.05 10.72
C GLU F 70 50.61 -34.10 9.70
N PHE F 71 50.61 -33.16 8.74
CA PHE F 71 49.60 -33.13 7.66
C PHE F 71 49.77 -34.42 6.84
N PRO F 72 48.68 -35.19 6.58
CA PRO F 72 48.84 -36.47 5.85
C PRO F 72 49.42 -36.34 4.45
N MET F 73 50.17 -37.38 4.07
CA MET F 73 50.84 -37.49 2.78
C MET F 73 50.11 -38.48 1.90
N ASN F 74 50.21 -38.28 0.57
CA ASN F 74 49.63 -39.10 -0.49
C ASN F 74 48.10 -39.18 -0.43
N LEU F 75 47.45 -38.05 -0.12
CA LEU F 75 46.00 -37.92 -0.07
C LEU F 75 45.48 -37.84 -1.53
N PRO F 76 44.19 -38.19 -1.85
CA PRO F 76 43.74 -38.16 -3.26
C PRO F 76 43.94 -36.83 -3.99
N LYS F 77 44.48 -36.94 -5.22
CA LYS F 77 44.85 -35.87 -6.14
C LYS F 77 43.77 -34.82 -6.43
N ASN F 78 42.50 -35.24 -6.58
CA ASN F 78 41.41 -34.31 -6.88
C ASN F 78 40.39 -34.20 -5.73
N VAL F 79 40.86 -33.71 -4.57
CA VAL F 79 40.06 -33.50 -3.36
C VAL F 79 39.77 -32.01 -3.18
N ARG F 80 38.51 -31.67 -2.90
CA ARG F 80 38.04 -30.29 -2.70
C ARG F 80 37.83 -29.97 -1.21
N VAL F 81 37.15 -30.87 -0.46
CA VAL F 81 36.87 -30.71 0.97
C VAL F 81 37.66 -31.77 1.76
N LEU F 82 38.33 -31.35 2.85
CA LEU F 82 39.12 -32.24 3.71
C LEU F 82 38.88 -31.90 5.18
N HIS F 83 38.64 -32.94 6.01
CA HIS F 83 38.34 -32.79 7.43
C HIS F 83 39.42 -33.42 8.32
N LEU F 84 40.27 -32.57 8.92
CA LEU F 84 41.35 -33.01 9.81
C LEU F 84 41.23 -32.32 11.17
N GLN F 85 40.11 -32.53 11.85
CA GLN F 85 39.87 -31.93 13.17
C GLN F 85 39.93 -32.96 14.31
N GLU F 86 39.94 -32.47 15.57
CA GLU F 86 39.96 -33.21 16.84
C GLU F 86 41.11 -34.23 17.00
N ASN F 87 42.21 -34.04 16.24
CA ASN F 87 43.39 -34.92 16.31
C ASN F 87 44.57 -34.20 16.99
N ASN F 88 45.84 -34.47 16.56
CA ASN F 88 47.03 -33.87 17.15
C ASN F 88 48.13 -33.43 16.13
N ILE F 89 47.73 -32.78 15.02
CA ILE F 89 48.69 -32.29 14.01
C ILE F 89 49.41 -31.06 14.55
N GLN F 90 50.75 -31.12 14.62
CA GLN F 90 51.59 -30.03 15.12
C GLN F 90 52.32 -29.35 13.95
N THR F 91 52.75 -30.15 12.97
CA THR F 91 53.54 -29.69 11.82
C THR F 91 52.74 -29.70 10.50
N ILE F 92 52.92 -28.62 9.71
CA ILE F 92 52.33 -28.41 8.39
C ILE F 92 53.48 -28.13 7.41
N SER F 93 53.51 -28.86 6.28
CA SER F 93 54.58 -28.75 5.28
C SER F 93 54.11 -28.30 3.89
N ARG F 94 55.02 -27.69 3.12
CA ARG F 94 54.78 -27.20 1.76
C ARG F 94 54.43 -28.31 0.74
N ALA F 95 55.17 -29.44 0.77
CA ALA F 95 55.01 -30.59 -0.13
C ALA F 95 53.68 -31.34 0.05
N ALA F 96 53.17 -31.42 1.29
CA ALA F 96 51.91 -32.11 1.64
C ALA F 96 50.65 -31.39 1.14
N LEU F 97 50.78 -30.10 0.77
CA LEU F 97 49.70 -29.24 0.24
C LEU F 97 49.81 -29.00 -1.28
N ALA F 98 50.99 -29.30 -1.86
CA ALA F 98 51.25 -29.17 -3.29
C ALA F 98 50.63 -30.34 -4.08
N GLN F 99 50.41 -31.48 -3.40
CA GLN F 99 49.81 -32.70 -3.97
C GLN F 99 48.29 -32.54 -4.15
N LEU F 100 47.67 -31.65 -3.36
CA LEU F 100 46.24 -31.36 -3.39
C LEU F 100 46.02 -29.92 -3.91
N LEU F 101 46.27 -29.73 -5.22
CA LEU F 101 46.13 -28.43 -5.88
C LEU F 101 44.66 -27.99 -6.03
N LYS F 102 43.71 -28.94 -6.08
CA LYS F 102 42.27 -28.66 -6.21
C LYS F 102 41.54 -28.47 -4.87
N LEU F 103 42.28 -28.51 -3.74
CA LEU F 103 41.75 -28.33 -2.37
C LEU F 103 41.16 -26.94 -2.20
N GLU F 104 39.89 -26.86 -1.77
CA GLU F 104 39.15 -25.61 -1.60
C GLU F 104 38.80 -25.39 -0.11
N GLU F 105 38.07 -26.34 0.49
CA GLU F 105 37.66 -26.31 1.89
C GLU F 105 38.62 -27.18 2.71
N LEU F 106 39.08 -26.65 3.86
CA LEU F 106 40.00 -27.35 4.76
C LEU F 106 39.70 -27.03 6.22
N HIS F 107 39.47 -28.07 7.03
CA HIS F 107 39.13 -27.96 8.45
C HIS F 107 40.25 -28.55 9.32
N LEU F 108 40.75 -27.76 10.29
CA LEU F 108 41.82 -28.17 11.20
C LEU F 108 41.50 -27.65 12.62
N ASP F 109 40.38 -28.11 13.18
CA ASP F 109 39.89 -27.72 14.51
C ASP F 109 40.41 -28.62 15.64
N ASP F 110 40.53 -28.08 16.88
CA ASP F 110 40.98 -28.75 18.12
C ASP F 110 42.40 -29.41 18.03
N ASN F 111 43.17 -29.08 16.98
CA ASN F 111 44.52 -29.60 16.75
C ASN F 111 45.59 -28.87 17.59
N SER F 112 46.85 -29.33 17.50
CA SER F 112 48.00 -28.75 18.21
C SER F 112 48.90 -27.91 17.27
N ILE F 113 48.28 -27.24 16.27
CA ILE F 113 48.97 -26.41 15.27
C ILE F 113 49.59 -25.15 15.91
N SER F 114 50.92 -25.03 15.79
CA SER F 114 51.72 -23.92 16.31
C SER F 114 52.28 -23.08 15.15
N THR F 115 52.57 -21.79 15.42
CA THR F 115 53.11 -20.82 14.46
C THR F 115 54.45 -21.23 13.83
N VAL F 116 55.30 -21.91 14.61
CA VAL F 116 56.63 -22.37 14.18
C VAL F 116 56.55 -23.67 13.33
N GLY F 117 55.66 -24.59 13.73
CA GLY F 117 55.43 -25.86 13.05
C GLY F 117 55.00 -25.74 11.60
N VAL F 118 54.21 -24.69 11.28
CA VAL F 118 53.71 -24.43 9.92
C VAL F 118 54.85 -23.89 9.04
N GLU F 119 55.13 -24.58 7.92
CA GLU F 119 56.16 -24.19 6.96
C GLU F 119 55.79 -22.88 6.25
N ASP F 120 56.80 -22.09 5.90
CA ASP F 120 56.65 -20.79 5.24
C ASP F 120 56.01 -20.93 3.84
N GLY F 121 54.75 -20.51 3.76
CA GLY F 121 53.98 -20.58 2.54
C GLY F 121 53.42 -21.95 2.21
N ALA F 122 53.15 -22.78 3.25
CA ALA F 122 52.57 -24.12 3.06
C ALA F 122 51.13 -24.02 2.56
N PHE F 123 50.32 -23.11 3.14
CA PHE F 123 48.92 -22.88 2.72
C PHE F 123 48.83 -22.25 1.34
N ARG F 124 49.80 -21.38 0.98
CA ARG F 124 49.90 -20.70 -0.31
C ARG F 124 50.09 -21.69 -1.48
N GLU F 125 50.71 -22.87 -1.21
CA GLU F 125 50.93 -23.95 -2.19
C GLU F 125 49.57 -24.44 -2.73
N ALA F 126 48.55 -24.57 -1.85
CA ALA F 126 47.19 -24.96 -2.23
C ALA F 126 46.52 -23.68 -2.78
N ILE F 127 46.70 -23.45 -4.09
CA ILE F 127 46.24 -22.28 -4.86
C ILE F 127 44.71 -22.10 -4.89
N SER F 128 43.95 -23.21 -4.96
CA SER F 128 42.48 -23.19 -5.02
C SER F 128 41.79 -23.07 -3.65
N LEU F 129 42.58 -22.95 -2.56
CA LEU F 129 42.07 -22.85 -1.18
C LEU F 129 41.36 -21.53 -0.90
N LYS F 130 40.04 -21.63 -0.64
CA LYS F 130 39.16 -20.49 -0.35
C LYS F 130 38.69 -20.55 1.11
N LEU F 131 38.29 -21.73 1.59
CA LEU F 131 37.86 -21.91 2.98
C LEU F 131 38.95 -22.57 3.79
N LEU F 132 39.35 -21.92 4.89
CA LEU F 132 40.38 -22.41 5.80
C LEU F 132 39.93 -22.26 7.26
N PHE F 133 40.13 -23.32 8.06
CA PHE F 133 39.73 -23.35 9.46
C PHE F 133 40.88 -23.80 10.35
N LEU F 134 41.33 -22.89 11.23
CA LEU F 134 42.40 -23.12 12.21
C LEU F 134 41.86 -22.67 13.57
N SER F 135 40.86 -23.41 14.08
CA SER F 135 40.18 -23.14 15.34
C SER F 135 40.61 -24.07 16.48
N LYS F 136 40.62 -23.55 17.73
CA LYS F 136 40.99 -24.23 18.98
C LYS F 136 42.43 -24.80 18.97
N ASN F 137 43.31 -24.21 18.14
CA ASN F 137 44.73 -24.59 17.99
C ASN F 137 45.62 -23.75 18.95
N HIS F 138 46.94 -24.03 18.97
CA HIS F 138 47.89 -23.32 19.83
C HIS F 138 48.71 -22.26 19.05
N LEU F 139 48.02 -21.46 18.22
CA LEU F 139 48.63 -20.42 17.41
C LEU F 139 48.87 -19.15 18.23
N SER F 140 50.13 -18.72 18.33
CA SER F 140 50.52 -17.52 19.06
C SER F 140 50.22 -16.24 18.27
N SER F 141 50.15 -16.35 16.92
CA SER F 141 49.88 -15.26 15.98
C SER F 141 49.28 -15.81 14.69
N VAL F 142 49.00 -14.90 13.72
CA VAL F 142 48.45 -15.23 12.40
C VAL F 142 49.62 -15.62 11.47
N PRO F 143 49.52 -16.74 10.70
CA PRO F 143 50.63 -17.10 9.79
C PRO F 143 50.80 -16.10 8.65
N VAL F 144 51.98 -16.10 8.02
CA VAL F 144 52.31 -15.18 6.92
C VAL F 144 51.89 -15.78 5.56
N GLY F 145 52.30 -17.02 5.31
CA GLY F 145 52.02 -17.74 4.07
C GLY F 145 50.57 -18.18 3.95
N LEU F 146 49.69 -17.21 3.63
CA LEU F 146 48.26 -17.43 3.46
C LEU F 146 47.82 -17.30 1.99
N PRO F 147 46.86 -18.14 1.50
CA PRO F 147 46.46 -18.06 0.09
C PRO F 147 45.90 -16.70 -0.33
N VAL F 148 46.19 -16.31 -1.58
CA VAL F 148 45.78 -15.04 -2.20
C VAL F 148 44.27 -15.03 -2.48
N ASP F 149 43.73 -16.16 -2.97
CA ASP F 149 42.31 -16.33 -3.31
C ASP F 149 41.46 -16.86 -2.16
N LEU F 150 42.02 -16.85 -0.92
CA LEU F 150 41.35 -17.31 0.30
C LEU F 150 40.18 -16.39 0.62
N GLN F 151 38.98 -16.98 0.70
CA GLN F 151 37.71 -16.29 0.95
C GLN F 151 37.28 -16.26 2.41
N GLU F 152 37.38 -17.40 3.13
CA GLU F 152 36.99 -17.47 4.53
C GLU F 152 38.11 -18.01 5.43
N LEU F 153 38.73 -17.10 6.20
CA LEU F 153 39.80 -17.44 7.14
C LEU F 153 39.23 -17.41 8.55
N ARG F 154 39.21 -18.57 9.21
CA ARG F 154 38.72 -18.71 10.58
C ARG F 154 39.89 -19.17 11.45
N VAL F 155 40.36 -18.29 12.35
CA VAL F 155 41.45 -18.55 13.29
C VAL F 155 41.04 -17.98 14.66
N ASP F 156 40.10 -18.69 15.27
CA ASP F 156 39.50 -18.34 16.56
C ASP F 156 39.84 -19.35 17.64
N GLU F 157 39.58 -18.97 18.91
CA GLU F 157 39.79 -19.77 20.14
C GLU F 157 41.24 -20.26 20.27
N ASN F 158 42.21 -19.35 20.06
CA ASN F 158 43.64 -19.66 20.15
C ASN F 158 44.31 -18.70 21.15
N ARG F 159 45.65 -18.68 21.19
CA ARG F 159 46.41 -17.79 22.07
C ARG F 159 47.10 -16.67 21.27
N ILE F 160 46.31 -15.90 20.48
CA ILE F 160 46.83 -14.80 19.67
C ILE F 160 46.83 -13.49 20.44
N ALA F 161 48.03 -12.90 20.61
CA ALA F 161 48.23 -11.63 21.32
C ALA F 161 48.70 -10.54 20.36
N VAL F 162 49.49 -10.92 19.34
CA VAL F 162 50.03 -9.99 18.34
C VAL F 162 49.64 -10.36 16.90
N ILE F 163 49.32 -9.34 16.10
CA ILE F 163 48.96 -9.45 14.69
C ILE F 163 49.84 -8.45 13.91
N SER F 164 50.55 -8.96 12.89
CA SER F 164 51.44 -8.17 12.02
C SER F 164 50.69 -7.59 10.82
N ASP F 165 51.22 -6.49 10.25
CA ASP F 165 50.65 -5.81 9.09
C ASP F 165 50.85 -6.62 7.81
N MET F 166 51.94 -7.40 7.74
CA MET F 166 52.30 -8.27 6.61
C MET F 166 51.57 -9.62 6.63
N ALA F 167 50.94 -9.96 7.78
CA ALA F 167 50.18 -11.20 7.96
C ALA F 167 48.91 -11.22 7.10
N PHE F 168 48.30 -10.03 6.88
CA PHE F 168 47.09 -9.88 6.06
C PHE F 168 47.40 -9.21 4.69
N GLN F 169 48.44 -9.74 4.01
CA GLN F 169 48.90 -9.32 2.69
C GLN F 169 48.31 -10.27 1.63
N ASN F 170 47.96 -9.73 0.44
CA ASN F 170 47.38 -10.44 -0.71
C ASN F 170 46.00 -11.06 -0.44
N LEU F 171 45.47 -10.90 0.78
CA LEU F 171 44.15 -11.41 1.18
C LEU F 171 43.04 -10.40 0.87
N THR F 172 43.11 -9.75 -0.30
CA THR F 172 42.16 -8.74 -0.78
C THR F 172 40.80 -9.38 -1.09
N SER F 173 40.79 -10.68 -1.47
CA SER F 173 39.58 -11.43 -1.81
C SER F 173 38.99 -12.23 -0.62
N LEU F 174 39.26 -11.79 0.63
CA LEU F 174 38.74 -12.42 1.85
C LEU F 174 37.47 -11.71 2.30
N GLU F 175 36.39 -12.47 2.58
CA GLU F 175 35.10 -11.93 3.01
C GLU F 175 34.92 -12.02 4.53
N ARG F 176 34.87 -13.23 5.10
CA ARG F 176 34.70 -13.41 6.55
C ARG F 176 36.03 -13.66 7.23
N LEU F 177 36.27 -12.96 8.35
CA LEU F 177 37.47 -13.09 9.16
C LEU F 177 37.10 -13.17 10.64
N ILE F 178 37.36 -14.33 11.25
CA ILE F 178 37.03 -14.64 12.63
C ILE F 178 38.32 -14.79 13.45
N VAL F 179 38.45 -13.99 14.52
CA VAL F 179 39.59 -13.98 15.45
C VAL F 179 39.15 -13.89 16.92
N ASP F 180 37.92 -14.37 17.23
CA ASP F 180 37.35 -14.33 18.57
C ASP F 180 37.96 -15.37 19.53
N GLY F 181 37.96 -15.05 20.83
CA GLY F 181 38.46 -15.92 21.89
C GLY F 181 39.97 -16.01 21.98
N ASN F 182 40.66 -14.85 21.88
CA ASN F 182 42.11 -14.74 21.93
C ASN F 182 42.55 -13.68 22.96
N LEU F 183 43.85 -13.67 23.32
CA LEU F 183 44.42 -12.71 24.27
C LEU F 183 44.95 -11.45 23.54
N LEU F 184 44.22 -11.02 22.50
CA LEU F 184 44.54 -9.86 21.66
C LEU F 184 44.29 -8.54 22.39
N THR F 185 45.08 -7.51 22.02
CA THR F 185 45.04 -6.16 22.58
C THR F 185 45.24 -5.11 21.46
N ASN F 186 44.99 -3.82 21.78
CA ASN F 186 45.15 -2.71 20.84
C ASN F 186 46.64 -2.44 20.53
N LYS F 187 47.53 -2.88 21.43
CA LYS F 187 48.99 -2.77 21.30
C LYS F 187 49.50 -3.88 20.37
N GLY F 188 48.81 -5.02 20.37
CA GLY F 188 49.14 -6.20 19.58
C GLY F 188 48.76 -6.09 18.11
N ILE F 189 47.85 -5.17 17.77
CA ILE F 189 47.39 -4.96 16.40
C ILE F 189 48.16 -3.81 15.73
N ALA F 190 48.70 -4.09 14.52
CA ALA F 190 49.47 -3.14 13.72
C ALA F 190 48.60 -2.02 13.14
N GLU F 191 49.24 -0.87 12.85
CA GLU F 191 48.60 0.33 12.28
C GLU F 191 48.14 0.06 10.83
N GLY F 192 46.83 -0.11 10.65
CA GLY F 192 46.19 -0.37 9.37
C GLY F 192 46.51 -1.73 8.77
N THR F 193 46.28 -2.81 9.56
CA THR F 193 46.53 -4.19 9.13
C THR F 193 45.32 -4.81 8.40
N PHE F 194 44.09 -4.44 8.82
CA PHE F 194 42.83 -4.92 8.24
C PHE F 194 42.32 -4.05 7.08
N SER F 195 42.86 -2.81 6.96
CA SER F 195 42.51 -1.81 5.94
C SER F 195 42.68 -2.26 4.49
N HIS F 196 43.59 -3.21 4.22
CA HIS F 196 43.89 -3.72 2.88
C HIS F 196 42.90 -4.79 2.36
N LEU F 197 41.96 -5.24 3.21
CA LEU F 197 40.97 -6.25 2.85
C LEU F 197 39.65 -5.59 2.44
N THR F 198 39.57 -5.06 1.21
CA THR F 198 38.41 -4.36 0.66
C THR F 198 37.15 -5.23 0.54
N LYS F 199 37.32 -6.54 0.26
CA LYS F 199 36.20 -7.47 0.09
C LYS F 199 35.62 -8.01 1.41
N LEU F 200 36.18 -7.59 2.57
CA LEU F 200 35.73 -8.04 3.89
C LEU F 200 34.27 -7.62 4.16
N LYS F 201 33.40 -8.61 4.45
CA LYS F 201 31.97 -8.42 4.73
C LYS F 201 31.61 -8.62 6.20
N GLU F 202 32.36 -9.49 6.91
CA GLU F 202 32.15 -9.79 8.33
C GLU F 202 33.49 -9.84 9.08
N PHE F 203 33.51 -9.28 10.29
CA PHE F 203 34.70 -9.20 11.15
C PHE F 203 34.25 -9.27 12.61
N SER F 204 34.73 -10.29 13.35
CA SER F 204 34.36 -10.51 14.75
C SER F 204 35.57 -10.80 15.64
N ILE F 205 35.68 -10.04 16.75
CA ILE F 205 36.71 -10.20 17.78
C ILE F 205 36.00 -10.15 19.14
N VAL F 206 35.31 -11.25 19.51
CA VAL F 206 34.56 -11.33 20.77
C VAL F 206 35.35 -12.16 21.81
N ARG F 207 35.21 -11.82 23.11
CA ARG F 207 35.88 -12.46 24.25
C ARG F 207 37.42 -12.23 24.22
N ASN F 208 37.83 -10.98 23.92
CA ASN F 208 39.22 -10.55 23.83
C ASN F 208 39.50 -9.40 24.82
N SER F 209 40.72 -8.81 24.77
CA SER F 209 41.10 -7.71 25.64
C SER F 209 41.40 -6.42 24.86
N LEU F 210 40.39 -5.89 24.16
CA LEU F 210 40.50 -4.66 23.38
C LEU F 210 40.01 -3.44 24.17
N SER F 211 40.89 -2.45 24.40
CA SER F 211 40.59 -1.22 25.16
C SER F 211 39.76 -0.17 24.38
N HIS F 212 39.71 -0.29 23.03
CA HIS F 212 38.96 0.54 22.09
C HIS F 212 38.87 -0.17 20.73
N PRO F 213 37.85 0.07 19.87
CA PRO F 213 37.79 -0.64 18.58
C PRO F 213 39.02 -0.43 17.69
N PRO F 214 39.51 -1.47 16.98
CA PRO F 214 40.73 -1.32 16.16
C PRO F 214 40.67 -0.20 15.11
N PRO F 215 41.66 0.71 15.09
CA PRO F 215 41.64 1.80 14.10
C PRO F 215 41.95 1.32 12.69
N ASP F 216 41.45 2.07 11.68
CA ASP F 216 41.60 1.81 10.23
C ASP F 216 41.00 0.45 9.83
N LEU F 217 39.69 0.47 9.53
CA LEU F 217 38.92 -0.71 9.13
C LEU F 217 38.26 -0.52 7.76
N PRO F 218 38.12 -1.58 6.93
CA PRO F 218 37.51 -1.39 5.60
C PRO F 218 36.00 -1.19 5.64
N GLY F 219 35.55 -0.08 5.06
CA GLY F 219 34.14 0.28 4.99
C GLY F 219 33.56 0.13 3.60
N THR F 220 34.26 -0.60 2.72
CA THR F 220 33.87 -0.82 1.32
C THR F 220 32.82 -1.93 1.16
N HIS F 221 32.98 -3.07 1.87
CA HIS F 221 32.05 -4.21 1.80
C HIS F 221 31.55 -4.72 3.16
N LEU F 222 32.12 -4.21 4.29
CA LEU F 222 31.77 -4.62 5.66
C LEU F 222 30.31 -4.34 6.03
N ILE F 223 29.62 -5.40 6.47
CA ILE F 223 28.21 -5.40 6.86
C ILE F 223 28.07 -5.69 8.37
N ARG F 224 28.73 -6.76 8.85
CA ARG F 224 28.65 -7.16 10.26
C ARG F 224 29.98 -6.92 10.99
N LEU F 225 29.91 -6.25 12.15
CA LEU F 225 31.06 -5.95 13.01
C LEU F 225 30.70 -6.25 14.47
N TYR F 226 31.24 -7.37 15.00
CA TYR F 226 30.99 -7.84 16.37
C TYR F 226 32.18 -7.54 17.30
N LEU F 227 31.90 -6.88 18.43
CA LEU F 227 32.88 -6.51 19.46
C LEU F 227 32.29 -6.71 20.87
N GLN F 228 32.16 -7.98 21.29
CA GLN F 228 31.61 -8.37 22.60
C GLN F 228 32.66 -8.84 23.61
N ASP F 229 32.32 -8.71 24.91
CA ASP F 229 33.11 -9.12 26.10
C ASP F 229 34.51 -8.47 26.20
N ASN F 230 34.77 -7.42 25.40
CA ASN F 230 36.04 -6.70 25.42
C ASN F 230 36.04 -5.65 26.54
N GLN F 231 37.21 -5.01 26.78
CA GLN F 231 37.37 -3.99 27.82
C GLN F 231 37.41 -2.56 27.21
N ILE F 232 36.49 -2.27 26.25
CA ILE F 232 36.41 -0.95 25.60
C ILE F 232 35.95 0.10 26.60
N ASN F 233 36.80 1.11 26.83
CA ASN F 233 36.52 2.23 27.73
C ASN F 233 35.74 3.30 26.99
N HIS F 234 36.16 3.61 25.75
CA HIS F 234 35.53 4.61 24.89
C HIS F 234 35.70 4.28 23.40
N ILE F 235 34.84 4.86 22.55
CA ILE F 235 34.90 4.67 21.10
C ILE F 235 35.19 6.01 20.41
N PRO F 236 36.29 6.10 19.61
CA PRO F 236 36.60 7.38 18.94
C PRO F 236 35.66 7.67 17.77
N LEU F 237 35.66 8.93 17.31
CA LEU F 237 34.82 9.43 16.21
C LEU F 237 35.23 8.88 14.84
N THR F 238 36.53 8.55 14.66
CA THR F 238 37.08 8.04 13.39
C THR F 238 36.97 6.51 13.28
N ALA F 239 36.80 5.80 14.41
CA ALA F 239 36.69 4.33 14.47
C ALA F 239 35.50 3.76 13.72
N PHE F 240 34.40 4.54 13.61
CA PHE F 240 33.19 4.10 12.91
C PHE F 240 32.91 4.87 11.63
N ALA F 241 33.69 5.92 11.35
CA ALA F 241 33.57 6.73 10.13
C ALA F 241 34.05 5.92 8.92
N ASN F 242 33.47 6.22 7.72
CA ASN F 242 33.74 5.59 6.42
C ASN F 242 33.17 4.16 6.28
N LEU F 243 32.53 3.63 7.35
CA LEU F 243 31.89 2.32 7.35
C LEU F 243 30.42 2.49 6.94
N ARG F 244 30.21 3.16 5.79
CA ARG F 244 28.91 3.52 5.21
C ARG F 244 28.03 2.34 4.77
N LYS F 245 28.63 1.14 4.61
CA LYS F 245 27.91 -0.07 4.20
C LYS F 245 27.59 -1.04 5.36
N LEU F 246 27.90 -0.64 6.62
CA LEU F 246 27.66 -1.48 7.80
C LEU F 246 26.18 -1.56 8.17
N GLU F 247 25.69 -2.79 8.41
CA GLU F 247 24.29 -3.08 8.80
C GLU F 247 24.18 -3.54 10.25
N ARG F 248 25.04 -4.49 10.67
CA ARG F 248 25.03 -5.01 12.04
C ARG F 248 26.26 -4.60 12.85
N LEU F 249 26.02 -4.01 14.03
CA LEU F 249 27.05 -3.56 14.97
C LEU F 249 26.67 -4.03 16.37
N ASP F 250 27.63 -4.61 17.09
CA ASP F 250 27.42 -5.09 18.46
C ASP F 250 28.60 -4.75 19.34
N ILE F 251 28.33 -4.00 20.42
CA ILE F 251 29.34 -3.55 21.39
C ILE F 251 28.90 -3.88 22.83
N SER F 252 28.10 -4.95 23.00
CA SER F 252 27.61 -5.42 24.30
C SER F 252 28.71 -6.09 25.13
N ASN F 253 28.47 -6.24 26.46
CA ASN F 253 29.37 -6.85 27.46
C ASN F 253 30.72 -6.10 27.61
N ASN F 254 30.72 -4.80 27.31
CA ASN F 254 31.89 -3.94 27.38
C ASN F 254 31.89 -3.05 28.63
N GLN F 255 32.98 -2.28 28.85
CA GLN F 255 33.13 -1.39 30.00
C GLN F 255 32.98 0.10 29.60
N LEU F 256 31.90 0.42 28.86
CA LEU F 256 31.62 1.77 28.38
C LEU F 256 30.70 2.57 29.30
N ARG F 257 31.12 3.82 29.61
CA ARG F 257 30.37 4.74 30.46
C ARG F 257 29.61 5.79 29.65
N MET F 258 30.31 6.47 28.71
CA MET F 258 29.72 7.50 27.85
C MET F 258 30.26 7.44 26.42
N LEU F 259 29.36 7.66 25.45
CA LEU F 259 29.72 7.66 24.03
C LEU F 259 29.74 9.08 23.48
N THR F 260 30.79 9.42 22.73
CA THR F 260 30.94 10.75 22.12
C THR F 260 29.93 10.90 20.98
N GLN F 261 29.24 12.06 20.94
CA GLN F 261 28.20 12.36 19.94
C GLN F 261 28.79 12.45 18.52
N GLY F 262 28.08 11.86 17.56
CA GLY F 262 28.46 11.85 16.16
C GLY F 262 29.28 10.63 15.76
N VAL F 263 29.25 9.59 16.62
CA VAL F 263 29.99 8.34 16.41
C VAL F 263 29.26 7.39 15.45
N PHE F 264 27.91 7.41 15.46
CA PHE F 264 27.10 6.57 14.59
C PHE F 264 26.53 7.36 13.40
N ASP F 265 27.03 8.60 13.20
CA ASP F 265 26.60 9.52 12.14
C ASP F 265 26.93 9.08 10.71
N HIS F 266 27.93 8.22 10.53
CA HIS F 266 28.34 7.74 9.20
C HIS F 266 27.72 6.38 8.83
N LEU F 267 27.06 5.72 9.80
CA LEU F 267 26.42 4.41 9.59
C LEU F 267 24.95 4.63 9.19
N SER F 268 24.69 4.79 7.88
CA SER F 268 23.36 5.02 7.34
C SER F 268 22.60 3.72 7.07
N ASN F 269 23.32 2.67 6.60
CA ASN F 269 22.76 1.35 6.27
C ASN F 269 22.48 0.46 7.50
N LEU F 270 22.92 0.91 8.71
CA LEU F 270 22.76 0.20 9.99
C LEU F 270 21.31 -0.22 10.29
N LYS F 271 21.09 -1.54 10.35
CA LYS F 271 19.79 -2.16 10.60
C LYS F 271 19.61 -2.58 12.06
N GLN F 272 20.71 -2.76 12.81
CA GLN F 272 20.65 -3.19 14.21
C GLN F 272 21.88 -2.76 15.02
N LEU F 273 21.67 -2.44 16.31
CA LEU F 273 22.71 -2.06 17.27
C LEU F 273 22.42 -2.66 18.64
N THR F 274 23.43 -3.33 19.25
CA THR F 274 23.34 -3.94 20.58
C THR F 274 24.47 -3.43 21.45
N ALA F 275 24.12 -2.72 22.54
CA ALA F 275 25.08 -2.16 23.49
C ALA F 275 24.80 -2.66 24.90
N ARG F 276 23.40 -5.54 25.52
CA ARG F 276 23.13 -5.61 26.96
C ARG F 276 24.41 -5.65 27.82
N ASN F 277 24.25 -5.42 29.14
CA ASN F 277 25.28 -5.42 30.19
C ASN F 277 26.47 -4.49 29.92
N ASN F 278 26.35 -3.23 30.36
CA ASN F 278 27.38 -2.19 30.22
C ASN F 278 27.20 -1.16 31.33
N PRO F 279 28.29 -0.67 31.97
CA PRO F 279 28.12 0.33 33.04
C PRO F 279 27.94 1.74 32.49
N TRP F 280 26.73 2.03 31.96
CA TRP F 280 26.39 3.33 31.39
C TRP F 280 26.10 4.35 32.48
N PHE F 281 27.07 5.24 32.77
CA PHE F 281 26.88 6.30 33.76
C PHE F 281 26.10 7.43 33.10
N CYS F 282 24.83 7.58 33.50
CA CYS F 282 23.93 8.56 32.90
C CYS F 282 24.01 9.95 33.55
N ASP F 283 24.61 10.89 32.80
CA ASP F 283 24.78 12.28 33.19
C ASP F 283 24.26 13.17 32.05
N CYS F 284 25.02 14.20 31.66
CA CYS F 284 24.67 15.11 30.58
C CYS F 284 25.00 14.49 29.21
N SER F 285 26.00 13.59 29.19
CA SER F 285 26.51 12.90 28.02
C SER F 285 25.53 11.91 27.36
N ILE F 286 24.44 11.54 28.04
CA ILE F 286 23.47 10.59 27.50
C ILE F 286 22.25 11.27 26.86
N LYS F 287 22.18 12.62 26.91
CA LYS F 287 21.06 13.39 26.36
C LYS F 287 20.91 13.25 24.84
N TRP F 288 22.00 12.90 24.12
CA TRP F 288 21.96 12.69 22.67
C TRP F 288 21.39 11.34 22.32
N VAL F 289 21.69 10.32 23.15
CA VAL F 289 21.25 8.93 23.00
C VAL F 289 19.71 8.83 23.08
N THR F 290 19.10 9.48 24.10
CA THR F 290 17.65 9.50 24.36
C THR F 290 16.88 10.08 23.18
N GLU F 291 17.33 11.23 22.64
CA GLU F 291 16.70 11.89 21.50
C GLU F 291 16.84 11.06 20.23
N TRP F 292 18.06 10.55 19.97
CA TRP F 292 18.40 9.70 18.81
C TRP F 292 17.48 8.47 18.74
N LEU F 293 17.24 7.80 19.90
CA LEU F 293 16.39 6.62 20.02
C LEU F 293 14.91 6.90 19.79
N LYS F 294 14.46 8.15 20.05
CA LYS F 294 13.06 8.56 19.90
C LYS F 294 12.61 8.66 18.44
N TYR F 295 13.36 9.43 17.63
CA TYR F 295 13.04 9.66 16.22
C TYR F 295 13.90 8.83 15.26
N ILE F 296 14.18 7.57 15.66
CA ILE F 296 14.95 6.60 14.86
C ILE F 296 13.99 5.78 13.96
N PRO F 297 14.28 5.57 12.65
CA PRO F 297 13.35 4.80 11.80
C PRO F 297 13.21 3.33 12.20
N SER F 298 12.06 2.72 11.86
CA SER F 298 11.71 1.32 12.16
C SER F 298 12.76 0.30 11.67
N SER F 299 13.46 0.62 10.58
CA SER F 299 14.50 -0.21 9.97
C SER F 299 15.70 -0.45 10.89
N LEU F 300 16.00 0.50 11.81
CA LEU F 300 17.11 0.37 12.76
C LEU F 300 16.62 0.17 14.19
N ASN F 301 16.97 -1.00 14.77
CA ASN F 301 16.64 -1.37 16.14
C ASN F 301 17.86 -1.12 17.01
N VAL F 302 17.65 -0.52 18.18
CA VAL F 302 18.72 -0.23 19.15
C VAL F 302 18.24 -0.67 20.53
N ARG F 303 18.98 -1.62 21.15
CA ARG F 303 18.67 -2.15 22.47
C ARG F 303 19.94 -2.44 23.24
N GLY F 304 19.86 -2.33 24.56
CA GLY F 304 20.98 -2.58 25.46
C GLY F 304 21.30 -1.42 26.38
N PHE F 305 20.91 -0.20 25.98
CA PHE F 305 21.13 1.03 26.72
C PHE F 305 20.30 1.09 28.01
N MET F 306 20.98 0.86 29.15
CA MET F 306 20.37 0.88 30.48
C MET F 306 21.29 1.56 31.49
N CYS F 307 20.72 2.43 32.33
CA CYS F 307 21.41 3.23 33.35
C CYS F 307 21.99 2.39 34.49
N GLN F 308 23.21 2.72 34.92
CA GLN F 308 23.90 2.05 36.04
C GLN F 308 24.23 3.03 37.16
N GLY F 309 24.58 4.26 36.78
CA GLY F 309 24.91 5.34 37.69
C GLY F 309 24.21 6.63 37.30
N PRO F 310 23.69 7.43 38.27
CA PRO F 310 23.71 7.25 39.72
C PRO F 310 22.61 6.32 40.24
N GLU F 311 22.48 6.19 41.58
CA GLU F 311 21.50 5.33 42.25
C GLU F 311 20.05 5.80 42.06
N GLN F 312 19.84 7.11 41.84
CA GLN F 312 18.53 7.74 41.64
C GLN F 312 17.90 7.29 40.32
N VAL F 313 18.75 7.14 39.28
CA VAL F 313 18.34 6.73 37.93
C VAL F 313 18.80 5.28 37.60
N ARG F 314 19.29 4.54 38.62
CA ARG F 314 19.80 3.17 38.50
C ARG F 314 18.79 2.15 37.94
N GLY F 315 19.26 1.36 36.97
CA GLY F 315 18.50 0.31 36.31
C GLY F 315 17.59 0.75 35.19
N MET F 316 17.24 2.05 35.17
CA MET F 316 16.33 2.67 34.19
C MET F 316 16.79 2.55 32.73
N ALA F 317 15.87 2.81 31.79
CA ALA F 317 16.12 2.73 30.35
C ALA F 317 16.40 4.10 29.75
N VAL F 318 17.51 4.19 29.00
CA VAL F 318 17.99 5.41 28.35
C VAL F 318 16.98 5.92 27.29
N ARG F 319 16.18 5.01 26.71
CA ARG F 319 15.13 5.27 25.71
C ARG F 319 14.17 6.40 26.14
N GLU F 320 13.71 6.39 27.41
CA GLU F 320 12.78 7.40 27.91
C GLU F 320 13.37 8.21 29.06
N LEU F 321 13.17 9.55 29.01
CA LEU F 321 13.60 10.48 30.05
C LEU F 321 12.43 10.88 30.95
N ASN F 322 12.73 11.22 32.22
CA ASN F 322 11.74 11.66 33.20
C ASN F 322 12.10 13.08 33.66
N MET F 323 11.10 14.00 33.63
CA MET F 323 11.20 15.43 33.98
C MET F 323 12.29 16.17 33.16
N ASN F 324 12.45 15.76 31.86
CA ASN F 324 13.41 16.27 30.88
C ASN F 324 14.87 16.21 31.39
N LEU F 325 15.30 14.98 31.77
CA LEU F 325 16.63 14.64 32.31
C LEU F 325 17.02 15.49 33.55
N LEU F 326 16.02 15.87 34.37
CA LEU F 326 16.13 16.70 35.58
C LEU F 326 16.60 18.13 35.25
N SER F 327 17.50 18.73 36.07
CA SER F 327 18.02 20.08 35.87
C SER F 327 19.14 20.21 34.82
N CYS F 328 19.44 19.10 34.09
CA CYS F 328 20.46 18.99 33.04
C CYS F 328 20.31 20.06 31.91
N PRO F 329 19.11 20.34 31.32
CA PRO F 329 19.05 21.36 30.26
C PRO F 329 18.78 22.78 30.75
N ARG G 11 0.82 -39.27 52.43
CA ARG G 11 2.12 -38.89 51.86
C ARG G 11 3.16 -40.02 51.92
N GLU G 12 4.00 -40.12 50.87
CA GLU G 12 5.04 -41.15 50.76
C GLU G 12 6.45 -40.58 50.68
N LEU G 13 7.39 -41.20 51.39
CA LEU G 13 8.80 -40.81 51.43
C LEU G 13 9.70 -42.03 51.19
N SER G 14 10.86 -41.80 50.55
CA SER G 14 11.84 -42.85 50.24
C SER G 14 13.24 -42.27 50.06
N CYS G 15 14.26 -42.91 50.67
CA CYS G 15 15.66 -42.50 50.60
C CYS G 15 16.27 -42.83 49.22
N GLU G 16 17.46 -42.28 48.90
CA GLU G 16 18.16 -42.47 47.62
C GLU G 16 18.37 -43.96 47.25
N SER G 17 18.30 -44.25 45.94
CA SER G 17 18.45 -45.56 45.30
C SER G 17 17.45 -46.63 45.80
N TYR G 18 16.25 -46.19 46.24
CA TYR G 18 15.19 -47.08 46.72
C TYR G 18 13.85 -46.79 46.02
N PRO G 19 13.14 -47.82 45.49
CA PRO G 19 11.87 -47.56 44.81
C PRO G 19 10.71 -47.23 45.77
N ILE G 20 9.93 -46.19 45.43
CA ILE G 20 8.78 -45.74 46.20
C ILE G 20 7.50 -46.47 45.75
N GLU G 21 6.64 -46.87 46.72
CA GLU G 21 5.40 -47.60 46.44
C GLU G 21 4.14 -46.79 46.74
N LEU G 22 3.35 -46.50 45.70
CA LEU G 22 2.10 -45.74 45.77
C LEU G 22 0.93 -46.66 45.39
N ARG G 23 -0.13 -46.69 46.22
CA ARG G 23 -1.32 -47.53 45.98
C ARG G 23 -2.62 -46.90 46.48
N CYS G 24 -3.67 -46.96 45.64
CA CYS G 24 -5.01 -46.44 45.93
C CYS G 24 -5.98 -47.58 46.26
N PRO G 25 -6.81 -47.46 47.34
CA PRO G 25 -7.74 -48.55 47.67
C PRO G 25 -8.91 -48.72 46.71
N GLY G 26 -9.16 -49.98 46.32
CA GLY G 26 -10.24 -50.34 45.39
C GLY G 26 -9.83 -50.21 43.94
N THR G 27 -10.49 -49.29 43.22
CA THR G 27 -10.23 -48.99 41.80
C THR G 27 -9.95 -47.50 41.56
N ASP G 28 -9.49 -46.79 42.62
CA ASP G 28 -9.17 -45.37 42.59
C ASP G 28 -7.85 -45.06 41.86
N VAL G 29 -7.62 -43.79 41.52
CA VAL G 29 -6.45 -43.30 40.79
C VAL G 29 -5.64 -42.29 41.62
N ILE G 30 -4.30 -42.40 41.58
CA ILE G 30 -3.36 -41.53 42.30
C ILE G 30 -3.32 -40.14 41.66
N MET G 31 -3.45 -39.08 42.48
CA MET G 31 -3.42 -37.69 42.02
C MET G 31 -2.31 -36.94 42.75
N ILE G 32 -1.15 -36.79 42.08
CA ILE G 32 0.03 -36.10 42.61
C ILE G 32 -0.26 -34.60 42.80
N GLU G 33 0.11 -34.05 43.97
CA GLU G 33 -0.10 -32.65 44.31
C GLU G 33 1.24 -31.89 44.37
N SER G 34 2.21 -32.41 45.14
CA SER G 34 3.53 -31.82 45.28
C SER G 34 4.60 -32.89 45.30
N ALA G 35 5.62 -32.76 44.44
CA ALA G 35 6.72 -33.71 44.32
C ALA G 35 8.06 -32.98 44.33
N ASN G 36 8.94 -33.34 45.27
CA ASN G 36 10.27 -32.74 45.38
C ASN G 36 11.37 -33.78 45.58
N TYR G 37 12.25 -33.91 44.59
CA TYR G 37 13.38 -34.84 44.62
C TYR G 37 14.63 -34.06 45.03
N GLY G 38 14.92 -34.09 46.34
CA GLY G 38 16.05 -33.41 46.92
C GLY G 38 16.08 -33.47 48.43
N ARG G 39 16.48 -32.35 49.07
CA ARG G 39 16.56 -32.25 50.53
C ARG G 39 16.03 -30.92 51.03
N THR G 40 15.03 -30.98 51.92
CA THR G 40 14.41 -29.82 52.56
C THR G 40 14.73 -29.84 54.05
N ASP G 41 14.73 -31.04 54.66
CA ASP G 41 15.04 -31.28 56.07
C ASP G 41 16.17 -32.30 56.18
N ASP G 42 17.20 -31.98 56.98
CA ASP G 42 18.40 -32.80 57.15
C ASP G 42 18.18 -34.07 57.95
N LYS G 43 17.35 -34.01 59.00
CA LYS G 43 17.12 -35.13 59.90
C LYS G 43 16.36 -36.32 59.28
N ILE G 44 15.76 -36.17 58.07
CA ILE G 44 15.01 -37.23 57.39
C ILE G 44 15.93 -38.47 57.12
N CYS G 45 16.83 -38.39 56.14
CA CYS G 45 17.73 -39.51 55.82
C CYS G 45 18.85 -39.70 56.82
N ASP G 46 19.29 -40.97 57.00
CA ASP G 46 20.38 -41.34 57.90
C ASP G 46 21.53 -41.98 57.13
N SER G 47 22.54 -41.15 56.79
CA SER G 47 23.71 -41.59 56.03
C SER G 47 24.99 -41.00 56.63
N ASP G 48 25.55 -39.95 56.00
CA ASP G 48 26.76 -39.29 56.43
C ASP G 48 26.52 -37.78 56.61
N PRO G 49 26.99 -37.17 57.73
CA PRO G 49 26.75 -35.73 57.94
C PRO G 49 27.41 -34.78 56.93
N ALA G 50 28.41 -35.28 56.17
CA ALA G 50 29.11 -34.50 55.14
C ALA G 50 28.24 -34.26 53.91
N GLN G 51 27.15 -35.05 53.76
CA GLN G 51 26.20 -34.93 52.65
C GLN G 51 24.92 -34.21 53.08
N MET G 52 24.65 -34.14 54.40
CA MET G 52 23.48 -33.47 54.98
C MET G 52 23.70 -31.96 55.21
N GLU G 53 24.93 -31.47 54.97
CA GLU G 53 25.31 -30.06 55.14
C GLU G 53 24.52 -29.09 54.26
N ASN G 54 24.14 -29.52 53.04
CA ASN G 54 23.35 -28.71 52.10
C ASN G 54 21.89 -29.16 52.14
N ILE G 55 21.01 -28.27 52.62
CA ILE G 55 19.56 -28.55 52.72
C ILE G 55 18.77 -27.69 51.73
N ARG G 56 19.42 -27.21 50.66
CA ARG G 56 18.78 -26.37 49.63
C ARG G 56 18.73 -27.06 48.26
N CYS G 57 18.36 -28.35 48.25
CA CYS G 57 18.24 -29.13 47.02
C CYS G 57 16.76 -29.21 46.62
N TYR G 58 16.47 -28.83 45.36
CA TYR G 58 15.11 -28.83 44.79
C TYR G 58 15.10 -29.29 43.33
N LEU G 59 14.03 -30.00 42.92
CA LEU G 59 13.85 -30.47 41.54
C LEU G 59 12.45 -30.05 41.02
N PRO G 60 12.38 -29.05 40.12
CA PRO G 60 11.08 -28.61 39.61
C PRO G 60 10.40 -29.61 38.69
N ASP G 61 11.21 -30.40 37.97
CA ASP G 61 10.74 -31.40 37.02
C ASP G 61 10.17 -32.66 37.68
N ALA G 62 10.37 -32.84 39.01
CA ALA G 62 9.90 -34.00 39.78
C ALA G 62 8.41 -34.29 39.63
N TYR G 63 7.55 -33.24 39.64
CA TYR G 63 6.10 -33.38 39.47
C TYR G 63 5.75 -33.89 38.06
N LYS G 64 6.43 -33.38 37.02
CA LYS G 64 6.25 -33.74 35.61
C LYS G 64 6.61 -35.20 35.33
N ILE G 65 7.61 -35.73 36.05
CA ILE G 65 8.11 -37.10 35.94
C ILE G 65 7.08 -38.09 36.52
N MET G 66 6.63 -37.83 37.76
CA MET G 66 5.66 -38.66 38.48
C MET G 66 4.28 -38.66 37.84
N SER G 67 3.87 -37.52 37.26
CA SER G 67 2.57 -37.35 36.60
C SER G 67 2.39 -38.27 35.38
N GLN G 68 3.50 -38.53 34.66
CA GLN G 68 3.51 -39.40 33.47
C GLN G 68 3.31 -40.88 33.83
N ARG G 69 3.72 -41.27 35.05
CA ARG G 69 3.67 -42.65 35.53
C ARG G 69 2.54 -42.92 36.54
N CYS G 70 2.61 -42.30 37.74
CA CYS G 70 1.68 -42.48 38.86
C CYS G 70 0.22 -42.14 38.56
N ASN G 71 -0.04 -41.11 37.74
CA ASN G 71 -1.42 -40.73 37.39
C ASN G 71 -2.08 -41.72 36.44
N ASN G 72 -3.43 -41.83 36.50
CA ASN G 72 -4.32 -42.70 35.72
C ASN G 72 -4.24 -44.19 36.10
N ARG G 73 -3.25 -44.57 36.93
CA ARG G 73 -3.03 -45.95 37.37
C ARG G 73 -3.45 -46.15 38.84
N THR G 74 -3.71 -47.41 39.22
CA THR G 74 -4.10 -47.81 40.58
C THR G 74 -2.84 -48.00 41.46
N GLN G 75 -1.79 -48.63 40.91
CA GLN G 75 -0.52 -48.89 41.59
C GLN G 75 0.69 -48.47 40.74
N CYS G 76 1.70 -47.85 41.36
CA CYS G 76 2.91 -47.39 40.67
C CYS G 76 4.16 -47.46 41.54
N ALA G 77 5.21 -48.13 41.02
CA ALA G 77 6.49 -48.30 41.70
C ALA G 77 7.63 -47.57 40.97
N VAL G 78 7.90 -46.32 41.39
CA VAL G 78 8.93 -45.46 40.79
C VAL G 78 10.27 -45.65 41.53
N VAL G 79 11.34 -45.96 40.79
CA VAL G 79 12.69 -46.15 41.34
C VAL G 79 13.38 -44.79 41.48
N ALA G 80 13.45 -44.29 42.72
CA ALA G 80 14.06 -43.00 43.03
C ALA G 80 15.60 -43.05 42.94
N GLY G 81 16.09 -42.89 41.72
CA GLY G 81 17.52 -42.91 41.41
C GLY G 81 17.88 -42.15 40.13
N PRO G 82 19.11 -42.35 39.59
CA PRO G 82 19.49 -41.63 38.37
C PRO G 82 18.83 -42.13 37.07
N ASP G 83 18.08 -43.25 37.15
CA ASP G 83 17.39 -43.87 36.02
C ASP G 83 16.06 -43.18 35.68
N VAL G 84 15.40 -42.60 36.69
CA VAL G 84 14.10 -41.92 36.54
C VAL G 84 14.22 -40.43 36.90
N PHE G 85 14.98 -40.10 37.96
CA PHE G 85 15.17 -38.72 38.42
C PHE G 85 16.59 -38.18 38.17
N PRO G 86 16.75 -37.08 37.39
CA PRO G 86 18.10 -36.53 37.18
C PRO G 86 18.68 -35.87 38.44
N ASP G 87 20.01 -36.00 38.64
CA ASP G 87 20.73 -35.46 39.81
C ASP G 87 20.81 -33.93 39.83
N PRO G 88 20.20 -33.27 40.85
CA PRO G 88 20.26 -31.80 40.91
C PRO G 88 21.62 -31.28 41.37
N CYS G 89 22.17 -31.84 42.48
CA CYS G 89 23.48 -31.46 43.01
C CYS G 89 24.34 -32.68 43.35
N PRO G 90 25.65 -32.67 43.01
CA PRO G 90 26.48 -33.84 43.33
C PRO G 90 26.97 -33.87 44.77
N GLY G 91 27.21 -35.08 45.28
CA GLY G 91 27.71 -35.33 46.63
C GLY G 91 26.77 -34.95 47.74
N THR G 92 25.47 -35.27 47.57
CA THR G 92 24.41 -34.99 48.54
C THR G 92 23.37 -36.11 48.44
N TYR G 93 23.01 -36.73 49.60
CA TYR G 93 22.01 -37.80 49.67
C TYR G 93 20.62 -37.20 49.47
N LYS G 94 19.83 -37.77 48.54
CA LYS G 94 18.50 -37.26 48.19
C LYS G 94 17.32 -38.13 48.62
N TYR G 95 16.13 -37.51 48.74
CA TYR G 95 14.88 -38.18 49.06
C TYR G 95 13.72 -37.65 48.21
N LEU G 96 12.62 -38.41 48.13
CA LEU G 96 11.45 -38.08 47.33
C LEU G 96 10.20 -37.87 48.22
N GLU G 97 9.75 -36.60 48.32
CA GLU G 97 8.58 -36.17 49.10
C GLU G 97 7.38 -35.96 48.17
N VAL G 98 6.52 -36.99 48.07
CA VAL G 98 5.36 -36.96 47.18
C VAL G 98 4.03 -37.03 47.95
N GLN G 99 3.21 -35.98 47.82
CA GLN G 99 1.88 -35.88 48.43
C GLN G 99 0.86 -36.28 47.37
N TYR G 100 -0.17 -37.09 47.74
CA TYR G 100 -1.18 -37.56 46.79
C TYR G 100 -2.56 -37.80 47.39
N GLU G 101 -3.60 -37.74 46.52
CA GLU G 101 -5.02 -37.94 46.87
C GLU G 101 -5.64 -39.11 46.09
N CYS G 102 -6.87 -39.53 46.49
CA CYS G 102 -7.61 -40.64 45.87
C CYS G 102 -8.84 -40.17 45.09
N VAL G 103 -8.67 -39.98 43.76
CA VAL G 103 -9.72 -39.51 42.83
C VAL G 103 -10.22 -40.67 41.92
N PRO G 104 -11.43 -40.60 41.29
CA PRO G 104 -11.88 -41.71 40.42
C PRO G 104 -11.03 -41.94 39.16
N TYR G 105 -11.30 -43.05 38.44
CA TYR G 105 -10.56 -43.51 37.25
C TYR G 105 -10.99 -42.82 35.92
N LYS G 106 -11.10 -41.48 35.92
CA LYS G 106 -11.48 -40.73 34.73
C LYS G 106 -10.27 -40.09 34.04
N VAL G 107 -9.98 -40.55 32.81
CA VAL G 107 -8.86 -40.08 31.97
C VAL G 107 -9.29 -38.97 31.01
N GLU G 108 -8.32 -38.12 30.57
CA GLU G 108 -8.54 -37.03 29.62
C GLU G 108 -8.18 -37.47 28.20
N GLN G 109 -9.12 -37.30 27.25
CA GLN G 109 -9.02 -37.74 25.86
C GLN G 109 -8.49 -36.69 24.85
N LYS G 110 -8.24 -37.17 23.60
CA LYS G 110 -7.82 -36.48 22.37
C LYS G 110 -6.37 -35.98 22.34
N VAL G 111 -5.93 -35.21 23.36
CA VAL G 111 -4.59 -34.62 23.40
C VAL G 111 -3.51 -35.71 23.59
N PHE G 112 -3.70 -36.65 24.53
CA PHE G 112 -2.74 -37.72 24.78
C PHE G 112 -2.96 -38.95 23.89
N LEU G 113 -4.19 -39.14 23.36
CA LEU G 113 -4.59 -40.31 22.58
C LEU G 113 -4.17 -40.34 21.12
N CYS G 114 -3.92 -41.57 20.68
CA CYS G 114 -3.52 -41.98 19.34
C CYS G 114 -4.63 -41.71 18.33
N PRO G 115 -4.35 -40.84 17.34
CA PRO G 115 -5.36 -40.58 16.30
C PRO G 115 -5.58 -41.74 15.32
N GLY G 116 -4.56 -42.60 15.16
CA GLY G 116 -4.63 -43.76 14.27
C GLY G 116 -3.42 -43.97 13.40
N LEU G 117 -3.55 -44.86 12.39
CA LEU G 117 -2.49 -45.18 11.42
C LEU G 117 -2.64 -44.27 10.21
N LEU G 118 -1.56 -43.53 9.84
CA LEU G 118 -1.51 -42.58 8.73
C LEU G 118 -1.97 -43.18 7.39
N LYS G 119 -2.91 -42.50 6.72
CA LYS G 119 -3.48 -42.91 5.43
C LYS G 119 -3.05 -42.01 4.26
N GLY G 120 -2.91 -40.71 4.53
CA GLY G 120 -2.52 -39.73 3.51
C GLY G 120 -2.01 -38.40 4.03
N VAL G 121 -0.86 -37.95 3.50
CA VAL G 121 -0.24 -36.67 3.82
C VAL G 121 -0.65 -35.70 2.71
N TYR G 122 -1.36 -34.62 3.06
CA TYR G 122 -1.85 -33.64 2.09
C TYR G 122 -1.38 -32.21 2.36
N GLN G 123 -1.36 -31.37 1.31
CA GLN G 123 -0.94 -29.95 1.35
C GLN G 123 -1.91 -29.08 2.12
N SER G 124 -1.40 -28.35 3.12
CA SER G 124 -2.19 -27.45 3.94
C SER G 124 -1.70 -26.00 3.80
N GLU G 125 -1.09 -25.43 4.85
CA GLU G 125 -0.62 -24.03 4.89
C GLU G 125 0.69 -23.77 4.16
N HIS G 126 0.83 -22.53 3.64
CA HIS G 126 2.02 -22.00 2.97
C HIS G 126 2.21 -20.60 3.54
N LEU G 127 3.27 -20.41 4.34
CA LEU G 127 3.52 -19.14 5.02
C LEU G 127 4.37 -18.17 4.20
N PHE G 128 5.69 -18.44 4.07
CA PHE G 128 6.62 -17.58 3.34
C PHE G 128 7.79 -18.32 2.71
N GLU G 129 8.52 -17.64 1.80
CA GLU G 129 9.71 -18.13 1.12
C GLU G 129 10.95 -17.52 1.80
N SER G 130 11.58 -18.28 2.71
CA SER G 130 12.75 -17.87 3.48
C SER G 130 14.02 -17.70 2.62
N ASP G 131 14.97 -16.90 3.11
CA ASP G 131 16.26 -16.62 2.45
C ASP G 131 17.17 -17.85 2.33
N HIS G 132 17.05 -18.81 3.27
CA HIS G 132 17.84 -20.05 3.30
C HIS G 132 17.10 -21.20 2.64
N GLN G 133 17.81 -22.00 1.83
CA GLN G 133 17.26 -23.17 1.13
C GLN G 133 16.95 -24.29 2.12
N SER G 134 17.84 -24.48 3.11
CA SER G 134 17.70 -25.50 4.15
C SER G 134 17.54 -24.89 5.53
N GLY G 135 16.65 -25.48 6.32
CA GLY G 135 16.33 -25.06 7.68
C GLY G 135 15.25 -25.91 8.31
N ALA G 136 14.69 -25.42 9.43
CA ALA G 136 13.62 -26.11 10.17
C ALA G 136 12.81 -25.16 11.06
N TRP G 137 11.52 -25.50 11.30
CA TRP G 137 10.59 -24.73 12.12
C TRP G 137 9.62 -25.68 12.86
N CYS G 138 9.36 -25.42 14.17
CA CYS G 138 8.47 -26.25 14.99
C CYS G 138 7.83 -25.49 16.15
N LYS G 139 6.68 -26.01 16.65
CA LYS G 139 5.92 -25.47 17.78
C LYS G 139 5.98 -26.44 18.97
N ASP G 140 6.04 -25.91 20.19
CA ASP G 140 6.09 -26.71 21.42
C ASP G 140 4.72 -27.35 21.69
N PRO G 141 4.62 -28.70 21.67
CA PRO G 141 3.30 -29.34 21.86
C PRO G 141 2.81 -29.42 23.30
N LEU G 142 3.73 -29.48 24.27
CA LEU G 142 3.41 -29.58 25.70
C LEU G 142 2.81 -28.28 26.25
N GLN G 143 3.37 -27.13 25.87
CA GLN G 143 2.88 -25.82 26.32
C GLN G 143 1.80 -25.29 25.37
N ALA G 144 0.63 -24.93 25.92
CA ALA G 144 -0.51 -24.42 25.16
C ALA G 144 -0.31 -22.94 24.80
N SER G 145 0.57 -22.69 23.82
CA SER G 145 0.92 -21.35 23.33
C SER G 145 1.10 -21.34 21.82
N ASP G 146 0.87 -20.18 21.19
CA ASP G 146 1.01 -19.99 19.74
C ASP G 146 2.44 -19.56 19.33
N LYS G 147 3.46 -19.97 20.11
CA LYS G 147 4.86 -19.67 19.87
C LYS G 147 5.47 -20.55 18.78
N ILE G 148 6.08 -19.92 17.76
CA ILE G 148 6.72 -20.60 16.62
C ILE G 148 8.24 -20.43 16.70
N TYR G 149 8.97 -21.56 16.76
CA TYR G 149 10.43 -21.59 16.84
C TYR G 149 11.05 -21.80 15.46
N TYR G 150 11.81 -20.81 14.99
CA TYR G 150 12.45 -20.74 13.68
C TYR G 150 13.97 -20.81 13.80
N MET G 151 14.59 -21.69 12.98
CA MET G 151 16.05 -21.87 12.95
C MET G 151 16.52 -22.22 11.52
N PRO G 152 17.02 -21.23 10.74
CA PRO G 152 17.51 -21.56 9.38
C PRO G 152 18.92 -22.14 9.41
N TRP G 153 19.13 -23.27 8.72
CA TRP G 153 20.42 -23.94 8.66
C TRP G 153 21.40 -23.31 7.67
N THR G 154 22.63 -23.06 8.15
CA THR G 154 23.75 -22.48 7.40
C THR G 154 24.97 -23.39 7.66
N PRO G 155 25.71 -23.85 6.62
CA PRO G 155 26.86 -24.74 6.88
C PRO G 155 27.97 -24.11 7.71
N TYR G 156 28.31 -24.77 8.84
CA TYR G 156 29.37 -24.40 9.80
C TYR G 156 29.16 -23.00 10.43
N ARG G 157 27.89 -22.53 10.50
CA ARG G 157 27.55 -21.21 11.05
C ARG G 157 26.23 -21.17 11.87
N THR G 158 25.49 -22.29 11.97
CA THR G 158 24.23 -22.35 12.71
C THR G 158 24.48 -22.39 14.23
N ASP G 159 23.95 -21.38 14.97
CA ASP G 159 24.08 -21.27 16.44
C ASP G 159 23.03 -20.33 17.09
N THR G 160 21.93 -20.01 16.39
CA THR G 160 20.88 -19.12 16.90
C THR G 160 19.47 -19.61 16.61
N LEU G 161 18.62 -19.62 17.65
CA LEU G 161 17.23 -20.03 17.58
C LEU G 161 16.35 -18.78 17.74
N THR G 162 15.45 -18.54 16.78
CA THR G 162 14.55 -17.38 16.76
C THR G 162 13.13 -17.75 17.22
N GLU G 163 12.53 -16.92 18.09
CA GLU G 163 11.17 -17.10 18.63
C GLU G 163 10.20 -16.09 18.02
N TYR G 164 8.94 -16.53 17.81
CA TYR G 164 7.86 -15.72 17.24
C TYR G 164 6.61 -15.84 18.11
N SER G 165 5.94 -14.70 18.37
CA SER G 165 4.75 -14.61 19.22
C SER G 165 3.52 -15.34 18.67
N SER G 166 3.15 -15.08 17.40
CA SER G 166 1.99 -15.70 16.75
C SER G 166 2.26 -16.06 15.28
N LYS G 167 1.25 -16.66 14.61
CA LYS G 167 1.31 -17.08 13.20
C LYS G 167 1.45 -15.87 12.27
N ASP G 168 0.78 -14.75 12.61
CA ASP G 168 0.80 -13.50 11.84
C ASP G 168 2.18 -12.82 11.86
N ASP G 169 2.88 -12.89 13.01
CA ASP G 169 4.22 -12.32 13.20
C ASP G 169 5.30 -13.14 12.49
N PHE G 170 5.02 -14.42 12.22
CA PHE G 170 5.94 -15.34 11.55
C PHE G 170 6.00 -15.08 10.04
N ILE G 171 4.85 -14.73 9.43
CA ILE G 171 4.74 -14.44 8.00
C ILE G 171 5.33 -13.05 7.68
N ALA G 172 4.85 -12.00 8.38
CA ALA G 172 5.28 -10.60 8.20
C ALA G 172 6.77 -10.37 8.47
N GLY G 173 7.31 -11.10 9.44
CA GLY G 173 8.72 -11.02 9.83
C GLY G 173 8.98 -10.21 11.08
N ARG G 174 8.21 -10.48 12.15
CA ARG G 174 8.35 -9.80 13.45
C ARG G 174 8.82 -10.76 14.55
N PRO G 175 10.16 -10.88 14.77
CA PRO G 175 10.65 -11.82 15.79
C PRO G 175 10.52 -11.30 17.21
N THR G 176 10.16 -12.19 18.14
CA THR G 176 9.99 -11.90 19.56
C THR G 176 11.37 -11.75 20.23
N THR G 177 12.16 -12.84 20.24
CA THR G 177 13.49 -12.90 20.84
C THR G 177 14.37 -13.97 20.16
N THR G 178 15.69 -13.78 20.25
CA THR G 178 16.65 -14.73 19.69
C THR G 178 17.57 -15.28 20.78
N TYR G 179 17.61 -16.62 20.90
CA TYR G 179 18.43 -17.32 21.89
C TYR G 179 19.82 -17.62 21.33
N LYS G 180 20.86 -17.23 22.09
CA LYS G 180 22.26 -17.45 21.70
C LYS G 180 22.71 -18.81 22.24
N LEU G 181 22.87 -19.79 21.34
CA LEU G 181 23.27 -21.16 21.68
C LEU G 181 24.76 -21.29 22.02
N PRO G 182 25.15 -22.07 23.06
CA PRO G 182 26.57 -22.18 23.42
C PRO G 182 27.42 -22.99 22.44
N HIS G 183 26.80 -23.92 21.70
CA HIS G 183 27.49 -24.76 20.72
C HIS G 183 26.84 -24.69 19.34
N ARG G 184 27.62 -24.98 18.28
CA ARG G 184 27.16 -24.97 16.89
C ARG G 184 26.22 -26.14 16.60
N VAL G 185 25.19 -25.89 15.78
CA VAL G 185 24.14 -26.86 15.41
C VAL G 185 24.49 -27.60 14.12
N ASP G 186 24.26 -28.93 14.11
CA ASP G 186 24.48 -29.79 12.96
C ASP G 186 23.16 -30.39 12.47
N GLY G 187 22.87 -30.17 11.19
CA GLY G 187 21.65 -30.67 10.55
C GLY G 187 20.41 -29.83 10.80
N THR G 188 19.24 -30.37 10.43
CA THR G 188 17.93 -29.73 10.58
C THR G 188 17.00 -30.53 11.50
N GLY G 189 17.58 -31.32 12.39
CA GLY G 189 16.85 -32.17 13.32
C GLY G 189 16.65 -31.59 14.70
N PHE G 190 16.24 -30.31 14.79
CA PHE G 190 15.98 -29.66 16.07
C PHE G 190 14.50 -29.77 16.45
N VAL G 191 14.20 -29.80 17.75
CA VAL G 191 12.83 -29.89 18.29
C VAL G 191 12.73 -29.23 19.69
N VAL G 192 11.51 -28.83 20.08
CA VAL G 192 11.22 -28.18 21.37
C VAL G 192 10.31 -29.08 22.21
N TYR G 193 10.73 -29.40 23.45
CA TYR G 193 10.00 -30.25 24.38
C TYR G 193 9.90 -29.61 25.77
N ASP G 194 8.68 -29.14 26.13
CA ASP G 194 8.32 -28.51 27.42
C ASP G 194 9.26 -27.34 27.81
N GLY G 195 9.28 -26.31 26.97
CA GLY G 195 10.09 -25.09 27.15
C GLY G 195 11.59 -25.30 27.15
N ALA G 196 12.04 -26.42 26.55
CA ALA G 196 13.44 -26.82 26.45
C ALA G 196 13.77 -27.22 25.02
N LEU G 197 14.96 -26.81 24.56
CA LEU G 197 15.44 -27.06 23.21
C LEU G 197 16.42 -28.23 23.14
N PHE G 198 16.18 -29.17 22.20
CA PHE G 198 17.01 -30.34 21.95
C PHE G 198 17.60 -30.24 20.55
N PHE G 199 18.94 -30.21 20.44
CA PHE G 199 19.66 -30.09 19.17
C PHE G 199 20.96 -30.89 19.13
N ASN G 200 21.36 -31.32 17.94
CA ASN G 200 22.59 -32.08 17.72
C ASN G 200 23.79 -31.14 17.62
N LYS G 201 24.80 -31.36 18.48
CA LYS G 201 26.04 -30.59 18.53
C LYS G 201 26.91 -30.90 17.30
N GLU G 202 27.59 -29.88 16.75
CA GLU G 202 28.45 -29.98 15.57
C GLU G 202 29.71 -30.82 15.85
N ARG G 203 30.05 -31.72 14.90
CA ARG G 203 31.21 -32.64 14.95
C ARG G 203 31.17 -33.60 16.14
N THR G 204 29.96 -33.91 16.66
CA THR G 204 29.72 -34.81 17.79
C THR G 204 28.36 -35.52 17.70
N ARG G 205 28.25 -36.69 18.34
CA ARG G 205 27.03 -37.51 18.41
C ARG G 205 26.19 -37.15 19.65
N ASN G 206 26.45 -35.97 20.23
CA ASN G 206 25.79 -35.49 21.45
C ASN G 206 24.58 -34.60 21.20
N ILE G 207 23.55 -34.78 22.04
CA ILE G 207 22.32 -34.01 22.02
C ILE G 207 22.38 -33.03 23.18
N VAL G 208 22.29 -31.73 22.89
CA VAL G 208 22.38 -30.66 23.89
C VAL G 208 20.99 -30.17 24.32
N LYS G 209 20.72 -30.20 25.64
CA LYS G 209 19.47 -29.72 26.23
C LYS G 209 19.69 -28.28 26.69
N PHE G 210 18.85 -27.35 26.20
CA PHE G 210 18.94 -25.92 26.50
C PHE G 210 17.58 -25.35 26.89
N ASP G 211 17.42 -24.96 28.17
CA ASP G 211 16.18 -24.39 28.70
C ASP G 211 16.05 -22.94 28.25
N LEU G 212 14.93 -22.62 27.60
CA LEU G 212 14.62 -21.29 27.05
C LEU G 212 14.33 -20.25 28.12
N ARG G 213 13.71 -20.69 29.24
CA ARG G 213 13.32 -19.84 30.37
C ARG G 213 14.54 -19.28 31.13
N THR G 214 15.55 -20.14 31.39
CA THR G 214 16.77 -19.77 32.12
C THR G 214 17.92 -19.32 31.21
N ARG G 215 17.85 -19.67 29.90
CA ARG G 215 18.84 -19.36 28.85
C ARG G 215 20.23 -19.96 29.13
N ILE G 216 20.26 -21.14 29.77
CA ILE G 216 21.49 -21.89 30.11
C ILE G 216 21.35 -23.38 29.80
N LYS G 217 22.48 -24.06 29.53
CA LYS G 217 22.55 -25.50 29.24
C LYS G 217 22.21 -26.31 30.49
N SER G 218 21.41 -27.38 30.33
CA SER G 218 20.98 -28.24 31.44
C SER G 218 21.46 -29.71 31.32
N GLY G 219 21.95 -30.10 30.14
CA GLY G 219 22.43 -31.45 29.91
C GLY G 219 22.97 -31.75 28.52
N GLU G 220 23.76 -32.85 28.41
CA GLU G 220 24.34 -33.33 27.17
C GLU G 220 24.42 -34.86 27.19
N ALA G 221 23.68 -35.52 26.26
CA ALA G 221 23.60 -36.97 26.16
C ALA G 221 24.37 -37.50 24.96
N ILE G 222 25.07 -38.63 25.14
CA ILE G 222 25.86 -39.27 24.08
C ILE G 222 25.08 -40.44 23.49
N ILE G 223 24.65 -40.31 22.22
CA ILE G 223 23.91 -41.36 21.52
C ILE G 223 24.91 -42.42 21.06
N ALA G 224 24.80 -43.63 21.65
CA ALA G 224 25.69 -44.77 21.42
C ALA G 224 25.79 -45.25 19.96
N ASN G 225 27.04 -45.31 19.44
CA ASN G 225 27.46 -45.77 18.11
C ASN G 225 26.86 -44.98 16.93
N ALA G 226 26.20 -43.83 17.20
CA ALA G 226 25.57 -42.98 16.18
C ALA G 226 26.55 -42.29 15.26
N ASN G 227 26.28 -42.34 13.94
CA ASN G 227 27.09 -41.68 12.92
C ASN G 227 26.79 -40.19 12.94
N TYR G 228 27.83 -39.34 12.83
CA TYR G 228 27.67 -37.88 12.87
C TYR G 228 28.55 -37.13 11.86
N HIS G 229 28.16 -35.87 11.56
CA HIS G 229 28.83 -34.92 10.65
C HIS G 229 29.02 -35.49 9.22
N ASP G 230 27.93 -35.50 8.43
CA ASP G 230 27.82 -35.95 7.04
C ASP G 230 28.20 -37.43 6.80
N THR G 231 28.31 -38.25 7.87
CA THR G 231 28.65 -39.66 7.78
C THR G 231 27.45 -40.46 7.26
N SER G 232 26.28 -40.29 7.91
CA SER G 232 25.03 -40.95 7.52
C SER G 232 23.83 -39.97 7.58
N PRO G 233 23.77 -38.91 6.73
CA PRO G 233 22.62 -37.99 6.77
C PRO G 233 21.51 -38.43 5.82
N TYR G 234 20.61 -37.50 5.42
CA TYR G 234 19.53 -37.79 4.49
C TYR G 234 19.99 -37.65 3.03
N ARG G 235 19.06 -37.77 2.04
CA ARG G 235 19.37 -37.69 0.61
C ARG G 235 20.00 -36.36 0.17
N TRP G 236 19.69 -35.26 0.88
CA TRP G 236 20.26 -33.93 0.58
C TRP G 236 21.52 -33.66 1.42
N GLY G 237 21.68 -34.43 2.50
CA GLY G 237 22.81 -34.32 3.41
C GLY G 237 22.67 -33.16 4.36
N GLY G 238 23.67 -32.29 4.35
CA GLY G 238 23.73 -31.10 5.20
C GLY G 238 23.88 -31.40 6.67
N LYS G 239 24.69 -32.45 7.00
CA LYS G 239 25.00 -32.96 8.34
C LYS G 239 23.74 -33.37 9.15
N SER G 240 22.67 -33.81 8.45
CA SER G 240 21.39 -34.22 9.05
C SER G 240 21.41 -35.69 9.51
N ASP G 241 22.54 -36.11 10.11
CA ASP G 241 22.79 -37.47 10.62
C ASP G 241 21.88 -37.84 11.79
N ILE G 242 21.51 -36.84 12.61
CA ILE G 242 20.63 -37.04 13.77
C ILE G 242 19.44 -36.09 13.68
N ASP G 243 18.22 -36.66 13.67
CA ASP G 243 16.94 -35.94 13.60
C ASP G 243 16.08 -36.30 14.81
N LEU G 244 15.54 -35.28 15.50
CA LEU G 244 14.69 -35.45 16.69
C LEU G 244 13.19 -35.32 16.35
N ALA G 245 12.37 -36.26 16.88
CA ALA G 245 10.93 -36.30 16.65
C ALA G 245 10.14 -36.44 17.95
N VAL G 246 8.97 -35.79 18.01
CA VAL G 246 8.07 -35.80 19.16
C VAL G 246 6.68 -36.33 18.75
N ASP G 247 6.14 -37.28 19.53
CA ASP G 247 4.83 -37.89 19.29
C ASP G 247 4.02 -38.07 20.58
N GLU G 248 3.01 -38.97 20.56
CA GLU G 248 2.15 -39.29 21.70
C GLU G 248 2.91 -40.06 22.80
N ASN G 249 3.94 -40.83 22.40
CA ASN G 249 4.79 -41.63 23.29
C ASN G 249 5.77 -40.75 24.08
N GLY G 250 6.35 -39.75 23.40
CA GLY G 250 7.31 -38.83 23.99
C GLY G 250 8.34 -38.30 23.02
N LEU G 251 9.62 -38.29 23.45
CA LEU G 251 10.76 -37.82 22.67
C LEU G 251 11.48 -39.01 22.02
N TRP G 252 11.85 -38.86 20.73
CA TRP G 252 12.53 -39.90 19.95
C TRP G 252 13.73 -39.37 19.19
N VAL G 253 14.75 -40.23 18.97
CA VAL G 253 15.98 -39.89 18.25
C VAL G 253 16.12 -40.79 17.01
N ILE G 254 16.08 -40.18 15.81
CA ILE G 254 16.23 -40.85 14.52
C ILE G 254 17.68 -40.67 14.08
N TYR G 255 18.44 -41.77 14.03
CA TYR G 255 19.86 -41.77 13.66
C TYR G 255 20.25 -43.02 12.86
N ALA G 256 21.57 -43.28 12.70
CA ALA G 256 22.11 -44.42 11.96
C ALA G 256 23.44 -44.91 12.55
N THR G 257 23.60 -46.24 12.68
CA THR G 257 24.81 -46.87 13.21
C THR G 257 25.47 -47.74 12.14
N GLU G 258 26.80 -47.94 12.25
CA GLU G 258 27.56 -48.78 11.31
C GLU G 258 27.32 -50.27 11.55
N GLN G 259 26.84 -50.64 12.76
CA GLN G 259 26.50 -52.01 13.17
C GLN G 259 25.27 -52.48 12.39
N ASN G 260 24.37 -51.55 12.05
CA ASN G 260 23.16 -51.77 11.26
C ASN G 260 23.44 -51.50 9.76
N ASN G 261 24.73 -51.28 9.41
CA ASN G 261 25.25 -51.01 8.06
C ASN G 261 24.62 -49.79 7.38
N GLY G 262 24.58 -48.67 8.11
CA GLY G 262 24.05 -47.40 7.63
C GLY G 262 22.54 -47.27 7.62
N LYS G 263 21.82 -48.31 8.07
CA LYS G 263 20.34 -48.30 8.12
C LYS G 263 19.83 -47.47 9.30
N ILE G 264 18.59 -46.98 9.21
CA ILE G 264 17.94 -46.14 10.23
C ILE G 264 17.77 -46.87 11.57
N VAL G 265 18.21 -46.22 12.67
CA VAL G 265 18.13 -46.72 14.04
C VAL G 265 17.33 -45.70 14.86
N ILE G 266 16.24 -46.14 15.49
CA ILE G 266 15.38 -45.28 16.29
C ILE G 266 15.41 -45.66 17.77
N SER G 267 15.60 -44.65 18.63
CA SER G 267 15.68 -44.84 20.08
C SER G 267 14.91 -43.78 20.85
N GLN G 268 14.20 -44.21 21.91
CA GLN G 268 13.42 -43.33 22.78
C GLN G 268 14.36 -42.72 23.83
N LEU G 269 14.41 -41.38 23.89
CA LEU G 269 15.25 -40.65 24.82
C LEU G 269 14.41 -39.91 25.86
N ASN G 270 14.79 -40.04 27.14
CA ASN G 270 14.11 -39.38 28.24
C ASN G 270 14.47 -37.88 28.24
N PRO G 271 13.47 -36.96 28.33
CA PRO G 271 13.80 -35.53 28.29
C PRO G 271 14.40 -34.98 29.58
N TYR G 272 14.29 -35.73 30.70
CA TYR G 272 14.78 -35.30 32.01
C TYR G 272 16.14 -35.91 32.37
N THR G 273 16.25 -37.25 32.34
CA THR G 273 17.50 -37.95 32.69
C THR G 273 18.52 -37.97 31.55
N LEU G 274 18.05 -37.77 30.29
CA LEU G 274 18.85 -37.75 29.07
C LEU G 274 19.52 -39.11 28.80
N ARG G 275 18.72 -40.19 28.81
CA ARG G 275 19.19 -41.58 28.61
C ARG G 275 18.29 -42.35 27.63
N ILE G 276 18.88 -43.37 26.95
CA ILE G 276 18.19 -44.25 26.00
C ILE G 276 17.29 -45.23 26.77
N GLU G 277 15.99 -45.29 26.40
CA GLU G 277 14.99 -46.17 27.01
C GLU G 277 14.47 -47.21 26.00
N GLY G 278 15.39 -47.77 25.23
CA GLY G 278 15.11 -48.78 24.21
C GLY G 278 15.70 -48.43 22.85
N THR G 279 16.21 -49.45 22.14
CA THR G 279 16.84 -49.30 20.82
C THR G 279 16.15 -50.19 19.78
N TRP G 280 15.83 -49.62 18.60
CA TRP G 280 15.18 -50.33 17.50
C TRP G 280 15.92 -50.11 16.18
N ASP G 281 16.20 -51.22 15.45
CA ASP G 281 16.90 -51.20 14.17
C ASP G 281 15.94 -51.48 13.01
N THR G 282 16.04 -50.70 11.91
CA THR G 282 15.20 -50.84 10.72
C THR G 282 15.98 -51.36 9.51
N ALA G 283 15.27 -51.65 8.41
CA ALA G 283 15.85 -52.16 7.16
C ALA G 283 16.16 -51.07 6.12
N TYR G 284 15.54 -49.88 6.26
CA TYR G 284 15.74 -48.77 5.33
C TYR G 284 17.00 -47.97 5.63
N ASP G 285 17.73 -47.58 4.57
CA ASP G 285 18.97 -46.80 4.65
C ASP G 285 18.66 -45.31 4.78
N LYS G 286 19.37 -44.61 5.68
CA LYS G 286 19.19 -43.19 5.95
C LYS G 286 19.52 -42.26 4.78
N ARG G 287 20.55 -42.62 3.96
CA ARG G 287 20.94 -41.81 2.79
C ARG G 287 19.90 -41.92 1.67
N SER G 288 19.18 -43.05 1.60
CA SER G 288 18.12 -43.30 0.61
C SER G 288 16.87 -42.50 0.99
N ALA G 289 16.66 -42.27 2.31
CA ALA G 289 15.53 -41.54 2.87
C ALA G 289 15.72 -40.02 2.78
N SER G 290 14.62 -39.30 2.53
CA SER G 290 14.58 -37.85 2.44
C SER G 290 14.40 -37.23 3.83
N ASN G 291 13.50 -37.83 4.67
CA ASN G 291 13.22 -37.44 6.06
C ASN G 291 12.45 -38.53 6.82
N ALA G 292 12.27 -38.34 8.14
CA ALA G 292 11.55 -39.28 9.02
C ALA G 292 10.82 -38.56 10.15
N PHE G 293 9.62 -39.05 10.49
CA PHE G 293 8.77 -38.50 11.56
C PHE G 293 8.03 -39.60 12.32
N MET G 294 7.96 -39.44 13.66
CA MET G 294 7.34 -40.41 14.56
C MET G 294 5.92 -40.00 14.96
N ILE G 295 4.97 -40.97 14.90
CA ILE G 295 3.57 -40.83 15.30
C ILE G 295 3.16 -42.12 16.01
N CYS G 296 2.87 -42.03 17.33
CA CYS G 296 2.44 -43.11 18.22
C CYS G 296 3.44 -44.29 18.26
N GLY G 297 4.73 -43.95 18.25
CA GLY G 297 5.81 -44.93 18.26
C GLY G 297 5.99 -45.67 16.97
N ILE G 298 5.50 -45.09 15.85
CA ILE G 298 5.59 -45.67 14.51
C ILE G 298 6.38 -44.72 13.62
N LEU G 299 7.45 -45.25 12.97
CA LEU G 299 8.32 -44.49 12.08
C LEU G 299 7.73 -44.38 10.67
N TYR G 300 7.82 -43.18 10.08
CA TYR G 300 7.33 -42.90 8.74
C TYR G 300 8.47 -42.35 7.87
N VAL G 301 9.05 -43.23 7.04
CA VAL G 301 10.17 -42.90 6.16
C VAL G 301 9.67 -42.19 4.90
N VAL G 302 10.24 -41.02 4.62
CA VAL G 302 9.89 -40.21 3.45
C VAL G 302 10.91 -40.45 2.34
N LYS G 303 10.42 -40.65 1.10
CA LYS G 303 11.24 -40.84 -0.10
C LYS G 303 10.72 -39.83 -1.14
N SER G 304 11.60 -38.89 -1.55
CA SER G 304 11.23 -37.84 -2.51
C SER G 304 12.33 -37.51 -3.51
N VAL G 305 11.93 -36.99 -4.69
CA VAL G 305 12.84 -36.57 -5.75
C VAL G 305 13.44 -35.19 -5.38
N TYR G 306 14.71 -34.97 -5.75
CA TYR G 306 15.45 -33.74 -5.48
C TYR G 306 15.95 -33.06 -6.76
N GLU G 307 16.48 -31.82 -6.62
CA GLU G 307 17.06 -31.06 -7.72
C GLU G 307 18.36 -31.76 -8.12
N ASP G 308 18.56 -31.96 -9.43
CA ASP G 308 19.69 -32.67 -10.04
C ASP G 308 19.59 -34.18 -9.77
N ASP G 309 18.75 -34.86 -10.58
CA ASP G 309 18.48 -36.29 -10.57
C ASP G 309 18.58 -36.88 -11.96
N ASP G 310 19.69 -37.59 -12.23
CA ASP G 310 19.98 -38.23 -13.52
C ASP G 310 19.12 -39.46 -13.75
N ASN G 311 18.24 -39.39 -14.78
CA ASN G 311 17.30 -40.43 -15.22
C ASN G 311 16.41 -40.95 -14.06
N GLU G 312 15.96 -40.05 -13.16
CA GLU G 312 15.12 -40.41 -12.03
C GLU G 312 13.90 -39.51 -11.88
N ALA G 313 12.78 -40.10 -11.44
CA ALA G 313 11.50 -39.42 -11.20
C ALA G 313 10.77 -40.03 -9.99
N THR G 314 11.27 -41.19 -9.49
CA THR G 314 10.71 -41.91 -8.34
C THR G 314 10.86 -41.12 -7.03
N GLY G 315 9.82 -41.18 -6.20
CA GLY G 315 9.76 -40.50 -4.92
C GLY G 315 8.38 -39.99 -4.59
N ASN G 316 8.33 -38.90 -3.79
CA ASN G 316 7.13 -38.20 -3.30
C ASN G 316 6.19 -39.19 -2.58
N LYS G 317 6.75 -40.21 -1.90
CA LYS G 317 5.95 -41.26 -1.26
C LYS G 317 6.51 -41.70 0.10
N ILE G 318 5.66 -42.35 0.91
CA ILE G 318 5.99 -42.98 2.19
C ILE G 318 6.04 -44.46 1.83
N ASP G 319 7.24 -45.05 1.80
CA ASP G 319 7.43 -46.45 1.40
C ASP G 319 7.87 -47.39 2.53
N TYR G 320 8.16 -46.87 3.73
CA TYR G 320 8.60 -47.69 4.85
C TYR G 320 7.99 -47.27 6.19
N ILE G 321 7.49 -48.26 6.94
CA ILE G 321 6.90 -48.09 8.28
C ILE G 321 7.46 -49.11 9.27
N TYR G 322 7.72 -48.67 10.52
CA TYR G 322 8.27 -49.52 11.58
C TYR G 322 7.63 -49.18 12.93
N ASN G 323 7.02 -50.18 13.58
CA ASN G 323 6.36 -50.06 14.88
C ASN G 323 7.34 -50.43 15.99
N THR G 324 7.30 -49.71 17.12
CA THR G 324 8.17 -49.97 18.27
C THR G 324 7.56 -50.99 19.24
N ASP G 325 6.24 -50.91 19.45
CA ASP G 325 5.49 -51.81 20.34
C ASP G 325 5.41 -53.24 19.81
N GLN G 326 5.32 -53.39 18.47
CA GLN G 326 5.23 -54.69 17.79
C GLN G 326 6.58 -55.20 17.28
N SER G 327 7.54 -54.28 17.02
CA SER G 327 8.89 -54.53 16.49
C SER G 327 8.84 -55.23 15.11
N LYS G 328 7.86 -54.84 14.29
CA LYS G 328 7.62 -55.37 12.94
C LYS G 328 7.59 -54.25 11.89
N ASP G 329 8.13 -54.52 10.69
CA ASP G 329 8.17 -53.57 9.59
C ASP G 329 7.29 -53.97 8.41
N SER G 330 6.76 -52.98 7.67
CA SER G 330 5.91 -53.18 6.50
C SER G 330 6.21 -52.15 5.39
N LEU G 331 5.90 -52.51 4.13
CA LEU G 331 6.10 -51.64 2.97
C LEU G 331 4.77 -51.04 2.54
N VAL G 332 4.67 -49.70 2.61
CA VAL G 332 3.47 -48.93 2.25
C VAL G 332 3.68 -48.09 0.98
N ASP G 333 2.62 -47.37 0.54
CA ASP G 333 2.65 -46.49 -0.63
C ASP G 333 1.67 -45.32 -0.43
N VAL G 334 2.03 -44.42 0.49
CA VAL G 334 1.24 -43.24 0.84
C VAL G 334 1.82 -42.03 0.08
N PRO G 335 1.00 -41.29 -0.72
CA PRO G 335 1.56 -40.15 -1.46
C PRO G 335 1.88 -38.93 -0.58
N PHE G 336 3.16 -38.52 -0.61
CA PHE G 336 3.68 -37.36 0.13
C PHE G 336 3.75 -36.16 -0.82
N PRO G 337 3.38 -34.93 -0.38
CA PRO G 337 3.44 -33.77 -1.29
C PRO G 337 4.85 -33.26 -1.52
N ASN G 338 5.19 -33.03 -2.80
CA ASN G 338 6.50 -32.55 -3.23
C ASN G 338 6.34 -31.49 -4.33
N SER G 339 5.84 -30.30 -3.92
CA SER G 339 5.64 -29.14 -4.79
C SER G 339 7.01 -28.56 -5.18
N TYR G 340 7.97 -28.62 -4.23
CA TYR G 340 9.36 -28.18 -4.37
C TYR G 340 10.23 -29.42 -4.15
N GLN G 341 11.41 -29.48 -4.82
CA GLN G 341 12.29 -30.64 -4.78
C GLN G 341 13.15 -30.81 -3.52
N TYR G 342 13.82 -29.72 -3.07
CA TYR G 342 14.75 -29.76 -1.94
C TYR G 342 14.08 -29.81 -0.55
N ILE G 343 13.62 -31.00 -0.12
CA ILE G 343 13.02 -31.22 1.21
C ILE G 343 14.15 -31.21 2.24
N ALA G 344 14.06 -30.33 3.26
CA ALA G 344 15.07 -30.20 4.30
C ALA G 344 14.72 -30.93 5.60
N ALA G 345 13.59 -30.57 6.24
CA ALA G 345 13.17 -31.18 7.51
C ALA G 345 11.67 -31.39 7.60
N VAL G 346 11.25 -32.53 8.18
CA VAL G 346 9.84 -32.91 8.40
C VAL G 346 9.69 -33.35 9.87
N ASP G 347 8.83 -32.64 10.63
CA ASP G 347 8.58 -32.92 12.05
C ASP G 347 7.08 -32.96 12.37
N TYR G 348 6.70 -33.87 13.28
CA TYR G 348 5.32 -34.06 13.71
C TYR G 348 5.02 -33.43 15.07
N ASN G 349 3.80 -32.88 15.23
CA ASN G 349 3.30 -32.25 16.46
C ASN G 349 2.01 -32.99 16.91
N PRO G 350 2.01 -33.63 18.10
CA PRO G 350 0.80 -34.37 18.53
C PRO G 350 -0.41 -33.53 18.92
N ARG G 351 -0.20 -32.25 19.30
CA ARG G 351 -1.27 -31.34 19.71
C ARG G 351 -2.17 -30.95 18.53
N ASP G 352 -1.57 -30.47 17.43
CA ASP G 352 -2.30 -30.03 16.22
C ASP G 352 -2.47 -31.13 15.17
N ASN G 353 -1.68 -32.23 15.27
CA ASN G 353 -1.67 -33.38 14.36
C ASN G 353 -1.35 -32.98 12.91
N LEU G 354 -0.41 -32.03 12.74
CA LEU G 354 0.04 -31.51 11.45
C LEU G 354 1.56 -31.63 11.30
N LEU G 355 2.05 -31.69 10.05
CA LEU G 355 3.49 -31.77 9.76
C LEU G 355 4.11 -30.40 9.49
N TYR G 356 5.29 -30.16 10.07
CA TYR G 356 6.06 -28.92 9.92
C TYR G 356 7.21 -29.21 8.95
N VAL G 357 7.06 -28.78 7.69
CA VAL G 357 8.00 -29.08 6.60
C VAL G 357 8.70 -27.85 6.03
N TRP G 358 10.03 -27.98 5.76
CA TRP G 358 10.88 -26.99 5.11
C TRP G 358 11.23 -27.59 3.75
N ASN G 359 10.74 -26.95 2.67
CA ASN G 359 10.95 -27.46 1.31
C ASN G 359 11.38 -26.38 0.31
N ASN G 360 12.68 -26.38 -0.05
CA ASN G 360 13.35 -25.48 -1.00
C ASN G 360 12.96 -24.00 -0.79
N TYR G 361 13.57 -23.35 0.22
CA TYR G 361 13.36 -21.96 0.64
C TYR G 361 12.00 -21.73 1.33
N HIS G 362 10.91 -22.28 0.75
CA HIS G 362 9.52 -22.15 1.23
C HIS G 362 9.29 -22.81 2.59
N VAL G 363 8.36 -22.24 3.38
CA VAL G 363 7.96 -22.72 4.70
C VAL G 363 6.50 -23.17 4.57
N VAL G 364 6.26 -24.49 4.68
CA VAL G 364 4.92 -25.08 4.52
C VAL G 364 4.50 -25.96 5.71
N LYS G 365 3.18 -26.16 5.82
CA LYS G 365 2.54 -27.00 6.84
C LYS G 365 1.69 -28.05 6.11
N TYR G 366 1.75 -29.32 6.56
CA TYR G 366 1.00 -30.41 5.93
C TYR G 366 -0.09 -31.01 6.79
N SER G 367 -1.29 -31.21 6.20
CA SER G 367 -2.46 -31.82 6.83
C SER G 367 -2.32 -33.34 6.80
N LEU G 368 -2.85 -34.01 7.84
CA LEU G 368 -2.77 -35.47 7.94
C LEU G 368 -4.11 -36.18 8.01
N ASP G 369 -4.16 -37.41 7.47
CA ASP G 369 -5.33 -38.27 7.45
C ASP G 369 -4.96 -39.61 8.08
N PHE G 370 -5.90 -40.24 8.82
CA PHE G 370 -5.65 -41.51 9.51
C PHE G 370 -6.70 -42.59 9.20
N GLY G 371 -6.46 -43.81 9.68
CA GLY G 371 -7.38 -44.92 9.49
C GLY G 371 -8.37 -45.03 10.63
N PRO G 372 -9.46 -45.81 10.50
CA PRO G 372 -10.39 -45.94 11.63
C PRO G 372 -9.95 -46.96 12.69
N LEU G 373 -8.81 -47.68 12.48
CA LEU G 373 -8.24 -48.68 13.37
C LEU G 373 -6.72 -48.73 13.29
N ASP G 374 -6.04 -48.66 14.45
CA ASP G 374 -4.58 -48.73 14.53
C ASP G 374 -4.14 -50.15 14.88
N GLY G 375 -4.69 -50.71 15.95
CA GLY G 375 -4.40 -52.05 16.43
C GLY G 375 -3.98 -52.08 17.90
N LEU H 113 -18.19 7.26 44.84
CA LEU H 113 -16.95 6.48 44.96
C LEU H 113 -16.13 6.47 43.67
N CYS H 114 -16.80 6.33 42.51
CA CYS H 114 -16.20 6.26 41.18
C CYS H 114 -15.43 7.55 40.78
N PRO H 115 -14.08 7.50 40.57
CA PRO H 115 -13.37 8.72 40.17
C PRO H 115 -13.54 9.11 38.70
N GLY H 116 -13.79 8.11 37.85
CA GLY H 116 -14.00 8.29 36.42
C GLY H 116 -13.19 7.33 35.55
N LEU H 117 -13.07 7.69 34.25
CA LEU H 117 -12.34 6.93 33.25
C LEU H 117 -10.86 7.33 33.25
N LEU H 118 -9.96 6.35 33.10
CA LEU H 118 -8.52 6.56 33.09
C LEU H 118 -8.04 7.29 31.83
N LYS H 119 -7.22 8.33 32.02
CA LYS H 119 -6.67 9.16 30.94
C LYS H 119 -5.18 8.90 30.69
N GLY H 120 -4.39 8.87 31.76
CA GLY H 120 -2.95 8.65 31.67
C GLY H 120 -2.31 8.17 32.95
N VAL H 121 -1.31 7.27 32.81
CA VAL H 121 -0.54 6.70 33.91
C VAL H 121 0.82 7.40 33.93
N TYR H 122 1.27 7.86 35.13
CA TYR H 122 2.53 8.59 35.31
C TYR H 122 3.34 8.07 36.51
N GLN H 123 4.67 8.30 36.49
CA GLN H 123 5.59 7.90 37.57
C GLN H 123 5.39 8.79 38.81
N SER H 124 5.43 8.17 40.00
CA SER H 124 5.20 8.90 41.25
C SER H 124 6.23 8.61 42.34
N GLU H 125 6.33 7.34 42.79
CA GLU H 125 7.23 6.93 43.86
C GLU H 125 8.17 5.79 43.50
N HIS H 126 9.38 5.82 44.08
CA HIS H 126 10.41 4.81 43.93
C HIS H 126 10.91 4.48 45.34
N LEU H 127 10.57 3.28 45.84
CA LEU H 127 10.92 2.86 47.20
C LEU H 127 12.32 2.26 47.31
N PHE H 128 12.52 1.01 46.83
CA PHE H 128 13.81 0.32 46.90
C PHE H 128 14.01 -0.69 45.76
N GLU H 129 15.24 -1.25 45.65
CA GLU H 129 15.61 -2.24 44.66
C GLU H 129 15.71 -3.61 45.35
N SER H 130 14.69 -4.46 45.17
CA SER H 130 14.62 -5.80 45.75
C SER H 130 15.55 -6.76 45.01
N ASP H 131 15.96 -7.84 45.69
CA ASP H 131 16.84 -8.86 45.13
C ASP H 131 16.15 -9.79 44.12
N HIS H 132 14.81 -9.83 44.13
CA HIS H 132 14.01 -10.65 43.22
C HIS H 132 13.60 -9.91 41.96
N GLN H 133 13.70 -10.58 40.80
CA GLN H 133 13.34 -10.04 39.49
C GLN H 133 11.82 -10.00 39.28
N SER H 134 11.06 -10.86 40.01
CA SER H 134 9.60 -10.95 39.92
C SER H 134 8.93 -10.89 41.30
N GLY H 135 7.67 -10.47 41.33
CA GLY H 135 6.87 -10.35 42.53
C GLY H 135 5.76 -9.33 42.44
N ALA H 136 5.16 -8.99 43.60
CA ALA H 136 4.08 -8.00 43.74
C ALA H 136 3.98 -7.45 45.17
N TRP H 137 3.34 -6.27 45.32
CA TRP H 137 3.13 -5.60 46.61
C TRP H 137 1.77 -4.87 46.58
N CYS H 138 1.00 -4.96 47.70
CA CYS H 138 -0.32 -4.33 47.78
C CYS H 138 -0.72 -3.95 49.21
N LYS H 139 -1.59 -2.93 49.32
CA LYS H 139 -2.14 -2.43 50.58
C LYS H 139 -3.63 -2.76 50.64
N ASP H 140 -4.15 -3.05 51.86
CA ASP H 140 -5.56 -3.38 52.06
C ASP H 140 -6.42 -2.12 51.95
N PRO H 141 -7.33 -2.03 50.94
CA PRO H 141 -8.11 -0.81 50.77
C PRO H 141 -9.28 -0.64 51.74
N LEU H 142 -9.86 -1.74 52.22
CA LEU H 142 -11.01 -1.73 53.12
C LEU H 142 -10.64 -1.24 54.53
N GLN H 143 -9.49 -1.69 55.06
CA GLN H 143 -9.02 -1.30 56.38
C GLN H 143 -8.16 -0.03 56.28
N ALA H 144 -8.52 1.00 57.07
CA ALA H 144 -7.81 2.28 57.10
C ALA H 144 -6.52 2.18 57.94
N SER H 145 -5.49 1.54 57.35
CA SER H 145 -4.19 1.31 57.98
C SER H 145 -3.07 1.45 56.96
N ASP H 146 -1.87 1.83 57.43
CA ASP H 146 -0.67 2.01 56.60
C ASP H 146 0.14 0.71 56.44
N LYS H 147 -0.53 -0.46 56.53
CA LYS H 147 0.09 -1.78 56.39
C LYS H 147 0.37 -2.15 54.93
N ILE H 148 1.63 -2.51 54.65
CA ILE H 148 2.09 -2.90 53.30
C ILE H 148 2.41 -4.40 53.26
N TYR H 149 1.73 -5.12 52.36
CA TYR H 149 1.91 -6.56 52.19
C TYR H 149 2.85 -6.85 51.03
N TYR H 150 4.02 -7.44 51.34
CA TYR H 150 5.10 -7.76 50.39
C TYR H 150 5.06 -9.22 49.94
N MET H 151 5.34 -9.45 48.64
CA MET H 151 5.35 -10.79 48.04
C MET H 151 6.52 -11.04 47.07
N PRO H 152 7.59 -11.74 47.50
CA PRO H 152 8.68 -12.04 46.56
C PRO H 152 8.37 -13.30 45.74
N TRP H 153 8.55 -13.25 44.41
CA TRP H 153 8.26 -14.41 43.58
C TRP H 153 9.49 -15.25 43.27
N THR H 154 9.40 -16.56 43.58
CA THR H 154 10.42 -17.58 43.34
C THR H 154 9.74 -18.79 42.70
N PRO H 155 10.26 -19.33 41.57
CA PRO H 155 9.61 -20.48 40.94
C PRO H 155 9.62 -21.74 41.80
N TYR H 156 8.42 -22.32 42.02
CA TYR H 156 8.15 -23.55 42.78
C TYR H 156 8.60 -23.47 44.26
N ARG H 157 8.66 -22.24 44.83
CA ARG H 157 9.09 -22.02 46.22
C ARG H 157 8.32 -20.92 46.97
N THR H 158 7.36 -20.26 46.32
CA THR H 158 6.55 -19.19 46.91
C THR H 158 5.50 -19.74 47.89
N ASP H 159 5.57 -19.37 49.20
CA ASP H 159 4.63 -19.80 50.24
C ASP H 159 4.63 -18.92 51.51
N THR H 160 5.15 -17.68 51.43
CA THR H 160 5.21 -16.76 52.58
C THR H 160 4.86 -15.33 52.24
N LEU H 161 4.02 -14.71 53.08
CA LEU H 161 3.60 -13.31 52.97
C LEU H 161 4.22 -12.49 54.10
N THR H 162 4.84 -11.35 53.75
CA THR H 162 5.51 -10.46 54.70
C THR H 162 4.72 -9.19 54.92
N GLU H 163 4.50 -8.83 56.18
CA GLU H 163 3.77 -7.63 56.59
C GLU H 163 4.72 -6.54 57.06
N TYR H 164 4.38 -5.28 56.77
CA TYR H 164 5.14 -4.09 57.15
C TYR H 164 4.23 -3.06 57.81
N SER H 165 4.70 -2.45 58.91
CA SER H 165 3.95 -1.47 59.70
C SER H 165 3.64 -0.15 58.97
N SER H 166 4.67 0.49 58.38
CA SER H 166 4.52 1.76 57.65
C SER H 166 5.38 1.80 56.38
N LYS H 167 5.29 2.93 55.63
CA LYS H 167 6.03 3.16 54.39
C LYS H 167 7.54 3.25 54.64
N ASP H 168 7.94 3.84 55.80
CA ASP H 168 9.34 4.00 56.21
C ASP H 168 10.01 2.65 56.52
N ASP H 169 9.25 1.73 57.13
CA ASP H 169 9.73 0.38 57.49
C ASP H 169 9.87 -0.53 56.27
N PHE H 170 9.15 -0.21 55.17
CA PHE H 170 9.17 -0.98 53.93
C PHE H 170 10.43 -0.70 53.12
N ILE H 171 10.91 0.57 53.14
CA ILE H 171 12.12 0.99 52.42
C ILE H 171 13.38 0.50 53.14
N ALA H 172 13.52 0.83 54.45
CA ALA H 172 14.66 0.46 55.30
C ALA H 172 14.87 -1.05 55.44
N GLY H 173 13.78 -1.80 55.48
CA GLY H 173 13.78 -3.25 55.60
C GLY H 173 13.48 -3.77 56.99
N ARG H 174 12.39 -3.27 57.61
CA ARG H 174 11.95 -3.69 58.94
C ARG H 174 10.59 -4.40 58.89
N PRO H 175 10.57 -5.74 58.76
CA PRO H 175 9.28 -6.45 58.67
C PRO H 175 8.60 -6.63 60.02
N THR H 176 7.27 -6.49 60.01
CA THR H 176 6.42 -6.62 61.20
C THR H 176 6.27 -8.10 61.56
N THR H 177 5.65 -8.89 60.65
CA THR H 177 5.41 -10.32 60.83
C THR H 177 5.31 -11.05 59.48
N THR H 178 5.59 -12.36 59.48
CA THR H 178 5.49 -13.19 58.29
C THR H 178 4.50 -14.32 58.49
N TYR H 179 3.52 -14.42 57.57
CA TYR H 179 2.48 -15.44 57.60
C TYR H 179 2.90 -16.68 56.81
N LYS H 180 2.81 -17.86 57.43
CA LYS H 180 3.18 -19.13 56.81
C LYS H 180 1.94 -19.70 56.10
N LEU H 181 1.95 -19.68 54.77
CA LEU H 181 0.85 -20.16 53.94
C LEU H 181 0.78 -21.69 53.86
N PRO H 182 -0.43 -22.30 53.93
CA PRO H 182 -0.51 -23.77 53.89
C PRO H 182 -0.21 -24.39 52.52
N HIS H 183 -0.43 -23.64 51.43
CA HIS H 183 -0.19 -24.12 50.07
C HIS H 183 0.72 -23.18 49.28
N ARG H 184 1.42 -23.71 48.26
CA ARG H 184 2.34 -22.97 47.40
C ARG H 184 1.58 -22.03 46.46
N VAL H 185 2.11 -20.83 46.24
CA VAL H 185 1.49 -19.81 45.41
C VAL H 185 2.02 -19.83 43.98
N ASP H 186 1.10 -19.65 43.02
CA ASP H 186 1.38 -19.62 41.58
C ASP H 186 1.10 -18.24 40.99
N GLY H 187 2.08 -17.71 40.27
CA GLY H 187 1.98 -16.40 39.62
C GLY H 187 2.20 -15.21 40.53
N THR H 188 1.94 -14.01 40.00
CA THR H 188 2.11 -12.75 40.72
C THR H 188 0.76 -12.04 40.98
N GLY H 189 -0.31 -12.82 41.02
CA GLY H 189 -1.67 -12.32 41.25
C GLY H 189 -2.06 -12.34 42.72
N PHE H 190 -1.38 -11.52 43.54
CA PHE H 190 -1.63 -11.43 44.98
C PHE H 190 -2.50 -10.21 45.29
N VAL H 191 -3.51 -10.39 46.16
CA VAL H 191 -4.42 -9.31 46.57
C VAL H 191 -4.91 -9.51 48.02
N VAL H 192 -5.18 -8.40 48.73
CA VAL H 192 -5.67 -8.38 50.12
C VAL H 192 -7.06 -7.71 50.16
N TYR H 193 -8.05 -8.39 50.78
CA TYR H 193 -9.42 -7.90 50.88
C TYR H 193 -9.99 -8.08 52.29
N ASP H 194 -10.13 -6.97 53.04
CA ASP H 194 -10.68 -6.88 54.41
C ASP H 194 -10.03 -7.87 55.40
N GLY H 195 -8.72 -7.70 55.60
CA GLY H 195 -7.92 -8.51 56.53
C GLY H 195 -7.79 -9.98 56.16
N ALA H 196 -7.90 -10.31 54.86
CA ALA H 196 -7.78 -11.68 54.34
C ALA H 196 -7.04 -11.71 53.01
N LEU H 197 -6.03 -12.58 52.89
CA LEU H 197 -5.22 -12.72 51.69
C LEU H 197 -5.86 -13.69 50.70
N PHE H 198 -6.01 -13.26 49.45
CA PHE H 198 -6.56 -14.04 48.36
C PHE H 198 -5.45 -14.38 47.38
N PHE H 199 -5.17 -15.70 47.22
CA PHE H 199 -4.09 -16.19 46.36
C PHE H 199 -4.47 -17.40 45.51
N ASN H 200 -3.67 -17.68 44.46
CA ASN H 200 -3.84 -18.79 43.54
C ASN H 200 -2.93 -19.96 43.93
N LYS H 201 -3.54 -21.14 44.14
CA LYS H 201 -2.85 -22.37 44.52
C LYS H 201 -2.05 -22.95 43.35
N GLU H 202 -0.83 -23.47 43.65
CA GLU H 202 0.08 -24.07 42.67
C GLU H 202 -0.48 -25.36 42.08
N ARG H 203 -0.38 -25.51 40.73
CA ARG H 203 -0.83 -26.65 39.92
C ARG H 203 -2.35 -26.90 40.02
N THR H 204 -3.13 -25.83 40.30
CA THR H 204 -4.59 -25.85 40.45
C THR H 204 -5.23 -24.53 40.06
N ARG H 205 -6.52 -24.58 39.64
CA ARG H 205 -7.32 -23.41 39.25
C ARG H 205 -8.08 -22.82 40.46
N ASN H 206 -7.63 -23.19 41.68
CA ASN H 206 -8.21 -22.73 42.95
C ASN H 206 -7.38 -21.62 43.57
N ILE H 207 -9.83 -19.54 44.05
CA ILE H 207 -9.03 -18.67 44.90
C ILE H 207 -9.05 -19.17 46.35
N VAL H 208 -7.88 -19.22 47.00
CA VAL H 208 -7.72 -19.67 48.38
C VAL H 208 -7.82 -18.45 49.31
N LYS H 209 -8.73 -18.52 50.30
CA LYS H 209 -8.94 -17.45 51.29
C LYS H 209 -8.21 -17.79 52.59
N PHE H 210 -7.35 -16.88 53.04
CA PHE H 210 -6.56 -17.03 54.27
C PHE H 210 -6.68 -15.78 55.14
N ASP H 211 -7.36 -15.90 56.29
CA ASP H 211 -7.56 -14.80 57.23
C ASP H 211 -6.27 -14.55 58.02
N LEU H 212 -5.77 -13.30 57.98
CA LEU H 212 -4.53 -12.89 58.63
C LEU H 212 -4.65 -12.80 60.16
N ARG H 213 -5.85 -12.45 60.65
CA ARG H 213 -6.15 -12.30 62.09
C ARG H 213 -6.09 -13.65 62.82
N THR H 214 -6.70 -14.71 62.24
CA THR H 214 -6.77 -16.05 62.82
C THR H 214 -5.62 -16.97 62.38
N ARG H 215 -4.93 -16.62 61.27
CA ARG H 215 -3.80 -17.34 60.66
C ARG H 215 -4.17 -18.78 60.20
N ILE H 216 -5.43 -18.96 59.76
CA ILE H 216 -5.97 -20.25 59.27
C ILE H 216 -6.78 -20.06 57.99
N LYS H 217 -6.85 -21.12 57.16
CA LYS H 217 -7.60 -21.16 55.90
C LYS H 217 -9.11 -21.12 56.18
N SER H 218 -9.86 -20.32 55.41
CA SER H 218 -11.31 -20.17 55.57
C SER H 218 -12.15 -20.66 54.38
N GLY H 219 -11.50 -20.94 53.25
CA GLY H 219 -12.18 -21.42 52.05
C GLY H 219 -11.29 -21.58 50.84
N GLU H 220 -11.81 -22.29 49.82
CA GLU H 220 -11.14 -22.56 48.55
C GLU H 220 -12.18 -22.65 47.43
N ALA H 221 -12.09 -21.74 46.44
CA ALA H 221 -13.01 -21.66 45.31
C ALA H 221 -12.39 -22.17 44.01
N ILE H 222 -13.17 -22.92 43.22
CA ILE H 222 -12.73 -23.48 41.94
C ILE H 222 -13.24 -22.59 40.79
N ILE H 223 -12.32 -21.90 40.10
CA ILE H 223 -12.65 -21.03 38.97
C ILE H 223 -12.89 -21.92 37.75
N ALA H 224 -14.15 -21.96 37.27
CA ALA H 224 -14.64 -22.78 36.17
C ALA H 224 -13.91 -22.58 34.82
N ASN H 225 -13.39 -23.70 34.26
CA ASN H 225 -12.68 -23.83 32.98
C ASN H 225 -11.39 -22.99 32.84
N ALA H 226 -10.90 -22.39 33.96
CA ALA H 226 -9.71 -21.55 33.97
C ALA H 226 -8.42 -22.31 33.72
N ASN H 227 -7.56 -21.78 32.84
CA ASN H 227 -6.25 -22.36 32.51
C ASN H 227 -5.29 -22.04 33.65
N TYR H 228 -4.47 -23.02 34.06
CA TYR H 228 -3.53 -22.86 35.18
C TYR H 228 -2.15 -23.48 34.94
N HIS H 229 -1.13 -23.02 35.70
CA HIS H 229 0.27 -23.46 35.69
C HIS H 229 0.93 -23.37 34.31
N ASP H 230 1.31 -22.13 33.91
CA ASP H 230 1.97 -21.74 32.65
C ASP H 230 1.20 -22.10 31.36
N THR H 231 -0.11 -22.44 31.48
CA THR H 231 -0.95 -22.77 30.33
C THR H 231 -1.33 -21.50 29.56
N SER H 232 -1.86 -20.50 30.28
CA SER H 232 -2.23 -19.20 29.71
C SER H 232 -1.82 -18.03 30.62
N PRO H 233 -0.50 -17.76 30.81
CA PRO H 233 -0.10 -16.63 31.67
C PRO H 233 0.09 -15.35 30.86
N TYR H 234 0.84 -14.37 31.40
CA TYR H 234 1.13 -13.11 30.72
C TYR H 234 2.32 -13.26 29.75
N ARG H 235 2.82 -12.13 29.19
CA ARG H 235 3.94 -12.10 28.24
C ARG H 235 5.24 -12.71 28.81
N TRP H 236 5.59 -12.38 30.07
CA TRP H 236 6.79 -12.90 30.72
C TRP H 236 6.57 -14.32 31.27
N GLY H 237 5.32 -14.64 31.56
CA GLY H 237 4.92 -15.94 32.10
C GLY H 237 5.00 -16.00 33.60
N GLY H 238 5.71 -17.01 34.11
CA GLY H 238 5.90 -17.25 35.53
C GLY H 238 4.66 -17.72 36.26
N LYS H 239 3.86 -18.60 35.60
CA LYS H 239 2.61 -19.20 36.10
C LYS H 239 1.55 -18.15 36.50
N SER H 240 1.58 -16.97 35.86
CA SER H 240 0.66 -15.86 36.10
C SER H 240 -0.64 -16.02 35.29
N ASP H 241 -1.21 -17.23 35.31
CA ASP H 241 -2.44 -17.61 34.62
C ASP H 241 -3.67 -16.96 35.26
N ILE H 242 -3.64 -16.75 36.58
CA ILE H 242 -4.74 -16.15 37.34
C ILE H 242 -4.22 -14.94 38.13
N ASP H 243 -4.81 -13.77 37.88
CA ASP H 243 -4.48 -12.50 38.54
C ASP H 243 -5.72 -11.93 39.23
N LEU H 244 -5.55 -11.45 40.47
CA LEU H 244 -6.64 -10.88 41.28
C LEU H 244 -6.58 -9.37 41.35
N ALA H 245 -7.74 -8.71 41.13
CA ALA H 245 -7.86 -7.25 41.15
C ALA H 245 -9.00 -6.76 42.03
N VAL H 246 -8.79 -5.61 42.69
CA VAL H 246 -9.77 -4.98 43.59
C VAL H 246 -10.06 -3.56 43.10
N ASP H 247 -11.35 -3.19 43.00
CA ASP H 247 -11.81 -1.87 42.57
C ASP H 247 -12.98 -1.35 43.41
N GLU H 248 -13.76 -0.39 42.88
CA GLU H 248 -14.93 0.22 43.53
C GLU H 248 -16.11 -0.76 43.60
N ASN H 249 -16.18 -1.70 42.62
CA ASN H 249 -17.23 -2.72 42.54
C ASN H 249 -17.02 -3.84 43.56
N GLY H 250 -15.77 -4.25 43.76
CA GLY H 250 -15.40 -5.29 44.71
C GLY H 250 -14.19 -6.10 44.29
N LEU H 251 -14.28 -7.44 44.42
CA LEU H 251 -13.21 -8.38 44.08
C LEU H 251 -13.44 -8.96 42.68
N TRP H 252 -12.36 -9.05 41.89
CA TRP H 252 -12.39 -9.55 40.51
C TRP H 252 -11.29 -10.57 40.22
N VAL H 253 -11.57 -11.52 39.31
CA VAL H 253 -10.63 -12.57 38.91
C VAL H 253 -10.34 -12.46 37.39
N ILE H 254 -9.06 -12.16 37.05
CA ILE H 254 -8.59 -12.05 35.67
C ILE H 254 -7.91 -13.37 35.31
N TYR H 255 -8.50 -14.11 34.37
CA TYR H 255 -8.02 -15.42 33.93
C TYR H 255 -8.23 -15.66 32.41
N ALA H 256 -8.07 -16.91 31.95
CA ALA H 256 -8.25 -17.30 30.55
C ALA H 256 -8.79 -18.73 30.41
N THR H 257 -9.76 -18.93 29.51
CA THR H 257 -10.38 -20.24 29.23
C THR H 257 -10.10 -20.68 27.79
N GLU H 258 -10.10 -22.00 27.54
CA GLU H 258 -9.89 -22.56 26.20
C GLU H 258 -11.13 -22.39 25.31
N GLN H 259 -12.31 -22.18 25.93
CA GLN H 259 -13.59 -21.94 25.25
C GLN H 259 -13.57 -20.59 24.55
N ASN H 260 -12.83 -19.62 25.12
CA ASN H 260 -12.62 -18.28 24.58
C ASN H 260 -11.33 -18.23 23.73
N ASN H 261 -10.72 -19.41 23.48
CA ASN H 261 -9.50 -19.64 22.69
C ASN H 261 -8.28 -18.86 23.23
N GLY H 262 -8.04 -18.97 24.52
CA GLY H 262 -6.92 -18.34 25.20
C GLY H 262 -7.07 -16.85 25.51
N LYS H 263 -8.21 -16.24 25.14
CA LYS H 263 -8.47 -14.83 25.38
C LYS H 263 -8.82 -14.57 26.84
N ILE H 264 -8.63 -13.31 27.31
CA ILE H 264 -8.87 -12.88 28.70
C ILE H 264 -10.36 -13.01 29.09
N VAL H 265 -10.62 -13.66 30.23
CA VAL H 265 -11.96 -13.87 30.80
C VAL H 265 -11.96 -13.27 32.21
N ILE H 266 -12.88 -12.33 32.46
CA ILE H 266 -13.01 -11.63 33.74
C ILE H 266 -14.31 -11.99 34.45
N SER H 267 -14.21 -12.34 35.74
CA SER H 267 -15.36 -12.73 36.56
C SER H 267 -15.30 -12.12 37.95
N GLN H 268 -16.47 -11.66 38.45
CA GLN H 268 -16.61 -11.08 39.78
C GLN H 268 -16.78 -12.20 40.80
N LEU H 269 -15.90 -12.25 41.81
CA LEU H 269 -15.93 -13.27 42.85
C LEU H 269 -16.31 -12.66 44.20
N ASN H 270 -17.23 -13.32 44.92
CA ASN H 270 -17.68 -12.90 46.24
C ASN H 270 -16.60 -13.22 47.28
N PRO H 271 -16.20 -12.26 48.14
CA PRO H 271 -15.14 -12.55 49.12
C PRO H 271 -15.59 -13.39 50.33
N TYR H 272 -16.91 -13.53 50.53
CA TYR H 272 -17.46 -14.28 51.66
C TYR H 272 -17.93 -15.69 51.29
N THR H 273 -18.83 -15.80 50.28
CA THR H 273 -19.38 -17.09 49.82
C THR H 273 -18.42 -17.84 48.88
N LEU H 274 -17.45 -17.13 48.28
CA LEU H 274 -16.42 -17.67 47.35
C LEU H 274 -17.05 -18.27 46.07
N ARG H 275 -17.92 -17.50 45.40
CA ARG H 275 -18.62 -17.93 44.19
C ARG H 275 -18.61 -16.86 43.09
N ILE H 276 -18.73 -17.30 41.82
CA ILE H 276 -18.75 -16.43 40.63
C ILE H 276 -20.11 -15.72 40.54
N GLU H 277 -20.10 -14.38 40.43
CA GLU H 277 -21.29 -13.54 40.34
C GLU H 277 -21.38 -12.83 38.97
N GLY H 278 -21.07 -13.58 37.91
CA GLY H 278 -21.08 -13.10 36.53
C GLY H 278 -19.79 -13.39 35.79
N THR H 279 -19.90 -13.74 34.51
CA THR H 279 -18.75 -14.08 33.65
C THR H 279 -18.74 -13.19 32.38
N TRP H 280 -17.55 -12.63 32.06
CA TRP H 280 -17.36 -11.77 30.89
C TRP H 280 -16.15 -12.21 30.07
N ASP H 281 -16.34 -12.34 28.74
CA ASP H 281 -15.31 -12.76 27.78
C ASP H 281 -14.83 -11.58 26.94
N THR H 282 -13.50 -11.45 26.75
CA THR H 282 -12.89 -10.37 25.97
C THR H 282 -12.27 -10.89 24.67
N ALA H 283 -11.79 -9.96 23.80
CA ALA H 283 -11.16 -10.26 22.52
C ALA H 283 -9.63 -10.35 22.58
N TYR H 284 -9.01 -9.75 23.62
CA TYR H 284 -7.56 -9.74 23.77
C TYR H 284 -7.02 -11.03 24.39
N ASP H 285 -5.87 -11.52 23.87
CA ASP H 285 -5.20 -12.74 24.32
C ASP H 285 -4.32 -12.44 25.53
N LYS H 286 -4.35 -13.31 26.56
CA LYS H 286 -3.59 -13.16 27.81
C LYS H 286 -2.06 -13.22 27.63
N ARG H 287 -1.58 -14.07 26.70
CA ARG H 287 -0.15 -14.22 26.41
C ARG H 287 0.42 -12.98 25.72
N SER H 288 -0.43 -12.28 24.94
CA SER H 288 -0.07 -11.04 24.24
C SER H 288 0.00 -9.88 25.24
N ALA H 289 -0.81 -9.96 26.31
CA ALA H 289 -0.91 -8.98 27.39
C ALA H 289 0.22 -9.10 28.39
N SER H 290 0.60 -7.96 29.00
CA SER H 290 1.65 -7.89 30.01
C SER H 290 1.08 -7.93 31.42
N ASN H 291 0.02 -7.12 31.68
CA ASN H 291 -0.68 -7.03 32.97
C ASN H 291 -2.06 -6.41 32.83
N ALA H 292 -2.98 -6.77 33.75
CA ALA H 292 -4.35 -6.28 33.76
C ALA H 292 -4.79 -5.79 35.15
N PHE H 293 -5.56 -4.69 35.19
CA PHE H 293 -6.08 -4.08 36.41
C PHE H 293 -7.50 -3.55 36.23
N MET H 294 -8.36 -3.75 37.24
CA MET H 294 -9.77 -3.34 37.24
C MET H 294 -10.00 -2.03 37.98
N ILE H 295 -10.77 -1.11 37.36
CA ILE H 295 -11.18 0.19 37.92
C ILE H 295 -12.64 0.41 37.52
N CYS H 296 -13.56 0.41 38.52
CA CYS H 296 -15.01 0.63 38.38
C CYS H 296 -15.68 -0.37 37.41
N GLY H 297 -15.24 -1.62 37.47
CA GLY H 297 -15.74 -2.70 36.62
C GLY H 297 -15.28 -2.61 35.17
N ILE H 298 -14.17 -1.88 34.93
CA ILE H 298 -13.60 -1.69 33.60
C ILE H 298 -12.18 -2.28 33.58
N LEU H 299 -11.91 -3.17 32.62
CA LEU H 299 -10.62 -3.83 32.45
C LEU H 299 -9.63 -2.96 31.67
N TYR H 300 -8.38 -2.91 32.15
CA TYR H 300 -7.32 -2.14 31.51
C TYR H 300 -6.14 -3.06 31.17
N VAL H 301 -6.02 -3.44 29.89
CA VAL H 301 -4.99 -4.34 29.37
C VAL H 301 -3.74 -3.55 28.98
N VAL H 302 -2.59 -3.92 29.57
CA VAL H 302 -1.30 -3.28 29.32
C VAL H 302 -0.46 -4.15 28.37
N LYS H 303 0.10 -3.53 27.33
CA LYS H 303 0.97 -4.17 26.34
C LYS H 303 2.36 -3.55 26.48
N SER H 304 3.39 -4.36 26.81
CA SER H 304 4.74 -3.84 27.02
C SER H 304 5.87 -4.69 26.44
N VAL H 305 7.05 -4.07 26.28
CA VAL H 305 8.28 -4.69 25.78
C VAL H 305 9.11 -5.14 26.99
N TYR H 306 9.56 -6.41 26.97
CA TYR H 306 10.34 -7.04 28.05
C TYR H 306 11.84 -7.16 27.78
N GLU H 307 12.59 -7.64 28.80
CA GLU H 307 14.05 -7.87 28.79
C GLU H 307 14.38 -8.99 27.79
N ASP H 308 15.68 -9.09 27.39
CA ASP H 308 16.26 -10.06 26.43
C ASP H 308 15.57 -10.05 25.05
N ASP H 309 14.64 -9.10 24.83
CA ASP H 309 13.92 -8.97 23.57
C ASP H 309 14.51 -7.78 22.83
N ASP H 310 15.76 -7.93 22.34
CA ASP H 310 16.51 -6.90 21.62
C ASP H 310 15.88 -6.50 20.28
N ASN H 311 15.13 -7.41 19.65
CA ASN H 311 14.44 -7.20 18.38
C ASN H 311 13.33 -6.16 18.50
N GLU H 312 12.66 -6.12 19.68
CA GLU H 312 11.58 -5.20 20.00
C GLU H 312 12.07 -3.77 20.24
N ALA H 313 11.25 -2.79 19.83
CA ALA H 313 11.50 -1.36 19.97
C ALA H 313 10.18 -0.59 20.11
N THR H 314 9.03 -1.29 19.97
CA THR H 314 7.66 -0.76 20.05
C THR H 314 7.33 -0.14 21.40
N GLY H 315 6.52 0.91 21.37
CA GLY H 315 6.09 1.63 22.57
C GLY H 315 5.17 0.83 23.47
N ASN H 316 5.33 1.01 24.78
CA ASN H 316 4.53 0.34 25.80
C ASN H 316 3.30 1.18 26.18
N LYS H 317 2.12 0.79 25.66
CA LYS H 317 0.84 1.50 25.84
C LYS H 317 -0.34 0.55 26.13
N ILE H 318 -1.40 1.11 26.73
CA ILE H 318 -2.66 0.42 27.03
C ILE H 318 -3.50 0.48 25.75
N ASP H 319 -3.81 -0.69 25.16
CA ASP H 319 -4.53 -0.76 23.88
C ASP H 319 -5.89 -1.46 23.94
N TYR H 320 -6.32 -1.96 25.11
CA TYR H 320 -7.61 -2.65 25.23
C TYR H 320 -8.37 -2.32 26.50
N ILE H 321 -9.67 -2.01 26.36
CA ILE H 321 -10.60 -1.72 27.46
C ILE H 321 -11.91 -2.48 27.31
N TYR H 322 -12.45 -3.00 28.42
CA TYR H 322 -13.70 -3.75 28.45
C TYR H 322 -14.54 -3.40 29.69
N ASN H 323 -15.79 -2.95 29.47
CA ASN H 323 -16.73 -2.59 30.53
C ASN H 323 -17.63 -3.79 30.86
N THR H 324 -17.95 -3.97 32.16
CA THR H 324 -18.80 -5.08 32.61
C THR H 324 -20.28 -4.70 32.61
N ASP H 325 -20.59 -3.44 32.99
CA ASP H 325 -21.96 -2.92 33.03
C ASP H 325 -22.56 -2.75 31.64
N GLN H 326 -21.74 -2.38 30.65
CA GLN H 326 -22.14 -2.16 29.26
C GLN H 326 -21.91 -3.38 28.36
N SER H 327 -20.95 -4.25 28.73
CA SER H 327 -20.53 -5.46 27.99
C SER H 327 -20.03 -5.14 26.57
N LYS H 328 -19.34 -3.99 26.43
CA LYS H 328 -18.78 -3.50 25.17
C LYS H 328 -17.28 -3.21 25.30
N ASP H 329 -16.52 -3.49 24.22
CA ASP H 329 -15.07 -3.28 24.17
C ASP H 329 -14.66 -2.18 23.20
N SER H 330 -13.53 -1.51 23.51
CA SER H 330 -12.97 -0.42 22.70
C SER H 330 -11.44 -0.47 22.65
N LEU H 331 -10.84 0.10 21.60
CA LEU H 331 -9.39 0.16 21.42
C LEU H 331 -8.88 1.56 21.76
N VAL H 332 -8.03 1.65 22.79
CA VAL H 332 -7.46 2.92 23.27
C VAL H 332 -5.94 3.01 23.00
N ASP H 333 -5.31 4.15 23.38
CA ASP H 333 -3.88 4.39 23.23
C ASP H 333 -3.38 5.29 24.37
N VAL H 334 -3.33 4.72 25.58
CA VAL H 334 -2.88 5.40 26.80
C VAL H 334 -1.41 5.03 27.07
N PRO H 335 -0.49 6.03 27.17
CA PRO H 335 0.93 5.68 27.41
C PRO H 335 1.23 5.21 28.82
N PHE H 336 1.84 4.03 28.94
CA PHE H 336 2.22 3.42 30.22
C PHE H 336 3.71 3.70 30.51
N PRO H 337 4.08 4.15 31.72
CA PRO H 337 5.50 4.42 32.00
C PRO H 337 6.28 3.13 32.23
N ASN H 338 7.42 2.99 31.53
CA ASN H 338 8.28 1.82 31.61
C ASN H 338 9.74 2.20 31.79
N SER H 339 10.16 2.38 33.05
CA SER H 339 11.53 2.72 33.41
C SER H 339 12.42 1.49 33.20
N TYR H 340 11.88 0.31 33.51
CA TYR H 340 12.56 -0.97 33.36
C TYR H 340 11.77 -1.84 32.39
N GLN H 341 12.26 -3.05 32.07
CA GLN H 341 11.60 -3.90 31.09
C GLN H 341 10.79 -5.07 31.65
N TYR H 342 11.24 -5.69 32.76
CA TYR H 342 10.58 -6.86 33.34
C TYR H 342 9.38 -6.52 34.27
N ILE H 343 8.26 -6.07 33.68
CA ILE H 343 7.03 -5.74 34.42
C ILE H 343 6.35 -7.04 34.91
N ALA H 344 6.43 -7.32 36.22
CA ALA H 344 5.89 -8.54 36.83
C ALA H 344 4.39 -8.47 37.14
N ALA H 345 3.95 -7.51 37.97
CA ALA H 345 2.53 -7.37 38.36
C ALA H 345 2.07 -5.94 38.55
N VAL H 346 0.83 -5.66 38.12
CA VAL H 346 0.18 -4.35 38.24
C VAL H 346 -1.19 -4.54 38.91
N ASP H 347 -1.40 -3.87 40.06
CA ASP H 347 -2.64 -3.93 40.83
C ASP H 347 -3.15 -2.54 41.24
N TYR H 348 -4.49 -2.37 41.23
CA TYR H 348 -5.14 -1.10 41.58
C TYR H 348 -5.74 -1.10 42.99
N ASN H 349 -5.67 0.06 43.66
CA ASN H 349 -6.20 0.28 45.01
C ASN H 349 -7.22 1.44 44.95
N PRO H 350 -8.53 1.18 45.27
CA PRO H 350 -9.53 2.26 45.18
C PRO H 350 -9.43 3.37 46.23
N ARG H 351 -8.79 3.09 47.39
CA ARG H 351 -8.64 4.07 48.47
C ARG H 351 -7.68 5.21 48.10
N ASP H 352 -6.46 4.86 47.63
CA ASP H 352 -5.43 5.83 47.25
C ASP H 352 -5.46 6.21 45.76
N ASN H 353 -6.14 5.40 44.92
CA ASN H 353 -6.29 5.59 43.46
C ASN H 353 -4.92 5.59 42.75
N LEU H 354 -4.00 4.72 43.20
CA LEU H 354 -2.65 4.58 42.66
C LEU H 354 -2.37 3.13 42.25
N LEU H 355 -1.45 2.93 41.28
CA LEU H 355 -1.06 1.59 40.80
C LEU H 355 0.18 1.08 41.53
N TYR H 356 0.16 -0.22 41.85
CA TYR H 356 1.24 -0.92 42.55
C TYR H 356 1.97 -1.80 41.53
N VAL H 357 2.97 -1.21 40.86
CA VAL H 357 3.74 -1.84 39.78
C VAL H 357 5.10 -2.37 40.26
N TRP H 358 5.41 -3.62 39.88
CA TRP H 358 6.68 -4.28 40.17
C TRP H 358 7.43 -4.42 38.85
N ASN H 359 8.33 -3.46 38.55
CA ASN H 359 9.12 -3.46 37.31
C ASN H 359 10.56 -3.86 37.60
N ASN H 360 10.96 -5.02 37.04
CA ASN H 360 12.27 -5.67 37.19
C ASN H 360 12.59 -5.92 38.67
N TYR H 361 13.81 -5.60 39.13
CA TYR H 361 14.23 -5.78 40.52
C TYR H 361 13.68 -4.68 41.43
N HIS H 362 13.31 -3.51 40.86
CA HIS H 362 12.80 -2.35 41.58
C HIS H 362 11.31 -2.46 41.92
N VAL H 363 10.90 -1.73 42.98
CA VAL H 363 9.50 -1.65 43.46
C VAL H 363 9.07 -0.18 43.33
N VAL H 364 8.01 0.08 42.55
CA VAL H 364 7.52 1.44 42.29
C VAL H 364 6.01 1.60 42.49
N LYS H 365 5.55 2.86 42.57
CA LYS H 365 4.15 3.27 42.73
C LYS H 365 3.82 4.32 41.67
N TYR H 366 2.72 4.12 40.91
CA TYR H 366 2.32 5.02 39.83
C TYR H 366 1.11 5.90 40.15
N SER H 367 1.13 7.16 39.66
CA SER H 367 0.07 8.14 39.81
C SER H 367 -0.91 8.03 38.65
N LEU H 368 -2.22 8.17 38.94
CA LEU H 368 -3.27 8.04 37.92
C LEU H 368 -4.06 9.33 37.69
N ASP H 369 -4.48 9.55 36.43
CA ASP H 369 -5.27 10.70 36.01
C ASP H 369 -6.66 10.23 35.55
N PHE H 370 -7.72 10.89 36.04
CA PHE H 370 -9.11 10.54 35.73
C PHE H 370 -9.87 11.64 34.98
N GLY H 371 -10.81 11.21 34.15
CA GLY H 371 -11.65 12.08 33.33
C GLY H 371 -13.14 11.93 33.57
N PRO H 372 -13.96 12.92 33.18
CA PRO H 372 -15.41 12.80 33.40
C PRO H 372 -16.16 12.03 32.32
N LEU H 373 -15.46 11.48 31.32
CA LEU H 373 -16.09 10.75 30.23
C LEU H 373 -16.58 9.35 30.66
N ASP H 374 -17.85 9.30 31.13
CA ASP H 374 -18.53 8.09 31.60
C ASP H 374 -20.04 8.29 31.69
N GLY H 375 -20.79 7.25 31.32
CA GLY H 375 -22.25 7.23 31.35
C GLY H 375 -22.81 7.07 32.75
N SER I 15 -5.99 -53.26 -59.63
CA SER I 15 -6.87 -53.58 -60.75
C SER I 15 -8.19 -52.78 -60.69
N ALA I 16 -8.72 -52.56 -59.47
CA ALA I 16 -9.97 -51.83 -59.23
C ALA I 16 -9.82 -50.32 -59.53
N PRO I 17 -10.84 -49.66 -60.14
CA PRO I 17 -10.70 -48.23 -60.44
C PRO I 17 -10.95 -47.32 -59.24
N GLY I 18 -10.03 -46.37 -59.04
CA GLY I 18 -10.09 -45.40 -57.95
C GLY I 18 -10.67 -44.08 -58.41
N THR I 19 -11.76 -43.63 -57.76
CA THR I 19 -12.46 -42.39 -58.07
C THR I 19 -13.09 -41.74 -56.81
N LEU I 20 -13.63 -40.51 -56.97
CA LEU I 20 -14.31 -39.75 -55.91
C LEU I 20 -15.64 -40.43 -55.50
N PRO I 21 -16.15 -40.23 -54.27
CA PRO I 21 -17.42 -40.90 -53.89
C PRO I 21 -18.64 -40.38 -54.62
N HIS I 22 -19.39 -41.30 -55.23
CA HIS I 22 -20.60 -41.03 -55.99
C HIS I 22 -21.81 -41.45 -55.15
N PHE I 23 -22.70 -40.49 -54.85
CA PHE I 23 -23.90 -40.70 -54.04
C PHE I 23 -25.00 -41.44 -54.79
N ILE I 24 -25.55 -42.50 -54.17
CA ILE I 24 -26.64 -43.31 -54.73
C ILE I 24 -27.97 -42.82 -54.14
N GLU I 25 -28.09 -42.79 -52.80
CA GLU I 25 -29.26 -42.33 -52.09
C GLU I 25 -28.95 -41.02 -51.36
N GLU I 26 -29.25 -39.88 -52.01
CA GLU I 26 -29.00 -38.55 -51.45
C GLU I 26 -30.03 -38.19 -50.37
N PRO I 27 -29.66 -37.45 -49.29
CA PRO I 27 -30.65 -37.14 -48.24
C PRO I 27 -31.83 -36.27 -48.69
N GLU I 28 -33.04 -36.77 -48.43
CA GLU I 28 -34.30 -36.12 -48.79
C GLU I 28 -34.87 -35.37 -47.59
N ASP I 29 -35.60 -34.27 -47.86
CA ASP I 29 -36.23 -33.41 -46.86
C ASP I 29 -37.25 -34.16 -46.00
N ALA I 30 -36.98 -34.24 -44.68
CA ALA I 30 -37.83 -34.92 -43.70
C ALA I 30 -38.78 -33.94 -43.00
N TYR I 31 -39.92 -34.46 -42.49
CA TYR I 31 -40.93 -33.65 -41.78
C TYR I 31 -41.41 -34.36 -40.52
N ILE I 32 -41.26 -33.70 -39.36
CA ILE I 32 -41.66 -34.24 -38.05
C ILE I 32 -43.18 -34.22 -37.89
N ILE I 33 -43.77 -35.39 -37.55
CA ILE I 33 -45.22 -35.57 -37.37
C ILE I 33 -45.48 -36.27 -36.03
N LYS I 34 -46.30 -35.61 -35.16
CA LYS I 34 -46.73 -36.08 -33.83
C LYS I 34 -45.56 -36.52 -32.92
N SER I 35 -44.48 -35.70 -32.88
CA SER I 35 -43.24 -35.88 -32.10
C SER I 35 -42.50 -37.23 -32.36
N ASN I 36 -42.72 -37.85 -33.54
CA ASN I 36 -42.08 -39.11 -33.93
C ASN I 36 -40.75 -38.82 -34.64
N PRO I 37 -39.59 -39.21 -34.05
CA PRO I 37 -38.29 -38.92 -34.70
C PRO I 37 -38.05 -39.71 -35.97
N ILE I 38 -37.77 -39.00 -37.08
CA ILE I 38 -37.52 -39.60 -38.40
C ILE I 38 -36.04 -39.44 -38.78
N ALA I 39 -35.38 -40.57 -39.11
CA ALA I 39 -33.97 -40.65 -39.48
C ALA I 39 -33.73 -40.36 -40.97
N LEU I 40 -32.53 -39.85 -41.29
CA LEU I 40 -32.12 -39.52 -42.67
C LEU I 40 -31.27 -40.65 -43.27
N ARG I 41 -31.45 -40.90 -44.59
CA ARG I 41 -30.74 -41.95 -45.32
C ARG I 41 -29.65 -41.39 -46.23
N CYS I 42 -28.48 -42.08 -46.29
CA CYS I 42 -27.34 -41.69 -47.14
C CYS I 42 -26.55 -42.90 -47.61
N LYS I 43 -26.24 -42.93 -48.93
CA LYS I 43 -25.49 -44.01 -49.57
C LYS I 43 -24.50 -43.44 -50.60
N ALA I 44 -23.22 -43.87 -50.50
CA ALA I 44 -22.13 -43.41 -51.38
C ALA I 44 -21.16 -44.53 -51.75
N ARG I 45 -20.52 -44.41 -52.93
CA ARG I 45 -19.56 -45.39 -53.46
C ARG I 45 -18.53 -44.73 -54.41
N PRO I 46 -17.20 -44.93 -54.24
CA PRO I 46 -16.53 -45.72 -53.17
C PRO I 46 -16.35 -44.95 -51.87
N ALA I 47 -16.84 -45.53 -50.76
CA ALA I 47 -16.78 -44.90 -49.44
C ALA I 47 -16.30 -45.85 -48.34
N MET I 48 -15.60 -45.27 -47.36
CA MET I 48 -15.06 -45.98 -46.19
C MET I 48 -15.45 -45.29 -44.87
N GLN I 49 -15.75 -43.96 -44.95
CA GLN I 49 -16.18 -43.14 -43.81
C GLN I 49 -17.20 -42.11 -44.27
N ILE I 50 -18.41 -42.16 -43.69
CA ILE I 50 -19.52 -41.26 -43.99
C ILE I 50 -19.98 -40.54 -42.72
N PHE I 51 -19.96 -39.19 -42.74
CA PHE I 51 -20.36 -38.35 -41.62
C PHE I 51 -21.24 -37.16 -42.05
N PHE I 52 -22.19 -36.76 -41.18
CA PHE I 52 -23.12 -35.66 -41.42
C PHE I 52 -22.64 -34.32 -40.82
N LYS I 53 -23.01 -33.20 -41.46
CA LYS I 53 -22.65 -31.85 -41.03
C LYS I 53 -23.93 -31.02 -40.87
N CYS I 54 -24.55 -31.11 -39.68
CA CYS I 54 -25.80 -30.43 -39.38
C CYS I 54 -25.61 -28.96 -39.01
N ASN I 55 -26.17 -28.09 -39.86
CA ASN I 55 -26.17 -26.62 -39.74
C ASN I 55 -24.76 -26.01 -39.57
N GLY I 56 -23.86 -26.39 -40.47
CA GLY I 56 -22.48 -25.89 -40.50
C GLY I 56 -21.47 -26.59 -39.61
N GLU I 57 -21.94 -27.46 -38.70
CA GLU I 57 -21.08 -28.19 -37.77
C GLU I 57 -21.29 -29.71 -37.83
N TRP I 58 -20.20 -30.48 -37.58
CA TRP I 58 -20.18 -31.95 -37.60
C TRP I 58 -21.04 -32.58 -36.51
N VAL I 59 -21.53 -33.80 -36.78
CA VAL I 59 -22.34 -34.59 -35.84
C VAL I 59 -21.43 -35.66 -35.23
N HIS I 60 -21.61 -35.95 -33.92
CA HIS I 60 -20.83 -36.92 -33.14
C HIS I 60 -20.90 -38.35 -33.71
N GLN I 61 -19.79 -39.11 -33.57
CA GLN I 61 -19.61 -40.48 -34.05
C GLN I 61 -20.63 -41.47 -33.50
N ASN I 62 -21.03 -41.31 -32.22
CA ASN I 62 -21.99 -42.17 -31.54
C ASN I 62 -23.40 -42.08 -32.14
N GLU I 63 -23.76 -40.91 -32.71
CA GLU I 63 -25.05 -40.66 -33.34
C GLU I 63 -25.18 -41.42 -34.67
N HIS I 64 -24.04 -41.61 -35.38
CA HIS I 64 -23.98 -42.31 -36.67
C HIS I 64 -24.06 -43.82 -36.51
N VAL I 65 -24.89 -44.47 -37.34
CA VAL I 65 -25.08 -45.93 -37.37
C VAL I 65 -24.64 -46.42 -38.76
N SER I 66 -23.40 -46.95 -38.84
CA SER I 66 -22.80 -47.43 -40.07
C SER I 66 -23.23 -48.84 -40.47
N GLU I 67 -23.36 -49.07 -41.78
CA GLU I 67 -23.74 -50.34 -42.39
C GLU I 67 -23.05 -50.46 -43.75
N GLU I 68 -21.92 -51.18 -43.79
CA GLU I 68 -21.14 -51.39 -45.01
C GLU I 68 -21.65 -52.63 -45.78
N SER I 69 -22.84 -52.48 -46.39
CA SER I 69 -23.50 -53.53 -47.16
C SER I 69 -23.01 -53.47 -48.61
N LEU I 70 -22.37 -54.56 -49.08
CA LEU I 70 -21.84 -54.66 -50.44
C LEU I 70 -22.98 -54.96 -51.41
N ASP I 71 -23.24 -54.01 -52.34
CA ASP I 71 -24.28 -54.12 -53.36
C ASP I 71 -23.87 -55.16 -54.40
N GLU I 72 -24.81 -56.07 -54.75
CA GLU I 72 -24.58 -57.13 -55.75
C GLU I 72 -24.37 -56.56 -57.15
N SER I 73 -25.02 -55.42 -57.45
CA SER I 73 -24.92 -54.72 -58.73
C SER I 73 -23.54 -54.05 -58.90
N SER I 74 -23.15 -53.20 -57.94
CA SER I 74 -21.89 -52.45 -57.95
C SER I 74 -20.65 -53.25 -57.56
N GLY I 75 -19.51 -52.90 -58.17
CA GLY I 75 -18.22 -53.55 -57.93
C GLY I 75 -17.50 -53.05 -56.69
N LEU I 76 -17.34 -51.72 -56.57
CA LEU I 76 -16.67 -51.06 -55.43
C LEU I 76 -17.52 -51.13 -54.14
N LYS I 77 -16.86 -50.92 -52.97
CA LYS I 77 -17.48 -50.97 -51.63
C LYS I 77 -18.53 -49.87 -51.41
N VAL I 78 -19.71 -50.26 -50.91
CA VAL I 78 -20.85 -49.37 -50.62
C VAL I 78 -21.05 -49.26 -49.10
N ARG I 79 -21.25 -48.03 -48.61
CA ARG I 79 -21.47 -47.72 -47.19
C ARG I 79 -22.79 -46.95 -47.00
N GLU I 80 -23.57 -47.31 -45.95
CA GLU I 80 -24.86 -46.68 -45.63
C GLU I 80 -24.90 -46.27 -44.15
N VAL I 81 -25.11 -44.96 -43.89
CA VAL I 81 -25.16 -44.38 -42.53
C VAL I 81 -26.50 -43.65 -42.29
N PHE I 82 -27.13 -43.90 -41.13
CA PHE I 82 -28.41 -43.29 -40.72
C PHE I 82 -28.26 -42.46 -39.44
N ILE I 83 -28.88 -41.27 -39.40
CA ILE I 83 -28.86 -40.37 -38.24
C ILE I 83 -30.28 -39.92 -37.87
N ASN I 84 -30.64 -40.02 -36.58
CA ASN I 84 -31.97 -39.65 -36.08
C ASN I 84 -32.07 -38.16 -35.76
N VAL I 85 -33.19 -37.54 -36.17
CA VAL I 85 -33.48 -36.12 -35.93
C VAL I 85 -34.78 -36.02 -35.11
N THR I 86 -34.65 -35.73 -33.80
CA THR I 86 -35.77 -35.61 -32.85
C THR I 86 -36.44 -34.23 -32.93
N ARG I 87 -37.67 -34.12 -32.38
CA ARG I 87 -38.46 -32.88 -32.34
C ARG I 87 -37.78 -31.83 -31.46
N GLN I 88 -37.15 -32.28 -30.36
CA GLN I 88 -36.43 -31.44 -29.40
C GLN I 88 -35.23 -30.74 -30.04
N GLN I 89 -34.55 -31.41 -30.99
CA GLN I 89 -33.40 -30.87 -31.71
C GLN I 89 -33.81 -29.74 -32.67
N VAL I 90 -35.04 -29.80 -33.19
CA VAL I 90 -35.60 -28.83 -34.14
C VAL I 90 -36.12 -27.57 -33.42
N GLU I 91 -37.00 -27.76 -32.40
CA GLU I 91 -37.62 -26.67 -31.65
C GLU I 91 -36.61 -25.82 -30.85
N ASP I 92 -35.54 -26.44 -30.33
CA ASP I 92 -34.50 -25.74 -29.56
C ASP I 92 -33.51 -25.00 -30.47
N PHE I 93 -33.48 -25.37 -31.78
CA PHE I 93 -32.61 -24.73 -32.76
C PHE I 93 -33.19 -23.37 -33.12
N HIS I 94 -32.42 -22.30 -32.87
CA HIS I 94 -32.83 -20.93 -33.14
C HIS I 94 -31.87 -20.23 -34.12
N GLY I 95 -31.65 -20.88 -35.27
CA GLY I 95 -30.79 -20.37 -36.33
C GLY I 95 -31.50 -19.48 -37.32
N PRO I 96 -30.78 -18.94 -38.33
CA PRO I 96 -31.45 -18.07 -39.32
C PRO I 96 -32.28 -18.82 -40.36
N GLU I 97 -31.73 -19.93 -40.89
CA GLU I 97 -32.37 -20.79 -41.89
C GLU I 97 -33.00 -22.00 -41.21
N ASP I 98 -33.67 -22.87 -41.99
CA ASP I 98 -34.28 -24.11 -41.49
C ASP I 98 -33.21 -25.14 -41.14
N TYR I 99 -33.57 -26.14 -40.32
CA TYR I 99 -32.67 -27.22 -39.86
C TYR I 99 -32.21 -28.09 -41.05
N TRP I 100 -31.14 -27.66 -41.73
CA TRP I 100 -30.59 -28.35 -42.89
C TRP I 100 -29.47 -29.32 -42.53
N CYS I 101 -29.45 -30.48 -43.22
CA CYS I 101 -28.47 -31.55 -43.02
C CYS I 101 -27.77 -31.90 -44.33
N GLN I 102 -26.43 -31.90 -44.31
CA GLN I 102 -25.58 -32.23 -45.47
C GLN I 102 -24.67 -33.40 -45.10
N CYS I 103 -24.29 -34.23 -46.09
CA CYS I 103 -23.43 -35.39 -45.85
C CYS I 103 -22.16 -35.41 -46.69
N VAL I 104 -21.02 -35.79 -46.08
CA VAL I 104 -19.69 -35.87 -46.69
C VAL I 104 -19.15 -37.30 -46.59
N ALA I 105 -18.69 -37.85 -47.73
CA ALA I 105 -18.12 -39.20 -47.80
C ALA I 105 -16.62 -39.14 -48.09
N TRP I 106 -15.85 -40.13 -47.58
CA TRP I 106 -14.40 -40.21 -47.74
C TRP I 106 -13.92 -41.29 -48.72
N SER I 107 -12.83 -40.99 -49.46
CA SER I 107 -12.19 -41.87 -50.44
C SER I 107 -10.67 -41.65 -50.46
N HIS I 108 -9.94 -42.50 -51.20
CA HIS I 108 -8.48 -42.43 -51.34
C HIS I 108 -7.99 -41.22 -52.16
N LEU I 109 -8.89 -40.57 -52.92
CA LEU I 109 -8.56 -39.40 -53.75
C LEU I 109 -9.08 -38.06 -53.22
N GLY I 110 -10.26 -38.08 -52.61
CA GLY I 110 -10.86 -36.86 -52.05
C GLY I 110 -12.18 -37.07 -51.34
N THR I 111 -12.97 -36.00 -51.24
CA THR I 111 -14.29 -35.97 -50.60
C THR I 111 -15.37 -35.34 -51.49
N SER I 112 -16.64 -35.70 -51.26
CA SER I 112 -17.80 -35.20 -52.01
C SER I 112 -18.98 -34.87 -51.10
N LYS I 113 -19.72 -33.79 -51.41
CA LYS I 113 -20.88 -33.32 -50.65
C LYS I 113 -22.21 -33.63 -51.36
N SER I 114 -23.26 -33.93 -50.57
CA SER I 114 -24.60 -34.27 -51.06
C SER I 114 -25.61 -33.12 -50.88
N ARG I 115 -26.91 -33.38 -51.21
CA ARG I 115 -28.01 -32.42 -51.10
C ARG I 115 -28.29 -31.97 -49.68
N LYS I 116 -28.75 -30.71 -49.52
CA LYS I 116 -29.09 -30.13 -48.22
C LYS I 116 -30.55 -30.46 -47.88
N ALA I 117 -30.76 -31.51 -47.06
CA ALA I 117 -32.08 -31.95 -46.63
C ALA I 117 -32.54 -31.17 -45.40
N SER I 118 -33.62 -30.37 -45.54
CA SER I 118 -34.14 -29.53 -44.46
C SER I 118 -35.28 -30.20 -43.69
N VAL I 119 -35.07 -30.39 -42.37
CA VAL I 119 -36.04 -30.99 -41.46
C VAL I 119 -36.92 -29.87 -40.91
N ARG I 120 -38.23 -29.95 -41.18
CA ARG I 120 -39.21 -28.94 -40.76
C ARG I 120 -40.30 -29.53 -39.86
N CYS J 4 -10.84 1.42 -63.82
CA CYS J 4 -12.12 1.39 -63.12
C CYS J 4 -13.18 0.66 -63.95
N PRO J 5 -13.83 -0.41 -63.42
CA PRO J 5 -14.82 -1.14 -64.22
C PRO J 5 -16.19 -0.45 -64.26
N SER J 6 -17.08 -0.90 -65.16
CA SER J 6 -18.43 -0.38 -65.33
C SER J 6 -19.43 -1.08 -64.41
N VAL J 7 -19.38 -2.44 -64.34
CA VAL J 7 -20.24 -3.26 -63.50
C VAL J 7 -19.91 -3.09 -62.01
N CYS J 8 -18.62 -2.87 -61.71
CA CYS J 8 -18.10 -2.66 -60.36
C CYS J 8 -18.03 -1.16 -60.05
N ARG J 9 -18.29 -0.80 -58.78
CA ARG J 9 -18.24 0.59 -58.33
C ARG J 9 -17.16 0.80 -57.26
N CYS J 10 -16.00 1.32 -57.70
CA CYS J 10 -14.83 1.60 -56.88
C CYS J 10 -15.04 2.80 -55.95
N ASP J 11 -14.35 2.81 -54.80
CA ASP J 11 -14.44 3.87 -53.80
C ASP J 11 -13.06 4.15 -53.20
N ARG J 12 -12.46 5.32 -53.56
CA ARG J 12 -11.15 5.81 -53.11
C ARG J 12 -10.00 4.82 -53.47
N ASN J 13 -9.43 4.14 -52.45
CA ASN J 13 -8.36 3.15 -52.61
C ASN J 13 -8.90 1.72 -52.44
N PHE J 14 -10.22 1.53 -52.63
CA PHE J 14 -10.91 0.24 -52.50
C PHE J 14 -11.74 -0.05 -53.76
N VAL J 15 -11.84 -1.34 -54.12
CA VAL J 15 -12.60 -1.82 -55.27
C VAL J 15 -13.70 -2.77 -54.78
N TYR J 16 -14.96 -2.44 -55.11
CA TYR J 16 -16.15 -3.19 -54.68
C TYR J 16 -16.80 -4.01 -55.80
N CYS J 17 -16.48 -5.30 -55.88
CA CYS J 17 -17.05 -6.24 -56.85
C CYS J 17 -18.03 -7.20 -56.16
N ASN J 18 -18.16 -7.06 -54.83
CA ASN J 18 -18.99 -7.91 -53.98
C ASN J 18 -20.50 -7.82 -54.26
N GLU J 19 -21.15 -9.00 -54.25
CA GLU J 19 -22.58 -9.25 -54.47
C GLU J 19 -23.13 -8.55 -55.73
N ARG J 20 -22.48 -8.83 -56.88
CA ARG J 20 -22.85 -8.28 -58.18
C ARG J 20 -23.10 -9.38 -59.23
N SER J 21 -23.14 -10.66 -58.76
CA SER J 21 -23.36 -11.89 -59.54
C SER J 21 -22.32 -12.10 -60.65
N LEU J 22 -21.07 -11.66 -60.41
CA LEU J 22 -19.95 -11.79 -61.36
C LEU J 22 -19.40 -13.21 -61.37
N THR J 23 -19.07 -13.72 -62.57
CA THR J 23 -18.49 -15.06 -62.77
C THR J 23 -16.97 -14.99 -62.97
N SER J 24 -16.45 -13.79 -63.26
CA SER J 24 -15.02 -13.53 -63.47
C SER J 24 -14.62 -12.16 -62.92
N VAL J 25 -13.33 -12.01 -62.55
CA VAL J 25 -12.75 -10.77 -62.00
C VAL J 25 -12.71 -9.69 -63.10
N PRO J 26 -13.21 -8.44 -62.85
CA PRO J 26 -13.18 -7.39 -63.90
C PRO J 26 -11.78 -7.02 -64.39
N LEU J 27 -11.71 -6.56 -65.65
CA LEU J 27 -10.47 -6.19 -66.34
C LEU J 27 -9.84 -4.89 -65.82
N GLY J 28 -10.60 -3.79 -65.85
CA GLY J 28 -10.17 -2.46 -65.44
C GLY J 28 -9.84 -2.32 -63.96
N ILE J 29 -8.62 -2.75 -63.58
CA ILE J 29 -8.14 -2.67 -62.19
C ILE J 29 -6.99 -1.64 -62.08
N PRO J 30 -7.18 -0.53 -61.32
CA PRO J 30 -6.13 0.48 -61.20
C PRO J 30 -4.91 0.03 -60.40
N GLU J 31 -3.77 0.72 -60.59
CA GLU J 31 -2.48 0.44 -59.93
C GLU J 31 -2.27 1.23 -58.60
N GLY J 32 -3.35 1.78 -58.06
CA GLY J 32 -3.33 2.53 -56.81
C GLY J 32 -4.30 2.03 -55.75
N VAL J 33 -4.82 0.80 -55.94
CA VAL J 33 -5.78 0.16 -55.03
C VAL J 33 -5.04 -0.73 -54.03
N THR J 34 -5.42 -0.65 -52.74
CA THR J 34 -4.81 -1.43 -51.66
C THR J 34 -5.60 -2.68 -51.29
N VAL J 35 -6.93 -2.55 -51.09
CA VAL J 35 -7.81 -3.67 -50.73
C VAL J 35 -8.82 -3.94 -51.85
N LEU J 36 -8.98 -5.22 -52.24
CA LEU J 36 -9.88 -5.66 -53.30
C LEU J 36 -10.99 -6.55 -52.74
N TYR J 37 -12.25 -6.18 -52.99
CA TYR J 37 -13.43 -6.94 -52.53
C TYR J 37 -14.10 -7.63 -53.70
N LEU J 38 -14.22 -8.96 -53.64
CA LEU J 38 -14.83 -9.79 -54.70
C LEU J 38 -15.72 -10.90 -54.13
N HIS J 39 -15.98 -10.87 -52.81
CA HIS J 39 -16.79 -11.86 -52.08
C HIS J 39 -18.28 -11.89 -52.46
N ASN J 40 -18.97 -12.99 -52.09
CA ASN J 40 -20.41 -13.26 -52.31
C ASN J 40 -20.82 -13.21 -53.80
N ASN J 41 -19.94 -13.68 -54.69
CA ASN J 41 -20.20 -13.73 -56.13
C ASN J 41 -20.23 -15.17 -56.64
N GLN J 42 -20.30 -15.35 -57.97
CA GLN J 42 -20.32 -16.66 -58.64
C GLN J 42 -18.99 -16.92 -59.38
N ILE J 43 -17.88 -16.32 -58.89
CA ILE J 43 -16.53 -16.42 -59.47
C ILE J 43 -15.97 -17.85 -59.34
N ASN J 44 -15.61 -18.43 -60.50
CA ASN J 44 -15.04 -19.77 -60.61
C ASN J 44 -13.51 -19.72 -60.74
N ASN J 45 -12.83 -20.86 -60.49
CA ASN J 45 -11.36 -21.00 -60.57
C ASN J 45 -10.76 -20.69 -61.94
N ALA J 46 -11.54 -20.96 -63.03
CA ALA J 46 -11.15 -20.71 -64.41
C ALA J 46 -11.25 -19.21 -64.80
N GLY J 47 -12.23 -18.52 -64.21
CA GLY J 47 -12.48 -17.10 -64.46
C GLY J 47 -11.60 -16.17 -63.65
N PHE J 48 -10.28 -16.21 -63.90
CA PHE J 48 -9.28 -15.37 -63.23
C PHE J 48 -8.28 -14.81 -64.24
N PRO J 49 -8.36 -13.50 -64.60
CA PRO J 49 -7.41 -12.94 -65.58
C PRO J 49 -6.01 -12.79 -64.98
N ALA J 50 -4.98 -12.94 -65.82
CA ALA J 50 -3.58 -12.87 -65.41
C ALA J 50 -3.06 -11.44 -65.18
N GLU J 51 -3.83 -10.41 -65.58
CA GLU J 51 -3.49 -8.98 -65.39
C GLU J 51 -3.68 -8.54 -63.92
N LEU J 52 -4.39 -9.36 -63.12
CA LEU J 52 -4.63 -9.18 -61.70
C LEU J 52 -3.32 -9.40 -60.93
N HIS J 53 -2.48 -10.35 -61.40
CA HIS J 53 -1.17 -10.73 -60.85
C HIS J 53 -0.18 -9.55 -60.95
N ASN J 54 -0.27 -8.75 -62.03
CA ASN J 54 0.59 -7.60 -62.30
C ASN J 54 0.34 -6.42 -61.35
N VAL J 55 -0.89 -6.30 -60.81
CA VAL J 55 -1.26 -5.22 -59.87
C VAL J 55 -0.57 -5.47 -58.52
N GLN J 56 0.62 -4.86 -58.34
CA GLN J 56 1.49 -4.99 -57.16
C GLN J 56 0.97 -4.26 -55.92
N SER J 57 0.21 -3.16 -56.12
CA SER J 57 -0.33 -2.31 -55.04
C SER J 57 -1.33 -3.01 -54.12
N VAL J 58 -2.14 -3.96 -54.65
CA VAL J 58 -3.14 -4.70 -53.88
C VAL J 58 -2.46 -5.66 -52.89
N HIS J 59 -2.81 -5.55 -51.58
CA HIS J 59 -2.24 -6.38 -50.52
C HIS J 59 -3.30 -7.27 -49.81
N THR J 60 -4.59 -6.89 -49.88
CA THR J 60 -5.68 -7.65 -49.26
C THR J 60 -6.77 -7.96 -50.28
N VAL J 61 -7.09 -9.25 -50.45
CA VAL J 61 -8.11 -9.73 -51.39
C VAL J 61 -9.15 -10.60 -50.66
N TYR J 62 -10.45 -10.26 -50.82
CA TYR J 62 -11.58 -10.98 -50.23
C TYR J 62 -12.34 -11.73 -51.32
N LEU J 63 -12.46 -13.07 -51.19
CA LEU J 63 -13.14 -13.95 -52.14
C LEU J 63 -13.96 -15.04 -51.41
N TYR J 64 -14.68 -14.65 -50.35
CA TYR J 64 -15.48 -15.59 -49.57
C TYR J 64 -16.92 -15.72 -50.04
N GLY J 65 -17.46 -16.93 -49.92
CA GLY J 65 -18.83 -17.26 -50.32
C GLY J 65 -19.02 -17.30 -51.83
N ASN J 66 -18.01 -17.81 -52.55
CA ASN J 66 -18.00 -17.94 -54.01
C ASN J 66 -18.15 -19.41 -54.45
N GLN J 67 -18.05 -19.68 -55.76
CA GLN J 67 -18.14 -21.02 -56.33
C GLN J 67 -16.80 -21.43 -56.96
N LEU J 68 -15.83 -21.80 -56.11
CA LEU J 68 -14.50 -22.22 -56.51
C LEU J 68 -14.31 -23.73 -56.36
N ASP J 69 -13.22 -24.29 -56.92
CA ASP J 69 -12.90 -25.72 -56.86
C ASP J 69 -11.43 -25.96 -56.50
N GLU J 70 -10.54 -25.06 -56.95
CA GLU J 70 -9.10 -25.11 -56.73
C GLU J 70 -8.62 -23.75 -56.21
N PHE J 71 -7.38 -23.69 -55.68
CA PHE J 71 -6.77 -22.44 -55.20
C PHE J 71 -6.63 -21.50 -56.39
N PRO J 72 -7.11 -20.23 -56.31
CA PRO J 72 -7.04 -19.33 -57.48
C PRO J 72 -5.66 -19.07 -58.03
N MET J 73 -5.59 -18.89 -59.34
CA MET J 73 -4.38 -18.62 -60.09
C MET J 73 -4.33 -17.16 -60.50
N ASN J 74 -3.09 -16.63 -60.66
CA ASN J 74 -2.77 -15.27 -61.08
C ASN J 74 -3.32 -14.18 -60.13
N LEU J 75 -3.25 -14.46 -58.82
CA LEU J 75 -3.66 -13.53 -57.77
C LEU J 75 -2.57 -12.43 -57.63
N PRO J 76 -2.85 -11.20 -57.11
CA PRO J 76 -1.81 -10.17 -57.05
C PRO J 76 -0.51 -10.56 -56.34
N LYS J 77 0.62 -10.23 -56.99
CA LYS J 77 2.00 -10.53 -56.60
C LYS J 77 2.40 -10.15 -55.17
N ASN J 78 1.94 -8.97 -54.69
CA ASN J 78 2.30 -8.50 -53.35
C ASN J 78 1.10 -8.45 -52.39
N VAL J 79 0.50 -9.62 -52.13
CA VAL J 79 -0.65 -9.80 -51.24
C VAL J 79 -0.19 -10.43 -49.92
N ARG J 80 -0.64 -9.86 -48.79
CA ARG J 80 -0.31 -10.31 -47.44
C ARG J 80 -1.45 -11.10 -46.80
N VAL J 81 -2.70 -10.59 -46.89
CA VAL J 81 -3.91 -11.22 -46.34
C VAL J 81 -4.82 -11.67 -47.49
N LEU J 82 -5.33 -12.91 -47.42
CA LEU J 82 -6.22 -13.49 -48.43
C LEU J 82 -7.37 -14.25 -47.76
N HIS J 83 -8.61 -14.01 -48.23
CA HIS J 83 -9.81 -14.63 -47.67
C HIS J 83 -10.52 -15.54 -48.67
N LEU J 84 -10.37 -16.86 -48.50
CA LEU J 84 -10.98 -17.87 -49.36
C LEU J 84 -11.82 -18.84 -48.53
N GLN J 85 -12.83 -18.31 -47.84
CA GLN J 85 -13.72 -19.13 -47.00
C GLN J 85 -15.14 -19.27 -47.60
N GLU J 86 -15.94 -20.19 -47.01
CA GLU J 86 -17.35 -20.51 -47.34
C GLU J 86 -17.61 -20.91 -48.82
N ASN J 87 -16.56 -21.35 -49.54
CA ASN J 87 -16.66 -21.78 -50.93
C ASN J 87 -16.55 -23.32 -51.05
N ASN J 88 -15.92 -23.84 -52.14
CA ASN J 88 -15.77 -25.28 -52.38
C ASN J 88 -14.40 -25.71 -52.94
N ILE J 89 -13.29 -25.17 -52.40
CA ILE J 89 -11.94 -25.55 -52.85
C ILE J 89 -11.58 -26.94 -52.31
N GLN J 90 -11.27 -27.88 -53.21
CA GLN J 90 -10.92 -29.25 -52.86
C GLN J 90 -9.43 -29.48 -53.04
N THR J 91 -8.84 -28.87 -54.09
CA THR J 91 -7.44 -29.04 -54.47
C THR J 91 -6.58 -27.80 -54.19
N ILE J 92 -5.38 -28.02 -53.66
CA ILE J 92 -4.35 -27.02 -53.35
C ILE J 92 -3.06 -27.44 -54.08
N SER J 93 -2.45 -26.52 -54.83
CA SER J 93 -1.25 -26.79 -55.63
C SER J 93 -0.03 -25.95 -55.23
N ARG J 94 1.17 -26.48 -55.52
CA ARG J 94 2.47 -25.84 -55.24
C ARG J 94 2.68 -24.52 -56.01
N ALA J 95 2.36 -24.51 -57.32
CA ALA J 95 2.53 -23.35 -58.23
C ALA J 95 1.62 -22.15 -57.90
N ALA J 96 0.40 -22.41 -57.39
CA ALA J 96 -0.58 -21.39 -57.03
C ALA J 96 -0.21 -20.59 -55.77
N LEU J 97 0.73 -21.11 -54.96
CA LEU J 97 1.24 -20.50 -53.73
C LEU J 97 2.64 -19.89 -53.88
N ALA J 98 3.35 -20.26 -54.97
CA ALA J 98 4.68 -19.76 -55.31
C ALA J 98 4.60 -18.35 -55.90
N GLN J 99 3.44 -18.00 -56.49
CA GLN J 99 3.16 -16.68 -57.10
C GLN J 99 2.94 -15.61 -56.03
N LEU J 100 2.50 -16.02 -54.83
CA LEU J 100 2.23 -15.15 -53.68
C LEU J 100 3.27 -15.42 -52.57
N LEU J 101 4.53 -15.00 -52.82
CA LEU J 101 5.64 -15.18 -51.89
C LEU J 101 5.53 -14.31 -50.63
N LYS J 102 4.84 -13.15 -50.73
CA LYS J 102 4.65 -12.22 -49.61
C LYS J 102 3.40 -12.50 -48.76
N LEU J 103 2.66 -13.60 -49.05
CA LEU J 103 1.45 -14.03 -48.34
C LEU J 103 1.79 -14.39 -46.89
N GLU J 104 1.09 -13.76 -45.94
CA GLU J 104 1.29 -13.95 -44.50
C GLU J 104 0.07 -14.59 -43.85
N GLU J 105 -1.11 -13.93 -43.97
CA GLU J 105 -2.38 -14.40 -43.43
C GLU J 105 -3.18 -15.07 -44.54
N LEU J 106 -3.74 -16.26 -44.25
CA LEU J 106 -4.54 -17.03 -45.21
C LEU J 106 -5.70 -17.75 -44.51
N HIS J 107 -6.94 -17.50 -44.99
CA HIS J 107 -8.17 -18.08 -44.43
C HIS J 107 -8.83 -19.02 -45.43
N LEU J 108 -9.10 -20.27 -45.01
CA LEU J 108 -9.74 -21.29 -45.84
C LEU J 108 -10.77 -22.06 -44.99
N ASP J 109 -11.80 -21.34 -44.50
CA ASP J 109 -12.86 -21.90 -43.66
C ASP J 109 -14.07 -22.42 -44.47
N ASP J 110 -14.82 -23.41 -43.92
CA ASP J 110 -16.01 -24.06 -44.49
C ASP J 110 -15.83 -24.68 -45.91
N ASN J 111 -14.56 -24.83 -46.35
CA ASN J 111 -14.21 -25.39 -47.66
C ASN J 111 -14.25 -26.93 -47.66
N SER J 112 -14.00 -27.54 -48.85
CA SER J 112 -13.98 -29.00 -49.03
C SER J 112 -12.54 -29.54 -49.17
N ILE J 113 -11.58 -28.92 -48.45
CA ILE J 113 -10.15 -29.28 -48.46
C ILE J 113 -9.91 -30.65 -47.82
N SER J 114 -9.35 -31.58 -48.63
CA SER J 114 -9.02 -32.95 -48.22
C SER J 114 -7.50 -33.14 -48.17
N THR J 115 -7.03 -34.12 -47.36
CA THR J 115 -5.62 -34.46 -47.17
C THR J 115 -4.89 -34.86 -48.45
N VAL J 116 -5.59 -35.53 -49.38
CA VAL J 116 -5.04 -36.01 -50.66
C VAL J 116 -4.98 -34.88 -51.71
N GLY J 117 -6.00 -34.02 -51.74
CA GLY J 117 -6.10 -32.88 -52.65
C GLY J 117 -4.97 -31.87 -52.55
N VAL J 118 -4.45 -31.67 -51.33
CA VAL J 118 -3.35 -30.74 -51.04
C VAL J 118 -2.03 -31.33 -51.54
N GLU J 119 -1.33 -30.59 -52.43
CA GLU J 119 -0.04 -30.99 -52.99
C GLU J 119 1.04 -31.01 -51.91
N ASP J 120 2.01 -31.92 -52.05
CA ASP J 120 3.13 -32.09 -51.11
C ASP J 120 4.02 -30.85 -51.04
N GLY J 121 3.91 -30.13 -49.93
CA GLY J 121 4.66 -28.91 -49.68
C GLY J 121 4.12 -27.68 -50.40
N ALA J 122 2.80 -27.64 -50.66
CA ALA J 122 2.15 -26.48 -51.30
C ALA J 122 2.18 -25.26 -50.38
N PHE J 123 1.88 -25.44 -49.07
CA PHE J 123 1.92 -24.36 -48.07
C PHE J 123 3.34 -23.87 -47.79
N ARG J 124 4.33 -24.79 -47.85
CA ARG J 124 5.76 -24.51 -47.64
C ARG J 124 6.32 -23.55 -48.70
N GLU J 125 5.73 -23.55 -49.94
CA GLU J 125 6.10 -22.65 -51.04
C GLU J 125 5.93 -21.19 -50.62
N ALA J 126 4.81 -20.88 -49.91
CA ALA J 126 4.55 -19.54 -49.36
C ALA J 126 5.40 -19.40 -48.08
N ILE J 127 6.66 -18.96 -48.27
CA ILE J 127 7.70 -18.80 -47.24
C ILE J 127 7.34 -17.80 -46.12
N SER J 128 6.66 -16.68 -46.46
CA SER J 128 6.27 -15.64 -45.50
C SER J 128 4.98 -15.94 -44.72
N LEU J 129 4.37 -17.12 -44.94
CA LEU J 129 3.12 -17.54 -44.30
C LEU J 129 3.28 -17.84 -42.80
N LYS J 130 2.62 -17.01 -41.97
CA LYS J 130 2.65 -17.10 -40.51
C LYS J 130 1.28 -17.51 -39.98
N LEU J 131 0.20 -16.91 -40.52
CA LEU J 131 -1.16 -17.25 -40.11
C LEU J 131 -1.83 -18.13 -41.17
N LEU J 132 -2.31 -19.30 -40.75
CA LEU J 132 -3.00 -20.26 -41.62
C LEU J 132 -4.27 -20.77 -40.95
N PHE J 133 -5.37 -20.82 -41.73
CA PHE J 133 -6.67 -21.26 -41.24
C PHE J 133 -7.28 -22.31 -42.16
N LEU J 134 -7.45 -23.53 -41.62
CA LEU J 134 -8.04 -24.67 -42.32
C LEU J 134 -9.13 -25.24 -41.39
N SER J 135 -10.19 -24.44 -41.20
CA SER J 135 -11.32 -24.76 -40.32
C SER J 135 -12.57 -25.21 -41.09
N LYS J 136 -13.37 -26.13 -40.48
CA LYS J 136 -14.62 -26.71 -41.00
C LYS J 136 -14.44 -27.42 -42.36
N ASN J 137 -13.21 -27.90 -42.64
CA ASN J 137 -12.84 -28.63 -43.87
C ASN J 137 -12.98 -30.15 -43.67
N HIS J 138 -12.72 -30.95 -44.72
CA HIS J 138 -12.83 -32.42 -44.67
C HIS J 138 -11.44 -33.09 -44.57
N LEU J 139 -10.58 -32.57 -43.66
CA LEU J 139 -9.23 -33.09 -43.43
C LEU J 139 -9.25 -34.29 -42.51
N SER J 140 -8.75 -35.43 -43.00
CA SER J 140 -8.68 -36.67 -42.23
C SER J 140 -7.52 -36.66 -41.23
N SER J 141 -6.48 -35.86 -41.51
CA SER J 141 -5.27 -35.71 -40.69
C SER J 141 -4.62 -34.34 -40.94
N VAL J 142 -3.48 -34.08 -40.27
CA VAL J 142 -2.70 -32.84 -40.39
C VAL J 142 -1.76 -32.99 -41.60
N PRO J 143 -1.67 -31.97 -42.51
CA PRO J 143 -0.74 -32.09 -43.66
C PRO J 143 0.73 -32.10 -43.22
N VAL J 144 1.61 -32.59 -44.11
CA VAL J 144 3.04 -32.68 -43.84
C VAL J 144 3.76 -31.39 -44.25
N GLY J 145 3.52 -30.93 -45.49
CA GLY J 145 4.12 -29.73 -46.05
C GLY J 145 3.59 -28.45 -45.45
N LEU J 146 4.04 -28.14 -44.22
CA LEU J 146 3.64 -26.95 -43.48
C LEU J 146 4.80 -25.93 -43.37
N PRO J 147 4.52 -24.60 -43.45
CA PRO J 147 5.62 -23.60 -43.38
C PRO J 147 6.43 -23.66 -42.09
N VAL J 148 7.74 -23.40 -42.21
CA VAL J 148 8.72 -23.41 -41.12
C VAL J 148 8.51 -22.21 -40.18
N ASP J 149 8.23 -21.02 -40.75
CA ASP J 149 8.00 -19.77 -40.02
C ASP J 149 6.53 -19.52 -39.65
N LEU J 150 5.68 -20.57 -39.79
CA LEU J 150 4.26 -20.52 -39.47
C LEU J 150 4.06 -20.32 -37.97
N GLN J 151 3.35 -19.24 -37.61
CA GLN J 151 3.10 -18.81 -36.23
C GLN J 151 1.76 -19.31 -35.67
N GLU J 152 0.67 -19.19 -36.44
CA GLU J 152 -0.66 -19.62 -36.00
C GLU J 152 -1.31 -20.62 -36.95
N LEU J 153 -1.34 -21.90 -36.55
CA LEU J 153 -1.96 -22.97 -37.33
C LEU J 153 -3.29 -23.33 -36.68
N ARG J 154 -4.39 -23.10 -37.42
CA ARG J 154 -5.73 -23.41 -36.96
C ARG J 154 -6.34 -24.45 -37.89
N VAL J 155 -6.51 -25.69 -37.39
CA VAL J 155 -7.09 -26.81 -38.13
C VAL J 155 -8.09 -27.52 -37.20
N ASP J 156 -9.22 -26.84 -36.99
CA ASP J 156 -10.29 -27.27 -36.11
C ASP J 156 -11.57 -27.58 -36.89
N GLU J 157 -12.53 -28.26 -36.22
CA GLU J 157 -13.85 -28.65 -36.73
C GLU J 157 -13.76 -29.50 -38.01
N ASN J 158 -12.87 -30.50 -38.01
CA ASN J 158 -12.66 -31.41 -39.14
C ASN J 158 -12.85 -32.86 -38.69
N ARG J 159 -12.47 -33.83 -39.54
CA ARG J 159 -12.56 -35.26 -39.22
C ARG J 159 -11.15 -35.85 -38.98
N ILE J 160 -10.38 -35.27 -38.04
CA ILE J 160 -9.03 -35.73 -37.72
C ILE J 160 -9.07 -36.79 -36.61
N ALA J 161 -8.58 -37.99 -36.91
CA ALA J 161 -8.51 -39.13 -35.99
C ALA J 161 -7.06 -39.48 -35.66
N VAL J 162 -6.15 -39.32 -36.64
CA VAL J 162 -4.72 -39.62 -36.48
C VAL J 162 -3.82 -38.42 -36.76
N ILE J 163 -2.77 -38.27 -35.94
CA ILE J 163 -1.75 -37.22 -36.04
C ILE J 163 -0.38 -37.90 -36.02
N SER J 164 0.45 -37.62 -37.04
CA SER J 164 1.80 -38.17 -37.19
C SER J 164 2.84 -37.30 -36.48
N ASP J 165 3.99 -37.91 -36.11
CA ASP J 165 5.12 -37.23 -35.45
C ASP J 165 5.86 -36.29 -36.41
N MET J 166 5.87 -36.65 -37.71
CA MET J 166 6.53 -35.88 -38.78
C MET J 166 5.65 -34.73 -39.30
N ALA J 167 4.35 -34.72 -38.94
CA ALA J 167 3.39 -33.68 -39.33
C ALA J 167 3.71 -32.34 -38.67
N PHE J 168 4.28 -32.37 -37.44
CA PHE J 168 4.67 -31.17 -36.68
C PHE J 168 6.19 -30.99 -36.64
N GLN J 169 6.83 -31.10 -37.82
CA GLN J 169 8.27 -30.93 -38.03
C GLN J 169 8.52 -29.51 -38.56
N ASN J 170 9.67 -28.90 -38.14
CA ASN J 170 10.12 -27.54 -38.50
C ASN J 170 9.19 -26.41 -38.01
N LEU J 171 8.08 -26.76 -37.33
CA LEU J 171 7.12 -25.80 -36.78
C LEU J 171 7.51 -25.37 -35.36
N THR J 172 8.81 -25.13 -35.14
CA THR J 172 9.39 -24.70 -33.87
C THR J 172 8.94 -23.27 -33.50
N SER J 173 8.66 -22.43 -34.53
CA SER J 173 8.21 -21.04 -34.35
C SER J 173 6.67 -20.86 -34.34
N LEU J 174 5.93 -21.93 -33.97
CA LEU J 174 4.46 -21.90 -33.88
C LEU J 174 4.04 -21.59 -32.45
N GLU J 175 3.13 -20.62 -32.27
CA GLU J 175 2.63 -20.21 -30.96
C GLU J 175 1.28 -20.84 -30.63
N ARG J 176 0.22 -20.51 -31.39
CA ARG J 176 -1.12 -21.07 -31.16
C ARG J 176 -1.42 -22.23 -32.08
N LEU J 177 -1.94 -23.33 -31.51
CA LEU J 177 -2.31 -24.54 -32.25
C LEU J 177 -3.69 -25.00 -31.80
N ILE J 178 -4.66 -24.93 -32.72
CA ILE J 178 -6.06 -25.29 -32.47
C ILE J 178 -6.42 -26.54 -33.29
N VAL J 179 -6.91 -27.59 -32.58
CA VAL J 179 -7.32 -28.87 -33.16
C VAL J 179 -8.64 -29.39 -32.53
N ASP J 180 -9.48 -28.45 -32.04
CA ASP J 180 -10.76 -28.79 -31.39
C ASP J 180 -11.86 -29.21 -32.39
N GLY J 181 -12.79 -30.04 -31.93
CA GLY J 181 -13.92 -30.53 -32.70
C GLY J 181 -13.59 -31.59 -33.74
N ASN J 182 -12.76 -32.57 -33.34
CA ASN J 182 -12.31 -33.67 -34.20
C ASN J 182 -12.53 -35.03 -33.51
N LEU J 183 -12.44 -36.13 -34.29
CA LEU J 183 -12.61 -37.50 -33.78
C LEU J 183 -11.26 -38.10 -33.33
N LEU J 184 -10.41 -37.25 -32.72
CA LEU J 184 -9.08 -37.59 -32.22
C LEU J 184 -9.15 -38.46 -30.96
N THR J 185 -8.12 -39.31 -30.78
CA THR J 185 -7.96 -40.24 -29.65
C THR J 185 -6.49 -40.30 -29.20
N ASN J 186 -6.23 -40.92 -28.03
CA ASN J 186 -4.87 -41.09 -27.49
C ASN J 186 -4.05 -42.08 -28.30
N LYS J 187 -4.74 -42.97 -29.05
CA LYS J 187 -4.13 -43.96 -29.95
C LYS J 187 -3.72 -43.29 -31.26
N GLY J 188 -4.47 -42.26 -31.65
CA GLY J 188 -4.25 -41.50 -32.88
C GLY J 188 -3.10 -40.52 -32.82
N ILE J 189 -2.66 -40.15 -31.60
CA ILE J 189 -1.55 -39.21 -31.40
C ILE J 189 -0.23 -39.95 -31.17
N ALA J 190 0.80 -39.56 -31.94
CA ALA J 190 2.14 -40.14 -31.89
C ALA J 190 2.88 -39.78 -30.60
N GLU J 191 3.86 -40.63 -30.21
CA GLU J 191 4.69 -40.46 -29.01
C GLU J 191 5.64 -39.26 -29.17
N GLY J 192 5.30 -38.17 -28.48
CA GLY J 192 6.06 -36.92 -28.49
C GLY J 192 6.03 -36.16 -29.80
N THR J 193 4.80 -35.89 -30.32
CA THR J 193 4.59 -35.17 -31.57
C THR J 193 4.55 -33.64 -31.36
N PHE J 194 4.00 -33.18 -30.22
CA PHE J 194 3.88 -31.76 -29.86
C PHE J 194 5.09 -31.23 -29.10
N SER J 195 5.92 -32.14 -28.56
CA SER J 195 7.13 -31.85 -27.76
C SER J 195 8.19 -30.98 -28.46
N HIS J 196 8.24 -31.02 -29.81
CA HIS J 196 9.21 -30.26 -30.62
C HIS J 196 8.85 -28.78 -30.86
N LEU J 197 7.65 -28.37 -30.43
CA LEU J 197 7.17 -26.99 -30.60
C LEU J 197 7.42 -26.16 -29.32
N THR J 198 8.68 -25.73 -29.11
CA THR J 198 9.10 -24.97 -27.92
C THR J 198 8.41 -23.61 -27.77
N LYS J 199 8.10 -22.93 -28.90
CA LYS J 199 7.46 -21.61 -28.89
C LYS J 199 5.94 -21.64 -28.68
N LEU J 200 5.34 -22.84 -28.52
CA LEU J 200 3.90 -23.00 -28.31
C LEU J 200 3.44 -22.33 -27.02
N LYS J 201 2.47 -21.40 -27.13
CA LYS J 201 1.89 -20.64 -26.01
C LYS J 201 0.47 -21.05 -25.66
N GLU J 202 -0.30 -21.53 -26.67
CA GLU J 202 -1.68 -21.99 -26.50
C GLU J 202 -1.93 -23.29 -27.27
N PHE J 203 -2.67 -24.22 -26.66
CA PHE J 203 -3.00 -25.53 -27.21
C PHE J 203 -4.38 -25.95 -26.71
N SER J 204 -5.32 -26.17 -27.65
CA SER J 204 -6.69 -26.55 -27.31
C SER J 204 -7.21 -27.72 -28.15
N ILE J 205 -7.75 -28.75 -27.46
CA ILE J 205 -8.37 -29.93 -28.06
C ILE J 205 -9.70 -30.18 -27.33
N VAL J 206 -10.72 -29.35 -27.62
CA VAL J 206 -12.03 -29.46 -26.98
C VAL J 206 -13.04 -30.14 -27.92
N ARG J 207 -14.01 -30.89 -27.35
CA ARG J 207 -15.05 -31.65 -28.06
C ARG J 207 -14.45 -32.82 -28.89
N ASN J 208 -13.50 -33.55 -28.28
CA ASN J 208 -12.81 -34.70 -28.88
C ASN J 208 -13.01 -35.97 -28.03
N SER J 209 -12.33 -37.07 -28.41
CA SER J 209 -12.43 -38.34 -27.69
C SER J 209 -11.09 -38.78 -27.07
N LEU J 210 -10.56 -37.96 -26.15
CA LEU J 210 -9.29 -38.23 -25.45
C LEU J 210 -9.55 -38.88 -24.08
N SER J 211 -9.00 -40.10 -23.88
CA SER J 211 -9.16 -40.89 -22.65
C SER J 211 -8.27 -40.41 -21.47
N HIS J 212 -7.23 -39.61 -21.77
CA HIS J 212 -6.27 -39.00 -20.84
C HIS J 212 -5.50 -37.87 -21.55
N PRO J 213 -4.98 -36.82 -20.87
CA PRO J 213 -4.26 -35.76 -21.58
C PRO J 213 -3.05 -36.25 -22.38
N PRO J 214 -2.80 -35.72 -23.60
CA PRO J 214 -1.67 -36.21 -24.42
C PRO J 214 -0.30 -36.16 -23.74
N PRO J 215 0.45 -37.29 -23.72
CA PRO J 215 1.77 -37.27 -23.07
C PRO J 215 2.81 -36.51 -23.88
N ASP J 216 3.86 -36.00 -23.19
CA ASP J 216 4.98 -35.23 -23.73
C ASP J 216 4.50 -33.94 -24.42
N LEU J 217 4.36 -32.87 -23.61
CA LEU J 217 3.92 -31.55 -24.05
C LEU J 217 4.95 -30.47 -23.72
N PRO J 218 5.10 -29.42 -24.56
CA PRO J 218 6.11 -28.38 -24.26
C PRO J 218 5.72 -27.44 -23.13
N GLY J 219 6.58 -27.37 -22.12
CA GLY J 219 6.38 -26.53 -20.95
C GLY J 219 7.30 -25.31 -20.93
N THR J 220 7.91 -24.99 -22.09
CA THR J 220 8.84 -23.87 -22.25
C THR J 220 8.14 -22.51 -22.41
N HIS J 221 7.07 -22.45 -23.22
CA HIS J 221 6.32 -21.22 -23.48
C HIS J 221 4.80 -21.32 -23.27
N LEU J 222 4.27 -22.56 -23.08
CA LEU J 222 2.84 -22.83 -22.91
C LEU J 222 2.21 -22.15 -21.69
N ILE J 223 1.14 -21.39 -21.94
CA ILE J 223 0.40 -20.61 -20.96
C ILE J 223 -1.03 -21.15 -20.81
N ARG J 224 -1.74 -21.35 -21.93
CA ARG J 224 -3.11 -21.84 -21.93
C ARG J 224 -3.22 -23.26 -22.50
N LEU J 225 -3.89 -24.16 -21.74
CA LEU J 225 -4.12 -25.55 -22.11
C LEU J 225 -5.59 -25.92 -21.85
N TYR J 226 -6.38 -26.04 -22.93
CA TYR J 226 -7.81 -26.35 -22.88
C TYR J 226 -8.09 -27.81 -23.25
N LEU J 227 -8.81 -28.53 -22.37
CA LEU J 227 -9.19 -29.94 -22.56
C LEU J 227 -10.64 -30.17 -22.07
N GLN J 228 -11.62 -29.69 -22.86
CA GLN J 228 -13.06 -29.78 -22.55
C GLN J 228 -13.80 -30.82 -23.39
N ASP J 229 -14.94 -31.34 -22.85
CA ASP J 229 -15.87 -32.32 -23.45
C ASP J 229 -15.23 -33.66 -23.87
N ASN J 230 -14.00 -33.93 -23.40
CA ASN J 230 -13.29 -35.18 -23.68
C ASN J 230 -13.74 -36.29 -22.72
N GLN J 231 -13.29 -37.53 -22.96
CA GLN J 231 -13.62 -38.70 -22.12
C GLN J 231 -12.45 -39.09 -21.21
N ILE J 232 -11.79 -38.09 -20.57
CA ILE J 232 -10.65 -38.33 -19.66
C ILE J 232 -11.13 -39.05 -18.39
N ASN J 233 -10.60 -40.26 -18.16
CA ASN J 233 -10.92 -41.08 -17.00
C ASN J 233 -10.04 -40.66 -15.83
N HIS J 234 -8.73 -40.45 -16.09
CA HIS J 234 -7.74 -40.06 -15.09
C HIS J 234 -6.61 -39.24 -15.73
N ILE J 235 -5.88 -38.47 -14.89
CA ILE J 235 -4.75 -37.66 -15.33
C ILE J 235 -3.46 -38.15 -14.65
N PRO J 236 -2.42 -38.54 -15.43
CA PRO J 236 -1.17 -39.02 -14.81
C PRO J 236 -0.35 -37.90 -14.19
N LEU J 237 0.63 -38.27 -13.34
CA LEU J 237 1.51 -37.35 -12.64
C LEU J 237 2.53 -36.65 -13.55
N THR J 238 2.92 -37.30 -14.66
CA THR J 238 3.89 -36.77 -15.62
C THR J 238 3.25 -35.89 -16.71
N ALA J 239 1.92 -36.01 -16.92
CA ALA J 239 1.15 -35.26 -17.92
C ALA J 239 1.16 -33.75 -17.70
N PHE J 240 1.27 -33.31 -16.44
CA PHE J 240 1.28 -31.90 -16.09
C PHE J 240 2.63 -31.39 -15.56
N ALA J 241 3.59 -32.31 -15.35
CA ALA J 241 4.93 -31.97 -14.89
C ALA J 241 5.71 -31.27 -16.02
N ASN J 242 6.67 -30.39 -15.64
CA ASN J 242 7.55 -29.59 -16.51
C ASN J 242 6.82 -28.41 -17.22
N LEU J 243 5.50 -28.28 -17.00
CA LEU J 243 4.70 -27.19 -17.57
C LEU J 243 4.67 -26.04 -16.55
N ARG J 244 5.88 -25.61 -16.12
CA ARG J 244 6.14 -24.57 -15.11
C ARG J 244 5.69 -23.16 -15.50
N LYS J 245 5.43 -22.90 -16.79
CA LYS J 245 5.00 -21.59 -17.30
C LYS J 245 3.49 -21.51 -17.60
N LEU J 246 2.73 -22.57 -17.29
CA LEU J 246 1.28 -22.63 -17.53
C LEU J 246 0.48 -21.74 -16.57
N GLU J 247 -0.44 -20.92 -17.11
CA GLU J 247 -1.31 -20.01 -16.36
C GLU J 247 -2.76 -20.48 -16.36
N ARG J 248 -3.31 -20.83 -17.54
CA ARG J 248 -4.70 -21.30 -17.67
C ARG J 248 -4.80 -22.78 -18.02
N LEU J 249 -5.58 -23.52 -17.23
CA LEU J 249 -5.84 -24.95 -17.41
C LEU J 249 -7.33 -25.20 -17.25
N ASP J 250 -7.92 -25.97 -18.16
CA ASP J 250 -9.35 -26.29 -18.15
C ASP J 250 -9.57 -27.76 -18.50
N ILE J 251 -10.19 -28.50 -17.57
CA ILE J 251 -10.49 -29.92 -17.73
C ILE J 251 -11.98 -30.21 -17.43
N SER J 252 -12.86 -29.23 -17.67
CA SER J 252 -14.31 -29.33 -17.46
C SER J 252 -14.98 -30.21 -18.52
N ASN J 253 -16.23 -30.66 -18.25
CA ASN J 253 -17.08 -31.53 -19.10
C ASN J 253 -16.44 -32.91 -19.40
N ASN J 254 -15.58 -33.39 -18.49
CA ASN J 254 -14.88 -34.67 -18.60
C ASN J 254 -15.51 -35.75 -17.72
N GLN J 255 -15.01 -37.00 -17.82
CA GLN J 255 -15.51 -38.14 -17.05
C GLN J 255 -14.53 -38.55 -15.93
N LEU J 256 -14.09 -37.57 -15.13
CA LEU J 256 -13.14 -37.77 -14.02
C LEU J 256 -13.80 -38.02 -12.69
N ARG J 257 -13.36 -39.07 -11.97
CA ARG J 257 -13.86 -39.44 -10.66
C ARG J 257 -12.93 -39.01 -9.53
N MET J 258 -11.62 -39.31 -9.65
CA MET J 258 -10.60 -38.98 -8.66
C MET J 258 -9.28 -38.57 -9.31
N LEU J 259 -8.63 -37.54 -8.74
CA LEU J 259 -7.35 -37.04 -9.22
C LEU J 259 -6.23 -37.45 -8.28
N THR J 260 -5.12 -37.97 -8.85
CA THR J 260 -3.96 -38.39 -8.09
C THR J 260 -3.23 -37.17 -7.51
N GLN J 261 -2.87 -37.22 -6.22
CA GLN J 261 -2.21 -36.12 -5.50
C GLN J 261 -0.81 -35.83 -6.05
N GLY J 262 -0.51 -34.55 -6.21
CA GLY J 262 0.77 -34.07 -6.73
C GLY J 262 0.78 -33.83 -8.22
N VAL J 263 -0.42 -33.76 -8.82
CA VAL J 263 -0.60 -33.56 -10.26
C VAL J 263 -0.48 -32.07 -10.65
N PHE J 264 -0.87 -31.15 -9.76
CA PHE J 264 -0.79 -29.72 -10.01
C PHE J 264 0.40 -29.09 -9.28
N ASP J 265 1.29 -29.93 -8.71
CA ASP J 265 2.47 -29.52 -7.94
C ASP J 265 3.55 -28.79 -8.73
N HIS J 266 3.61 -28.98 -10.07
CA HIS J 266 4.61 -28.33 -10.92
C HIS J 266 4.09 -27.03 -11.59
N LEU J 267 2.78 -26.76 -11.48
CA LEU J 267 2.15 -25.56 -12.06
C LEU J 267 2.14 -24.44 -11.01
N SER J 268 3.24 -23.66 -10.96
CA SER J 268 3.40 -22.54 -10.02
C SER J 268 2.78 -21.24 -10.54
N ASN J 269 2.91 -20.98 -11.86
CA ASN J 269 2.39 -19.79 -12.54
C ASN J 269 0.87 -19.80 -12.79
N LEU J 270 0.20 -20.95 -12.52
CA LEU J 270 -1.24 -21.17 -12.72
C LEU J 270 -2.11 -20.12 -12.03
N LYS J 271 -2.85 -19.35 -12.85
CA LYS J 271 -3.74 -18.27 -12.42
C LYS J 271 -5.21 -18.71 -12.35
N GLN J 272 -5.59 -19.78 -13.07
CA GLN J 272 -6.97 -20.27 -13.10
C GLN J 272 -7.07 -21.76 -13.44
N LEU J 273 -8.05 -22.45 -12.82
CA LEU J 273 -8.36 -23.87 -13.06
C LEU J 273 -9.87 -24.09 -13.06
N THR J 274 -10.38 -24.78 -14.10
CA THR J 274 -11.80 -25.11 -14.26
C THR J 274 -11.95 -26.62 -14.46
N ALA J 275 -12.63 -27.29 -13.52
CA ALA J 275 -12.87 -28.74 -13.56
C ALA J 275 -14.36 -29.04 -13.50
N ARG J 276 -16.64 -26.98 -14.60
CA ARG J 276 -17.95 -27.52 -14.22
C ARG J 276 -18.30 -28.84 -14.92
N ASN J 277 -19.35 -29.54 -14.42
CA ASN J 277 -19.91 -30.81 -14.90
C ASN J 277 -18.89 -31.94 -15.03
N ASN J 278 -18.70 -32.71 -13.94
CA ASN J 278 -17.79 -33.85 -13.87
C ASN J 278 -18.29 -34.82 -12.80
N PRO J 279 -18.27 -36.16 -13.03
CA PRO J 279 -18.74 -37.08 -11.98
C PRO J 279 -17.68 -37.35 -10.92
N TRP J 280 -17.47 -36.37 -10.02
CA TRP J 280 -16.49 -36.47 -8.95
C TRP J 280 -17.01 -37.33 -7.80
N PHE J 281 -16.55 -38.59 -7.72
CA PHE J 281 -16.93 -39.50 -6.64
C PHE J 281 -16.10 -39.16 -5.42
N CYS J 282 -16.73 -38.56 -4.41
CA CYS J 282 -16.05 -38.10 -3.21
C CYS J 282 -15.92 -39.16 -2.13
N ASP J 283 -14.69 -39.64 -1.94
CA ASP J 283 -14.30 -40.65 -0.96
C ASP J 283 -13.10 -40.12 -0.17
N CYS J 284 -12.07 -40.96 0.02
CA CYS J 284 -10.84 -40.58 0.73
C CYS J 284 -9.91 -39.80 -0.18
N SER J 285 -10.01 -40.05 -1.50
CA SER J 285 -9.20 -39.44 -2.56
C SER J 285 -9.40 -37.93 -2.77
N ILE J 286 -10.46 -37.36 -2.20
CA ILE J 286 -10.75 -35.93 -2.38
C ILE J 286 -10.27 -35.07 -1.20
N LYS J 287 -9.71 -35.70 -0.15
CA LYS J 287 -9.22 -35.02 1.05
C LYS J 287 -8.06 -34.05 0.78
N TRP J 288 -7.31 -34.26 -0.32
CA TRP J 288 -6.20 -33.37 -0.70
C TRP J 288 -6.72 -32.12 -1.41
N VAL J 289 -7.79 -32.27 -2.20
CA VAL J 289 -8.45 -31.20 -2.95
C VAL J 289 -9.02 -30.13 -2.02
N THR J 290 -9.75 -30.56 -0.97
CA THR J 290 -10.39 -29.69 0.03
C THR J 290 -9.37 -28.81 0.76
N GLU J 291 -8.25 -29.41 1.22
CA GLU J 291 -7.18 -28.70 1.91
C GLU J 291 -6.46 -27.73 0.97
N TRP J 292 -6.11 -28.18 -0.24
CA TRP J 292 -5.46 -27.40 -1.29
C TRP J 292 -6.25 -26.12 -1.63
N LEU J 293 -7.59 -26.23 -1.75
CA LEU J 293 -8.50 -25.12 -2.04
C LEU J 293 -8.62 -24.10 -0.90
N LYS J 294 -8.38 -24.54 0.35
CA LYS J 294 -8.47 -23.68 1.53
C LYS J 294 -7.34 -22.66 1.64
N TYR J 295 -6.08 -23.13 1.57
CA TYR J 295 -4.89 -22.30 1.70
C TYR J 295 -4.25 -21.98 0.34
N ILE J 296 -5.09 -21.77 -0.69
CA ILE J 296 -4.65 -21.41 -2.05
C ILE J 296 -4.58 -19.85 -2.19
N PRO J 297 -3.49 -19.27 -2.77
CA PRO J 297 -3.44 -17.80 -2.89
C PRO J 297 -4.50 -17.20 -3.81
N SER J 298 -4.85 -15.91 -3.58
CA SER J 298 -5.85 -15.15 -4.33
C SER J 298 -5.61 -15.13 -5.83
N SER J 299 -4.34 -15.19 -6.26
CA SER J 299 -3.90 -15.20 -7.65
C SER J 299 -4.42 -16.40 -8.45
N LEU J 300 -4.65 -17.55 -7.78
CA LEU J 300 -5.16 -18.76 -8.42
C LEU J 300 -6.60 -19.08 -8.00
N ASN J 301 -7.52 -19.07 -8.99
CA ASN J 301 -8.94 -19.37 -8.80
C ASN J 301 -9.17 -20.80 -9.26
N VAL J 302 -9.94 -21.57 -8.48
CA VAL J 302 -10.28 -22.96 -8.78
C VAL J 302 -11.78 -23.14 -8.55
N ARG J 303 -12.51 -23.51 -9.60
CA ARG J 303 -13.95 -23.72 -9.57
C ARG J 303 -14.34 -24.88 -10.48
N GLY J 304 -15.42 -25.57 -10.10
CA GLY J 304 -15.94 -26.70 -10.86
C GLY J 304 -16.06 -27.97 -10.04
N PHE J 305 -15.28 -28.07 -8.95
CA PHE J 305 -15.26 -29.23 -8.06
C PHE J 305 -16.55 -29.35 -7.24
N MET J 306 -17.40 -30.31 -7.64
CA MET J 306 -18.68 -30.60 -7.00
C MET J 306 -18.93 -32.11 -6.92
N CYS J 307 -19.40 -32.58 -5.75
CA CYS J 307 -19.66 -33.98 -5.43
C CYS J 307 -20.84 -34.56 -6.22
N GLN J 308 -20.67 -35.81 -6.70
CA GLN J 308 -21.71 -36.54 -7.44
C GLN J 308 -22.08 -37.85 -6.74
N GLY J 309 -21.09 -38.48 -6.12
CA GLY J 309 -21.25 -39.72 -5.36
C GLY J 309 -20.54 -39.66 -4.03
N PRO J 310 -21.12 -40.19 -2.93
CA PRO J 310 -22.41 -40.89 -2.80
C PRO J 310 -23.60 -39.93 -2.68
N GLU J 311 -24.81 -40.48 -2.47
CA GLU J 311 -26.06 -39.73 -2.34
C GLU J 311 -26.13 -38.85 -1.08
N GLN J 312 -25.39 -39.22 -0.02
CA GLN J 312 -25.32 -38.51 1.27
C GLN J 312 -24.63 -37.16 1.09
N VAL J 313 -23.58 -37.13 0.25
CA VAL J 313 -22.77 -35.94 -0.03
C VAL J 313 -23.03 -35.39 -1.46
N ARG J 314 -24.08 -35.89 -2.13
CA ARG J 314 -24.46 -35.52 -3.50
C ARG J 314 -24.78 -34.03 -3.70
N GLY J 315 -24.19 -33.46 -4.77
CA GLY J 315 -24.37 -32.07 -5.16
C GLY J 315 -23.50 -31.06 -4.44
N MET J 316 -22.98 -31.44 -3.26
CA MET J 316 -22.15 -30.60 -2.39
C MET J 316 -20.85 -30.10 -3.05
N ALA J 317 -20.22 -29.09 -2.42
CA ALA J 317 -18.98 -28.46 -2.89
C ALA J 317 -17.76 -29.02 -2.17
N VAL J 318 -16.77 -29.45 -2.96
CA VAL J 318 -15.51 -30.03 -2.49
C VAL J 318 -14.70 -29.02 -1.65
N ARG J 319 -14.88 -27.70 -1.89
CA ARG J 319 -14.24 -26.58 -1.20
C ARG J 319 -14.37 -26.67 0.33
N GLU J 320 -15.56 -27.02 0.84
CA GLU J 320 -15.79 -27.13 2.28
C GLU J 320 -16.19 -28.53 2.71
N LEU J 321 -15.59 -29.01 3.82
CA LEU J 321 -15.89 -30.31 4.42
C LEU J 321 -16.81 -30.17 5.63
N ASN J 322 -17.63 -31.21 5.90
CA ASN J 322 -18.54 -31.25 7.06
C ASN J 322 -18.14 -32.43 7.95
N MET J 323 -17.99 -32.16 9.27
CA MET J 323 -17.59 -33.11 10.32
C MET J 323 -16.23 -33.80 10.03
N ASN J 324 -15.30 -33.04 9.38
CA ASN J 324 -13.95 -33.44 8.96
C ASN J 324 -13.97 -34.69 8.06
N LEU J 325 -14.72 -34.60 6.94
CA LEU J 325 -14.93 -35.64 5.92
C LEU J 325 -15.45 -36.98 6.51
N LEU J 326 -16.26 -36.89 7.59
CA LEU J 326 -16.85 -38.02 8.35
C LEU J 326 -15.77 -38.87 9.05
N SER J 327 -15.89 -40.21 9.05
CA SER J 327 -14.95 -41.13 9.69
C SER J 327 -13.67 -41.43 8.85
N CYS J 328 -13.50 -40.71 7.71
CA CYS J 328 -12.35 -40.83 6.79
C CYS J 328 -10.96 -40.64 7.47
N PRO J 329 -10.71 -39.63 8.35
CA PRO J 329 -9.37 -39.52 8.96
C PRO J 329 -9.21 -40.25 10.30
N ARG K 11 -61.59 -9.25 -19.98
CA ARG K 11 -60.54 -10.02 -20.64
C ARG K 11 -60.81 -10.24 -22.15
N GLU K 12 -59.74 -10.23 -22.96
CA GLU K 12 -59.80 -10.40 -24.42
C GLU K 12 -59.03 -11.61 -24.92
N LEU K 13 -59.63 -12.35 -25.86
CA LEU K 13 -59.05 -13.54 -26.48
C LEU K 13 -59.15 -13.45 -28.00
N SER K 14 -58.15 -14.02 -28.71
CA SER K 14 -58.10 -14.05 -30.17
C SER K 14 -57.24 -15.20 -30.68
N CYS K 15 -57.75 -15.92 -31.70
CA CYS K 15 -57.06 -17.06 -32.33
C CYS K 15 -55.89 -16.60 -33.22
N GLU K 16 -55.01 -17.53 -33.64
CA GLU K 16 -53.83 -17.24 -34.47
C GLU K 16 -54.16 -16.48 -35.76
N SER K 17 -53.23 -15.58 -36.18
CA SER K 17 -53.27 -14.73 -37.37
C SER K 17 -54.49 -13.77 -37.42
N TYR K 18 -55.02 -13.40 -36.23
CA TYR K 18 -56.16 -12.47 -36.12
C TYR K 18 -55.85 -11.31 -35.16
N PRO K 19 -56.11 -10.04 -35.57
CA PRO K 19 -55.81 -8.91 -34.66
C PRO K 19 -56.81 -8.77 -33.50
N ILE K 20 -56.28 -8.54 -32.28
CA ILE K 20 -57.05 -8.37 -31.05
C ILE K 20 -57.42 -6.89 -30.84
N GLU K 21 -58.66 -6.61 -30.41
CA GLU K 21 -59.15 -5.25 -30.20
C GLU K 21 -59.41 -4.93 -28.73
N LEU K 22 -58.65 -3.95 -28.20
CA LEU K 22 -58.74 -3.49 -26.81
C LEU K 22 -59.21 -2.03 -26.79
N ARG K 23 -60.25 -1.72 -25.98
CA ARG K 23 -60.79 -0.35 -25.87
C ARG K 23 -61.30 -0.02 -24.47
N CYS K 24 -60.96 1.19 -23.99
CA CYS K 24 -61.37 1.72 -22.68
C CYS K 24 -62.47 2.78 -22.83
N PRO K 25 -63.55 2.72 -22.01
CA PRO K 25 -64.64 3.72 -22.15
C PRO K 25 -64.27 5.13 -21.69
N GLY K 26 -64.61 6.12 -22.53
CA GLY K 26 -64.35 7.53 -22.27
C GLY K 26 -62.97 7.96 -22.70
N THR K 27 -62.13 8.35 -21.72
CA THR K 27 -60.75 8.79 -21.93
C THR K 27 -59.75 7.99 -21.06
N ASP K 28 -60.15 6.77 -20.63
CA ASP K 28 -59.36 5.87 -19.80
C ASP K 28 -58.21 5.20 -20.56
N VAL K 29 -57.25 4.62 -19.83
CA VAL K 29 -56.06 3.95 -20.37
C VAL K 29 -56.03 2.46 -19.99
N ILE K 30 -55.65 1.60 -20.96
CA ILE K 30 -55.54 0.14 -20.80
C ILE K 30 -54.34 -0.22 -19.91
N MET K 31 -54.56 -1.08 -18.89
CA MET K 31 -53.52 -1.52 -17.96
C MET K 31 -53.43 -3.04 -18.00
N ILE K 32 -52.45 -3.57 -18.76
CA ILE K 32 -52.21 -5.01 -18.91
C ILE K 32 -51.74 -5.62 -17.59
N GLU K 33 -52.34 -6.77 -17.21
CA GLU K 33 -52.02 -7.49 -15.96
C GLU K 33 -51.31 -8.81 -16.26
N SER K 34 -51.89 -9.65 -17.14
CA SER K 34 -51.33 -10.93 -17.54
C SER K 34 -51.53 -11.16 -19.03
N ALA K 35 -50.44 -11.48 -19.74
CA ALA K 35 -50.46 -11.72 -21.18
C ALA K 35 -49.71 -13.02 -21.51
N ASN K 36 -50.39 -13.97 -22.17
CA ASN K 36 -49.79 -15.24 -22.56
C ASN K 36 -50.12 -15.60 -24.01
N TYR K 37 -49.09 -15.63 -24.86
CA TYR K 37 -49.20 -15.99 -26.27
C TYR K 37 -48.80 -17.46 -26.44
N GLY K 38 -49.80 -18.33 -26.41
CA GLY K 38 -49.62 -19.76 -26.53
C GLY K 38 -50.89 -20.55 -26.32
N ARG K 39 -50.77 -21.71 -25.64
CA ARG K 39 -51.91 -22.58 -25.36
C ARG K 39 -51.86 -23.13 -23.93
N THR K 40 -52.92 -22.87 -23.17
CA THR K 40 -53.10 -23.35 -21.80
C THR K 40 -54.25 -24.35 -21.74
N ASP K 41 -55.32 -24.09 -22.53
CA ASP K 41 -56.50 -24.94 -22.64
C ASP K 41 -56.72 -25.29 -24.12
N ASP K 42 -56.93 -26.59 -24.40
CA ASP K 42 -57.09 -27.12 -25.76
C ASP K 42 -58.42 -26.78 -26.42
N LYS K 43 -59.51 -26.79 -25.63
CA LYS K 43 -60.86 -26.56 -26.14
C LYS K 43 -61.13 -25.13 -26.65
N ILE K 44 -60.23 -24.15 -26.38
CA ILE K 44 -60.41 -22.75 -26.80
C ILE K 44 -60.49 -22.65 -28.35
N CYS K 45 -59.37 -22.81 -29.05
CA CYS K 45 -59.34 -22.72 -30.51
C CYS K 45 -59.93 -23.94 -31.21
N ASP K 46 -60.53 -23.73 -32.39
CA ASP K 46 -61.11 -24.79 -33.22
C ASP K 46 -60.42 -24.87 -34.57
N SER K 47 -59.46 -25.80 -34.68
CA SER K 47 -58.67 -26.00 -35.90
C SER K 47 -58.50 -27.49 -36.19
N ASP K 48 -57.30 -28.05 -35.89
CA ASP K 48 -56.98 -29.46 -36.10
C ASP K 48 -56.49 -30.10 -34.80
N PRO K 49 -56.98 -31.32 -34.44
CA PRO K 49 -56.55 -31.97 -33.19
C PRO K 49 -55.07 -32.33 -33.10
N ALA K 50 -54.38 -32.40 -34.25
CA ALA K 50 -52.96 -32.71 -34.32
C ALA K 50 -52.08 -31.56 -33.79
N GLN K 51 -52.65 -30.34 -33.71
CA GLN K 51 -51.99 -29.15 -33.20
C GLN K 51 -52.38 -28.83 -31.75
N MET K 52 -53.52 -29.39 -31.30
CA MET K 52 -54.04 -29.19 -29.95
C MET K 52 -53.46 -30.19 -28.92
N GLU K 53 -52.65 -31.16 -29.40
CA GLU K 53 -52.02 -32.20 -28.57
C GLU K 53 -51.07 -31.64 -27.50
N ASN K 54 -50.38 -30.52 -27.79
CA ASN K 54 -49.48 -29.86 -26.85
C ASN K 54 -50.16 -28.65 -26.23
N ILE K 55 -50.41 -28.72 -24.91
CA ILE K 55 -51.06 -27.64 -24.16
C ILE K 55 -50.09 -26.97 -23.19
N ARG K 56 -48.77 -27.07 -23.46
CA ARG K 56 -47.73 -26.49 -22.61
C ARG K 56 -46.93 -25.40 -23.33
N CYS K 57 -47.65 -24.52 -24.04
CA CYS K 57 -47.02 -23.40 -24.75
C CYS K 57 -47.18 -22.11 -23.95
N TYR K 58 -46.04 -21.42 -23.71
CA TYR K 58 -45.99 -20.18 -22.92
C TYR K 58 -44.99 -19.18 -23.52
N LEU K 59 -45.31 -17.87 -23.44
CA LEU K 59 -44.46 -16.79 -23.91
C LEU K 59 -44.25 -15.73 -22.79
N PRO K 60 -43.05 -15.69 -22.18
CA PRO K 60 -42.81 -14.72 -21.09
C PRO K 60 -42.75 -13.27 -21.56
N ASP K 61 -42.26 -13.08 -22.80
CA ASP K 61 -42.09 -11.76 -23.41
C ASP K 61 -43.42 -11.11 -23.85
N ALA K 62 -44.54 -11.87 -23.87
CA ALA K 62 -45.87 -11.40 -24.28
C ALA K 62 -46.32 -10.13 -23.55
N TYR K 63 -46.11 -10.04 -22.23
CA TYR K 63 -46.46 -8.88 -21.41
C TYR K 63 -45.66 -7.64 -21.82
N LYS K 64 -44.35 -7.81 -22.08
CA LYS K 64 -43.40 -6.76 -22.47
C LYS K 64 -43.75 -6.15 -23.85
N ILE K 65 -44.28 -6.99 -24.76
CA ILE K 65 -44.69 -6.61 -26.11
C ILE K 65 -45.96 -5.73 -26.06
N MET K 66 -47.00 -6.20 -25.36
CA MET K 66 -48.28 -5.51 -25.22
C MET K 66 -48.17 -4.20 -24.45
N SER K 67 -47.27 -4.16 -23.44
CA SER K 67 -47.03 -2.98 -22.59
C SER K 67 -46.52 -1.78 -23.37
N GLN K 68 -45.72 -2.02 -24.42
CA GLN K 68 -45.14 -0.99 -25.27
C GLN K 68 -46.19 -0.34 -26.17
N ARG K 69 -47.26 -1.08 -26.51
CA ARG K 69 -48.33 -0.64 -27.40
C ARG K 69 -49.62 -0.25 -26.69
N CYS K 70 -50.31 -1.23 -26.06
CA CYS K 70 -51.61 -1.09 -25.39
C CYS K 70 -51.65 -0.08 -24.24
N ASN K 71 -50.56 0.05 -23.46
CA ASN K 71 -50.51 1.00 -22.35
C ASN K 71 -50.39 2.45 -22.83
N ASN K 72 -50.90 3.40 -22.01
CA ASN K 72 -50.93 4.86 -22.22
C ASN K 72 -51.93 5.32 -23.31
N ARG K 73 -52.49 4.37 -24.09
CA ARG K 73 -53.45 4.65 -25.16
C ARG K 73 -54.88 4.26 -24.76
N THR K 74 -55.87 4.84 -25.47
CA THR K 74 -57.30 4.59 -25.26
C THR K 74 -57.75 3.34 -26.05
N GLN K 75 -57.26 3.20 -27.31
CA GLN K 75 -57.56 2.07 -28.20
C GLN K 75 -56.29 1.49 -28.83
N CYS K 76 -56.20 0.14 -28.91
CA CYS K 76 -55.04 -0.54 -29.48
C CYS K 76 -55.41 -1.84 -30.20
N ALA K 77 -54.98 -1.98 -31.46
CA ALA K 77 -55.23 -3.15 -32.29
C ALA K 77 -53.94 -3.91 -32.62
N VAL K 78 -53.61 -4.93 -31.80
CA VAL K 78 -52.40 -5.74 -31.95
C VAL K 78 -52.69 -6.98 -32.81
N VAL K 79 -51.90 -7.19 -33.87
CA VAL K 79 -52.03 -8.32 -34.79
C VAL K 79 -51.30 -9.54 -34.20
N ALA K 80 -52.06 -10.49 -33.65
CA ALA K 80 -51.53 -11.69 -33.03
C ALA K 80 -51.01 -12.69 -34.09
N GLY K 81 -49.77 -12.47 -34.52
CA GLY K 81 -49.08 -13.29 -35.51
C GLY K 81 -47.57 -13.22 -35.42
N PRO K 82 -46.83 -13.69 -36.46
CA PRO K 82 -45.36 -13.65 -36.41
C PRO K 82 -44.74 -12.27 -36.58
N ASP K 83 -45.55 -11.25 -36.90
CA ASP K 83 -45.11 -9.86 -37.12
C ASP K 83 -44.92 -9.09 -35.81
N VAL K 84 -45.68 -9.45 -34.76
CA VAL K 84 -45.64 -8.79 -33.46
C VAL K 84 -45.19 -9.78 -32.36
N PHE K 85 -45.68 -11.03 -32.42
CA PHE K 85 -45.35 -12.07 -31.45
C PHE K 85 -44.46 -13.20 -32.01
N PRO K 86 -43.25 -13.43 -31.43
CA PRO K 86 -42.40 -14.52 -31.94
C PRO K 86 -42.95 -15.91 -31.60
N ASP K 87 -42.79 -16.88 -32.52
CA ASP K 87 -43.27 -18.26 -32.38
C ASP K 87 -42.55 -19.07 -31.29
N PRO K 88 -43.26 -19.50 -30.21
CA PRO K 88 -42.60 -20.28 -29.16
C PRO K 88 -42.33 -21.73 -29.58
N CYS K 89 -43.33 -22.42 -30.15
CA CYS K 89 -43.19 -23.80 -30.61
C CYS K 89 -43.78 -24.01 -32.01
N PRO K 90 -43.10 -24.74 -32.91
CA PRO K 90 -43.67 -24.93 -34.26
C PRO K 90 -44.72 -26.02 -34.33
N GLY K 91 -45.63 -25.88 -35.29
CA GLY K 91 -46.71 -26.82 -35.56
C GLY K 91 -47.75 -26.93 -34.45
N THR K 92 -48.16 -25.78 -33.89
CA THR K 92 -49.15 -25.69 -32.82
C THR K 92 -49.92 -24.37 -32.99
N TYR K 93 -51.27 -24.44 -33.02
CA TYR K 93 -52.14 -23.27 -33.15
C TYR K 93 -52.12 -22.48 -31.84
N LYS K 94 -51.87 -21.16 -31.91
CA LYS K 94 -51.73 -20.29 -30.73
C LYS K 94 -52.86 -19.28 -30.54
N TYR K 95 -53.03 -18.81 -29.28
CA TYR K 95 -54.00 -17.78 -28.91
C TYR K 95 -53.39 -16.78 -27.92
N LEU K 96 -54.02 -15.60 -27.79
CA LEU K 96 -53.57 -14.53 -26.92
C LEU K 96 -54.58 -14.22 -25.80
N GLU K 97 -54.20 -14.57 -24.55
CA GLU K 97 -55.00 -14.38 -23.34
C GLU K 97 -54.49 -13.16 -22.57
N VAL K 98 -55.15 -12.00 -22.80
CA VAL K 98 -54.76 -10.73 -22.18
C VAL K 98 -55.85 -10.18 -21.23
N GLN K 99 -55.49 -10.05 -19.94
CA GLN K 99 -56.34 -9.49 -18.89
C GLN K 99 -55.97 -8.02 -18.72
N TYR K 100 -56.97 -7.12 -18.58
CA TYR K 100 -56.72 -5.68 -18.46
C TYR K 100 -57.75 -4.92 -17.62
N GLU K 101 -57.32 -3.77 -17.05
CA GLU K 101 -58.13 -2.86 -16.22
C GLU K 101 -58.23 -1.45 -16.84
N CYS K 102 -59.13 -0.59 -16.28
CA CYS K 102 -59.37 0.78 -16.73
C CYS K 102 -58.87 1.83 -15.71
N VAL K 103 -57.63 2.32 -15.93
CA VAL K 103 -56.96 3.32 -15.08
C VAL K 103 -56.90 4.71 -15.78
N PRO K 104 -56.72 5.85 -15.05
CA PRO K 104 -56.67 7.17 -15.73
C PRO K 104 -55.46 7.35 -16.69
N TYR K 105 -55.48 8.45 -17.48
CA TYR K 105 -54.49 8.79 -18.50
C TYR K 105 -53.19 9.46 -17.96
N LYS K 106 -52.60 8.89 -16.88
CA LYS K 106 -51.37 9.42 -16.30
C LYS K 106 -50.12 8.64 -16.74
N VAL K 107 -49.23 9.31 -17.50
CA VAL K 107 -47.99 8.76 -18.03
C VAL K 107 -46.79 9.03 -17.10
N GLU K 108 -45.74 8.18 -17.19
CA GLU K 108 -44.50 8.31 -16.41
C GLU K 108 -43.43 9.04 -17.24
N GLN K 109 -42.85 10.11 -16.66
CA GLN K 109 -41.87 10.99 -17.30
C GLN K 109 -40.38 10.65 -17.06
N LYS K 110 -39.50 11.37 -17.81
CA LYS K 110 -38.03 11.41 -17.80
C LYS K 110 -37.32 10.17 -18.38
N VAL K 111 -37.67 8.96 -17.89
CA VAL K 111 -37.02 7.72 -18.32
C VAL K 111 -37.36 7.37 -19.80
N PHE K 112 -38.64 7.45 -20.19
CA PHE K 112 -39.05 7.17 -21.57
C PHE K 112 -38.98 8.39 -22.49
N LEU K 113 -39.03 9.61 -21.92
CA LEU K 113 -39.06 10.87 -22.68
C LEU K 113 -37.72 11.36 -23.25
N CYS K 114 -37.86 12.05 -24.39
CA CYS K 114 -36.79 12.65 -25.18
C CYS K 114 -36.13 13.82 -24.45
N PRO K 115 -34.79 13.79 -24.23
CA PRO K 115 -34.14 14.93 -23.56
C PRO K 115 -33.99 16.16 -24.46
N GLY K 116 -33.91 15.95 -25.77
CA GLY K 116 -33.78 17.01 -26.76
C GLY K 116 -32.78 16.72 -27.87
N LEU K 117 -32.41 17.78 -28.62
CA LEU K 117 -31.45 17.71 -29.73
C LEU K 117 -30.05 18.04 -29.20
N LEU K 118 -29.09 17.10 -29.37
CA LEU K 118 -27.69 17.20 -28.92
C LEU K 118 -27.00 18.51 -29.33
N LYS K 119 -26.40 19.21 -28.34
CA LYS K 119 -25.68 20.47 -28.51
C LYS K 119 -24.16 20.32 -28.35
N GLY K 120 -23.73 19.46 -27.41
CA GLY K 120 -22.31 19.23 -27.15
C GLY K 120 -21.97 17.97 -26.39
N VAL K 121 -20.99 17.20 -26.94
CA VAL K 121 -20.46 15.97 -26.34
C VAL K 121 -19.21 16.38 -25.57
N TYR K 122 -19.20 16.15 -24.25
CA TYR K 122 -18.09 16.54 -23.39
C TYR K 122 -17.49 15.39 -22.58
N GLN K 123 -16.23 15.56 -22.14
CA GLN K 123 -15.45 14.58 -21.37
C GLN K 123 -15.99 14.38 -19.95
N SER K 124 -16.34 13.14 -19.60
CA SER K 124 -16.85 12.80 -18.28
C SER K 124 -15.88 11.86 -17.54
N GLU K 125 -16.29 10.60 -17.26
CA GLU K 125 -15.52 9.60 -16.52
C GLU K 125 -14.37 8.97 -17.30
N HIS K 126 -13.31 8.58 -16.55
CA HIS K 126 -12.14 7.86 -17.03
C HIS K 126 -11.90 6.75 -16.01
N LEU K 127 -12.15 5.49 -16.42
CA LEU K 127 -12.04 4.34 -15.52
C LEU K 127 -10.65 3.71 -15.49
N PHE K 128 -10.26 3.01 -16.57
CA PHE K 128 -8.95 2.34 -16.65
C PHE K 128 -8.42 2.21 -18.09
N GLU K 129 -7.14 1.83 -18.21
CA GLU K 129 -6.45 1.60 -19.48
C GLU K 129 -6.34 0.08 -19.70
N SER K 130 -7.23 -0.47 -20.54
CA SER K 130 -7.31 -1.90 -20.86
C SER K 130 -6.13 -2.38 -21.71
N ASP K 131 -5.87 -3.69 -21.67
CA ASP K 131 -4.79 -4.36 -22.42
C ASP K 131 -5.00 -4.33 -23.95
N HIS K 132 -6.27 -4.27 -24.40
CA HIS K 132 -6.66 -4.25 -25.80
C HIS K 132 -6.90 -2.82 -26.27
N GLN K 133 -6.39 -2.47 -27.47
CA GLN K 133 -6.53 -1.14 -28.08
C GLN K 133 -7.98 -0.91 -28.52
N SER K 134 -8.62 -1.96 -29.08
CA SER K 134 -9.99 -1.92 -29.56
C SER K 134 -10.90 -2.84 -28.75
N GLY K 135 -12.12 -2.37 -28.50
CA GLY K 135 -13.15 -3.08 -27.76
C GLY K 135 -14.41 -2.26 -27.56
N ALA K 136 -15.26 -2.68 -26.61
CA ALA K 136 -16.52 -2.01 -26.29
C ALA K 136 -17.04 -2.38 -24.89
N TRP K 137 -17.81 -1.47 -24.27
CA TRP K 137 -18.42 -1.65 -22.93
C TRP K 137 -19.76 -0.91 -22.86
N CYS K 138 -20.80 -1.53 -22.28
CA CYS K 138 -22.14 -0.94 -22.16
C CYS K 138 -22.96 -1.48 -20.97
N LYS K 139 -23.94 -0.68 -20.51
CA LYS K 139 -24.85 -1.02 -19.41
C LYS K 139 -26.26 -1.23 -19.95
N ASP K 140 -27.01 -2.19 -19.37
CA ASP K 140 -28.39 -2.48 -19.78
C ASP K 140 -29.34 -1.36 -19.31
N PRO K 141 -29.98 -0.63 -20.24
CA PRO K 141 -30.85 0.48 -19.82
C PRO K 141 -32.23 0.10 -19.30
N LEU K 142 -32.78 -1.04 -19.77
CA LEU K 142 -34.10 -1.52 -19.37
C LEU K 142 -34.13 -2.02 -17.93
N GLN K 143 -33.10 -2.76 -17.50
CA GLN K 143 -33.00 -3.29 -16.14
C GLN K 143 -32.30 -2.28 -15.23
N ALA K 144 -32.94 -1.93 -14.10
CA ALA K 144 -32.42 -0.98 -13.12
C ALA K 144 -31.36 -1.65 -12.21
N SER K 145 -30.16 -1.86 -12.77
CA SER K 145 -29.03 -2.49 -12.11
C SER K 145 -27.71 -1.83 -12.50
N ASP K 146 -26.71 -1.88 -11.60
CA ASP K 146 -25.38 -1.30 -11.82
C ASP K 146 -24.40 -2.28 -12.51
N LYS K 147 -24.94 -3.20 -13.32
CA LYS K 147 -24.17 -4.21 -14.05
C LYS K 147 -23.49 -3.62 -15.30
N ILE K 148 -22.16 -3.81 -15.42
CA ILE K 148 -21.36 -3.32 -16.54
C ILE K 148 -20.87 -4.51 -17.39
N TYR K 149 -21.23 -4.50 -18.69
CA TYR K 149 -20.87 -5.55 -19.64
C TYR K 149 -19.63 -5.14 -20.44
N TYR K 150 -18.55 -5.92 -20.28
CA TYR K 150 -17.23 -5.70 -20.90
C TYR K 150 -16.90 -6.80 -21.92
N MET K 151 -16.44 -6.39 -23.11
CA MET K 151 -16.05 -7.30 -24.20
C MET K 151 -14.88 -6.71 -25.02
N PRO K 152 -13.62 -7.14 -24.77
CA PRO K 152 -12.50 -6.60 -25.55
C PRO K 152 -12.36 -7.30 -26.91
N TRP K 153 -12.26 -6.52 -27.99
CA TRP K 153 -12.14 -7.05 -29.35
C TRP K 153 -10.73 -7.54 -29.69
N THR K 154 -10.65 -8.79 -30.16
CA THR K 154 -9.43 -9.46 -30.60
C THR K 154 -9.70 -10.02 -32.01
N PRO K 155 -8.85 -9.68 -33.02
CA PRO K 155 -9.12 -10.17 -34.39
C PRO K 155 -9.14 -11.70 -34.52
N TYR K 156 -10.27 -12.23 -35.06
CA TYR K 156 -10.58 -13.65 -35.30
C TYR K 156 -10.51 -14.51 -34.01
N ARG K 157 -10.73 -13.89 -32.82
CA ARG K 157 -10.68 -14.58 -31.53
C ARG K 157 -11.73 -14.12 -30.49
N THR K 158 -12.57 -13.13 -30.84
CA THR K 158 -13.61 -12.61 -29.93
C THR K 158 -14.79 -13.58 -29.84
N ASP K 159 -15.10 -14.07 -28.61
CA ASP K 159 -16.22 -15.00 -28.33
C ASP K 159 -16.63 -15.06 -26.84
N THR K 160 -16.23 -14.07 -26.02
CA THR K 160 -16.56 -14.04 -24.59
C THR K 160 -16.98 -12.68 -24.09
N LEU K 161 -18.11 -12.64 -23.35
CA LEU K 161 -18.68 -11.44 -22.75
C LEU K 161 -18.50 -11.52 -21.23
N THR K 162 -17.86 -10.49 -20.65
CA THR K 162 -17.57 -10.42 -19.22
C THR K 162 -18.56 -9.48 -18.49
N GLU K 163 -19.05 -9.92 -17.32
CA GLU K 163 -20.00 -9.18 -16.48
C GLU K 163 -19.32 -8.66 -15.21
N TYR K 164 -19.73 -7.46 -14.77
CA TYR K 164 -19.21 -6.80 -13.57
C TYR K 164 -20.36 -6.33 -12.69
N SER K 165 -20.25 -6.56 -11.36
CA SER K 165 -21.27 -6.22 -10.37
C SER K 165 -21.54 -4.71 -10.21
N SER K 166 -20.48 -3.91 -10.01
CA SER K 166 -20.59 -2.46 -9.83
C SER K 166 -19.46 -1.68 -10.54
N LYS K 167 -19.50 -0.34 -10.46
CA LYS K 167 -18.51 0.56 -11.06
C LYS K 167 -17.12 0.39 -10.42
N ASP K 168 -17.08 0.12 -9.10
CA ASP K 168 -15.85 -0.07 -8.32
C ASP K 168 -15.13 -1.37 -8.72
N ASP K 169 -15.90 -2.44 -9.01
CA ASP K 169 -15.38 -3.75 -9.43
C ASP K 169 -14.84 -3.74 -10.87
N PHE K 170 -15.32 -2.78 -11.69
CA PHE K 170 -14.91 -2.62 -13.08
C PHE K 170 -13.52 -1.97 -13.20
N ILE K 171 -13.20 -1.03 -12.29
CA ILE K 171 -11.91 -0.32 -12.27
C ILE K 171 -10.81 -1.23 -11.69
N ALA K 172 -11.04 -1.78 -10.47
CA ALA K 172 -10.10 -2.65 -9.75
C ALA K 172 -9.77 -3.95 -10.51
N GLY K 173 -10.75 -4.50 -11.21
CA GLY K 173 -10.60 -5.72 -12.00
C GLY K 173 -11.17 -6.96 -11.34
N ARG K 174 -12.43 -6.87 -10.85
CA ARG K 174 -13.12 -7.97 -10.20
C ARG K 174 -14.35 -8.42 -11.02
N PRO K 175 -14.19 -9.41 -11.94
CA PRO K 175 -15.32 -9.84 -12.77
C PRO K 175 -16.29 -10.77 -12.03
N THR K 176 -17.58 -10.58 -12.30
CA THR K 176 -18.67 -11.35 -11.70
C THR K 176 -18.74 -12.74 -12.37
N THR K 177 -19.03 -12.77 -13.68
CA THR K 177 -19.14 -13.99 -14.49
C THR K 177 -18.82 -13.73 -15.96
N THR K 178 -18.41 -14.78 -16.68
CA THR K 178 -18.10 -14.70 -18.10
C THR K 178 -18.98 -15.65 -18.90
N TYR K 179 -19.69 -15.10 -19.90
CA TYR K 179 -20.59 -15.86 -20.76
C TYR K 179 -19.84 -16.40 -21.98
N LYS K 180 -19.96 -17.70 -22.24
CA LYS K 180 -19.32 -18.36 -23.38
C LYS K 180 -20.27 -18.30 -24.58
N LEU K 181 -19.93 -17.46 -25.58
CA LEU K 181 -20.75 -17.27 -26.77
C LEU K 181 -20.63 -18.42 -27.78
N PRO K 182 -21.74 -18.87 -28.42
CA PRO K 182 -21.65 -20.00 -29.35
C PRO K 182 -20.96 -19.69 -30.69
N HIS K 183 -20.98 -18.40 -31.10
CA HIS K 183 -20.36 -17.96 -32.35
C HIS K 183 -19.39 -16.81 -32.12
N ARG K 184 -18.41 -16.65 -33.04
CA ARG K 184 -17.39 -15.60 -32.98
C ARG K 184 -17.99 -14.22 -33.29
N VAL K 185 -17.51 -13.17 -32.58
CA VAL K 185 -17.98 -11.79 -32.69
C VAL K 185 -17.15 -10.99 -33.70
N ASP K 186 -17.85 -10.19 -34.54
CA ASP K 186 -17.24 -9.32 -35.53
C ASP K 186 -17.53 -7.86 -35.20
N GLY K 187 -16.47 -7.07 -35.08
CA GLY K 187 -16.55 -5.65 -34.76
C GLY K 187 -16.72 -5.32 -33.30
N THR K 188 -17.02 -4.04 -33.00
CA THR K 188 -17.21 -3.52 -31.63
C THR K 188 -18.63 -2.97 -31.42
N GLY K 189 -19.57 -3.41 -32.26
CA GLY K 189 -20.96 -2.97 -32.22
C GLY K 189 -21.90 -3.88 -31.45
N PHE K 190 -21.49 -4.29 -30.23
CA PHE K 190 -22.33 -5.13 -29.38
C PHE K 190 -23.17 -4.27 -28.43
N VAL K 191 -24.36 -4.77 -28.04
CA VAL K 191 -25.27 -4.06 -27.12
C VAL K 191 -26.14 -5.06 -26.32
N VAL K 192 -26.64 -4.62 -25.14
CA VAL K 192 -27.47 -5.41 -24.23
C VAL K 192 -28.87 -4.76 -24.13
N TYR K 193 -29.92 -5.54 -24.41
CA TYR K 193 -31.31 -5.08 -24.39
C TYR K 193 -32.20 -6.06 -23.60
N ASP K 194 -32.64 -5.63 -22.39
CA ASP K 194 -33.52 -6.36 -21.46
C ASP K 194 -33.01 -7.79 -21.13
N GLY K 195 -31.81 -7.85 -20.54
CA GLY K 195 -31.16 -9.10 -20.14
C GLY K 195 -30.79 -10.04 -21.27
N ALA K 196 -30.70 -9.50 -22.50
CA ALA K 196 -30.37 -10.24 -23.71
C ALA K 196 -29.28 -9.51 -24.50
N LEU K 197 -28.34 -10.29 -25.03
CA LEU K 197 -27.20 -9.78 -25.79
C LEU K 197 -27.40 -9.87 -27.30
N PHE K 198 -27.11 -8.77 -28.00
CA PHE K 198 -27.20 -8.65 -29.46
C PHE K 198 -25.80 -8.37 -30.01
N PHE K 199 -25.29 -9.27 -30.87
CA PHE K 199 -23.96 -9.16 -31.47
C PHE K 199 -23.91 -9.66 -32.92
N ASN K 200 -23.01 -9.06 -33.72
CA ASN K 200 -22.80 -9.42 -35.13
C ASN K 200 -21.92 -10.66 -35.24
N LYS K 201 -22.44 -11.71 -35.88
CA LYS K 201 -21.74 -12.98 -36.12
C LYS K 201 -20.60 -12.78 -37.13
N GLU K 202 -19.46 -13.45 -36.91
CA GLU K 202 -18.26 -13.39 -37.77
C GLU K 202 -18.51 -14.01 -39.15
N ARG K 203 -18.04 -13.31 -40.21
CA ARG K 203 -18.16 -13.69 -41.63
C ARG K 203 -19.62 -13.83 -42.11
N THR K 204 -20.56 -13.12 -41.45
CA THR K 204 -21.99 -13.12 -41.74
C THR K 204 -22.67 -11.79 -41.41
N ARG K 205 -23.79 -11.49 -42.08
CA ARG K 205 -24.61 -10.28 -41.89
C ARG K 205 -25.72 -10.53 -40.86
N ASN K 206 -25.58 -11.59 -40.04
CA ASN K 206 -26.56 -12.00 -39.04
C ASN K 206 -26.31 -11.45 -37.65
N ILE K 207 -27.41 -11.08 -36.96
CA ILE K 207 -27.42 -10.57 -35.59
C ILE K 207 -27.88 -11.72 -34.70
N VAL K 208 -27.04 -12.11 -33.73
CA VAL K 208 -27.32 -13.23 -32.82
C VAL K 208 -27.86 -12.75 -31.45
N LYS K 209 -29.06 -13.23 -31.07
CA LYS K 209 -29.70 -12.92 -29.80
C LYS K 209 -29.33 -14.00 -28.79
N PHE K 210 -28.76 -13.60 -27.65
CA PHE K 210 -28.31 -14.52 -26.61
C PHE K 210 -28.77 -14.06 -25.23
N ASP K 211 -29.70 -14.82 -24.61
CA ASP K 211 -30.24 -14.50 -23.29
C ASP K 211 -29.23 -14.87 -22.22
N LEU K 212 -28.88 -13.90 -21.37
CA LEU K 212 -27.88 -14.04 -20.30
C LEU K 212 -28.38 -14.90 -19.13
N ARG K 213 -29.70 -14.86 -18.84
CA ARG K 213 -30.35 -15.59 -17.77
C ARG K 213 -30.33 -17.11 -18.01
N THR K 214 -30.66 -17.55 -19.24
CA THR K 214 -30.71 -18.97 -19.63
C THR K 214 -29.39 -19.50 -20.23
N ARG K 215 -28.50 -18.58 -20.67
CA ARG K 215 -27.18 -18.86 -21.27
C ARG K 215 -27.27 -19.69 -22.58
N ILE K 216 -28.35 -19.47 -23.35
CA ILE K 216 -28.61 -20.16 -24.63
C ILE K 216 -29.10 -19.18 -25.71
N LYS K 217 -28.85 -19.50 -26.99
CA LYS K 217 -29.26 -18.70 -28.14
C LYS K 217 -30.79 -18.73 -28.30
N SER K 218 -31.41 -17.57 -28.59
CA SER K 218 -32.86 -17.44 -28.75
C SER K 218 -33.31 -17.01 -30.15
N GLY K 219 -32.37 -16.54 -30.98
CA GLY K 219 -32.67 -16.10 -32.35
C GLY K 219 -31.50 -15.60 -33.16
N GLU K 220 -31.69 -15.57 -34.50
CA GLU K 220 -30.70 -15.08 -35.48
C GLU K 220 -31.43 -14.40 -36.65
N ALA K 221 -31.20 -13.08 -36.81
CA ALA K 221 -31.82 -12.27 -37.87
C ALA K 221 -30.84 -11.92 -38.98
N ILE K 222 -31.30 -11.95 -40.24
CA ILE K 222 -30.50 -11.64 -41.41
C ILE K 222 -30.80 -10.21 -41.87
N ILE K 223 -29.81 -9.31 -41.73
CA ILE K 223 -29.95 -7.91 -42.15
C ILE K 223 -29.77 -7.85 -43.66
N ALA K 224 -30.85 -7.51 -44.39
CA ALA K 224 -30.93 -7.45 -45.84
C ALA K 224 -29.92 -6.52 -46.51
N ASN K 225 -29.15 -7.09 -47.47
CA ASN K 225 -28.12 -6.45 -48.32
C ASN K 225 -26.95 -5.78 -47.56
N ALA K 226 -26.83 -6.02 -46.25
CA ALA K 226 -25.79 -5.45 -45.39
C ALA K 226 -24.39 -5.98 -45.68
N ASN K 227 -23.41 -5.07 -45.79
CA ASN K 227 -22.01 -5.40 -46.01
C ASN K 227 -21.41 -5.91 -44.71
N TYR K 228 -20.61 -6.98 -44.78
CA TYR K 228 -20.00 -7.61 -43.59
C TYR K 228 -18.55 -8.04 -43.78
N HIS K 229 -17.82 -8.21 -42.66
CA HIS K 229 -16.41 -8.65 -42.56
C HIS K 229 -15.45 -7.75 -43.37
N ASP K 230 -15.12 -6.58 -42.80
CA ASP K 230 -14.21 -5.54 -43.33
C ASP K 230 -14.60 -4.97 -44.71
N THR K 231 -15.84 -5.22 -45.18
CA THR K 231 -16.32 -4.72 -46.47
C THR K 231 -16.64 -3.22 -46.36
N SER K 232 -17.45 -2.84 -45.36
CA SER K 232 -17.82 -1.45 -45.11
C SER K 232 -17.79 -1.12 -43.60
N PRO K 233 -16.60 -1.14 -42.93
CA PRO K 233 -16.57 -0.80 -41.50
C PRO K 233 -16.31 0.69 -41.28
N TYR K 234 -15.81 1.07 -40.10
CA TYR K 234 -15.50 2.47 -39.78
C TYR K 234 -14.08 2.83 -40.27
N ARG K 235 -13.59 4.05 -39.94
CA ARG K 235 -12.28 4.56 -40.35
C ARG K 235 -11.10 3.70 -39.87
N TRP K 236 -11.24 3.02 -38.71
CA TRP K 236 -10.22 2.14 -38.15
C TRP K 236 -10.42 0.67 -38.60
N GLY K 237 -11.60 0.37 -39.14
CA GLY K 237 -11.95 -0.95 -39.62
C GLY K 237 -12.26 -1.90 -38.49
N GLY K 238 -11.51 -3.00 -38.45
CA GLY K 238 -11.65 -4.04 -37.43
C GLY K 238 -12.97 -4.78 -37.48
N LYS K 239 -13.48 -5.00 -38.72
CA LYS K 239 -14.74 -5.69 -39.05
C LYS K 239 -15.99 -5.06 -38.38
N SER K 240 -15.95 -3.73 -38.15
CA SER K 240 -17.03 -2.96 -37.51
C SER K 240 -18.11 -2.52 -38.52
N ASP K 241 -18.45 -3.41 -39.46
CA ASP K 241 -19.44 -3.22 -40.52
C ASP K 241 -20.85 -3.02 -39.99
N ILE K 242 -21.18 -3.68 -38.86
CA ILE K 242 -22.50 -3.60 -38.23
C ILE K 242 -22.34 -3.17 -36.77
N ASP K 243 -22.97 -2.04 -36.40
CA ASP K 243 -22.96 -1.45 -35.06
C ASP K 243 -24.40 -1.32 -34.53
N LEU K 244 -24.65 -1.81 -33.30
CA LEU K 244 -25.98 -1.75 -32.66
C LEU K 244 -26.10 -0.59 -31.66
N ALA K 245 -27.22 0.15 -31.73
CA ALA K 245 -27.50 1.30 -30.86
C ALA K 245 -28.88 1.23 -30.23
N VAL K 246 -28.97 1.70 -28.98
CA VAL K 246 -30.20 1.71 -28.18
C VAL K 246 -30.53 3.15 -27.76
N ASP K 247 -31.79 3.57 -27.97
CA ASP K 247 -32.28 4.91 -27.60
C ASP K 247 -33.68 4.87 -26.98
N GLU K 248 -34.40 6.01 -27.00
CA GLU K 248 -35.76 6.16 -26.46
C GLU K 248 -36.79 5.42 -27.33
N ASN K 249 -36.51 5.29 -28.64
CA ASN K 249 -37.38 4.60 -29.60
C ASN K 249 -37.31 3.08 -29.47
N GLY K 250 -36.11 2.55 -29.22
CA GLY K 250 -35.87 1.12 -29.05
C GLY K 250 -34.50 0.68 -29.51
N LEU K 251 -34.46 -0.45 -30.25
CA LEU K 251 -33.24 -1.05 -30.79
C LEU K 251 -33.05 -0.65 -32.25
N TRP K 252 -31.79 -0.29 -32.62
CA TRP K 252 -31.44 0.15 -33.96
C TRP K 252 -30.18 -0.54 -34.49
N VAL K 253 -30.10 -0.71 -35.83
CA VAL K 253 -28.97 -1.35 -36.50
C VAL K 253 -28.32 -0.35 -37.49
N ILE K 254 -27.07 0.01 -37.23
CA ILE K 254 -26.27 0.92 -38.05
C ILE K 254 -25.38 0.06 -38.94
N TYR K 255 -25.62 0.09 -40.26
CA TYR K 255 -24.89 -0.71 -41.25
C TYR K 255 -24.67 0.06 -42.57
N ALA K 256 -24.26 -0.67 -43.64
CA ALA K 256 -24.03 -0.09 -44.98
C ALA K 256 -24.34 -1.10 -46.10
N THR K 257 -25.03 -0.65 -47.15
CA THR K 257 -25.40 -1.46 -48.32
C THR K 257 -24.71 -0.94 -49.58
N GLU K 258 -24.49 -1.82 -50.57
CA GLU K 258 -23.88 -1.46 -51.85
C GLU K 258 -24.86 -0.69 -52.76
N GLN K 259 -26.18 -0.83 -52.49
CA GLN K 259 -27.26 -0.15 -53.21
C GLN K 259 -27.21 1.35 -52.91
N ASN K 260 -26.77 1.71 -51.69
CA ASN K 260 -26.60 3.08 -51.22
C ASN K 260 -25.15 3.56 -51.47
N ASN K 261 -24.35 2.73 -52.21
CA ASN K 261 -22.95 2.96 -52.60
C ASN K 261 -22.00 3.17 -51.40
N GLY K 262 -22.09 2.27 -50.42
CA GLY K 262 -21.27 2.28 -49.23
C GLY K 262 -21.66 3.27 -48.15
N LYS K 263 -22.74 4.05 -48.36
CA LYS K 263 -23.23 5.04 -47.41
C LYS K 263 -23.96 4.36 -46.24
N ILE K 264 -24.04 5.05 -45.08
CA ILE K 264 -24.67 4.55 -43.85
C ILE K 264 -26.18 4.31 -44.04
N VAL K 265 -26.65 3.11 -43.65
CA VAL K 265 -28.05 2.68 -43.71
C VAL K 265 -28.48 2.30 -42.29
N ILE K 266 -29.55 2.94 -41.80
CA ILE K 266 -30.07 2.71 -40.44
C ILE K 266 -31.46 2.08 -40.48
N SER K 267 -31.65 1.01 -39.71
CA SER K 267 -32.92 0.27 -39.64
C SER K 267 -33.29 -0.12 -38.21
N GLN K 268 -34.58 0.02 -37.87
CA GLN K 268 -35.12 -0.32 -36.56
C GLN K 268 -35.41 -1.82 -36.52
N LEU K 269 -34.81 -2.53 -35.56
CA LEU K 269 -34.99 -3.98 -35.40
C LEU K 269 -35.76 -4.29 -34.12
N ASN K 270 -36.77 -5.16 -34.22
CA ASN K 270 -37.58 -5.59 -33.08
C ASN K 270 -36.76 -6.56 -32.22
N PRO K 271 -36.71 -6.36 -30.89
CA PRO K 271 -35.89 -7.27 -30.04
C PRO K 271 -36.52 -8.63 -29.78
N TYR K 272 -37.83 -8.79 -30.07
CA TYR K 272 -38.55 -10.04 -29.83
C TYR K 272 -38.73 -10.88 -31.09
N THR K 273 -39.30 -10.30 -32.16
CA THR K 273 -39.55 -11.00 -33.43
C THR K 273 -38.31 -11.10 -34.32
N LEU K 274 -37.31 -10.22 -34.09
CA LEU K 274 -36.03 -10.12 -34.82
C LEU K 274 -36.24 -9.80 -36.32
N ARG K 275 -37.01 -8.72 -36.60
CA ARG K 275 -37.35 -8.28 -37.96
C ARG K 275 -37.18 -6.76 -38.13
N ILE K 276 -36.93 -6.32 -39.37
CA ILE K 276 -36.75 -4.91 -39.75
C ILE K 276 -38.13 -4.21 -39.76
N GLU K 277 -38.25 -3.09 -39.02
CA GLU K 277 -39.47 -2.29 -38.91
C GLU K 277 -39.29 -0.90 -39.53
N GLY K 278 -38.64 -0.86 -40.69
CA GLY K 278 -38.35 0.37 -41.43
C GLY K 278 -36.89 0.51 -41.80
N THR K 279 -36.62 1.02 -43.02
CA THR K 279 -35.27 1.21 -43.55
C THR K 279 -35.04 2.68 -43.95
N TRP K 280 -33.89 3.25 -43.53
CA TRP K 280 -33.51 4.64 -43.83
C TRP K 280 -32.09 4.71 -44.40
N ASP K 281 -31.93 5.44 -45.52
CA ASP K 281 -30.65 5.63 -46.20
C ASP K 281 -30.12 7.05 -46.00
N THR K 282 -28.81 7.17 -45.69
CA THR K 282 -28.14 8.46 -45.47
C THR K 282 -27.15 8.81 -46.58
N ALA K 283 -26.59 10.03 -46.54
CA ALA K 283 -25.63 10.55 -47.52
C ALA K 283 -24.16 10.35 -47.10
N TYR K 284 -23.90 10.14 -45.80
CA TYR K 284 -22.54 9.96 -45.27
C TYR K 284 -22.03 8.54 -45.45
N ASP K 285 -20.74 8.41 -45.81
CA ASP K 285 -20.06 7.13 -46.03
C ASP K 285 -19.57 6.55 -44.70
N LYS K 286 -19.77 5.24 -44.48
CA LYS K 286 -19.38 4.55 -43.25
C LYS K 286 -17.88 4.49 -43.00
N ARG K 287 -17.05 4.37 -44.07
CA ARG K 287 -15.59 4.34 -43.94
C ARG K 287 -15.02 5.71 -43.55
N SER K 288 -15.71 6.79 -43.94
CA SER K 288 -15.34 8.17 -43.61
C SER K 288 -15.67 8.47 -42.15
N ALA K 289 -16.71 7.79 -41.60
CA ALA K 289 -17.17 7.93 -40.23
C ALA K 289 -16.31 7.11 -39.25
N SER K 290 -16.11 7.66 -38.04
CA SER K 290 -15.37 7.03 -36.95
C SER K 290 -16.29 6.11 -36.14
N ASN K 291 -17.53 6.57 -35.85
CA ASN K 291 -18.58 5.85 -35.13
C ASN K 291 -19.96 6.51 -35.31
N ALA K 292 -21.04 5.85 -34.79
CA ALA K 292 -22.41 6.33 -34.87
C ALA K 292 -23.25 5.89 -33.67
N PHE K 293 -24.10 6.81 -33.17
CA PHE K 293 -24.98 6.56 -32.02
C PHE K 293 -26.35 7.20 -32.21
N MET K 294 -27.41 6.47 -31.82
CA MET K 294 -28.81 6.89 -31.95
C MET K 294 -29.37 7.48 -30.67
N ILE K 295 -30.07 8.63 -30.77
CA ILE K 295 -30.76 9.33 -29.68
C ILE K 295 -32.09 9.86 -30.24
N CYS K 296 -33.22 9.30 -29.74
CA CYS K 296 -34.60 9.66 -30.11
C CYS K 296 -34.87 9.50 -31.62
N GLY K 297 -34.32 8.46 -32.21
CA GLY K 297 -34.46 8.16 -33.63
C GLY K 297 -33.68 9.08 -34.53
N ILE K 298 -32.64 9.73 -33.98
CA ILE K 298 -31.77 10.67 -34.71
C ILE K 298 -30.34 10.12 -34.70
N LEU K 299 -29.73 9.98 -35.88
CA LEU K 299 -28.37 9.48 -36.06
C LEU K 299 -27.34 10.59 -35.86
N TYR K 300 -26.25 10.27 -35.14
CA TYR K 300 -25.16 11.18 -34.86
C TYR K 300 -23.84 10.58 -35.35
N VAL K 301 -23.39 11.04 -36.53
CA VAL K 301 -22.17 10.55 -37.17
C VAL K 301 -20.93 11.22 -36.57
N VAL K 302 -19.98 10.40 -36.11
CA VAL K 302 -18.72 10.87 -35.51
C VAL K 302 -17.62 10.88 -36.56
N LYS K 303 -16.83 11.97 -36.59
CA LYS K 303 -15.68 12.14 -37.48
C LYS K 303 -14.50 12.56 -36.60
N SER K 304 -13.46 11.71 -36.53
CA SER K 304 -12.28 11.97 -35.69
C SER K 304 -10.98 11.56 -36.34
N VAL K 305 -9.88 12.24 -35.96
CA VAL K 305 -8.52 11.96 -36.45
C VAL K 305 -7.99 10.69 -35.74
N TYR K 306 -7.16 9.92 -36.45
CA TYR K 306 -6.58 8.66 -35.96
C TYR K 306 -5.05 8.68 -36.02
N GLU K 307 -4.40 7.64 -35.43
CA GLU K 307 -2.95 7.47 -35.44
C GLU K 307 -2.55 7.14 -36.88
N ASP K 308 -1.47 7.79 -37.37
CA ASP K 308 -0.94 7.69 -38.73
C ASP K 308 -1.92 8.33 -39.74
N ASP K 309 -1.87 9.67 -39.83
CA ASP K 309 -2.65 10.51 -40.71
C ASP K 309 -1.76 11.47 -41.50
N ASP K 310 -1.56 11.18 -42.79
CA ASP K 310 -0.72 11.95 -43.71
C ASP K 310 -1.39 13.27 -44.10
N ASN K 311 -0.76 14.40 -43.67
CA ASN K 311 -1.17 15.80 -43.90
C ASN K 311 -2.65 16.05 -43.50
N GLU K 312 -3.08 15.45 -42.37
CA GLU K 312 -4.45 15.60 -41.87
C GLU K 312 -4.51 15.95 -40.39
N ALA K 313 -5.50 16.78 -40.01
CA ALA K 313 -5.76 17.21 -38.65
C ALA K 313 -7.28 17.37 -38.39
N THR K 314 -8.08 17.32 -39.47
CA THR K 314 -9.55 17.44 -39.44
C THR K 314 -10.20 16.26 -38.72
N GLY K 315 -11.23 16.56 -37.92
CA GLY K 315 -11.98 15.58 -37.13
C GLY K 315 -12.43 16.13 -35.80
N ASN K 316 -12.60 15.23 -34.81
CA ASN K 316 -13.05 15.49 -33.43
C ASN K 316 -14.37 16.28 -33.41
N LYS K 317 -15.27 15.98 -34.38
CA LYS K 317 -16.55 16.68 -34.55
C LYS K 317 -17.68 15.77 -35.01
N ILE K 318 -18.92 16.26 -34.81
CA ILE K 318 -20.17 15.63 -35.27
C ILE K 318 -20.57 16.50 -36.46
N ASP K 319 -20.45 15.96 -37.68
CA ASP K 319 -20.72 16.71 -38.90
C ASP K 319 -21.97 16.25 -39.68
N TYR K 320 -22.63 15.18 -39.23
CA TYR K 320 -23.81 14.67 -39.93
C TYR K 320 -24.91 14.19 -38.98
N ILE K 321 -26.16 14.61 -39.26
CA ILE K 321 -27.36 14.23 -38.50
C ILE K 321 -28.49 13.80 -39.44
N TYR K 322 -29.22 12.75 -39.05
CA TYR K 322 -30.34 12.20 -39.83
C TYR K 322 -31.49 11.77 -38.93
N ASN K 323 -32.69 12.34 -39.15
CA ASN K 323 -33.90 12.03 -38.40
C ASN K 323 -34.71 10.95 -39.11
N THR K 324 -35.31 10.03 -38.34
CA THR K 324 -36.13 8.93 -38.89
C THR K 324 -37.58 9.34 -39.06
N ASP K 325 -38.14 10.11 -38.11
CA ASP K 325 -39.53 10.58 -38.11
C ASP K 325 -39.78 11.61 -39.23
N GLN K 326 -38.77 12.46 -39.52
CA GLN K 326 -38.85 13.51 -40.54
C GLN K 326 -38.26 13.07 -41.89
N SER K 327 -37.32 12.11 -41.88
CA SER K 327 -36.59 11.57 -43.05
C SER K 327 -35.79 12.67 -43.79
N LYS K 328 -35.22 13.61 -43.00
CA LYS K 328 -34.43 14.74 -43.50
C LYS K 328 -33.05 14.79 -42.83
N ASP K 329 -32.02 15.18 -43.60
CA ASP K 329 -30.64 15.28 -43.13
C ASP K 329 -30.13 16.72 -43.08
N SER K 330 -29.20 17.00 -42.13
CA SER K 330 -28.59 18.31 -41.94
C SER K 330 -27.10 18.19 -41.58
N LEU K 331 -26.31 19.25 -41.87
CA LEU K 331 -24.89 19.31 -41.59
C LEU K 331 -24.64 20.18 -40.35
N VAL K 332 -24.10 19.57 -39.28
CA VAL K 332 -23.81 20.24 -38.00
C VAL K 332 -22.30 20.36 -37.75
N ASP K 333 -21.91 20.98 -36.61
CA ASP K 333 -20.51 21.16 -36.20
C ASP K 333 -20.44 21.17 -34.67
N VAL K 334 -20.69 19.99 -34.07
CA VAL K 334 -20.66 19.79 -32.63
C VAL K 334 -19.30 19.20 -32.22
N PRO K 335 -18.55 19.83 -31.29
CA PRO K 335 -17.22 19.29 -30.92
C PRO K 335 -17.27 18.00 -30.11
N PHE K 336 -16.59 16.95 -30.63
CA PHE K 336 -16.48 15.63 -30.00
C PHE K 336 -15.10 15.49 -29.33
N PRO K 337 -15.01 14.90 -28.10
CA PRO K 337 -13.70 14.78 -27.46
C PRO K 337 -12.84 13.65 -28.03
N ASN K 338 -11.57 13.98 -28.32
CA ASN K 338 -10.61 13.04 -28.88
C ASN K 338 -9.26 13.21 -28.18
N SER K 339 -9.21 12.77 -26.91
CA SER K 339 -8.01 12.81 -26.06
C SER K 339 -7.00 11.80 -26.59
N TYR K 340 -7.51 10.67 -27.11
CA TYR K 340 -6.75 9.58 -27.71
C TYR K 340 -7.24 9.45 -29.16
N GLN K 341 -6.36 9.04 -30.08
CA GLN K 341 -6.66 8.98 -31.51
C GLN K 341 -7.51 7.78 -31.97
N TYR K 342 -7.20 6.56 -31.50
CA TYR K 342 -7.88 5.32 -31.93
C TYR K 342 -9.25 5.07 -31.27
N ILE K 343 -10.31 5.72 -31.79
CA ILE K 343 -11.69 5.54 -31.32
C ILE K 343 -12.20 4.20 -31.88
N ALA K 344 -12.67 3.31 -30.99
CA ALA K 344 -13.17 1.99 -31.36
C ALA K 344 -14.70 1.89 -31.42
N ALA K 345 -15.39 2.17 -30.29
CA ALA K 345 -16.85 2.08 -30.22
C ALA K 345 -17.46 3.22 -29.41
N VAL K 346 -18.63 3.70 -29.86
CA VAL K 346 -19.41 4.77 -29.22
C VAL K 346 -20.88 4.32 -29.16
N ASP K 347 -21.43 4.18 -27.94
CA ASP K 347 -22.81 3.75 -27.72
C ASP K 347 -23.55 4.63 -26.70
N TYR K 348 -24.85 4.87 -26.95
CA TYR K 348 -25.72 5.70 -26.11
C TYR K 348 -26.63 4.88 -25.20
N ASN K 349 -26.87 5.39 -23.98
CA ASN K 349 -27.74 4.77 -22.97
C ASN K 349 -28.86 5.77 -22.60
N PRO K 350 -30.15 5.46 -22.85
CA PRO K 350 -31.22 6.43 -22.54
C PRO K 350 -31.52 6.66 -21.06
N ARG K 351 -31.17 5.68 -20.18
CA ARG K 351 -31.40 5.78 -18.74
C ARG K 351 -30.52 6.84 -18.08
N ASP K 352 -29.19 6.78 -18.31
CA ASP K 352 -28.22 7.72 -17.73
C ASP K 352 -27.92 8.94 -18.63
N ASN K 353 -28.29 8.86 -19.94
CA ASN K 353 -28.09 9.90 -20.96
C ASN K 353 -26.60 10.26 -21.14
N LEU K 354 -25.73 9.22 -21.11
CA LEU K 354 -24.27 9.35 -21.27
C LEU K 354 -23.76 8.40 -22.34
N LEU K 355 -22.60 8.72 -22.95
CA LEU K 355 -21.97 7.89 -23.97
C LEU K 355 -20.93 6.95 -23.39
N TYR K 356 -20.86 5.74 -23.94
CA TYR K 356 -19.92 4.69 -23.54
C TYR K 356 -18.91 4.55 -24.68
N VAL K 357 -17.71 5.12 -24.50
CA VAL K 357 -16.68 5.17 -25.55
C VAL K 357 -15.39 4.41 -25.20
N TRP K 358 -14.87 3.65 -26.19
CA TRP K 358 -13.60 2.93 -26.11
C TRP K 358 -12.63 3.70 -27.01
N ASN K 359 -11.59 4.33 -26.42
CA ASN K 359 -10.64 5.15 -27.16
C ASN K 359 -9.18 4.85 -26.82
N ASN K 360 -8.49 4.12 -27.73
CA ASN K 360 -7.08 3.70 -27.68
C ASN K 360 -6.66 3.18 -26.29
N TYR K 361 -6.99 1.90 -26.01
CA TYR K 361 -6.74 1.17 -24.75
C TYR K 361 -7.62 1.65 -23.58
N HIS K 362 -7.72 2.99 -23.38
CA HIS K 362 -8.48 3.63 -22.32
C HIS K 362 -10.00 3.40 -22.39
N VAL K 363 -10.65 3.34 -21.22
CA VAL K 363 -12.09 3.14 -21.06
C VAL K 363 -12.65 4.43 -20.49
N VAL K 364 -13.40 5.18 -21.30
CA VAL K 364 -13.97 6.48 -20.91
C VAL K 364 -15.50 6.56 -21.09
N LYS K 365 -16.11 7.52 -20.38
CA LYS K 365 -17.54 7.83 -20.43
C LYS K 365 -17.67 9.30 -20.82
N TYR K 366 -18.67 9.63 -21.66
CA TYR K 366 -18.87 11.02 -22.10
C TYR K 366 -20.22 11.61 -21.69
N SER K 367 -20.19 12.87 -21.20
CA SER K 367 -21.36 13.65 -20.79
C SER K 367 -22.01 14.32 -22.00
N LEU K 368 -23.34 14.45 -21.97
CA LEU K 368 -24.09 15.04 -23.08
C LEU K 368 -24.89 16.27 -22.70
N ASP K 369 -25.02 17.19 -23.67
CA ASP K 369 -25.79 18.42 -23.55
C ASP K 369 -26.81 18.47 -24.68
N PHE K 370 -28.02 18.98 -24.40
CA PHE K 370 -29.12 19.06 -25.37
C PHE K 370 -29.66 20.48 -25.53
N GLY K 371 -30.60 20.68 -26.46
CA GLY K 371 -31.22 21.97 -26.69
C GLY K 371 -32.52 22.11 -25.92
N PRO K 372 -33.10 23.33 -25.83
CA PRO K 372 -34.39 23.46 -25.11
C PRO K 372 -35.62 23.13 -25.97
N LEU K 373 -35.43 22.78 -27.26
CA LEU K 373 -36.50 22.42 -28.22
C LEU K 373 -35.99 21.40 -29.24
N ASP K 374 -36.72 20.28 -29.41
CA ASP K 374 -36.37 19.25 -30.39
C ASP K 374 -37.23 19.40 -31.65
N GLY K 375 -38.55 19.50 -31.45
CA GLY K 375 -39.52 19.67 -32.53
C GLY K 375 -40.51 18.53 -32.60
N LEU L 113 -39.21 -14.67 25.33
CA LEU L 113 -39.30 -15.22 23.98
C LEU L 113 -37.99 -15.10 23.22
N CYS L 114 -37.30 -13.94 23.33
CA CYS L 114 -36.05 -13.61 22.65
C CYS L 114 -34.87 -14.54 23.02
N PRO L 115 -34.32 -15.34 22.07
CA PRO L 115 -33.18 -16.23 22.42
C PRO L 115 -31.84 -15.50 22.56
N GLY L 116 -31.68 -14.40 21.83
CA GLY L 116 -30.48 -13.58 21.83
C GLY L 116 -29.96 -13.20 20.46
N LEU L 117 -28.69 -12.78 20.40
CA LEU L 117 -28.00 -12.37 19.18
C LEU L 117 -27.36 -13.59 18.52
N LEU L 118 -27.43 -13.65 17.17
CA LEU L 118 -26.88 -14.76 16.39
C LEU L 118 -25.35 -14.77 16.38
N LYS L 119 -24.76 -15.95 16.65
CA LYS L 119 -23.31 -16.15 16.70
C LYS L 119 -22.77 -16.92 15.49
N GLY L 120 -23.44 -18.03 15.14
CA GLY L 120 -23.04 -18.88 14.03
C GLY L 120 -24.12 -19.78 13.50
N VAL L 121 -24.15 -19.95 12.16
CA VAL L 121 -25.10 -20.81 11.44
C VAL L 121 -24.37 -22.10 11.08
N TYR L 122 -24.99 -23.27 11.36
CA TYR L 122 -24.40 -24.59 11.09
C TYR L 122 -25.39 -25.54 10.39
N GLN L 123 -24.86 -26.58 9.71
CA GLN L 123 -25.66 -27.61 9.01
C GLN L 123 -26.33 -28.54 10.01
N SER L 124 -27.60 -28.91 9.75
CA SER L 124 -28.37 -29.76 10.66
C SER L 124 -29.10 -30.91 9.97
N GLU L 125 -30.03 -30.60 9.05
CA GLU L 125 -30.84 -31.61 8.36
C GLU L 125 -30.80 -31.50 6.84
N HIS L 126 -30.90 -32.67 6.18
CA HIS L 126 -30.94 -32.83 4.73
C HIS L 126 -32.11 -33.75 4.42
N LEU L 127 -33.20 -33.21 3.86
CA LEU L 127 -34.42 -33.95 3.56
C LEU L 127 -34.36 -34.70 2.22
N PHE L 128 -34.50 -33.95 1.09
CA PHE L 128 -34.49 -34.54 -0.25
C PHE L 128 -33.97 -33.57 -1.33
N GLU L 129 -33.75 -34.10 -2.55
CA GLU L 129 -33.30 -33.34 -3.72
C GLU L 129 -34.49 -33.14 -4.66
N SER L 130 -35.06 -31.93 -4.66
CA SER L 130 -36.21 -31.57 -5.49
C SER L 130 -35.77 -31.35 -6.95
N ASP L 131 -36.72 -31.47 -7.88
CA ASP L 131 -36.46 -31.29 -9.31
C ASP L 131 -36.28 -29.83 -9.74
N HIS L 132 -36.71 -28.87 -8.89
CA HIS L 132 -36.59 -27.44 -9.15
C HIS L 132 -35.33 -26.85 -8.57
N GLN L 133 -34.66 -25.98 -9.35
CA GLN L 133 -33.42 -25.30 -8.96
C GLN L 133 -33.68 -24.17 -7.95
N SER L 134 -34.91 -23.60 -7.94
CA SER L 134 -35.31 -22.51 -7.04
C SER L 134 -36.63 -22.79 -6.33
N GLY L 135 -36.82 -22.15 -5.17
CA GLY L 135 -38.03 -22.27 -4.35
C GLY L 135 -37.80 -21.96 -2.89
N ALA L 136 -38.78 -22.34 -2.05
CA ALA L 136 -38.76 -22.14 -0.59
C ALA L 136 -39.72 -23.10 0.14
N TRP L 137 -39.49 -23.29 1.45
CA TRP L 137 -40.30 -24.15 2.33
C TRP L 137 -40.35 -23.56 3.74
N CYS L 138 -41.54 -23.56 4.38
CA CYS L 138 -41.72 -22.99 5.72
C CYS L 138 -42.84 -23.66 6.52
N LYS L 139 -42.71 -23.62 7.86
CA LYS L 139 -43.68 -24.15 8.81
C LYS L 139 -44.35 -22.98 9.55
N ASP L 140 -45.65 -23.13 9.89
CA ASP L 140 -46.39 -22.10 10.61
C ASP L 140 -45.96 -22.05 12.08
N PRO L 141 -45.36 -20.92 12.55
CA PRO L 141 -44.87 -20.87 13.94
C PRO L 141 -45.94 -20.66 15.01
N LEU L 142 -47.04 -19.98 14.65
CA LEU L 142 -48.13 -19.68 15.59
C LEU L 142 -48.94 -20.91 15.96
N GLN L 143 -49.25 -21.77 14.97
CA GLN L 143 -50.00 -23.00 15.20
C GLN L 143 -49.07 -24.15 15.55
N ALA L 144 -49.34 -24.82 16.69
CA ALA L 144 -48.54 -25.95 17.17
C ALA L 144 -48.89 -27.24 16.41
N SER L 145 -48.41 -27.33 15.16
CA SER L 145 -48.64 -28.46 14.26
C SER L 145 -47.39 -28.77 13.44
N ASP L 146 -47.24 -30.04 13.02
CA ASP L 146 -46.12 -30.51 12.22
C ASP L 146 -46.35 -30.36 10.69
N LYS L 147 -47.17 -29.37 10.30
CA LYS L 147 -47.51 -29.10 8.90
C LYS L 147 -46.39 -28.34 8.18
N ILE L 148 -45.94 -28.88 7.03
CA ILE L 148 -44.88 -28.30 6.21
C ILE L 148 -45.46 -27.77 4.90
N TYR L 149 -45.26 -26.47 4.63
CA TYR L 149 -45.76 -25.81 3.43
C TYR L 149 -44.64 -25.70 2.39
N TYR L 150 -44.81 -26.41 1.25
CA TYR L 150 -43.85 -26.49 0.15
C TYR L 150 -44.16 -25.51 -0.99
N MET L 151 -43.12 -24.90 -1.57
CA MET L 151 -43.25 -23.94 -2.68
C MET L 151 -42.20 -24.10 -3.79
N PRO L 152 -42.56 -24.72 -4.93
CA PRO L 152 -41.59 -24.83 -6.03
C PRO L 152 -41.60 -23.57 -6.91
N TRP L 153 -40.42 -23.01 -7.23
CA TRP L 153 -40.38 -21.80 -8.05
C TRP L 153 -40.18 -22.10 -9.53
N THR L 154 -41.07 -21.55 -10.37
CA THR L 154 -41.07 -21.64 -11.82
C THR L 154 -41.31 -20.25 -12.39
N PRO L 155 -40.49 -19.75 -13.35
CA PRO L 155 -40.72 -18.41 -13.88
C PRO L 155 -42.02 -18.27 -14.67
N TYR L 156 -42.84 -17.27 -14.27
CA TYR L 156 -44.14 -16.89 -14.85
C TYR L 156 -45.18 -18.04 -14.82
N ARG L 157 -45.06 -18.97 -13.84
CA ARG L 157 -45.96 -20.12 -13.71
C ARG L 157 -46.30 -20.51 -12.26
N THR L 158 -45.74 -19.81 -11.27
CA THR L 158 -45.96 -20.10 -9.84
C THR L 158 -47.35 -19.61 -9.38
N ASP L 159 -48.23 -20.53 -8.92
CA ASP L 159 -49.59 -20.22 -8.42
C ASP L 159 -50.21 -21.32 -7.54
N THR L 160 -49.39 -22.23 -6.98
CA THR L 160 -49.90 -23.33 -6.13
C THR L 160 -49.05 -23.61 -4.91
N LEU L 161 -49.71 -23.78 -3.75
CA LEU L 161 -49.08 -24.10 -2.47
C LEU L 161 -49.43 -25.53 -2.06
N THR L 162 -48.43 -26.31 -1.69
CA THR L 162 -48.59 -27.71 -1.29
C THR L 162 -48.42 -27.87 0.21
N GLU L 163 -49.34 -28.62 0.82
CA GLU L 163 -49.33 -28.91 2.24
C GLU L 163 -48.92 -30.36 2.51
N TYR L 164 -48.19 -30.57 3.61
CA TYR L 164 -47.70 -31.88 4.05
C TYR L 164 -48.03 -32.10 5.52
N SER L 165 -48.52 -33.31 5.86
CA SER L 165 -48.92 -33.69 7.22
C SER L 165 -47.79 -33.72 8.24
N SER L 166 -46.69 -34.43 7.94
CA SER L 166 -45.53 -34.56 8.83
C SER L 166 -44.19 -34.50 8.08
N LYS L 167 -43.07 -34.58 8.82
CA LYS L 167 -41.71 -34.55 8.28
C LYS L 167 -41.41 -35.78 7.41
N ASP L 168 -41.97 -36.94 7.79
CA ASP L 168 -41.81 -38.22 7.08
C ASP L 168 -42.50 -38.19 5.71
N ASP L 169 -43.68 -37.54 5.62
CA ASP L 169 -44.47 -37.42 4.39
C ASP L 169 -43.85 -36.42 3.40
N PHE L 170 -43.02 -35.49 3.91
CA PHE L 170 -42.34 -34.48 3.11
C PHE L 170 -41.15 -35.05 2.34
N ILE L 171 -40.43 -36.01 2.95
CA ILE L 171 -39.27 -36.67 2.34
C ILE L 171 -39.71 -37.70 1.29
N ALA L 172 -40.61 -38.64 1.68
CA ALA L 172 -41.13 -39.71 0.82
C ALA L 172 -41.91 -39.20 -0.40
N GLY L 173 -42.62 -38.09 -0.22
CA GLY L 173 -43.41 -37.46 -1.28
C GLY L 173 -44.90 -37.73 -1.21
N ARG L 174 -45.50 -37.56 -0.01
CA ARG L 174 -46.93 -37.76 0.21
C ARG L 174 -47.63 -36.44 0.58
N PRO L 175 -48.17 -35.70 -0.42
CA PRO L 175 -48.82 -34.42 -0.13
C PRO L 175 -50.23 -34.57 0.44
N THR L 176 -50.57 -33.72 1.41
CA THR L 176 -51.86 -33.70 2.09
C THR L 176 -52.90 -33.06 1.16
N THR L 177 -52.72 -31.77 0.83
CA THR L 177 -53.61 -30.99 -0.04
C THR L 177 -52.87 -29.87 -0.75
N THR L 178 -53.41 -29.41 -1.89
CA THR L 178 -52.84 -28.31 -2.66
C THR L 178 -53.84 -27.18 -2.80
N TYR L 179 -53.43 -25.97 -2.40
CA TYR L 179 -54.25 -24.75 -2.47
C TYR L 179 -54.05 -24.04 -3.80
N LYS L 180 -55.16 -23.73 -4.50
CA LYS L 180 -55.14 -23.03 -5.78
C LYS L 180 -55.20 -21.53 -5.54
N LEU L 181 -54.08 -20.83 -5.77
CA LEU L 181 -53.97 -19.39 -5.55
C LEU L 181 -54.64 -18.56 -6.66
N PRO L 182 -55.36 -17.46 -6.30
CA PRO L 182 -56.05 -16.68 -7.34
C PRO L 182 -55.12 -15.86 -8.24
N HIS L 183 -53.92 -15.49 -7.75
CA HIS L 183 -52.95 -14.70 -8.51
C HIS L 183 -51.58 -15.37 -8.54
N ARG L 184 -50.78 -15.05 -9.59
CA ARG L 184 -49.43 -15.59 -9.80
C ARG L 184 -48.46 -15.01 -8.77
N VAL L 185 -47.54 -15.85 -8.28
CA VAL L 185 -46.56 -15.47 -7.27
C VAL L 185 -45.22 -15.07 -7.89
N ASP L 186 -44.61 -14.00 -7.34
CA ASP L 186 -43.33 -13.45 -7.77
C ASP L 186 -42.28 -13.61 -6.68
N GLY L 187 -41.13 -14.16 -7.05
CA GLY L 187 -40.00 -14.38 -6.16
C GLY L 187 -40.14 -15.59 -5.27
N THR L 188 -39.19 -15.74 -4.31
CA THR L 188 -39.15 -16.85 -3.37
C THR L 188 -39.42 -16.40 -1.92
N GLY L 189 -40.13 -15.28 -1.77
CA GLY L 189 -40.49 -14.72 -0.48
C GLY L 189 -41.82 -15.20 0.04
N PHE L 190 -41.92 -16.51 0.32
CA PHE L 190 -43.15 -17.14 0.82
C PHE L 190 -43.09 -17.30 2.34
N VAL L 191 -44.19 -16.99 3.03
CA VAL L 191 -44.29 -17.10 4.49
C VAL L 191 -45.75 -17.43 4.93
N VAL L 192 -45.89 -18.14 6.06
CA VAL L 192 -47.18 -18.55 6.65
C VAL L 192 -47.31 -17.92 8.05
N TYR L 193 -48.46 -17.26 8.32
CA TYR L 193 -48.72 -16.61 9.60
C TYR L 193 -50.15 -16.86 10.09
N ASP L 194 -50.29 -17.70 11.14
CA ASP L 194 -51.54 -18.08 11.82
C ASP L 194 -52.63 -18.60 10.85
N GLY L 195 -52.33 -19.68 10.16
CA GLY L 195 -53.24 -20.33 9.21
C GLY L 195 -53.58 -19.53 7.97
N ALA L 196 -52.68 -18.61 7.56
CA ALA L 196 -52.87 -17.76 6.38
C ALA L 196 -51.56 -17.56 5.63
N LEU L 197 -51.58 -17.75 4.30
CA LEU L 197 -50.40 -17.60 3.46
C LEU L 197 -50.25 -16.15 2.98
N PHE L 198 -49.06 -15.59 3.17
CA PHE L 198 -48.71 -14.24 2.76
C PHE L 198 -47.73 -14.33 1.58
N PHE L 199 -48.12 -13.80 0.42
CA PHE L 199 -47.32 -13.85 -0.80
C PHE L 199 -47.30 -12.55 -1.61
N ASN L 200 -46.31 -12.42 -2.51
CA ASN L 200 -46.13 -11.26 -3.40
C ASN L 200 -46.74 -11.54 -4.77
N LYS L 201 -47.65 -10.66 -5.22
CA LYS L 201 -48.35 -10.74 -6.51
C LYS L 201 -47.41 -10.41 -7.67
N GLU L 202 -47.54 -11.14 -8.78
CA GLU L 202 -46.73 -10.98 -10.00
C GLU L 202 -47.02 -9.64 -10.69
N ARG L 203 -45.95 -8.93 -11.12
CA ARG L 203 -45.95 -7.63 -11.81
C ARG L 203 -46.61 -6.51 -10.97
N THR L 204 -46.58 -6.64 -9.63
CA THR L 204 -47.16 -5.68 -8.67
C THR L 204 -46.39 -5.67 -7.34
N ARG L 205 -46.45 -4.54 -6.62
CA ARG L 205 -45.83 -4.34 -5.31
C ARG L 205 -46.78 -4.75 -4.17
N ASN L 206 -47.82 -5.53 -4.50
CA ASN L 206 -48.83 -6.02 -3.57
C ASN L 206 -48.57 -7.48 -3.19
N ILE L 207 -48.70 -7.04 0.03
CA ILE L 207 -48.75 -8.47 0.32
C ILE L 207 -50.20 -8.98 0.21
N VAL L 208 -50.40 -10.12 -0.47
CA VAL L 208 -51.71 -10.74 -0.65
C VAL L 208 -51.94 -11.76 0.48
N LYS L 209 -53.07 -11.62 1.21
CA LYS L 209 -53.44 -12.51 2.30
C LYS L 209 -54.45 -13.54 1.83
N PHE L 210 -54.15 -14.82 2.05
CA PHE L 210 -55.00 -15.94 1.64
C PHE L 210 -55.15 -16.94 2.80
N ASP L 211 -56.37 -17.01 3.36
CA ASP L 211 -56.69 -17.91 4.47
C ASP L 211 -56.84 -19.35 3.96
N LEU L 212 -56.06 -20.28 4.54
CA LEU L 212 -56.03 -21.69 4.16
C LEU L 212 -57.28 -22.45 4.58
N ARG L 213 -57.88 -22.07 5.72
CA ARG L 213 -59.09 -22.69 6.28
C ARG L 213 -60.33 -22.46 5.39
N THR L 214 -60.52 -21.22 4.90
CA THR L 214 -61.66 -20.83 4.06
C THR L 214 -61.39 -20.94 2.56
N ARG L 215 -60.09 -21.00 2.16
CA ARG L 215 -59.60 -21.12 0.78
C ARG L 215 -60.00 -19.93 -0.11
N ILE L 216 -60.11 -18.72 0.49
CA ILE L 216 -60.48 -17.48 -0.19
C ILE L 216 -59.58 -16.30 0.24
N LYS L 217 -59.42 -15.30 -0.65
CA LYS L 217 -58.61 -14.10 -0.41
C LYS L 217 -59.29 -13.21 0.64
N SER L 218 -58.49 -12.67 1.58
CA SER L 218 -59.00 -11.82 2.67
C SER L 218 -58.50 -10.37 2.64
N GLY L 219 -57.50 -10.09 1.80
CA GLY L 219 -56.93 -8.75 1.68
C GLY L 219 -55.75 -8.64 0.75
N GLU L 220 -55.40 -7.39 0.38
CA GLU L 220 -54.28 -7.05 -0.49
C GLU L 220 -53.70 -5.68 -0.07
N ALA L 221 -52.42 -5.67 0.34
CA ALA L 221 -51.73 -4.47 0.80
C ALA L 221 -50.71 -3.96 -0.21
N ILE L 222 -50.64 -2.63 -0.39
CA ILE L 222 -49.71 -1.99 -1.33
C ILE L 222 -48.51 -1.46 -0.55
N ILE L 223 -47.32 -2.06 -0.78
CA ILE L 223 -46.08 -1.65 -0.13
C ILE L 223 -45.56 -0.40 -0.85
N ALA L 224 -45.56 0.74 -0.13
CA ALA L 224 -45.19 2.07 -0.64
C ALA L 224 -43.76 2.18 -1.20
N ASN L 225 -43.68 2.65 -2.46
CA ASN L 225 -42.46 2.91 -3.26
C ASN L 225 -41.56 1.68 -3.50
N ALA L 226 -42.05 0.46 -3.18
CA ALA L 226 -41.30 -0.78 -3.33
C ALA L 226 -41.07 -1.18 -4.79
N ASN L 227 -39.82 -1.55 -5.12
CA ASN L 227 -39.44 -2.01 -6.46
C ASN L 227 -39.93 -3.44 -6.65
N TYR L 228 -40.49 -3.76 -7.82
CA TYR L 228 -41.06 -5.08 -8.12
C TYR L 228 -40.73 -5.61 -9.52
N HIS L 229 -40.83 -6.94 -9.70
CA HIS L 229 -40.62 -7.70 -10.94
C HIS L 229 -39.22 -7.46 -11.56
N ASP L 230 -38.19 -8.12 -10.97
CA ASP L 230 -36.77 -8.09 -11.35
C ASP L 230 -36.11 -6.70 -11.34
N THR L 231 -36.76 -5.69 -10.71
CA THR L 231 -36.22 -4.33 -10.62
C THR L 231 -35.10 -4.28 -9.58
N SER L 232 -35.37 -4.78 -8.36
CA SER L 232 -34.40 -4.82 -7.27
C SER L 232 -34.47 -6.18 -6.52
N PRO L 233 -34.10 -7.33 -7.15
CA PRO L 233 -34.15 -8.61 -6.42
C PRO L 233 -32.81 -8.94 -5.75
N TYR L 234 -32.57 -10.22 -5.43
CA TYR L 234 -31.31 -10.65 -4.82
C TYR L 234 -30.22 -10.90 -5.87
N ARG L 235 -29.08 -11.51 -5.48
CA ARG L 235 -27.94 -11.79 -6.36
C ARG L 235 -28.29 -12.69 -7.54
N TRP L 236 -29.08 -13.76 -7.31
CA TRP L 236 -29.51 -14.70 -8.35
C TRP L 236 -30.70 -14.16 -9.14
N GLY L 237 -31.48 -13.28 -8.51
CA GLY L 237 -32.66 -12.67 -9.10
C GLY L 237 -33.90 -13.50 -8.92
N GLY L 238 -34.60 -13.74 -10.04
CA GLY L 238 -35.83 -14.52 -10.09
C GLY L 238 -37.03 -13.82 -9.47
N LYS L 239 -37.15 -12.50 -9.74
CA LYS L 239 -38.22 -11.60 -9.27
C LYS L 239 -38.38 -11.58 -7.73
N SER L 240 -37.28 -11.84 -7.00
CA SER L 240 -37.23 -11.87 -5.53
C SER L 240 -37.02 -10.46 -4.94
N ASP L 241 -37.79 -9.48 -5.47
CA ASP L 241 -37.77 -8.08 -5.07
C ASP L 241 -38.35 -7.88 -3.68
N ILE L 242 -39.34 -8.71 -3.30
CA ILE L 242 -40.02 -8.64 -2.00
C ILE L 242 -39.95 -10.01 -1.31
N ASP L 243 -39.36 -10.05 -0.10
CA ASP L 243 -39.20 -11.24 0.73
C ASP L 243 -39.88 -11.03 2.08
N LEU L 244 -40.64 -12.03 2.55
CA LEU L 244 -41.36 -11.97 3.82
C LEU L 244 -40.68 -12.78 4.91
N ALA L 245 -40.53 -12.18 6.11
CA ALA L 245 -39.89 -12.82 7.27
C ALA L 245 -40.74 -12.72 8.53
N VAL L 246 -40.67 -13.79 9.36
CA VAL L 246 -41.40 -13.89 10.62
C VAL L 246 -40.41 -14.11 11.78
N ASP L 247 -40.56 -13.34 12.87
CA ASP L 247 -39.72 -13.44 14.06
C ASP L 247 -40.52 -13.32 15.36
N GLU L 248 -39.85 -12.97 16.48
CA GLU L 248 -40.46 -12.79 17.81
C GLU L 248 -41.34 -11.54 17.87
N ASN L 249 -41.00 -10.51 17.04
CA ASN L 249 -41.73 -9.24 16.96
C ASN L 249 -43.04 -9.38 16.20
N GLY L 250 -43.02 -10.16 15.12
CA GLY L 250 -44.19 -10.42 14.28
C GLY L 250 -43.86 -10.65 12.82
N LEU L 251 -44.63 -10.01 11.92
CA LEU L 251 -44.48 -10.11 10.47
C LEU L 251 -43.67 -8.92 9.93
N TRP L 252 -42.72 -9.21 9.02
CA TRP L 252 -41.84 -8.20 8.42
C TRP L 252 -41.75 -8.33 6.91
N VAL L 253 -41.53 -7.19 6.21
CA VAL L 253 -41.39 -7.13 4.76
C VAL L 253 -40.01 -6.58 4.38
N ILE L 254 -39.20 -7.41 3.69
CA ILE L 254 -37.87 -7.06 3.22
C ILE L 254 -37.99 -6.70 1.74
N TYR L 255 -37.74 -5.43 1.41
CA TYR L 255 -37.85 -4.90 0.04
C TYR L 255 -36.78 -3.84 -0.26
N ALA L 256 -36.94 -3.08 -1.37
CA ALA L 256 -36.01 -2.02 -1.79
C ALA L 256 -36.75 -0.89 -2.52
N THR L 257 -36.39 0.37 -2.20
CA THR L 257 -36.97 1.58 -2.80
C THR L 257 -35.90 2.36 -3.57
N GLU L 258 -36.32 3.13 -4.59
CA GLU L 258 -35.42 3.97 -5.39
C GLU L 258 -34.97 5.22 -4.61
N GLN L 259 -35.74 5.61 -3.56
CA GLN L 259 -35.46 6.75 -2.69
C GLN L 259 -34.23 6.45 -1.84
N ASN L 260 -34.02 5.16 -1.51
CA ASN L 260 -32.88 4.65 -0.75
C ASN L 260 -31.75 4.19 -1.71
N ASN L 261 -31.93 4.47 -3.03
CA ASN L 261 -31.02 4.15 -4.14
C ASN L 261 -30.71 2.65 -4.27
N GLY L 262 -31.77 1.83 -4.26
CA GLY L 262 -31.69 0.38 -4.41
C GLY L 262 -31.27 -0.38 -3.16
N LYS L 263 -31.04 0.31 -2.04
CA LYS L 263 -30.64 -0.32 -0.78
C LYS L 263 -31.83 -0.99 -0.09
N ILE L 264 -31.56 -1.98 0.80
CA ILE L 264 -32.58 -2.75 1.52
C ILE L 264 -33.41 -1.87 2.47
N VAL L 265 -34.75 -1.98 2.37
CA VAL L 265 -35.72 -1.26 3.19
C VAL L 265 -36.60 -2.30 3.90
N ILE L 266 -36.64 -2.23 5.24
CA ILE L 266 -37.41 -3.17 6.06
C ILE L 266 -38.56 -2.47 6.78
N SER L 267 -39.76 -3.06 6.69
CA SER L 267 -40.97 -2.51 7.31
C SER L 267 -41.82 -3.58 7.97
N GLN L 268 -42.36 -3.27 9.15
CA GLN L 268 -43.24 -4.16 9.92
C GLN L 268 -44.67 -4.04 9.39
N LEU L 269 -45.24 -5.16 8.97
CA LEU L 269 -46.61 -5.20 8.42
C LEU L 269 -47.54 -5.95 9.36
N ASN L 270 -48.73 -5.37 9.61
CA ASN L 270 -49.76 -5.96 10.46
C ASN L 270 -50.44 -7.12 9.71
N PRO L 271 -50.57 -8.32 10.32
CA PRO L 271 -51.21 -9.43 9.59
C PRO L 271 -52.73 -9.36 9.48
N TYR L 272 -53.37 -8.48 10.27
CA TYR L 272 -54.82 -8.33 10.29
C TYR L 272 -55.33 -7.12 9.49
N THR L 273 -54.82 -5.91 9.81
CA THR L 273 -55.22 -4.66 9.14
C THR L 273 -54.51 -4.45 7.80
N LEU L 274 -53.37 -5.15 7.57
CA LEU L 274 -52.55 -5.12 6.35
C LEU L 274 -51.98 -3.72 6.07
N ARG L 275 -51.32 -3.13 7.08
CA ARG L 275 -50.73 -1.79 7.00
C ARG L 275 -49.31 -1.73 7.58
N ILE L 276 -48.50 -0.76 7.10
CA ILE L 276 -47.12 -0.53 7.55
C ILE L 276 -47.12 0.12 8.93
N GLU L 277 -46.39 -0.48 9.88
CA GLU L 277 -46.27 -0.01 11.28
C GLU L 277 -44.83 0.44 11.60
N GLY L 278 -44.22 1.15 10.65
CA GLY L 278 -42.85 1.65 10.76
C GLY L 278 -42.00 1.28 9.57
N THR L 279 -41.13 2.23 9.14
CA THR L 279 -40.23 2.04 8.00
C THR L 279 -38.77 2.27 8.41
N TRP L 280 -37.88 1.36 7.99
CA TRP L 280 -36.43 1.43 8.28
C TRP L 280 -35.60 1.25 7.01
N ASP L 281 -34.63 2.15 6.81
CA ASP L 281 -33.72 2.14 5.65
C ASP L 281 -32.31 1.70 6.05
N THR L 282 -31.70 0.81 5.25
CA THR L 282 -30.36 0.28 5.49
C THR L 282 -29.33 0.78 4.46
N ALA L 283 -28.03 0.46 4.68
CA ALA L 283 -26.93 0.87 3.81
C ALA L 283 -26.55 -0.19 2.76
N TYR L 284 -26.94 -1.46 2.99
CA TYR L 284 -26.63 -2.57 2.07
C TYR L 284 -27.58 -2.64 0.89
N ASP L 285 -27.03 -2.92 -0.32
CA ASP L 285 -27.79 -3.05 -1.57
C ASP L 285 -28.38 -4.45 -1.71
N LYS L 286 -29.65 -4.55 -2.13
CA LYS L 286 -30.38 -5.81 -2.29
C LYS L 286 -29.80 -6.75 -3.37
N ARG L 287 -29.29 -6.18 -4.47
CA ARG L 287 -28.69 -6.95 -5.58
C ARG L 287 -27.35 -7.57 -5.15
N SER L 288 -26.63 -6.91 -4.23
CA SER L 288 -25.36 -7.40 -3.68
C SER L 288 -25.61 -8.53 -2.69
N ALA L 289 -26.78 -8.49 -2.01
CA ALA L 289 -27.22 -9.47 -1.03
C ALA L 289 -27.77 -10.74 -1.68
N SER L 290 -27.61 -11.87 -0.97
CA SER L 290 -28.08 -13.18 -1.43
C SER L 290 -29.45 -13.51 -0.82
N ASN L 291 -29.61 -13.32 0.51
CA ASN L 291 -30.85 -13.56 1.25
C ASN L 291 -30.87 -12.83 2.59
N ALA L 292 -32.07 -12.48 3.08
CA ALA L 292 -32.27 -11.79 4.35
C ALA L 292 -33.30 -12.47 5.24
N PHE L 293 -33.05 -12.47 6.56
CA PHE L 293 -33.94 -13.06 7.57
C PHE L 293 -33.96 -12.23 8.86
N MET L 294 -35.15 -12.08 9.45
CA MET L 294 -35.37 -11.30 10.67
C MET L 294 -35.44 -12.17 11.93
N ILE L 295 -34.73 -11.75 12.99
CA ILE L 295 -34.71 -12.39 14.32
C ILE L 295 -34.71 -11.27 15.36
N CYS L 296 -35.81 -11.18 16.14
CA CYS L 296 -36.03 -10.20 17.22
C CYS L 296 -35.90 -8.73 16.75
N GLY L 297 -36.42 -8.46 15.55
CA GLY L 297 -36.38 -7.14 14.94
C GLY L 297 -35.01 -6.73 14.44
N ILE L 298 -34.12 -7.72 14.21
CA ILE L 298 -32.76 -7.50 13.73
C ILE L 298 -32.58 -8.19 12.36
N LEU L 299 -32.14 -7.43 11.35
CA LEU L 299 -31.91 -7.92 9.99
C LEU L 299 -30.56 -8.61 9.86
N TYR L 300 -30.55 -9.76 9.16
CA TYR L 300 -29.33 -10.54 8.91
C TYR L 300 -29.14 -10.73 7.41
N VAL L 301 -28.22 -9.94 6.83
CA VAL L 301 -27.90 -9.94 5.39
C VAL L 301 -26.82 -11.00 5.08
N VAL L 302 -27.14 -11.93 4.18
CA VAL L 302 -26.23 -13.00 3.76
C VAL L 302 -25.61 -12.65 2.40
N LYS L 303 -24.28 -12.80 2.30
CA LYS L 303 -23.51 -12.56 1.08
C LYS L 303 -22.91 -13.89 0.65
N SER L 304 -23.26 -14.39 -0.55
CA SER L 304 -22.77 -15.69 -1.01
C SER L 304 -22.35 -15.75 -2.48
N VAL L 305 -21.56 -16.79 -2.83
CA VAL L 305 -21.07 -17.07 -4.18
C VAL L 305 -22.03 -18.08 -4.84
N TYR L 306 -22.46 -17.77 -6.06
CA TYR L 306 -23.42 -18.58 -6.83
C TYR L 306 -22.79 -19.42 -7.95
N GLU L 307 -23.63 -20.25 -8.61
CA GLU L 307 -23.28 -21.13 -9.74
C GLU L 307 -22.88 -20.30 -10.96
N ASP L 308 -22.22 -20.93 -11.95
CA ASP L 308 -21.70 -20.35 -13.21
C ASP L 308 -20.78 -19.14 -13.00
N ASP L 309 -20.43 -18.83 -11.73
CA ASP L 309 -19.55 -17.72 -11.40
C ASP L 309 -18.19 -18.32 -11.04
N ASP L 310 -17.47 -18.85 -12.05
CA ASP L 310 -16.16 -19.48 -11.89
C ASP L 310 -15.06 -18.53 -11.45
N ASN L 311 -15.21 -17.23 -11.74
CA ASN L 311 -14.26 -16.17 -11.38
C ASN L 311 -14.22 -15.97 -9.86
N GLU L 312 -15.36 -16.15 -9.19
CA GLU L 312 -15.53 -16.01 -7.75
C GLU L 312 -14.89 -17.17 -6.97
N ALA L 313 -14.35 -16.86 -5.79
CA ALA L 313 -13.70 -17.79 -4.87
C ALA L 313 -13.85 -17.33 -3.41
N THR L 314 -14.42 -16.12 -3.22
CA THR L 314 -14.66 -15.47 -1.91
C THR L 314 -15.58 -16.26 -0.99
N GLY L 315 -15.30 -16.20 0.31
CA GLY L 315 -16.08 -16.90 1.33
C GLY L 315 -17.48 -16.36 1.52
N ASN L 316 -18.44 -17.25 1.77
CA ASN L 316 -19.84 -16.91 1.98
C ASN L 316 -20.13 -16.67 3.47
N LYS L 317 -20.24 -15.38 3.85
CA LYS L 317 -20.43 -14.93 5.23
C LYS L 317 -21.48 -13.82 5.37
N ILE L 318 -22.05 -13.67 6.58
CA ILE L 318 -23.01 -12.62 6.94
C ILE L 318 -22.17 -11.38 7.29
N ASP L 319 -22.33 -10.29 6.52
CA ASP L 319 -21.53 -9.08 6.71
C ASP L 319 -22.33 -7.82 7.11
N TYR L 320 -23.67 -7.90 7.23
CA TYR L 320 -24.48 -6.73 7.59
C TYR L 320 -25.61 -7.05 8.56
N ILE L 321 -25.73 -6.21 9.61
CA ILE L 321 -26.79 -6.30 10.63
C ILE L 321 -27.42 -4.94 10.90
N TYR L 322 -28.75 -4.91 11.08
CA TYR L 322 -29.50 -3.69 11.35
C TYR L 322 -30.61 -3.93 12.37
N ASN L 323 -30.60 -3.17 13.48
CA ASN L 323 -31.59 -3.26 14.56
C ASN L 323 -32.71 -2.24 14.31
N THR L 324 -33.96 -2.61 14.62
CA THR L 324 -35.12 -1.73 14.46
C THR L 324 -35.39 -0.88 15.69
N ASP L 325 -35.20 -1.47 16.90
CA ASP L 325 -35.40 -0.81 18.19
C ASP L 325 -34.36 0.28 18.45
N GLN L 326 -33.10 0.05 18.00
CA GLN L 326 -31.98 0.97 18.17
C GLN L 326 -31.76 1.88 16.97
N SER L 327 -32.17 1.43 15.76
CA SER L 327 -32.01 2.13 14.46
C SER L 327 -30.53 2.38 14.11
N LYS L 328 -29.66 1.41 14.48
CA LYS L 328 -28.22 1.46 14.25
C LYS L 328 -27.74 0.21 13.50
N ASP L 329 -26.75 0.39 12.60
CA ASP L 329 -26.17 -0.68 11.79
C ASP L 329 -24.71 -0.99 12.15
N SER L 330 -24.31 -2.26 11.98
CA SER L 330 -22.95 -2.73 12.25
C SER L 330 -22.48 -3.75 11.22
N LEU L 331 -21.15 -3.89 11.06
CA LEU L 331 -20.54 -4.83 10.12
C LEU L 331 -20.00 -6.04 10.86
N VAL L 332 -20.56 -7.23 10.57
CA VAL L 332 -20.17 -8.49 11.22
C VAL L 332 -19.45 -9.44 10.23
N ASP L 333 -19.03 -10.63 10.73
CA ASP L 333 -18.35 -11.66 9.94
C ASP L 333 -18.72 -13.05 10.49
N VAL L 334 -19.98 -13.45 10.26
CA VAL L 334 -20.53 -14.73 10.71
C VAL L 334 -20.49 -15.73 9.53
N PRO L 335 -19.83 -16.91 9.68
CA PRO L 335 -19.76 -17.85 8.55
C PRO L 335 -21.07 -18.59 8.27
N PHE L 336 -21.54 -18.50 7.02
CA PHE L 336 -22.78 -19.16 6.58
C PHE L 336 -22.43 -20.47 5.85
N PRO L 337 -23.08 -21.61 6.17
CA PRO L 337 -22.75 -22.87 5.48
C PRO L 337 -23.32 -22.92 4.07
N ASN L 338 -22.45 -23.24 3.09
CA ASN L 338 -22.81 -23.31 1.69
C ASN L 338 -22.36 -24.61 1.04
N SER L 339 -23.20 -25.64 1.15
CA SER L 339 -22.95 -26.96 0.57
C SER L 339 -23.10 -26.86 -0.95
N TYR L 340 -24.07 -26.09 -1.41
CA TYR L 340 -24.34 -25.87 -2.83
C TYR L 340 -24.18 -24.38 -3.15
N GLN L 341 -24.32 -23.99 -4.42
CA GLN L 341 -24.11 -22.61 -4.82
C GLN L 341 -25.37 -21.77 -5.04
N TYR L 342 -26.45 -22.36 -5.59
CA TYR L 342 -27.68 -21.63 -5.92
C TYR L 342 -28.64 -21.45 -4.71
N ILE L 343 -28.27 -20.57 -3.77
CA ILE L 343 -29.10 -20.27 -2.59
C ILE L 343 -30.34 -19.45 -3.03
N ALA L 344 -31.52 -20.08 -3.04
CA ALA L 344 -32.78 -19.44 -3.47
C ALA L 344 -33.45 -18.59 -2.39
N ALA L 345 -33.81 -19.19 -1.22
CA ALA L 345 -34.49 -18.47 -0.14
C ALA L 345 -34.11 -18.97 1.26
N VAL L 346 -34.00 -18.01 2.21
CA VAL L 346 -33.66 -18.25 3.61
C VAL L 346 -34.74 -17.57 4.49
N ASP L 347 -35.43 -18.36 5.33
CA ASP L 347 -36.48 -17.87 6.24
C ASP L 347 -36.31 -18.40 7.66
N TYR L 348 -36.63 -17.56 8.67
CA TYR L 348 -36.51 -17.90 10.09
C TYR L 348 -37.86 -18.24 10.73
N ASN L 349 -37.84 -19.21 11.68
CA ASN L 349 -39.01 -19.66 12.43
C ASN L 349 -38.72 -19.49 13.93
N PRO L 350 -39.51 -18.64 14.65
CA PRO L 350 -39.21 -18.42 16.08
C PRO L 350 -39.53 -19.58 17.03
N ARG L 351 -40.42 -20.50 16.62
CA ARG L 351 -40.81 -21.66 17.43
C ARG L 351 -39.67 -22.68 17.57
N ASP L 352 -39.08 -23.11 16.43
CA ASP L 352 -37.99 -24.08 16.41
C ASP L 352 -36.59 -23.47 16.43
N ASN L 353 -36.48 -22.15 16.14
CA ASN L 353 -35.25 -21.36 16.09
C ASN L 353 -34.23 -21.93 15.07
N LEU L 354 -34.75 -22.39 13.91
CA LEU L 354 -33.95 -22.96 12.83
C LEU L 354 -34.22 -22.24 11.50
N LEU L 355 -33.22 -22.26 10.58
CA LEU L 355 -33.34 -21.65 9.25
C LEU L 355 -33.80 -22.64 8.19
N TYR L 356 -34.72 -22.19 7.33
CA TYR L 356 -35.31 -22.97 6.24
C TYR L 356 -34.66 -22.50 4.93
N VAL L 357 -33.51 -23.11 4.62
CA VAL L 357 -32.68 -22.76 3.46
C VAL L 357 -32.91 -23.69 2.26
N TRP L 358 -33.11 -23.10 1.07
CA TRP L 358 -33.28 -23.81 -0.20
C TRP L 358 -32.01 -23.55 -1.03
N ASN L 359 -31.05 -24.49 -0.97
CA ASN L 359 -29.78 -24.36 -1.71
C ASN L 359 -29.78 -25.33 -2.90
N ASN L 360 -29.76 -24.76 -4.11
CA ASN L 360 -29.80 -25.43 -5.42
C ASN L 360 -31.05 -26.33 -5.53
N TYR L 361 -30.90 -27.56 -6.05
CA TYR L 361 -32.01 -28.51 -6.21
C TYR L 361 -32.42 -29.14 -4.87
N HIS L 362 -31.49 -29.18 -3.89
CA HIS L 362 -31.68 -29.77 -2.56
C HIS L 362 -32.46 -28.86 -1.60
N VAL L 363 -33.09 -29.47 -0.58
CA VAL L 363 -33.85 -28.80 0.47
C VAL L 363 -33.18 -29.15 1.80
N VAL L 364 -32.72 -28.11 2.55
CA VAL L 364 -32.02 -28.30 3.82
C VAL L 364 -32.59 -27.44 4.97
N LYS L 365 -32.20 -27.78 6.21
CA LYS L 365 -32.58 -27.10 7.45
C LYS L 365 -31.30 -26.82 8.26
N TYR L 366 -31.09 -25.55 8.66
CA TYR L 366 -29.89 -25.13 9.40
C TYR L 366 -30.11 -24.87 10.90
N SER L 367 -29.10 -25.24 11.71
CA SER L 367 -29.09 -25.04 13.16
C SER L 367 -28.48 -23.68 13.50
N LEU L 368 -29.02 -23.00 14.51
CA LEU L 368 -28.56 -21.68 14.92
C LEU L 368 -27.99 -21.63 16.34
N ASP L 369 -26.98 -20.77 16.55
CA ASP L 369 -26.32 -20.56 17.84
C ASP L 369 -26.60 -19.13 18.32
N PHE L 370 -27.03 -18.99 19.59
CA PHE L 370 -27.36 -17.69 20.21
C PHE L 370 -26.45 -17.29 21.36
N GLY L 371 -26.25 -15.98 21.50
CA GLY L 371 -25.42 -15.39 22.54
C GLY L 371 -26.15 -14.41 23.44
N PRO L 372 -25.61 -14.11 24.64
CA PRO L 372 -26.29 -13.17 25.53
C PRO L 372 -26.00 -11.69 25.27
N LEU L 373 -25.20 -11.39 24.22
CA LEU L 373 -24.82 -10.02 23.88
C LEU L 373 -25.99 -9.24 23.27
N ASP L 374 -26.78 -8.58 24.15
CA ASP L 374 -27.96 -7.77 23.80
C ASP L 374 -28.38 -6.86 24.94
N GLY L 375 -28.81 -5.64 24.59
CA GLY L 375 -29.28 -4.64 25.53
C GLY L 375 -30.67 -4.92 26.05
#